data_8W2L
#
_entry.id   8W2L
#
_cell.length_a   1.00
_cell.length_b   1.00
_cell.length_c   1.00
_cell.angle_alpha   90.00
_cell.angle_beta   90.00
_cell.angle_gamma   90.00
#
_symmetry.space_group_name_H-M   'P 1'
#
loop_
_entity.id
_entity.type
_entity.pdbx_description
1 polymer 'Green fluorescent protein,Transient receptor potential cation channel subfamily M member 7'
2 non-polymer '(2S)-3-(hexadecanoyloxy)-2-[(9Z)-octadec-9-enoyloxy]propyl 2-(trimethylammonio)ethyl phosphate'
3 non-polymer CHOLESTEROL
4 non-polymer 4-(4-chlorobenzyl)-1-(7H-pyrrolo[2,3-d]pyrimidin-4-yl)piperidin-4-aminium
5 non-polymer "2-[2-[(1~{S},2~{S},4~{S},5'~{R},6~{R},7~{S},8~{R},9~{S},12~{S},13~{R},16~{S})-5',7,9,13-tetramethylspiro[5-oxapentacyclo[10.8.0.0^{2,9}.0^{4,8}.0^{13,18}]icos-18-ene-6,2'-oxane]-16-yl]oxyethyl]propane-1,3-diol"
6 non-polymer 'CALCIUM ION'
7 water water
#
_entity_poly.entity_id   1
_entity_poly.type   'polypeptide(L)'
_entity_poly.pdbx_seq_one_letter_code
;MWSHPQFEKVSKGEELFTGVVPILVELDGDVNGHKFSVSGEGEGDATYGKLTLKFICTTGKLPVPWPTLVTTLTYGVQCF
SRYPDHMKQHDFFKSAMPEGYVQERTIFFKDDGNYKTRAEVKFEGDTLVNRIELKGIDFKEDGNILGHKLEYNYNSHNVY
IMADKQKNGIKVNFKIRHNIEDGSVQLADHYQQNTPIGDGPVLLPDNHYLSTQSKLSKDPNEKRDHMVLLEFVTAAGITL
GMDELYKVDLVPRGSAQKSWIESTLTKRECVYIIPSSKDPHRCLPGCQICQQLVRCFCGRLVKQHACFTASLAMKYSDVK
LGEHFNQAIEEWSVEKHTEQSPTDAYGVINFQGGSHSYRAKYVRLSYDTKPEIILQLLLKEWQMELPKLVISVHGGMQKF
ELHPRIKQLLGKGLIKAAVTTGAWILTGGVNTGVAKHVGDALKEHASRSSRKICTIGIAPWGVIENRNDLVGRDVVAPYQ
TLLNPLSKLNVLNNLHSHFILVDDGTVGKYGAEVRLRRELEKTINQQRIHARIGQGVPVVALIFEGGPNVILTVLEYLQE
SPPVPVVVCEGTGRAADLLAYIHKQTEEGGNLPDAAEPDIISTIKKTFNFGQSEAVHLFQTMMECMKKKELITVFHIGSE
DHQDIDVAILTALLKGTNASAFDQLILTLAWDRVDIAKNHVFVYGQQWLVGSLEQAMLDALVMDRVSFVKLLIENGVSMH
KFLTIPRLEELYNTKQGPTNPMLFHLIRDVKQGNLPPGYKITLIDIGLVIEYLMGGTYRCTYTRKRFRLIYNSLGGNNRR
SGRNTSSSTPQLRKSHETFGNRADKKEKMRHNHFIKTAQPYRPKMDASMEEGKKKRTKDEIVDIDDPETKRFPYPLNELL
IWACLMKRQVMARFLWQHGEESMAKALVACKIYRSMAYEAKQSDLVDDTSEELKQYSNDFGQLAVELLEQSFRQDETMAM
KLLTYELKNWSNSTCLKLAVSSRLRPFVAHTCTQMLLSDMWMGRLNMRKNSWYKVILSILVPPAILMLEYKTKAEMSHIP
QSQDAHQMTMEDSENNFHNITEEIPMEVFKEVKILDSSDGKNEMEIHIKSKKLPITRKFYAFYHAPIVKFWFNTLAYLGF
LMLYTFVVLVKMEQLPSVQEWIVIAYIFTYAIEKVREVFMSEAGKISQKIKVWFSDYFNVSDTIAIISFFVGFGLRFGAK
WNYINAYDNHVFVAGRLIYCLNIIFWYVRLLDFLAVNQQAGPYVMMIGKMVANMFYIVVIMALVLLSFGVPRKAILYPHE
EPSWSLAKDIVFHPYWMIFGEVYAYEIDVCANDSTLPTICGPGTWLTPFLQAVYLFVQYIIMVNLLIAFFNNVYLQVKAI
SNIVWKYQRYHFIMAYHEKPVLPPPLIILSHIVSLFCCVCKRRKKDKTSDGPKLFLTEEDQKKLHDFEEQCVEMYFDEKD
DKFNSGSEERIRVTFERVEQMSIQIKEVGDRVNYIKRSLQSLDSQIGHLQDLSALTVDTLKTLTAQKASEASKVHNEITR
ELSISKHLAQNLID
;
_entity_poly.pdbx_strand_id   A,B,C,D
#
loop_
_chem_comp.id
_chem_comp.type
_chem_comp.name
_chem_comp.formula
CA non-polymer 'CALCIUM ION' 'Ca 2'
CLR non-polymer CHOLESTEROL 'C27 H46 O'
DU0 non-polymer 2-[2-[(1~{S},2~{S},4~{S},5'~{R},6~{R},7~{S},8~{R},9~{S},12~{S},13~{R},16~{S})-5',7,9,13-tetramethylspiro[5-oxapentacyclo[10.8.0.0^{2,9}.0^{4,8}.0^{13,18}]icos-18-ene-6,2'-oxane]-16-yl]oxyethyl]propane-1,3-diol 'C32 H52 O5'
M05 non-polymer 4-(4-chlorobenzyl)-1-(7H-pyrrolo[2,3-d]pyrimidin-4-yl)piperidin-4-aminium 'C18 H21 Cl N5 1'
POV non-polymer '(2S)-3-(hexadecanoyloxy)-2-[(9Z)-octadec-9-enoyloxy]propyl 2-(trimethylammonio)ethyl phosphate' 'C42 H82 N O8 P'
#
# COMPACT_ATOMS: atom_id res chain seq x y z
N SER A 341 -46.11 15.23 53.61
CA SER A 341 -47.16 14.90 52.60
C SER A 341 -46.46 14.24 51.41
N PRO A 342 -47.24 13.64 50.48
CA PRO A 342 -46.62 12.95 49.34
C PRO A 342 -45.65 13.82 48.56
N THR A 343 -44.56 13.20 48.08
CA THR A 343 -43.48 13.95 47.45
C THR A 343 -43.96 14.74 46.23
N ASP A 344 -44.92 14.20 45.48
CA ASP A 344 -45.73 14.86 44.44
C ASP A 344 -44.90 15.51 43.31
N ALA A 345 -43.60 15.28 43.28
CA ALA A 345 -42.76 15.74 42.19
C ALA A 345 -41.57 14.79 42.05
N TYR A 346 -41.73 13.79 41.18
CA TYR A 346 -40.67 12.83 40.95
C TYR A 346 -40.74 12.31 39.51
N GLY A 347 -39.62 12.36 38.80
CA GLY A 347 -39.59 11.93 37.42
C GLY A 347 -38.23 12.18 36.80
N VAL A 348 -38.27 12.73 35.59
CA VAL A 348 -37.08 13.01 34.80
C VAL A 348 -36.99 14.52 34.58
N ILE A 349 -35.87 15.12 34.98
CA ILE A 349 -35.64 16.56 34.92
C ILE A 349 -34.78 16.87 33.70
N ASN A 350 -34.94 16.08 32.65
CA ASN A 350 -34.09 16.16 31.46
C ASN A 350 -33.95 17.60 30.98
N PHE A 351 -32.73 18.11 31.11
CA PHE A 351 -32.39 19.45 30.66
C PHE A 351 -32.68 19.54 29.17
N GLN A 352 -32.94 20.76 28.70
CA GLN A 352 -33.10 21.01 27.28
C GLN A 352 -31.86 20.54 26.54
N GLY A 353 -30.71 20.69 27.17
CA GLY A 353 -29.47 20.18 26.63
C GLY A 353 -28.97 21.03 25.47
N GLY A 354 -27.66 21.09 25.33
CA GLY A 354 -27.03 21.81 24.24
C GLY A 354 -26.60 20.85 23.15
N SER A 355 -25.32 20.49 23.15
CA SER A 355 -24.80 19.50 22.22
C SER A 355 -25.57 18.18 22.29
N HIS A 356 -26.04 17.83 23.49
CA HIS A 356 -26.79 16.60 23.72
C HIS A 356 -28.08 16.95 24.45
N SER A 357 -28.77 15.94 24.97
CA SER A 357 -30.03 16.10 25.71
C SER A 357 -29.89 15.47 27.08
N TYR A 358 -28.82 15.86 27.80
CA TYR A 358 -28.42 15.31 29.08
C TYR A 358 -29.58 15.11 30.05
N ARG A 359 -29.81 13.85 30.44
CA ARG A 359 -30.94 13.48 31.27
C ARG A 359 -30.58 13.52 32.75
N ALA A 360 -31.59 13.33 33.59
CA ALA A 360 -31.41 13.44 35.02
C ALA A 360 -32.71 12.97 35.69
N LYS A 361 -32.74 12.98 37.03
CA LYS A 361 -33.85 12.39 37.77
C LYS A 361 -34.05 13.18 39.06
N TYR A 362 -35.30 13.31 39.50
CA TYR A 362 -35.66 14.06 40.70
C TYR A 362 -36.71 13.29 41.50
N VAL A 363 -36.72 13.52 42.82
CA VAL A 363 -37.70 12.89 43.71
C VAL A 363 -38.43 13.91 44.59
N ARG A 364 -37.77 15.01 44.93
CA ARG A 364 -38.36 16.00 45.85
C ARG A 364 -38.84 15.36 47.16
N LEU A 365 -37.93 14.90 48.01
CA LEU A 365 -38.29 14.30 49.28
C LEU A 365 -38.25 15.33 50.40
N SER A 366 -38.46 14.86 51.63
CA SER A 366 -38.67 15.71 52.80
C SER A 366 -37.33 16.26 53.31
N TYR A 367 -37.33 16.77 54.54
CA TYR A 367 -36.11 16.95 55.31
C TYR A 367 -36.00 15.98 56.47
N ASP A 368 -36.81 14.91 56.48
CA ASP A 368 -36.80 13.91 57.55
C ASP A 368 -36.76 12.48 57.04
N THR A 369 -36.61 12.28 55.73
CA THR A 369 -36.49 10.95 55.16
C THR A 369 -35.31 10.21 55.79
N LYS A 370 -35.46 8.90 55.99
CA LYS A 370 -34.47 8.15 56.74
C LYS A 370 -33.34 7.70 55.82
N PRO A 371 -32.10 7.56 56.32
CA PRO A 371 -31.00 7.19 55.42
C PRO A 371 -31.19 5.84 54.73
N GLU A 372 -31.94 4.92 55.33
CA GLU A 372 -32.16 3.62 54.73
C GLU A 372 -32.99 3.74 53.46
N ILE A 373 -33.96 4.66 53.45
CA ILE A 373 -34.86 4.78 52.31
C ILE A 373 -34.23 5.66 51.22
N ILE A 374 -33.30 6.54 51.60
CA ILE A 374 -32.61 7.37 50.62
C ILE A 374 -31.77 6.45 49.74
N LEU A 375 -30.96 5.59 50.35
CA LEU A 375 -30.15 4.65 49.58
C LEU A 375 -31.02 3.67 48.80
N GLN A 376 -32.07 3.15 49.44
CA GLN A 376 -32.99 2.20 48.83
C GLN A 376 -33.53 2.73 47.50
N LEU A 377 -33.77 4.04 47.44
CA LEU A 377 -34.23 4.69 46.22
C LEU A 377 -33.16 4.65 45.12
N LEU A 378 -31.92 4.90 45.50
CA LEU A 378 -30.84 5.10 44.54
C LEU A 378 -30.53 3.84 43.74
N LEU A 379 -30.56 2.68 44.39
CA LEU A 379 -30.08 1.46 43.78
C LEU A 379 -31.24 0.63 43.21
N LYS A 380 -32.39 0.64 43.90
CA LYS A 380 -33.54 -0.11 43.44
C LYS A 380 -34.19 0.53 42.22
N GLU A 381 -34.69 1.76 42.37
CA GLU A 381 -35.45 2.43 41.34
C GLU A 381 -34.55 2.97 40.23
N TRP A 382 -33.58 3.80 40.58
CA TRP A 382 -32.71 4.40 39.59
C TRP A 382 -31.67 3.42 39.02
N GLN A 383 -31.63 2.18 39.52
CA GLN A 383 -30.83 1.10 38.93
C GLN A 383 -29.36 1.48 38.86
N MET A 384 -28.88 2.06 39.96
CA MET A 384 -27.47 2.43 40.10
C MET A 384 -26.71 1.28 40.75
N GLU A 385 -25.42 1.23 40.47
CA GLU A 385 -24.52 0.26 41.09
C GLU A 385 -23.86 0.88 42.32
N LEU A 386 -23.49 0.03 43.27
CA LEU A 386 -22.84 0.52 44.48
C LEU A 386 -21.46 1.09 44.11
N PRO A 387 -21.06 2.23 44.66
CA PRO A 387 -19.76 2.81 44.26
C PRO A 387 -18.62 2.29 45.12
N LYS A 388 -17.49 2.05 44.46
CA LYS A 388 -16.27 1.75 45.19
C LYS A 388 -15.59 3.00 45.73
N LEU A 389 -16.20 4.18 45.59
CA LEU A 389 -15.66 5.41 46.13
C LEU A 389 -16.69 6.52 46.06
N VAL A 390 -16.64 7.42 47.05
CA VAL A 390 -17.45 8.63 47.09
C VAL A 390 -16.51 9.82 47.17
N ILE A 391 -16.70 10.78 46.27
CA ILE A 391 -15.97 12.05 46.30
C ILE A 391 -17.01 13.14 46.56
N SER A 392 -17.01 13.67 47.78
CA SER A 392 -17.80 14.85 48.09
C SER A 392 -17.02 16.10 47.76
N VAL A 393 -17.68 17.06 47.11
CA VAL A 393 -17.06 18.30 46.69
C VAL A 393 -17.66 19.45 47.49
N HIS A 394 -16.90 19.96 48.46
CA HIS A 394 -17.26 21.14 49.23
C HIS A 394 -16.30 22.27 48.91
N GLY A 395 -16.73 23.20 48.07
CA GLY A 395 -16.09 24.48 47.97
C GLY A 395 -17.05 25.52 48.49
N GLY A 396 -17.41 26.46 47.63
CA GLY A 396 -18.44 27.42 47.95
C GLY A 396 -19.40 27.59 46.79
N MET A 397 -20.41 28.42 46.99
CA MET A 397 -21.19 28.94 45.89
C MET A 397 -20.53 30.21 45.37
N GLN A 398 -20.79 30.56 44.11
CA GLN A 398 -20.30 31.79 43.46
C GLN A 398 -18.76 31.89 43.44
N LYS A 399 -18.09 31.00 42.70
CA LYS A 399 -16.63 30.88 42.81
C LYS A 399 -15.87 31.63 41.72
N PHE A 400 -16.49 31.85 40.56
CA PHE A 400 -16.16 33.04 39.76
C PHE A 400 -14.70 33.16 39.30
N GLU A 401 -14.39 32.53 38.16
CA GLU A 401 -13.09 32.59 37.48
C GLU A 401 -11.97 31.77 38.10
N LEU A 402 -12.14 30.44 38.04
CA LEU A 402 -11.06 29.48 38.19
C LEU A 402 -10.04 29.71 37.08
N HIS A 403 -8.76 29.49 37.41
CA HIS A 403 -7.65 29.85 36.55
C HIS A 403 -7.63 28.98 35.29
N PRO A 404 -6.81 29.33 34.25
CA PRO A 404 -6.80 28.48 33.05
C PRO A 404 -6.15 27.11 33.26
N ARG A 405 -4.94 27.07 33.80
CA ARG A 405 -4.23 25.81 33.98
C ARG A 405 -4.91 24.97 35.06
N ILE A 406 -5.42 25.62 36.10
CA ILE A 406 -6.07 24.90 37.20
C ILE A 406 -7.28 24.12 36.69
N LYS A 407 -7.95 24.66 35.67
CA LYS A 407 -9.12 24.03 35.07
C LYS A 407 -8.75 22.69 34.45
N GLN A 408 -7.63 22.65 33.74
CA GLN A 408 -7.19 21.47 33.03
C GLN A 408 -6.88 20.32 33.99
N LEU A 409 -6.02 20.57 34.97
CA LEU A 409 -5.49 19.50 35.81
C LEU A 409 -6.56 18.90 36.71
N LEU A 410 -7.34 19.74 37.39
CA LEU A 410 -8.39 19.25 38.27
C LEU A 410 -9.40 18.40 37.52
N GLY A 411 -9.79 18.84 36.34
CA GLY A 411 -10.72 18.07 35.53
C GLY A 411 -10.13 16.74 35.12
N LYS A 412 -9.08 16.80 34.29
CA LYS A 412 -8.36 15.62 33.85
C LYS A 412 -8.02 14.66 34.99
N GLY A 413 -7.69 15.22 36.16
CA GLY A 413 -7.37 14.38 37.30
C GLY A 413 -8.61 13.80 37.96
N LEU A 414 -9.68 14.60 38.05
CA LEU A 414 -10.86 14.17 38.80
C LEU A 414 -11.65 13.12 38.02
N ILE A 415 -11.73 13.27 36.71
CA ILE A 415 -12.45 12.29 35.88
C ILE A 415 -11.80 10.92 36.04
N LYS A 416 -10.48 10.87 35.98
CA LYS A 416 -9.71 9.63 36.05
C LYS A 416 -9.97 8.87 37.33
N ALA A 417 -9.99 9.57 38.48
CA ALA A 417 -10.31 8.93 39.74
C ALA A 417 -11.74 8.38 39.74
N ALA A 418 -12.64 9.05 39.04
CA ALA A 418 -14.05 8.66 39.04
C ALA A 418 -14.30 7.48 38.10
N VAL A 419 -13.76 7.56 36.88
CA VAL A 419 -14.03 6.52 35.89
C VAL A 419 -13.26 5.25 36.23
N THR A 420 -12.05 5.40 36.76
CA THR A 420 -11.22 4.23 37.05
C THR A 420 -11.64 3.52 38.33
N THR A 421 -12.61 4.07 39.06
CA THR A 421 -13.04 3.52 40.35
C THR A 421 -14.55 3.39 40.46
N GLY A 422 -15.31 3.78 39.45
CA GLY A 422 -16.75 3.75 39.50
C GLY A 422 -17.32 4.50 40.70
N ALA A 423 -17.12 5.81 40.72
CA ALA A 423 -17.37 6.62 41.89
C ALA A 423 -18.64 7.44 41.75
N TRP A 424 -19.16 7.89 42.89
CA TRP A 424 -20.25 8.85 42.97
C TRP A 424 -19.67 10.18 43.43
N ILE A 425 -19.74 11.18 42.56
CA ILE A 425 -19.37 12.55 42.92
C ILE A 425 -20.61 13.21 43.50
N LEU A 426 -20.47 13.86 44.66
CA LEU A 426 -21.56 14.55 45.32
C LEU A 426 -21.29 16.05 45.29
N THR A 427 -22.13 16.78 44.58
CA THR A 427 -22.06 18.24 44.48
C THR A 427 -23.32 18.84 45.11
N GLY A 428 -23.44 20.16 45.02
CA GLY A 428 -24.61 20.85 45.50
C GLY A 428 -25.70 20.96 44.46
N GLY A 429 -25.35 20.79 43.18
CA GLY A 429 -26.33 20.83 42.10
C GLY A 429 -26.48 22.19 41.46
N VAL A 430 -26.58 23.24 42.30
CA VAL A 430 -26.80 24.60 41.83
C VAL A 430 -25.64 25.04 40.95
N ASN A 431 -25.95 25.71 39.83
CA ASN A 431 -24.91 26.16 38.88
C ASN A 431 -24.32 27.47 39.39
N THR A 432 -23.67 27.38 40.54
CA THR A 432 -22.87 28.49 41.06
C THR A 432 -21.75 27.93 41.92
N GLY A 433 -20.53 28.05 41.43
CA GLY A 433 -19.36 27.63 42.17
C GLY A 433 -18.77 26.31 41.71
N VAL A 434 -18.56 25.38 42.65
CA VAL A 434 -17.89 24.13 42.31
C VAL A 434 -18.72 23.32 41.32
N ALA A 435 -20.03 23.23 41.55
CA ALA A 435 -20.89 22.44 40.67
C ALA A 435 -20.84 22.95 39.23
N LYS A 436 -20.53 24.23 39.06
CA LYS A 436 -20.25 24.75 37.72
C LYS A 436 -18.96 24.15 37.18
N HIS A 437 -17.88 24.23 37.95
CA HIS A 437 -16.58 23.81 37.44
C HIS A 437 -16.46 22.29 37.35
N VAL A 438 -17.17 21.57 38.23
CA VAL A 438 -17.23 20.12 38.09
C VAL A 438 -17.89 19.75 36.77
N GLY A 439 -19.05 20.32 36.48
CA GLY A 439 -19.70 20.08 35.20
C GLY A 439 -18.86 20.55 34.03
N ASP A 440 -18.10 21.63 34.22
CA ASP A 440 -17.16 22.06 33.20
C ASP A 440 -16.10 20.98 32.96
N ALA A 441 -15.61 20.37 34.04
CA ALA A 441 -14.58 19.35 33.91
C ALA A 441 -15.11 18.13 33.18
N LEU A 442 -16.36 17.76 33.45
CA LEU A 442 -17.01 16.65 32.74
C LEU A 442 -17.01 16.90 31.25
N LYS A 443 -17.57 18.05 30.85
CA LYS A 443 -17.71 18.40 29.44
C LYS A 443 -16.38 18.34 28.68
N GLU A 444 -15.30 18.79 29.33
CA GLU A 444 -13.99 18.75 28.70
C GLU A 444 -13.57 17.32 28.41
N HIS A 445 -13.33 16.54 29.47
CA HIS A 445 -12.94 15.14 29.34
C HIS A 445 -14.15 14.21 29.53
N ALA A 446 -15.17 14.42 28.70
CA ALA A 446 -16.41 13.65 28.81
C ALA A 446 -16.18 12.17 28.53
N SER A 447 -15.81 11.84 27.28
CA SER A 447 -15.77 10.46 26.80
C SER A 447 -17.10 9.75 26.99
N ARG A 448 -18.19 10.51 27.05
CA ARG A 448 -19.52 10.09 27.50
C ARG A 448 -19.45 9.11 28.68
N SER A 449 -18.51 9.37 29.59
CA SER A 449 -18.26 8.50 30.72
C SER A 449 -19.24 8.72 31.88
N SER A 450 -20.34 9.43 31.62
CA SER A 450 -21.46 9.44 32.57
C SER A 450 -21.95 8.03 32.87
N ARG A 451 -21.80 7.12 31.91
CA ARG A 451 -22.02 5.70 32.11
C ARG A 451 -21.26 5.20 33.32
N LYS A 452 -20.03 5.69 33.52
CA LYS A 452 -19.18 5.30 34.63
C LYS A 452 -19.05 6.37 35.71
N ILE A 453 -19.64 7.56 35.49
CA ILE A 453 -19.59 8.64 36.48
C ILE A 453 -21.01 9.08 36.75
N CYS A 454 -21.45 8.93 38.00
CA CYS A 454 -22.82 9.26 38.41
C CYS A 454 -22.75 10.43 39.37
N THR A 455 -22.72 11.64 38.81
CA THR A 455 -22.77 12.85 39.62
C THR A 455 -24.19 13.05 40.13
N ILE A 456 -24.30 13.40 41.41
CA ILE A 456 -25.59 13.56 42.07
C ILE A 456 -25.65 14.98 42.62
N GLY A 457 -26.82 15.60 42.47
CA GLY A 457 -27.07 16.93 42.98
C GLY A 457 -27.95 16.86 44.23
N ILE A 458 -27.54 17.60 45.24
CA ILE A 458 -28.29 17.70 46.49
C ILE A 458 -28.39 19.19 46.82
N ALA A 459 -29.62 19.72 46.83
CA ALA A 459 -29.89 21.12 47.14
C ALA A 459 -31.22 21.23 47.88
N PRO A 460 -31.52 22.38 48.49
CA PRO A 460 -32.89 22.59 48.99
C PRO A 460 -33.85 22.92 47.86
N TRP A 461 -35.12 22.60 48.11
CA TRP A 461 -36.18 22.83 47.13
C TRP A 461 -36.82 24.18 47.38
N GLY A 462 -36.65 25.10 46.43
CA GLY A 462 -37.17 26.45 46.53
C GLY A 462 -36.16 27.48 46.09
N VAL A 463 -34.88 27.21 46.31
CA VAL A 463 -33.82 28.16 45.98
C VAL A 463 -33.45 28.10 44.50
N ILE A 464 -34.23 27.37 43.70
CA ILE A 464 -33.87 27.00 42.35
C ILE A 464 -34.81 27.71 41.38
N GLU A 465 -34.22 28.35 40.37
CA GLU A 465 -35.00 28.97 39.31
C GLU A 465 -35.85 27.91 38.61
N ASN A 466 -37.01 28.34 38.11
CA ASN A 466 -37.99 27.46 37.50
C ASN A 466 -38.36 26.29 38.41
N ARG A 467 -38.54 26.56 39.69
CA ARG A 467 -38.95 25.53 40.63
C ARG A 467 -40.27 24.90 40.23
N ASN A 468 -41.21 25.70 39.72
CA ASN A 468 -42.59 25.28 39.60
C ASN A 468 -42.87 24.43 38.36
N ASP A 469 -41.94 24.38 37.40
CA ASP A 469 -42.23 23.62 36.17
C ASP A 469 -41.90 22.11 36.30
N LEU A 470 -41.72 21.61 37.51
CA LEU A 470 -41.35 20.21 37.76
C LEU A 470 -42.39 19.45 38.55
N VAL A 471 -43.38 20.14 39.12
CA VAL A 471 -44.37 19.52 39.99
C VAL A 471 -45.19 18.51 39.18
N GLY A 472 -45.20 17.26 39.62
CA GLY A 472 -46.06 16.25 39.05
C GLY A 472 -45.47 14.86 39.17
N ARG A 473 -46.32 13.88 38.89
CA ARG A 473 -46.02 12.48 39.16
C ARG A 473 -45.45 11.80 37.91
N ASP A 474 -44.19 11.36 38.01
CA ASP A 474 -43.51 10.64 36.93
C ASP A 474 -43.55 11.45 35.64
N VAL A 475 -43.15 12.71 35.75
CA VAL A 475 -43.32 13.70 34.69
C VAL A 475 -41.96 13.95 34.04
N VAL A 476 -41.85 13.60 32.76
CA VAL A 476 -40.77 14.14 31.94
C VAL A 476 -40.97 15.65 31.90
N ALA A 477 -39.90 16.38 32.21
CA ALA A 477 -39.94 17.82 32.39
C ALA A 477 -38.96 18.49 31.43
N PRO A 478 -39.33 19.65 30.85
CA PRO A 478 -38.32 20.51 30.25
C PRO A 478 -37.70 21.43 31.28
N TYR A 479 -36.60 22.07 30.94
CA TYR A 479 -35.92 22.98 31.87
C TYR A 479 -34.89 23.77 31.07
N GLN A 480 -34.90 25.09 31.24
CA GLN A 480 -34.07 25.99 30.44
C GLN A 480 -32.89 26.45 31.29
N THR A 481 -31.68 26.21 30.81
CA THR A 481 -30.47 26.69 31.48
C THR A 481 -30.10 28.10 31.02
N LEU A 482 -31.04 28.82 30.43
CA LEU A 482 -30.87 30.23 30.09
C LEU A 482 -30.46 31.03 31.30
N LEU A 483 -29.33 31.76 31.18
CA LEU A 483 -28.84 32.60 32.27
C LEU A 483 -29.77 33.82 32.36
N ASN A 484 -30.91 33.60 32.98
CA ASN A 484 -31.95 34.61 33.10
C ASN A 484 -31.36 35.78 33.87
N PRO A 485 -31.17 36.98 33.26
CA PRO A 485 -30.32 38.00 33.89
C PRO A 485 -30.86 38.51 35.22
N LEU A 486 -32.16 38.82 35.26
CA LEU A 486 -32.80 39.30 36.48
C LEU A 486 -32.78 38.26 37.59
N SER A 487 -32.57 36.98 37.26
CA SER A 487 -32.66 35.90 38.23
C SER A 487 -31.44 35.90 39.13
N LYS A 488 -31.66 36.17 40.41
CA LYS A 488 -30.69 35.85 41.45
C LYS A 488 -30.78 34.40 41.90
N LEU A 489 -31.76 33.64 41.38
CA LEU A 489 -31.95 32.26 41.78
C LEU A 489 -30.82 31.40 41.22
N ASN A 490 -30.83 30.13 41.59
CA ASN A 490 -29.85 29.15 41.10
C ASN A 490 -30.47 28.39 39.95
N VAL A 491 -29.64 27.83 39.08
CA VAL A 491 -30.10 26.92 38.04
C VAL A 491 -29.35 25.61 38.22
N LEU A 492 -30.02 24.49 37.94
CA LEU A 492 -29.39 23.19 38.03
C LEU A 492 -28.45 22.98 36.86
N ASN A 493 -27.33 22.33 37.12
CA ASN A 493 -26.29 22.20 36.11
C ASN A 493 -26.65 21.10 35.12
N ASN A 494 -26.61 21.44 33.83
CA ASN A 494 -26.97 20.49 32.80
C ASN A 494 -26.11 19.24 32.84
N LEU A 495 -24.82 19.37 33.16
CA LEU A 495 -23.92 18.22 33.15
C LEU A 495 -23.97 17.45 34.47
N HIS A 496 -25.17 17.13 34.95
CA HIS A 496 -25.34 16.21 36.07
C HIS A 496 -26.23 15.06 35.63
N SER A 497 -26.47 14.11 36.53
CA SER A 497 -27.12 12.85 36.17
C SER A 497 -28.27 12.49 37.10
N HIS A 498 -28.28 13.04 38.32
CA HIS A 498 -29.32 12.73 39.29
C HIS A 498 -29.48 13.92 40.21
N PHE A 499 -30.65 14.01 40.86
CA PHE A 499 -30.95 15.11 41.75
C PHE A 499 -31.84 14.63 42.88
N ILE A 500 -31.51 15.07 44.09
CA ILE A 500 -32.36 14.90 45.27
C ILE A 500 -32.52 16.30 45.85
N LEU A 501 -33.76 16.70 46.11
CA LEU A 501 -34.07 18.08 46.44
C LEU A 501 -34.93 18.11 47.71
N VAL A 502 -34.48 18.91 48.66
CA VAL A 502 -34.85 18.75 50.07
C VAL A 502 -35.77 19.90 50.46
N ASP A 503 -37.00 19.56 50.84
CA ASP A 503 -37.93 20.56 51.34
C ASP A 503 -37.39 21.09 52.67
N ASP A 504 -37.95 22.21 53.12
CA ASP A 504 -37.49 22.88 54.33
C ASP A 504 -38.61 23.82 54.77
N GLY A 505 -38.28 24.80 55.61
CA GLY A 505 -39.21 25.87 55.93
C GLY A 505 -39.96 26.39 54.72
N THR A 506 -39.26 27.02 53.78
CA THR A 506 -39.89 27.41 52.51
C THR A 506 -38.87 27.87 51.47
N VAL A 507 -39.38 28.45 50.39
CA VAL A 507 -38.57 29.08 49.35
C VAL A 507 -37.63 30.09 49.96
N GLY A 508 -36.46 30.29 49.32
CA GLY A 508 -35.50 31.27 49.79
C GLY A 508 -34.58 30.74 50.87
N LYS A 509 -35.16 30.06 51.86
CA LYS A 509 -34.39 29.37 52.90
C LYS A 509 -33.37 28.44 52.27
N TYR A 510 -32.09 28.69 52.54
CA TYR A 510 -30.98 27.94 51.97
C TYR A 510 -30.11 27.43 53.10
N GLY A 511 -29.80 26.14 53.08
CA GLY A 511 -28.91 25.52 54.04
C GLY A 511 -29.52 24.37 54.81
N ALA A 512 -30.55 23.73 54.23
CA ALA A 512 -31.20 22.58 54.86
C ALA A 512 -30.88 21.28 54.12
N GLU A 513 -29.70 21.19 53.49
CA GLU A 513 -29.27 19.99 52.77
C GLU A 513 -28.08 19.30 53.41
N VAL A 514 -27.49 19.89 54.44
CA VAL A 514 -26.21 19.39 54.96
C VAL A 514 -26.39 18.02 55.62
N ARG A 515 -27.54 17.80 56.26
CA ARG A 515 -27.78 16.55 56.97
C ARG A 515 -27.79 15.36 56.02
N LEU A 516 -28.54 15.47 54.91
CA LEU A 516 -28.77 14.32 54.06
C LEU A 516 -27.49 13.84 53.39
N ARG A 517 -26.67 14.79 52.94
CA ARG A 517 -25.36 14.45 52.38
C ARG A 517 -24.54 13.64 53.38
N ARG A 518 -24.51 14.09 54.64
CA ARG A 518 -23.73 13.39 55.64
C ARG A 518 -24.29 12.00 55.92
N GLU A 519 -25.58 11.92 56.27
CA GLU A 519 -26.19 10.64 56.59
C GLU A 519 -26.00 9.62 55.46
N LEU A 520 -26.02 10.10 54.22
CA LEU A 520 -25.71 9.24 53.09
C LEU A 520 -24.24 8.81 53.12
N GLU A 521 -23.34 9.73 53.47
CA GLU A 521 -21.91 9.40 53.54
C GLU A 521 -21.64 8.38 54.64
N LYS A 522 -22.34 8.49 55.77
CA LYS A 522 -22.25 7.46 56.79
C LYS A 522 -22.81 6.14 56.26
N THR A 523 -23.89 6.22 55.49
CA THR A 523 -24.59 5.02 55.06
C THR A 523 -23.75 4.23 54.06
N ILE A 524 -23.15 4.91 53.08
CA ILE A 524 -22.39 4.21 52.05
C ILE A 524 -21.14 3.59 52.66
N ASN A 525 -20.53 4.27 53.63
CA ASN A 525 -19.38 3.73 54.35
C ASN A 525 -19.74 2.54 55.22
N GLN A 526 -21.03 2.28 55.45
CA GLN A 526 -21.49 1.08 56.15
C GLN A 526 -22.02 0.05 55.17
N GLN A 527 -21.41 -0.03 53.99
CA GLN A 527 -21.70 -1.06 53.00
C GLN A 527 -20.38 -1.67 52.55
N ARG A 528 -20.36 -2.99 52.39
CA ARG A 528 -19.14 -3.67 51.99
C ARG A 528 -18.85 -3.40 50.52
N ILE A 529 -17.57 -3.14 50.22
CA ILE A 529 -17.19 -2.67 48.89
C ILE A 529 -17.22 -3.78 47.85
N HIS A 530 -17.27 -5.05 48.25
CA HIS A 530 -17.38 -6.14 47.30
C HIS A 530 -17.87 -7.38 48.05
N ALA A 531 -18.42 -8.33 47.29
CA ALA A 531 -18.96 -9.56 47.88
C ALA A 531 -17.90 -10.33 48.68
N ARG A 532 -16.62 -10.10 48.41
CA ARG A 532 -15.51 -10.80 49.01
C ARG A 532 -14.74 -9.97 50.02
N ILE A 533 -14.82 -8.65 49.92
CA ILE A 533 -14.04 -7.73 50.73
C ILE A 533 -14.94 -7.20 51.84
N GLY A 534 -14.37 -7.05 53.02
CA GLY A 534 -15.13 -6.68 54.21
C GLY A 534 -15.08 -5.21 54.52
N GLN A 535 -14.02 -4.53 54.08
CA GLN A 535 -13.86 -3.09 54.28
C GLN A 535 -15.03 -2.32 53.72
N GLY A 536 -15.40 -1.22 54.38
CA GLY A 536 -16.47 -0.37 53.92
C GLY A 536 -16.04 0.54 52.79
N VAL A 537 -17.02 1.07 52.07
CA VAL A 537 -16.77 1.99 50.96
C VAL A 537 -16.02 3.20 51.50
N PRO A 538 -14.91 3.63 50.90
CA PRO A 538 -14.25 4.84 51.39
C PRO A 538 -14.99 6.10 50.99
N VAL A 539 -14.73 7.17 51.75
CA VAL A 539 -15.28 8.49 51.49
C VAL A 539 -14.13 9.47 51.58
N VAL A 540 -14.04 10.37 50.60
CA VAL A 540 -13.05 11.44 50.60
C VAL A 540 -13.72 12.73 50.17
N ALA A 541 -13.23 13.84 50.71
CA ALA A 541 -13.77 15.17 50.45
C ALA A 541 -12.71 16.00 49.75
N LEU A 542 -13.10 16.65 48.65
CA LEU A 542 -12.24 17.55 47.91
C LEU A 542 -12.75 18.97 48.04
N ILE A 543 -11.83 19.93 48.10
CA ILE A 543 -12.12 21.31 48.44
C ILE A 543 -11.57 22.21 47.35
N PHE A 544 -12.45 23.02 46.76
CA PHE A 544 -12.07 24.03 45.77
C PHE A 544 -12.52 25.40 46.25
N GLU A 545 -11.55 26.25 46.59
CA GLU A 545 -11.82 27.62 47.03
C GLU A 545 -12.78 27.61 48.21
N GLY A 546 -12.34 27.06 49.33
CA GLY A 546 -13.23 26.89 50.47
C GLY A 546 -13.58 28.22 51.13
N GLY A 547 -13.94 28.19 52.40
CA GLY A 547 -14.64 29.31 52.99
C GLY A 547 -14.82 29.18 54.48
N PRO A 548 -15.25 30.27 55.13
CA PRO A 548 -15.26 30.29 56.60
C PRO A 548 -16.19 29.27 57.22
N ASN A 549 -17.19 28.78 56.47
CA ASN A 549 -18.02 27.68 56.94
C ASN A 549 -17.46 26.34 56.48
N VAL A 550 -16.77 26.31 55.34
CA VAL A 550 -16.11 25.10 54.86
C VAL A 550 -15.02 24.68 55.84
N ILE A 551 -14.27 25.64 56.37
CA ILE A 551 -13.20 25.33 57.31
C ILE A 551 -13.76 24.79 58.62
N LEU A 552 -15.07 24.96 58.84
CA LEU A 552 -15.76 24.18 59.86
C LEU A 552 -16.19 22.83 59.32
N THR A 553 -16.52 22.75 58.03
CA THR A 553 -16.83 21.46 57.41
C THR A 553 -15.61 20.56 57.38
N VAL A 554 -14.41 21.12 57.16
CA VAL A 554 -13.20 20.32 57.18
C VAL A 554 -13.00 19.71 58.56
N LEU A 555 -13.10 20.53 59.60
CA LEU A 555 -12.94 20.05 60.97
C LEU A 555 -13.99 19.00 61.32
N GLU A 556 -15.21 19.17 60.81
CA GLU A 556 -16.31 18.28 61.16
C GLU A 556 -16.02 16.84 60.69
N TYR A 557 -15.16 16.70 59.69
CA TYR A 557 -14.79 15.37 59.19
C TYR A 557 -13.73 14.75 60.09
N LEU A 558 -12.65 15.49 60.32
CA LEU A 558 -11.55 14.98 61.14
C LEU A 558 -12.00 14.65 62.56
N GLN A 559 -13.08 15.27 63.03
CA GLN A 559 -13.70 14.88 64.29
C GLN A 559 -14.58 13.64 64.16
N GLU A 560 -14.90 13.21 62.94
CA GLU A 560 -15.89 12.16 62.74
C GLU A 560 -15.26 10.79 63.03
N SER A 561 -16.13 9.82 63.35
CA SER A 561 -15.75 8.44 63.63
C SER A 561 -16.40 7.55 62.58
N PRO A 562 -15.63 7.03 61.59
CA PRO A 562 -14.21 7.20 61.30
C PRO A 562 -13.86 8.59 60.78
N PRO A 563 -12.60 9.03 60.90
CA PRO A 563 -12.22 10.37 60.44
C PRO A 563 -11.98 10.49 58.93
N VAL A 564 -13.07 10.77 58.21
CA VAL A 564 -13.09 11.05 56.77
C VAL A 564 -11.93 11.96 56.40
N PRO A 565 -11.07 11.64 55.43
CA PRO A 565 -9.99 12.56 55.06
C PRO A 565 -10.48 13.69 54.19
N VAL A 566 -9.56 14.61 53.87
CA VAL A 566 -9.85 15.79 53.07
C VAL A 566 -8.68 16.05 52.14
N VAL A 567 -8.99 16.53 50.93
CA VAL A 567 -7.98 16.97 49.96
C VAL A 567 -8.23 18.44 49.69
N VAL A 568 -7.13 19.18 49.47
CA VAL A 568 -7.20 20.58 49.06
C VAL A 568 -6.26 20.76 47.87
N CYS A 569 -6.39 21.89 47.20
CA CYS A 569 -5.56 22.22 46.04
C CYS A 569 -5.23 23.70 46.09
N GLU A 570 -3.95 24.04 45.93
CA GLU A 570 -3.56 25.43 45.85
C GLU A 570 -3.81 25.96 44.44
N GLY A 571 -3.69 27.27 44.29
CA GLY A 571 -4.13 27.96 43.11
C GLY A 571 -5.57 28.44 43.16
N THR A 572 -6.29 28.18 44.26
CA THR A 572 -7.64 28.67 44.47
C THR A 572 -7.57 30.12 44.97
N GLY A 573 -8.69 30.66 45.46
CA GLY A 573 -8.77 32.07 45.83
C GLY A 573 -9.47 32.34 47.16
N ARG A 574 -9.68 31.30 47.95
CA ARG A 574 -10.24 31.43 49.29
C ARG A 574 -9.76 30.17 50.02
N ALA A 575 -10.44 29.79 51.10
CA ALA A 575 -9.86 29.08 52.24
C ALA A 575 -8.95 27.90 51.91
N ALA A 576 -9.16 27.25 50.78
CA ALA A 576 -8.30 26.16 50.37
C ALA A 576 -6.86 26.64 50.20
N ASP A 577 -6.66 27.71 49.42
CA ASP A 577 -5.33 28.30 49.29
C ASP A 577 -4.83 28.81 50.63
N LEU A 578 -5.73 29.25 51.51
CA LEU A 578 -5.31 29.68 52.83
C LEU A 578 -4.82 28.49 53.63
N LEU A 579 -5.71 27.51 53.85
CA LEU A 579 -5.31 26.31 54.57
C LEU A 579 -4.18 25.57 53.86
N ALA A 580 -4.03 25.80 52.55
CA ALA A 580 -2.78 25.45 51.87
C ALA A 580 -1.62 26.28 52.41
N TYR A 581 -1.81 27.58 52.59
CA TYR A 581 -0.72 28.38 53.15
C TYR A 581 -0.46 27.98 54.59
N ILE A 582 -1.53 27.60 55.31
CA ILE A 582 -1.39 27.13 56.69
C ILE A 582 -0.52 25.88 56.74
N HIS A 583 -0.61 25.03 55.72
CA HIS A 583 0.12 23.77 55.63
C HIS A 583 1.63 23.98 55.80
N LYS A 584 2.23 24.82 54.96
CA LYS A 584 3.68 24.84 54.83
C LYS A 584 4.40 25.25 56.12
N GLN A 585 3.76 26.10 56.92
CA GLN A 585 4.34 26.57 58.19
C GLN A 585 3.58 25.91 59.34
N THR A 586 3.96 24.67 59.64
CA THR A 586 3.45 23.94 60.79
C THR A 586 4.24 22.65 60.92
N GLU A 587 4.44 22.20 62.15
CA GLU A 587 5.07 20.91 62.44
C GLU A 587 4.03 19.90 62.90
N GLU A 588 4.47 18.66 63.08
CA GLU A 588 3.52 17.56 63.29
C GLU A 588 2.76 17.75 64.59
N GLY A 589 1.52 18.19 64.49
CA GLY A 589 0.70 18.45 65.67
C GLY A 589 0.85 19.85 66.23
N GLY A 590 1.93 20.54 65.86
CA GLY A 590 2.22 21.85 66.41
C GLY A 590 1.24 22.92 66.02
N ASN A 591 1.09 23.94 66.88
CA ASN A 591 0.20 25.05 66.62
C ASN A 591 0.88 26.20 65.89
N LEU A 592 2.19 26.40 66.10
CA LEU A 592 2.89 27.47 65.40
C LEU A 592 4.41 27.28 65.50
N PRO A 593 5.18 27.59 64.43
CA PRO A 593 6.58 27.98 64.62
C PRO A 593 6.61 29.41 65.12
N ASP A 594 7.80 30.05 65.21
CA ASP A 594 7.98 31.39 65.79
C ASP A 594 6.85 32.35 65.43
N ALA A 595 6.26 32.97 66.47
CA ALA A 595 4.86 33.39 66.44
C ALA A 595 4.54 34.32 65.29
N ALA A 596 3.57 33.89 64.46
CA ALA A 596 3.01 34.74 63.43
C ALA A 596 1.47 34.73 63.47
N GLU A 597 0.87 34.26 64.55
CA GLU A 597 -0.58 34.28 64.66
C GLU A 597 -1.19 35.69 64.56
N PRO A 598 -0.48 36.81 64.84
CA PRO A 598 -1.02 38.10 64.40
C PRO A 598 -1.12 38.17 62.88
N ASP A 599 -0.05 37.76 62.19
CA ASP A 599 -0.03 37.83 60.73
C ASP A 599 -1.00 36.83 60.12
N ILE A 600 -1.29 35.74 60.81
CA ILE A 600 -2.24 34.76 60.30
C ILE A 600 -3.63 35.35 60.49
N ILE A 601 -3.94 35.83 61.70
CA ILE A 601 -5.24 36.44 61.96
C ILE A 601 -5.43 37.67 61.09
N SER A 602 -4.34 38.35 60.71
CA SER A 602 -4.42 39.42 59.73
C SER A 602 -4.99 38.88 58.43
N THR A 603 -4.47 37.73 57.99
CA THR A 603 -4.90 37.15 56.73
C THR A 603 -6.28 36.51 56.84
N ILE A 604 -6.62 35.99 58.03
CA ILE A 604 -7.94 35.39 58.25
C ILE A 604 -9.00 36.46 58.00
N LYS A 605 -8.83 37.64 58.61
CA LYS A 605 -9.83 38.69 58.43
C LYS A 605 -9.66 39.44 57.11
N LYS A 606 -8.49 39.35 56.47
CA LYS A 606 -8.32 39.97 55.17
C LYS A 606 -9.31 39.43 54.17
N THR A 607 -9.44 38.10 54.10
CA THR A 607 -10.31 37.48 53.11
C THR A 607 -11.79 37.73 53.44
N PHE A 608 -12.22 37.25 54.62
CA PHE A 608 -13.57 37.52 55.13
C PHE A 608 -13.42 38.45 56.33
N ASN A 609 -13.98 39.65 56.20
CA ASN A 609 -13.77 40.71 57.17
C ASN A 609 -14.39 40.40 58.53
N PHE A 610 -13.55 40.14 59.52
CA PHE A 610 -13.95 39.95 60.91
C PHE A 610 -13.66 41.17 61.77
N GLY A 611 -12.39 41.57 61.83
CA GLY A 611 -11.95 42.61 62.77
C GLY A 611 -11.75 42.06 64.17
N GLN A 612 -11.27 40.82 64.27
CA GLN A 612 -11.09 40.13 65.54
C GLN A 612 -12.45 39.96 66.23
N SER A 613 -13.54 39.96 65.47
CA SER A 613 -14.82 39.56 66.03
C SER A 613 -14.76 38.09 66.40
N GLU A 614 -14.39 37.24 65.44
CA GLU A 614 -14.03 35.86 65.73
C GLU A 614 -12.87 35.37 64.87
N ALA A 615 -12.08 36.29 64.29
CA ALA A 615 -10.90 35.87 63.52
C ALA A 615 -9.94 35.06 64.37
N VAL A 616 -9.91 35.31 65.67
CA VAL A 616 -9.19 34.43 66.60
C VAL A 616 -9.77 33.02 66.54
N HIS A 617 -11.10 32.90 66.62
CA HIS A 617 -11.74 31.59 66.60
C HIS A 617 -11.39 30.83 65.33
N LEU A 618 -11.35 31.53 64.20
CA LEU A 618 -10.98 30.87 62.94
C LEU A 618 -9.55 30.37 62.96
N PHE A 619 -8.70 30.97 63.81
CA PHE A 619 -7.32 30.51 63.91
C PHE A 619 -7.25 29.16 64.60
N GLN A 620 -8.03 28.97 65.68
CA GLN A 620 -8.00 27.69 66.37
C GLN A 620 -8.67 26.59 65.55
N THR A 621 -9.51 26.97 64.58
CA THR A 621 -10.00 26.00 63.62
C THR A 621 -8.89 25.59 62.65
N MET A 622 -8.18 26.57 62.11
CA MET A 622 -6.98 26.30 61.32
C MET A 622 -5.92 25.57 62.15
N MET A 623 -5.94 25.76 63.47
CA MET A 623 -5.02 25.06 64.36
C MET A 623 -5.32 23.57 64.38
N GLU A 624 -6.59 23.21 64.53
CA GLU A 624 -6.95 21.80 64.57
C GLU A 624 -6.96 21.18 63.18
N CYS A 625 -6.88 22.01 62.13
CA CYS A 625 -6.79 21.50 60.77
C CYS A 625 -5.33 21.32 60.36
N MET A 626 -4.45 22.20 60.83
CA MET A 626 -3.02 21.99 60.67
C MET A 626 -2.50 20.93 61.64
N LYS A 627 -3.36 20.45 62.55
CA LYS A 627 -2.95 19.47 63.55
C LYS A 627 -3.02 18.05 63.00
N LYS A 628 -4.21 17.59 62.65
CA LYS A 628 -4.40 16.24 62.14
C LYS A 628 -3.97 16.17 60.69
N LYS A 629 -2.66 16.26 60.47
CA LYS A 629 -2.10 16.33 59.13
C LYS A 629 -2.00 14.95 58.49
N GLU A 630 -2.35 13.90 59.23
CA GLU A 630 -2.39 12.55 58.67
C GLU A 630 -3.61 12.30 57.80
N LEU A 631 -4.45 13.33 57.55
CA LEU A 631 -5.64 13.20 56.75
C LEU A 631 -5.84 14.41 55.83
N ILE A 632 -4.80 15.20 55.61
CA ILE A 632 -4.86 16.41 54.79
C ILE A 632 -3.81 16.31 53.70
N THR A 633 -4.13 16.90 52.55
CA THR A 633 -3.31 16.75 51.36
C THR A 633 -3.54 17.94 50.44
N VAL A 634 -2.44 18.63 50.10
CA VAL A 634 -2.47 19.74 49.15
C VAL A 634 -1.87 19.24 47.85
N PHE A 635 -2.43 19.69 46.72
CA PHE A 635 -1.90 19.37 45.40
C PHE A 635 -1.12 20.57 44.89
N HIS A 636 0.20 20.55 45.02
CA HIS A 636 1.06 21.64 44.57
C HIS A 636 1.08 21.65 43.04
N ILE A 637 0.59 22.76 42.49
CA ILE A 637 0.48 22.92 41.04
C ILE A 637 1.64 23.78 40.56
N GLY A 638 2.62 23.13 39.93
CA GLY A 638 3.75 23.81 39.33
C GLY A 638 5.06 23.09 39.57
N SER A 639 5.20 22.42 40.71
CA SER A 639 6.43 21.71 41.06
C SER A 639 6.33 20.22 40.77
N GLU A 640 5.30 19.80 40.03
CA GLU A 640 4.90 18.40 39.81
C GLU A 640 5.02 17.55 41.08
N ASP A 641 4.78 18.16 42.23
CA ASP A 641 4.87 17.44 43.49
C ASP A 641 3.55 16.72 43.71
N HIS A 642 3.62 15.40 43.91
CA HIS A 642 2.42 14.61 44.13
C HIS A 642 1.49 14.73 42.92
N GLN A 643 1.90 14.10 41.81
CA GLN A 643 1.35 14.29 40.46
C GLN A 643 -0.15 13.99 40.42
N ASP A 644 -0.79 14.19 39.25
CA ASP A 644 -2.21 14.46 39.02
C ASP A 644 -3.21 13.91 40.02
N ILE A 645 -4.26 14.71 40.22
CA ILE A 645 -5.06 14.73 41.45
C ILE A 645 -5.69 13.39 41.76
N ASP A 646 -5.85 12.51 40.76
CA ASP A 646 -6.41 11.19 41.04
C ASP A 646 -5.55 10.42 42.04
N VAL A 647 -4.24 10.45 41.84
CA VAL A 647 -3.32 9.78 42.75
C VAL A 647 -3.45 10.39 44.13
N ALA A 648 -3.75 11.69 44.20
CA ALA A 648 -3.91 12.38 45.47
C ALA A 648 -5.21 12.00 46.16
N ILE A 649 -6.32 11.98 45.41
CA ILE A 649 -7.62 11.63 46.00
C ILE A 649 -7.57 10.21 46.56
N LEU A 650 -6.81 9.32 45.91
CA LEU A 650 -6.84 7.91 46.29
C LEU A 650 -5.76 7.59 47.31
N THR A 651 -4.53 8.05 47.07
CA THR A 651 -3.47 7.93 48.06
C THR A 651 -3.86 8.53 49.40
N ALA A 652 -4.70 9.57 49.40
CA ALA A 652 -5.18 10.17 50.64
C ALA A 652 -5.91 9.14 51.50
N LEU A 653 -6.62 8.22 50.86
CA LEU A 653 -7.34 7.17 51.57
C LEU A 653 -6.40 6.10 52.12
N LEU A 654 -5.15 6.09 51.67
CA LEU A 654 -4.19 5.07 52.11
C LEU A 654 -3.36 5.58 53.27
N LYS A 655 -2.87 6.82 53.17
CA LYS A 655 -2.16 7.44 54.28
C LYS A 655 -3.16 7.77 55.37
N GLY A 656 -2.65 8.04 56.58
CA GLY A 656 -3.49 8.06 57.76
C GLY A 656 -4.22 6.75 57.85
N THR A 657 -5.43 6.77 58.43
CA THR A 657 -6.43 5.70 58.32
C THR A 657 -5.84 4.31 58.43
N ASN A 658 -4.90 4.11 59.37
CA ASN A 658 -3.80 3.14 59.28
C ASN A 658 -4.18 1.82 58.58
N ALA A 659 -5.23 1.18 59.07
CA ALA A 659 -6.01 0.11 58.46
C ALA A 659 -5.29 -1.21 58.19
N SER A 660 -4.03 -1.17 57.72
CA SER A 660 -3.12 -2.31 57.58
C SER A 660 -2.06 -1.94 56.55
N ALA A 661 -1.16 -2.89 56.25
CA ALA A 661 -0.59 -2.95 54.90
C ALA A 661 -1.51 -3.72 53.96
N PHE A 662 -2.21 -4.71 54.50
CA PHE A 662 -3.07 -5.61 53.72
C PHE A 662 -4.25 -4.88 53.10
N ASP A 663 -5.13 -4.33 53.96
CA ASP A 663 -6.33 -3.63 53.51
C ASP A 663 -6.03 -2.54 52.48
N GLN A 664 -4.84 -1.93 52.57
CA GLN A 664 -4.40 -1.03 51.50
C GLN A 664 -4.35 -1.75 50.16
N LEU A 665 -3.82 -2.97 50.16
CA LEU A 665 -3.72 -3.76 48.93
C LEU A 665 -5.10 -4.16 48.44
N ILE A 666 -5.97 -4.56 49.37
CA ILE A 666 -7.30 -5.04 49.01
C ILE A 666 -8.14 -3.92 48.40
N LEU A 667 -7.90 -2.68 48.81
CA LEU A 667 -8.70 -1.56 48.31
C LEU A 667 -8.32 -1.23 46.88
N THR A 668 -7.04 -1.26 46.56
CA THR A 668 -6.59 -1.07 45.19
C THR A 668 -7.15 -2.17 44.28
N LEU A 669 -7.26 -3.38 44.82
CA LEU A 669 -7.75 -4.52 44.04
C LEU A 669 -9.19 -4.30 43.59
N ALA A 670 -10.07 -3.93 44.51
CA ALA A 670 -11.45 -3.62 44.15
C ALA A 670 -11.52 -2.52 43.11
N TRP A 671 -10.68 -1.50 43.25
CA TRP A 671 -10.61 -0.41 42.27
C TRP A 671 -9.97 -0.83 40.96
N ASP A 672 -9.11 -1.86 40.98
CA ASP A 672 -8.27 -2.21 39.85
C ASP A 672 -7.35 -1.04 39.47
N ARG A 673 -6.51 -0.67 40.45
CA ARG A 673 -5.46 0.33 40.27
C ARG A 673 -4.14 -0.28 40.76
N VAL A 674 -3.32 -0.73 39.81
CA VAL A 674 -2.06 -1.39 40.16
C VAL A 674 -0.96 -0.37 40.37
N ASP A 675 -1.00 0.73 39.60
CA ASP A 675 -0.02 1.79 39.73
C ASP A 675 0.01 2.33 41.16
N ILE A 676 -1.15 2.45 41.79
CA ILE A 676 -1.25 2.84 43.19
C ILE A 676 -0.58 1.77 44.03
N ALA A 677 -0.96 0.52 43.81
CA ALA A 677 -0.51 -0.60 44.64
C ALA A 677 1.00 -0.79 44.55
N LYS A 678 1.53 -0.84 43.33
CA LYS A 678 2.96 -0.99 43.10
C LYS A 678 3.75 0.08 43.80
N ASN A 679 3.33 1.33 43.64
CA ASN A 679 4.15 2.48 44.04
C ASN A 679 3.89 2.92 45.48
N HIS A 680 2.64 2.78 45.96
CA HIS A 680 2.25 3.32 47.26
C HIS A 680 1.86 2.25 48.28
N VAL A 681 1.99 0.96 47.92
CA VAL A 681 1.87 -0.13 48.88
C VAL A 681 3.11 -1.02 48.86
N PHE A 682 3.58 -1.41 47.68
CA PHE A 682 4.80 -2.19 47.56
C PHE A 682 6.01 -1.24 47.54
N VAL A 683 6.18 -0.58 48.67
CA VAL A 683 7.25 0.40 48.87
C VAL A 683 8.41 -0.31 49.53
N TYR A 684 9.59 0.27 49.44
CA TYR A 684 10.73 -0.31 50.15
C TYR A 684 10.48 -0.28 51.65
N GLY A 685 10.83 -1.36 52.34
CA GLY A 685 10.68 -1.44 53.77
C GLY A 685 9.29 -1.77 54.24
N GLN A 686 8.34 -2.00 53.33
CA GLN A 686 6.98 -2.35 53.72
C GLN A 686 7.00 -3.70 54.41
N GLN A 687 6.77 -3.71 55.73
CA GLN A 687 6.78 -4.96 56.46
C GLN A 687 5.52 -5.75 56.15
N TRP A 688 5.68 -6.86 55.42
CA TRP A 688 4.56 -7.72 55.10
C TRP A 688 4.38 -8.79 56.16
N LEU A 689 3.11 -9.12 56.42
CA LEU A 689 2.69 -10.15 57.34
C LEU A 689 2.89 -11.49 56.64
N VAL A 690 2.12 -12.50 57.01
CA VAL A 690 2.28 -13.90 56.66
C VAL A 690 1.30 -14.04 55.51
N GLY A 691 0.92 -15.26 55.13
CA GLY A 691 0.20 -15.47 53.88
C GLY A 691 -1.10 -14.72 53.64
N SER A 692 -1.36 -13.65 54.38
CA SER A 692 -2.16 -12.53 53.89
C SER A 692 -1.92 -12.28 52.40
N LEU A 693 -0.65 -12.22 51.96
CA LEU A 693 -0.36 -12.05 50.54
C LEU A 693 -0.98 -13.16 49.70
N GLU A 694 -0.97 -14.39 50.21
CA GLU A 694 -1.64 -15.47 49.50
C GLU A 694 -3.14 -15.21 49.41
N GLN A 695 -3.73 -14.78 50.52
CA GLN A 695 -5.17 -14.49 50.53
C GLN A 695 -5.52 -13.40 49.53
N ALA A 696 -4.58 -12.51 49.23
CA ALA A 696 -4.81 -11.53 48.17
C ALA A 696 -4.81 -12.19 46.80
N MET A 697 -3.91 -13.15 46.58
CA MET A 697 -3.89 -13.87 45.30
C MET A 697 -5.20 -14.61 45.07
N LEU A 698 -5.73 -15.26 46.12
CA LEU A 698 -6.99 -15.96 46.01
C LEU A 698 -8.12 -15.01 45.63
N ASP A 699 -8.03 -13.76 46.07
CA ASP A 699 -9.08 -12.79 45.77
C ASP A 699 -8.91 -12.23 44.36
N ALA A 700 -7.66 -12.12 43.90
CA ALA A 700 -7.40 -11.60 42.56
C ALA A 700 -7.74 -12.61 41.48
N LEU A 701 -7.54 -13.91 41.77
CA LEU A 701 -7.83 -14.93 40.77
C LEU A 701 -9.33 -15.05 40.52
N VAL A 702 -10.14 -15.04 41.58
CA VAL A 702 -11.59 -15.07 41.42
C VAL A 702 -12.06 -13.85 40.65
N MET A 703 -11.68 -12.67 41.10
CA MET A 703 -12.12 -11.40 40.55
C MET A 703 -11.59 -11.14 39.14
N ASP A 704 -10.72 -12.00 38.61
CA ASP A 704 -10.16 -11.86 37.27
C ASP A 704 -9.35 -10.56 37.17
N ARG A 705 -8.50 -10.41 38.19
CA ARG A 705 -7.62 -9.25 38.34
C ARG A 705 -6.22 -9.70 37.96
N VAL A 706 -5.93 -9.65 36.66
CA VAL A 706 -4.73 -10.30 36.12
C VAL A 706 -3.48 -9.55 36.57
N SER A 707 -3.53 -8.23 36.53
CA SER A 707 -2.32 -7.44 36.79
C SER A 707 -1.91 -7.52 38.25
N PHE A 708 -2.85 -7.87 39.15
CA PHE A 708 -2.49 -8.09 40.54
C PHE A 708 -1.93 -9.49 40.75
N VAL A 709 -2.24 -10.43 39.85
CA VAL A 709 -1.60 -11.74 39.89
C VAL A 709 -0.14 -11.59 39.48
N LYS A 710 0.09 -10.88 38.37
CA LYS A 710 1.45 -10.58 37.92
C LYS A 710 2.27 -9.91 39.00
N LEU A 711 1.74 -8.85 39.60
CA LEU A 711 2.45 -8.12 40.64
C LEU A 711 2.82 -9.01 41.81
N LEU A 712 1.85 -9.72 42.37
CA LEU A 712 2.10 -10.53 43.55
C LEU A 712 3.10 -11.65 43.28
N ILE A 713 3.13 -12.16 42.05
CA ILE A 713 4.16 -13.14 41.68
C ILE A 713 5.53 -12.48 41.73
N GLU A 714 5.67 -11.30 41.13
CA GLU A 714 6.93 -10.58 41.15
C GLU A 714 7.40 -10.26 42.57
N ASN A 715 6.47 -10.03 43.50
CA ASN A 715 6.79 -9.60 44.85
C ASN A 715 6.68 -10.72 45.88
N GLY A 716 6.95 -11.96 45.48
CA GLY A 716 7.28 -13.02 46.43
C GLY A 716 6.35 -14.21 46.52
N VAL A 717 5.15 -14.12 45.95
CA VAL A 717 4.18 -15.19 46.11
C VAL A 717 4.63 -16.40 45.29
N SER A 718 4.36 -17.59 45.82
CA SER A 718 4.75 -18.85 45.21
C SER A 718 3.50 -19.67 44.91
N MET A 719 3.29 -19.99 43.64
CA MET A 719 2.15 -20.84 43.28
C MET A 719 2.31 -22.25 43.84
N HIS A 720 3.54 -22.73 43.92
CA HIS A 720 3.79 -24.07 44.47
C HIS A 720 3.35 -24.15 45.92
N LYS A 721 3.65 -23.12 46.72
CA LYS A 721 3.19 -23.06 48.09
C LYS A 721 1.72 -22.64 48.17
N PHE A 722 1.33 -21.68 47.33
CA PHE A 722 -0.03 -21.16 47.36
C PHE A 722 -1.05 -22.26 47.07
N LEU A 723 -0.97 -22.85 45.88
CA LEU A 723 -2.08 -23.59 45.32
C LEU A 723 -2.22 -24.98 45.92
N THR A 724 -3.21 -25.14 46.79
CA THR A 724 -3.57 -26.41 47.41
C THR A 724 -4.89 -26.89 46.83
N ILE A 725 -5.29 -28.10 47.25
CA ILE A 725 -6.56 -28.65 46.78
C ILE A 725 -7.75 -27.84 47.25
N PRO A 726 -7.88 -27.50 48.54
CA PRO A 726 -9.09 -26.76 48.97
C PRO A 726 -9.25 -25.40 48.32
N ARG A 727 -8.15 -24.67 48.11
CA ARG A 727 -8.24 -23.44 47.35
C ARG A 727 -8.70 -23.70 45.93
N LEU A 728 -8.04 -24.62 45.24
CA LEU A 728 -8.35 -24.91 43.85
C LEU A 728 -9.76 -25.46 43.69
N GLU A 729 -10.32 -26.06 44.75
CA GLU A 729 -11.76 -26.30 44.79
C GLU A 729 -12.54 -24.99 44.72
N GLU A 730 -12.21 -24.05 45.61
CA GLU A 730 -12.94 -22.80 45.73
C GLU A 730 -12.95 -22.03 44.41
N LEU A 731 -11.86 -22.11 43.67
CA LEU A 731 -11.75 -21.38 42.41
C LEU A 731 -12.77 -21.88 41.38
N TYR A 732 -13.05 -23.19 41.38
CA TYR A 732 -14.14 -23.69 40.52
C TYR A 732 -15.50 -23.39 41.12
N ASN A 733 -15.62 -23.47 42.45
CA ASN A 733 -16.88 -23.24 43.14
C ASN A 733 -16.97 -21.81 43.66
N THR A 734 -17.02 -20.84 42.75
CA THR A 734 -17.22 -19.44 43.12
C THR A 734 -18.05 -18.75 42.06
N LYS A 735 -19.01 -17.94 42.52
CA LYS A 735 -19.86 -17.15 41.66
C LYS A 735 -19.52 -15.67 41.70
N GLN A 736 -18.47 -15.29 42.44
CA GLN A 736 -18.08 -13.88 42.59
C GLN A 736 -17.11 -13.47 41.50
N GLY A 737 -17.45 -13.75 40.24
CA GLY A 737 -16.62 -13.38 39.13
C GLY A 737 -17.21 -13.80 37.81
N PRO A 738 -16.52 -13.52 36.72
CA PRO A 738 -17.01 -13.97 35.40
C PRO A 738 -16.92 -15.48 35.25
N THR A 739 -18.07 -16.15 35.24
CA THR A 739 -18.13 -17.60 35.20
C THR A 739 -18.51 -18.06 33.80
N ASN A 740 -18.26 -19.34 33.54
CA ASN A 740 -18.78 -19.99 32.34
C ASN A 740 -20.12 -20.62 32.70
N PRO A 741 -21.23 -20.22 32.07
CA PRO A 741 -22.51 -20.82 32.47
C PRO A 741 -22.63 -22.28 32.06
N MET A 742 -21.80 -22.73 31.11
CA MET A 742 -21.91 -24.09 30.59
C MET A 742 -20.98 -25.10 31.23
N LEU A 743 -20.20 -24.72 32.24
CA LEU A 743 -19.46 -25.74 32.99
C LEU A 743 -20.42 -26.66 33.73
N PHE A 744 -21.37 -26.07 34.48
CA PHE A 744 -22.38 -26.87 35.17
C PHE A 744 -23.17 -27.75 34.21
N HIS A 745 -23.44 -27.25 33.01
CA HIS A 745 -24.16 -28.04 32.02
C HIS A 745 -23.32 -29.23 31.55
N LEU A 746 -22.01 -29.20 31.80
CA LEU A 746 -21.15 -30.34 31.48
C LEU A 746 -21.00 -31.27 32.68
N ILE A 747 -21.05 -30.74 33.90
CA ILE A 747 -20.96 -31.58 35.10
C ILE A 747 -22.09 -32.60 35.12
N ARG A 748 -23.27 -32.19 34.62
CA ARG A 748 -24.43 -33.08 34.61
C ARG A 748 -24.18 -34.30 33.73
N ASP A 749 -23.77 -34.07 32.48
CA ASP A 749 -23.70 -35.15 31.50
C ASP A 749 -22.69 -36.22 31.88
N VAL A 750 -21.65 -35.85 32.64
CA VAL A 750 -20.67 -36.83 33.09
C VAL A 750 -21.14 -37.61 34.30
N LYS A 751 -22.06 -37.04 35.09
CA LYS A 751 -22.73 -37.74 36.18
C LYS A 751 -24.08 -38.33 35.76
N GLN A 752 -24.52 -38.03 34.53
CA GLN A 752 -25.63 -38.64 33.79
C GLN A 752 -27.03 -38.24 34.25
N GLY A 753 -27.21 -37.82 35.49
CA GLY A 753 -28.39 -37.03 35.80
C GLY A 753 -28.36 -36.22 37.08
N ASN A 754 -27.33 -36.40 37.90
CA ASN A 754 -27.45 -36.10 39.32
C ASN A 754 -26.79 -34.77 39.66
N LEU A 755 -27.56 -33.90 40.29
CA LEU A 755 -27.14 -32.52 40.56
C LEU A 755 -27.99 -31.93 41.68
N PRO A 756 -27.63 -32.11 42.95
CA PRO A 756 -28.36 -31.41 44.01
C PRO A 756 -28.13 -29.92 43.92
N PRO A 757 -29.00 -29.10 44.49
CA PRO A 757 -28.84 -27.64 44.33
C PRO A 757 -27.67 -27.09 45.13
N GLY A 758 -27.31 -27.77 46.22
CA GLY A 758 -26.18 -27.37 47.04
C GLY A 758 -24.92 -28.10 46.64
N TYR A 759 -24.72 -28.28 45.35
CA TYR A 759 -23.61 -29.08 44.84
C TYR A 759 -22.33 -28.27 44.81
N LYS A 760 -21.29 -28.79 45.45
CA LYS A 760 -19.94 -28.24 45.37
C LYS A 760 -19.15 -29.09 44.39
N ILE A 761 -18.67 -28.47 43.30
CA ILE A 761 -17.90 -29.19 42.29
C ILE A 761 -16.65 -29.76 42.93
N THR A 762 -16.29 -30.96 42.51
CA THR A 762 -15.10 -31.68 42.97
C THR A 762 -14.17 -31.93 41.79
N LEU A 763 -12.89 -32.15 42.11
CA LEU A 763 -11.89 -32.32 41.06
C LEU A 763 -12.01 -33.67 40.39
N ILE A 764 -12.63 -34.65 41.04
CA ILE A 764 -12.99 -35.88 40.36
C ILE A 764 -13.95 -35.59 39.22
N ASP A 765 -14.87 -34.64 39.44
CA ASP A 765 -15.84 -34.30 38.43
C ASP A 765 -15.23 -33.43 37.34
N ILE A 766 -14.24 -32.60 37.70
CA ILE A 766 -13.51 -31.83 36.69
C ILE A 766 -12.74 -32.77 35.79
N GLY A 767 -12.09 -33.79 36.38
CA GLY A 767 -11.35 -34.75 35.59
C GLY A 767 -12.20 -35.42 34.53
N LEU A 768 -13.44 -35.75 34.86
CA LEU A 768 -14.32 -36.42 33.92
C LEU A 768 -14.77 -35.48 32.81
N VAL A 769 -14.90 -34.19 33.11
CA VAL A 769 -15.15 -33.21 32.06
C VAL A 769 -13.98 -33.15 31.10
N ILE A 770 -12.76 -33.12 31.64
CA ILE A 770 -11.56 -33.01 30.82
C ILE A 770 -11.41 -34.24 29.94
N GLU A 771 -11.54 -35.43 30.53
CA GLU A 771 -11.45 -36.66 29.76
C GLU A 771 -12.53 -36.72 28.69
N TYR A 772 -13.72 -36.18 28.99
CA TYR A 772 -14.78 -36.11 28.00
C TYR A 772 -14.41 -35.15 26.87
N LEU A 773 -13.95 -33.95 27.22
CA LEU A 773 -13.63 -32.94 26.21
C LEU A 773 -12.43 -33.35 25.38
N MET A 774 -11.35 -33.76 26.04
CA MET A 774 -10.15 -34.16 25.34
C MET A 774 -10.34 -35.44 24.52
N GLY A 775 -11.30 -36.27 24.89
CA GLY A 775 -11.70 -37.38 24.06
C GLY A 775 -10.66 -38.49 23.97
N GLY A 776 -11.00 -39.46 23.14
CA GLY A 776 -10.09 -40.56 22.87
C GLY A 776 -9.87 -41.42 24.09
N THR A 777 -8.61 -41.56 24.48
CA THR A 777 -8.20 -42.34 25.64
C THR A 777 -7.48 -41.45 26.66
N TYR A 778 -7.73 -40.15 26.61
CA TYR A 778 -7.08 -39.23 27.53
C TYR A 778 -7.56 -39.50 28.95
N ARG A 779 -6.61 -39.49 29.88
CA ARG A 779 -6.88 -39.80 31.29
C ARG A 779 -6.21 -38.74 32.15
N CYS A 780 -7.00 -38.07 32.98
CA CYS A 780 -6.52 -36.97 33.79
C CYS A 780 -5.98 -37.47 35.12
N THR A 781 -5.05 -36.71 35.69
CA THR A 781 -4.44 -37.11 36.96
C THR A 781 -5.43 -37.01 38.12
N TYR A 782 -6.55 -36.31 37.93
CA TYR A 782 -7.57 -36.24 38.97
C TYR A 782 -8.30 -37.55 39.16
N THR A 783 -8.34 -38.40 38.13
CA THR A 783 -9.14 -39.62 38.15
C THR A 783 -8.30 -40.87 38.40
N ARG A 784 -7.09 -40.70 38.92
CA ARG A 784 -6.16 -41.80 39.14
C ARG A 784 -6.19 -42.24 40.59
N LYS A 785 -5.66 -43.45 40.82
CA LYS A 785 -5.65 -44.04 42.15
C LYS A 785 -4.92 -43.15 43.15
N ARG A 786 -3.78 -42.61 42.74
CA ARG A 786 -2.97 -41.77 43.63
C ARG A 786 -3.76 -40.57 44.13
N PHE A 787 -4.50 -39.91 43.24
CA PHE A 787 -5.19 -38.68 43.62
C PHE A 787 -6.48 -38.97 44.39
N ARG A 788 -7.21 -40.02 43.98
CA ARG A 788 -8.48 -40.32 44.62
C ARG A 788 -8.31 -40.66 46.10
N LEU A 789 -7.14 -41.19 46.47
CA LEU A 789 -6.90 -41.56 47.86
C LEU A 789 -6.52 -40.34 48.69
N ILE A 790 -5.51 -39.59 48.24
CA ILE A 790 -5.10 -38.38 48.96
C ILE A 790 -6.23 -37.37 49.02
N TYR A 791 -7.08 -37.36 48.00
CA TYR A 791 -8.24 -36.46 48.00
C TYR A 791 -9.23 -36.86 49.07
N ASN A 792 -9.47 -38.15 49.23
CA ASN A 792 -10.37 -38.63 50.28
C ASN A 792 -9.72 -38.49 51.65
N SER A 793 -8.40 -38.64 51.73
CA SER A 793 -7.68 -38.49 52.99
C SER A 793 -7.81 -37.08 53.54
N LEU A 794 -7.30 -36.10 52.79
CA LEU A 794 -7.29 -34.71 53.22
C LEU A 794 -8.70 -34.19 53.44
N GLU A 868 5.17 -30.93 50.28
CA GLU A 868 4.03 -31.54 50.96
C GLU A 868 3.25 -32.27 49.87
N THR A 869 1.96 -32.54 50.10
CA THR A 869 1.21 -33.56 49.40
C THR A 869 -0.11 -33.06 48.85
N LYS A 870 -0.79 -32.17 49.56
CA LYS A 870 -1.93 -31.43 49.01
C LYS A 870 -1.50 -30.45 47.93
N ARG A 871 -0.22 -30.12 47.82
CA ARG A 871 0.29 -29.28 46.76
C ARG A 871 0.28 -30.06 45.45
N PHE A 872 0.63 -29.36 44.37
CA PHE A 872 0.78 -29.94 43.05
C PHE A 872 2.21 -29.65 42.60
N PRO A 873 2.82 -30.51 41.77
CA PRO A 873 4.15 -30.18 41.26
C PRO A 873 4.16 -29.14 40.16
N TYR A 874 3.05 -29.01 39.43
CA TYR A 874 2.96 -28.11 38.28
C TYR A 874 1.63 -27.37 38.38
N PRO A 875 1.56 -26.32 39.20
CA PRO A 875 0.28 -25.65 39.42
C PRO A 875 -0.16 -24.74 38.28
N LEU A 876 0.78 -24.25 37.47
CA LEU A 876 0.40 -23.41 36.34
C LEU A 876 -0.35 -24.21 35.28
N ASN A 877 -0.22 -25.54 35.31
CA ASN A 877 -1.04 -26.37 34.44
C ASN A 877 -2.46 -26.46 34.95
N GLU A 878 -2.61 -26.63 36.27
CA GLU A 878 -3.93 -26.77 36.87
C GLU A 878 -4.73 -25.48 36.73
N LEU A 879 -4.06 -24.34 36.73
CA LEU A 879 -4.74 -23.06 36.60
C LEU A 879 -5.07 -22.73 35.14
N LEU A 880 -4.24 -23.17 34.21
CA LEU A 880 -4.52 -22.97 32.79
C LEU A 880 -5.82 -23.67 32.40
N ILE A 881 -6.04 -24.86 32.93
CA ILE A 881 -7.28 -25.59 32.64
C ILE A 881 -8.46 -24.89 33.28
N TRP A 882 -8.28 -24.43 34.53
CA TRP A 882 -9.30 -23.66 35.22
C TRP A 882 -9.73 -22.45 34.42
N ALA A 883 -8.76 -21.62 34.01
CA ALA A 883 -9.07 -20.38 33.31
C ALA A 883 -9.78 -20.65 31.98
N CYS A 884 -9.54 -21.80 31.38
CA CYS A 884 -10.16 -22.11 30.09
C CYS A 884 -11.55 -22.70 30.26
N LEU A 885 -11.74 -23.53 31.29
CA LEU A 885 -13.07 -24.02 31.60
C LEU A 885 -13.99 -22.92 32.09
N MET A 886 -13.45 -21.93 32.77
CA MET A 886 -14.22 -20.78 33.23
C MET A 886 -14.37 -19.69 32.19
N LYS A 887 -13.88 -19.91 30.96
CA LYS A 887 -13.93 -18.91 29.89
C LYS A 887 -13.27 -17.60 30.35
N ARG A 888 -12.01 -17.71 30.75
CA ARG A 888 -11.21 -16.56 31.16
C ARG A 888 -9.93 -16.52 30.33
N GLN A 889 -10.04 -15.87 29.17
CA GLN A 889 -8.99 -15.91 28.17
C GLN A 889 -7.80 -15.05 28.57
N VAL A 890 -8.07 -13.86 29.10
CA VAL A 890 -6.98 -12.95 29.45
C VAL A 890 -6.15 -13.53 30.59
N MET A 891 -6.80 -14.28 31.49
CA MET A 891 -6.07 -14.99 32.54
C MET A 891 -5.36 -16.21 31.97
N ALA A 892 -5.97 -16.87 30.99
CA ALA A 892 -5.36 -18.07 30.40
C ALA A 892 -4.09 -17.72 29.64
N ARG A 893 -4.11 -16.61 28.90
CA ARG A 893 -2.91 -16.17 28.19
C ARG A 893 -1.78 -15.85 29.15
N PHE A 894 -2.10 -15.18 30.26
CA PHE A 894 -1.08 -14.82 31.23
C PHE A 894 -0.45 -16.07 31.83
N LEU A 895 -1.26 -17.00 32.29
CA LEU A 895 -0.75 -18.21 32.93
C LEU A 895 -0.01 -19.10 31.95
N TRP A 896 -0.38 -19.05 30.67
CA TRP A 896 0.32 -19.83 29.66
C TRP A 896 1.77 -19.41 29.53
N GLN A 897 2.04 -18.10 29.60
CA GLN A 897 3.40 -17.60 29.47
C GLN A 897 4.29 -18.01 30.64
N HIS A 898 3.71 -18.42 31.76
CA HIS A 898 4.45 -18.86 32.94
C HIS A 898 4.37 -20.37 33.06
N GLY A 899 5.51 -20.97 33.37
CA GLY A 899 5.66 -22.41 33.40
C GLY A 899 6.41 -22.92 32.19
N GLU A 900 6.39 -24.25 32.05
CA GLU A 900 7.10 -24.95 31.00
C GLU A 900 6.11 -25.71 30.13
N GLU A 901 6.62 -26.24 29.01
CA GLU A 901 5.80 -26.93 28.01
C GLU A 901 4.78 -26.00 27.39
N SER A 902 5.23 -24.88 26.82
CA SER A 902 4.31 -23.86 26.34
C SER A 902 3.54 -24.33 25.10
N MET A 903 4.23 -24.99 24.16
CA MET A 903 3.57 -25.42 22.93
C MET A 903 2.55 -26.52 23.21
N ALA A 904 2.82 -27.37 24.20
CA ALA A 904 1.87 -28.41 24.56
C ALA A 904 0.61 -27.81 25.17
N LYS A 905 0.78 -26.88 26.11
CA LYS A 905 -0.36 -26.26 26.79
C LYS A 905 -1.26 -25.52 25.80
N ALA A 906 -0.67 -24.95 24.75
CA ALA A 906 -1.46 -24.23 23.77
C ALA A 906 -2.31 -25.17 22.93
N LEU A 907 -1.83 -26.39 22.70
CA LEU A 907 -2.59 -27.35 21.91
C LEU A 907 -3.67 -28.01 22.75
N VAL A 908 -3.46 -28.11 24.06
CA VAL A 908 -4.51 -28.55 24.98
C VAL A 908 -5.64 -27.52 24.99
N ALA A 909 -5.30 -26.24 25.20
CA ALA A 909 -6.31 -25.21 25.29
C ALA A 909 -7.16 -25.13 24.03
N CYS A 910 -6.51 -25.23 22.87
CA CYS A 910 -7.23 -25.26 21.60
C CYS A 910 -8.25 -26.38 21.57
N LYS A 911 -7.89 -27.53 22.11
CA LYS A 911 -8.77 -28.69 22.13
C LYS A 911 -9.96 -28.45 23.06
N ILE A 912 -9.70 -27.93 24.25
CA ILE A 912 -10.74 -27.77 25.26
C ILE A 912 -11.80 -26.77 24.79
N TYR A 913 -11.39 -25.66 24.20
CA TYR A 913 -12.36 -24.67 23.71
C TYR A 913 -13.13 -25.22 22.53
N ARG A 914 -12.46 -25.92 21.61
CA ARG A 914 -13.12 -26.50 20.45
C ARG A 914 -14.23 -27.45 20.85
N SER A 915 -14.00 -28.23 21.90
CA SER A 915 -14.99 -29.20 22.33
C SER A 915 -16.15 -28.55 23.06
N MET A 916 -15.88 -27.49 23.83
CA MET A 916 -16.96 -26.73 24.44
C MET A 916 -17.76 -25.97 23.40
N ALA A 917 -17.12 -25.53 22.32
CA ALA A 917 -17.86 -24.87 21.25
C ALA A 917 -18.85 -25.82 20.60
N TYR A 918 -18.46 -27.08 20.43
CA TYR A 918 -19.35 -28.06 19.81
C TYR A 918 -20.56 -28.34 20.68
N GLU A 919 -20.34 -28.52 21.99
CA GLU A 919 -21.44 -28.81 22.90
C GLU A 919 -22.40 -27.63 22.97
N ALA A 920 -21.88 -26.42 22.82
CA ALA A 920 -22.73 -25.23 22.86
C ALA A 920 -23.62 -25.15 21.64
N LYS A 921 -23.13 -25.59 20.48
CA LYS A 921 -23.97 -25.71 19.30
C LYS A 921 -25.09 -26.71 19.60
N GLN A 922 -24.70 -27.90 20.03
CA GLN A 922 -25.60 -29.01 20.32
C GLN A 922 -26.46 -28.81 21.55
N SER A 923 -26.38 -27.69 22.28
CA SER A 923 -27.18 -27.46 23.46
C SER A 923 -28.08 -26.27 23.25
N ASP A 924 -29.12 -26.18 24.08
CA ASP A 924 -30.22 -25.23 23.91
C ASP A 924 -30.10 -24.16 24.99
N LEU A 925 -29.29 -23.14 24.72
CA LEU A 925 -29.06 -22.05 25.67
C LEU A 925 -29.31 -20.72 24.96
N VAL A 926 -29.36 -19.65 25.75
CA VAL A 926 -29.77 -18.34 25.26
C VAL A 926 -28.66 -17.74 24.41
N ASP A 927 -27.43 -17.74 24.93
CA ASP A 927 -26.27 -17.28 24.17
C ASP A 927 -25.39 -18.47 23.84
N ASP A 928 -25.12 -18.67 22.56
CA ASP A 928 -24.35 -19.83 22.14
C ASP A 928 -22.92 -19.76 22.66
N THR A 929 -22.31 -18.57 22.62
CA THR A 929 -20.93 -18.37 23.06
C THR A 929 -19.92 -19.20 22.27
N SER A 930 -20.34 -19.79 21.14
CA SER A 930 -19.50 -20.79 20.49
C SER A 930 -18.53 -20.15 19.52
N GLU A 931 -18.94 -19.07 18.88
CA GLU A 931 -18.00 -18.30 18.07
C GLU A 931 -16.97 -17.60 18.95
N GLU A 932 -17.32 -17.35 20.21
CA GLU A 932 -16.35 -16.84 21.17
C GLU A 932 -15.34 -17.91 21.54
N LEU A 933 -15.82 -19.13 21.81
CA LEU A 933 -14.92 -20.22 22.16
C LEU A 933 -14.12 -20.68 20.95
N LYS A 934 -14.75 -20.72 19.79
CA LYS A 934 -14.05 -21.04 18.55
C LYS A 934 -12.97 -20.00 18.25
N GLN A 935 -13.17 -18.77 18.71
CA GLN A 935 -12.16 -17.74 18.54
C GLN A 935 -11.02 -17.94 19.53
N TYR A 936 -11.34 -18.44 20.72
CA TYR A 936 -10.32 -18.68 21.72
C TYR A 936 -9.46 -19.89 21.36
N SER A 937 -10.08 -20.88 20.72
CA SER A 937 -9.34 -22.07 20.28
C SER A 937 -8.32 -21.70 19.22
N ASN A 938 -8.69 -20.82 18.29
CA ASN A 938 -7.80 -20.47 17.19
C ASN A 938 -6.72 -19.51 17.63
N ASP A 939 -6.92 -18.81 18.75
CA ASP A 939 -5.87 -17.96 19.29
C ASP A 939 -4.71 -18.79 19.82
N PHE A 940 -5.00 -19.81 20.64
CA PHE A 940 -3.93 -20.68 21.11
C PHE A 940 -3.36 -21.53 19.99
N GLY A 941 -4.19 -21.93 19.04
CA GLY A 941 -3.70 -22.71 17.92
C GLY A 941 -2.71 -21.93 17.07
N GLN A 942 -2.91 -20.64 16.94
CA GLN A 942 -1.98 -19.81 16.19
C GLN A 942 -0.65 -19.67 16.95
N LEU A 943 -0.71 -19.63 18.27
CA LEU A 943 0.51 -19.55 19.06
C LEU A 943 1.38 -20.78 18.89
N ALA A 944 0.76 -21.96 18.91
CA ALA A 944 1.49 -23.20 18.73
C ALA A 944 2.21 -23.25 17.40
N VAL A 945 1.57 -22.74 16.35
CA VAL A 945 2.18 -22.72 15.03
C VAL A 945 3.35 -21.75 15.01
N GLU A 946 3.19 -20.59 15.65
CA GLU A 946 4.24 -19.57 15.63
C GLU A 946 5.45 -20.01 16.44
N LEU A 947 5.24 -20.82 17.48
CA LEU A 947 6.37 -21.37 18.24
C LEU A 947 7.10 -22.42 17.44
N LEU A 948 6.38 -23.22 16.65
CA LEU A 948 7.02 -24.26 15.86
C LEU A 948 7.88 -23.65 14.77
N GLU A 949 7.39 -22.59 14.12
CA GLU A 949 8.19 -21.88 13.13
C GLU A 949 9.44 -21.30 13.76
N GLN A 950 9.31 -20.81 14.99
CA GLN A 950 10.46 -20.27 15.71
C GLN A 950 11.49 -21.35 15.99
N SER A 951 11.05 -22.52 16.45
CA SER A 951 11.96 -23.62 16.71
C SER A 951 12.57 -24.16 15.43
N PHE A 952 11.79 -24.21 14.36
CA PHE A 952 12.26 -24.75 13.09
C PHE A 952 13.36 -23.89 12.48
N ARG A 953 13.26 -22.56 12.63
CA ARG A 953 14.30 -21.66 12.14
C ARG A 953 15.57 -21.73 12.97
N GLN A 954 15.51 -22.28 14.19
CA GLN A 954 16.67 -22.44 15.05
C GLN A 954 17.38 -23.76 14.82
N ASP A 955 16.65 -24.89 14.89
CA ASP A 955 17.24 -26.19 14.63
C ASP A 955 16.13 -27.12 14.17
N GLU A 956 16.25 -27.63 12.94
CA GLU A 956 15.19 -28.44 12.35
C GLU A 956 15.05 -29.78 13.06
N THR A 957 16.18 -30.38 13.43
CA THR A 957 16.15 -31.74 13.99
C THR A 957 15.54 -31.73 15.39
N MET A 958 15.87 -30.72 16.18
CA MET A 958 15.33 -30.64 17.54
C MET A 958 13.86 -30.26 17.53
N ALA A 959 13.45 -29.47 16.54
CA ALA A 959 12.03 -29.14 16.39
C ALA A 959 11.21 -30.38 16.06
N MET A 960 11.76 -31.29 15.24
CA MET A 960 11.04 -32.51 14.94
C MET A 960 10.96 -33.42 16.16
N LYS A 961 11.99 -33.40 17.01
CA LYS A 961 11.90 -34.10 18.29
C LYS A 961 10.78 -33.54 19.15
N LEU A 962 10.55 -32.22 19.07
CA LEU A 962 9.55 -31.61 19.93
C LEU A 962 8.16 -32.12 19.63
N LEU A 963 7.93 -32.57 18.39
CA LEU A 963 6.60 -32.98 17.98
C LEU A 963 6.24 -34.35 18.52
N THR A 964 7.21 -35.11 19.04
CA THR A 964 7.03 -36.54 19.28
C THR A 964 7.42 -37.02 20.68
N TYR A 965 8.04 -36.19 21.52
CA TYR A 965 8.33 -36.63 22.89
C TYR A 965 7.04 -36.72 23.71
N GLU A 966 7.00 -37.70 24.61
CA GLU A 966 5.88 -37.79 25.54
C GLU A 966 5.96 -36.69 26.58
N LEU A 967 4.79 -36.36 27.15
CA LEU A 967 4.63 -35.15 27.93
C LEU A 967 4.57 -35.42 29.42
N LYS A 968 3.95 -36.53 29.83
CA LYS A 968 3.97 -37.06 31.20
C LYS A 968 3.11 -36.28 32.19
N ASN A 969 2.61 -35.12 31.79
CA ASN A 969 1.56 -34.40 32.51
C ASN A 969 0.29 -34.29 31.69
N TRP A 970 0.29 -34.84 30.46
CA TRP A 970 -0.81 -34.72 29.53
C TRP A 970 -1.17 -36.09 28.99
N SER A 971 -1.18 -37.06 29.91
CA SER A 971 -1.62 -38.43 29.66
C SER A 971 -0.72 -39.12 28.63
N ASN A 972 0.58 -38.89 28.73
CA ASN A 972 1.57 -39.59 27.93
C ASN A 972 1.34 -39.35 26.44
N SER A 973 0.80 -38.19 26.13
CA SER A 973 0.41 -37.85 24.77
C SER A 973 1.53 -37.09 24.09
N THR A 974 1.22 -36.52 22.94
CA THR A 974 2.20 -36.00 22.02
C THR A 974 1.63 -34.73 21.38
N CYS A 975 2.49 -33.72 21.23
CA CYS A 975 2.03 -32.44 20.71
C CYS A 975 1.46 -32.59 19.32
N LEU A 976 2.05 -33.47 18.52
CA LEU A 976 1.58 -33.68 17.16
C LEU A 976 0.27 -34.47 17.17
N LYS A 977 0.06 -35.32 18.16
CA LYS A 977 -1.22 -36.01 18.31
C LYS A 977 -2.31 -35.06 18.78
N LEU A 978 -1.98 -34.12 19.66
CA LEU A 978 -2.98 -33.18 20.15
C LEU A 978 -3.49 -32.28 19.03
N ALA A 979 -2.62 -31.90 18.10
CA ALA A 979 -3.02 -31.02 17.02
C ALA A 979 -3.91 -31.73 16.02
N VAL A 980 -3.66 -33.02 15.78
CA VAL A 980 -4.55 -33.81 14.93
C VAL A 980 -5.92 -33.93 15.58
N SER A 981 -5.95 -34.11 16.90
CA SER A 981 -7.21 -34.27 17.61
C SER A 981 -8.09 -33.03 17.48
N SER A 982 -7.47 -31.86 17.38
CA SER A 982 -8.19 -30.60 17.18
C SER A 982 -8.36 -30.24 15.72
N ARG A 983 -7.83 -31.04 14.80
CA ARG A 983 -7.85 -30.71 13.37
C ARG A 983 -7.22 -29.35 13.13
N LEU A 984 -6.05 -29.16 13.71
CA LEU A 984 -5.31 -27.90 13.69
C LEU A 984 -4.27 -28.02 12.58
N ARG A 985 -4.71 -27.71 11.37
CA ARG A 985 -4.07 -28.03 10.10
C ARG A 985 -2.82 -27.21 9.75
N PRO A 986 -2.73 -25.92 10.08
CA PRO A 986 -1.47 -25.20 9.79
C PRO A 986 -0.28 -25.76 10.53
N PHE A 987 -0.50 -26.47 11.63
CA PHE A 987 0.54 -27.13 12.39
C PHE A 987 0.96 -28.44 11.73
N VAL A 988 -0.02 -29.21 11.23
CA VAL A 988 0.27 -30.46 10.54
C VAL A 988 0.74 -30.19 9.11
N ALA A 989 0.25 -29.13 8.48
CA ALA A 989 0.71 -28.72 7.16
C ALA A 989 2.01 -27.93 7.20
N HIS A 990 2.67 -27.85 8.34
CA HIS A 990 3.89 -27.06 8.50
C HIS A 990 5.10 -27.84 7.99
N THR A 991 6.09 -27.08 7.49
CA THR A 991 7.27 -27.66 6.84
C THR A 991 8.00 -28.65 7.75
N CYS A 992 8.10 -28.32 9.03
CA CYS A 992 8.79 -29.16 10.00
C CYS A 992 8.19 -30.56 10.08
N THR A 993 6.89 -30.65 10.29
CA THR A 993 6.27 -31.96 10.48
C THR A 993 6.01 -32.69 9.17
N GLN A 994 5.94 -31.97 8.06
CA GLN A 994 6.00 -32.63 6.76
C GLN A 994 7.35 -33.28 6.53
N MET A 995 8.42 -32.60 6.94
CA MET A 995 9.76 -33.18 6.90
C MET A 995 9.83 -34.45 7.73
N LEU A 996 9.15 -34.46 8.88
CA LEU A 996 9.17 -35.64 9.74
C LEU A 996 8.39 -36.80 9.13
N LEU A 997 7.23 -36.53 8.56
CA LEU A 997 6.45 -37.58 7.93
C LEU A 997 7.20 -38.19 6.75
N SER A 998 8.03 -37.41 6.09
CA SER A 998 8.83 -37.91 4.98
C SER A 998 9.98 -38.78 5.48
N ASP A 999 10.46 -38.52 6.70
CA ASP A 999 11.52 -39.35 7.27
C ASP A 999 10.96 -40.63 7.87
N MET A 1000 9.73 -40.57 8.39
CA MET A 1000 9.04 -41.77 8.84
C MET A 1000 8.66 -42.66 7.67
N TRP A 1001 8.41 -42.04 6.51
CA TRP A 1001 8.09 -42.78 5.30
C TRP A 1001 9.27 -43.62 4.84
N MET A 1002 10.48 -43.06 4.88
CA MET A 1002 11.69 -43.78 4.52
C MET A 1002 11.93 -44.99 5.40
N GLY A 1003 11.89 -44.82 6.72
CA GLY A 1003 12.46 -45.78 7.64
C GLY A 1003 13.96 -45.65 7.69
N ARG A 1004 14.68 -46.75 7.85
CA ARG A 1004 16.13 -46.73 7.79
C ARG A 1004 16.67 -46.36 6.42
N LEU A 1005 15.89 -46.53 5.37
CA LEU A 1005 16.36 -46.29 4.01
C LEU A 1005 16.75 -44.84 3.84
N ASN A 1006 17.96 -44.60 3.35
CA ASN A 1006 18.40 -43.25 3.01
C ASN A 1006 17.98 -43.00 1.57
N MET A 1007 16.90 -42.23 1.39
CA MET A 1007 16.26 -42.07 0.09
C MET A 1007 16.55 -40.71 -0.53
N ARG A 1008 17.72 -40.16 -0.25
CA ARG A 1008 18.35 -39.14 -1.08
C ARG A 1008 19.35 -39.74 -2.04
N LYS A 1009 20.05 -40.77 -1.59
CA LYS A 1009 20.96 -41.55 -2.41
C LYS A 1009 20.20 -42.50 -3.31
N ASN A 1010 19.25 -43.24 -2.74
CA ASN A 1010 18.48 -44.23 -3.48
C ASN A 1010 17.39 -43.56 -4.29
N SER A 1011 16.78 -44.33 -5.20
CA SER A 1011 15.66 -43.85 -5.99
C SER A 1011 14.61 -44.95 -6.07
N TRP A 1012 13.43 -44.57 -6.53
CA TRP A 1012 12.33 -45.51 -6.62
C TRP A 1012 12.56 -46.56 -7.70
N TYR A 1013 13.51 -46.32 -8.62
CA TYR A 1013 13.95 -47.37 -9.52
C TYR A 1013 14.44 -48.58 -8.74
N LYS A 1014 15.13 -48.34 -7.63
CA LYS A 1014 15.90 -49.40 -6.99
C LYS A 1014 15.13 -50.04 -5.84
N VAL A 1015 14.09 -49.37 -5.34
CA VAL A 1015 13.22 -49.97 -4.34
C VAL A 1015 12.32 -51.00 -5.00
N ILE A 1016 11.69 -50.63 -6.12
CA ILE A 1016 10.86 -51.58 -6.86
C ILE A 1016 11.69 -52.77 -7.32
N LEU A 1017 12.88 -52.49 -7.86
CA LEU A 1017 13.82 -53.55 -8.22
C LEU A 1017 14.10 -54.47 -7.05
N SER A 1018 14.38 -53.91 -5.87
CA SER A 1018 14.77 -54.72 -4.72
C SER A 1018 13.61 -55.54 -4.18
N ILE A 1019 12.37 -55.12 -4.45
CA ILE A 1019 11.22 -55.94 -4.09
C ILE A 1019 11.14 -57.15 -5.00
N LEU A 1020 11.42 -56.96 -6.29
CA LEU A 1020 11.38 -58.05 -7.26
C LEU A 1020 12.67 -58.86 -7.22
N VAL A 1021 13.78 -58.21 -6.91
CA VAL A 1021 15.09 -58.84 -6.79
C VAL A 1021 15.50 -58.72 -5.32
N PRO A 1022 15.17 -59.70 -4.46
CA PRO A 1022 15.49 -59.57 -3.03
C PRO A 1022 16.96 -59.35 -2.73
N PRO A 1023 17.93 -60.07 -3.40
CA PRO A 1023 19.32 -59.89 -2.98
C PRO A 1023 19.87 -58.49 -3.26
N ALA A 1024 19.17 -57.71 -4.08
CA ALA A 1024 19.54 -56.31 -4.29
C ALA A 1024 19.17 -55.41 -3.11
N ILE A 1025 18.53 -55.95 -2.08
CA ILE A 1025 18.34 -55.20 -0.84
C ILE A 1025 19.67 -54.87 -0.19
N LEU A 1026 20.71 -55.65 -0.44
CA LEU A 1026 22.00 -55.51 0.22
C LEU A 1026 22.83 -54.36 -0.33
N MET A 1027 22.58 -53.94 -1.58
CA MET A 1027 23.33 -52.87 -2.21
C MET A 1027 22.63 -51.51 -2.12
N LEU A 1028 21.89 -51.27 -1.04
CA LEU A 1028 21.17 -50.03 -0.83
C LEU A 1028 21.74 -49.28 0.37
N GLU A 1029 21.66 -47.95 0.29
CA GLU A 1029 22.20 -47.09 1.34
C GLU A 1029 21.15 -46.89 2.42
N TYR A 1030 21.54 -47.17 3.68
CA TYR A 1030 20.67 -47.02 4.83
C TYR A 1030 21.24 -45.95 5.77
N LYS A 1031 20.51 -45.71 6.86
CA LYS A 1031 20.76 -44.61 7.77
C LYS A 1031 21.37 -45.15 9.06
N THR A 1032 22.12 -44.28 9.71
CA THR A 1032 22.75 -44.57 10.99
C THR A 1032 21.79 -44.22 12.12
N LYS A 1033 22.02 -44.84 13.28
CA LYS A 1033 21.21 -44.60 14.47
C LYS A 1033 21.18 -43.13 14.83
N ALA A 1034 22.29 -42.42 14.59
CA ALA A 1034 22.34 -40.99 14.81
C ALA A 1034 21.38 -40.23 13.91
N GLU A 1035 21.24 -40.66 12.66
CA GLU A 1035 20.29 -40.07 11.73
C GLU A 1035 18.86 -40.53 11.96
N MET A 1036 18.63 -41.48 12.87
CA MET A 1036 17.32 -42.02 13.17
C MET A 1036 16.85 -41.62 14.57
N SER A 1037 17.41 -40.53 15.10
CA SER A 1037 17.21 -40.17 16.50
C SER A 1037 15.98 -39.30 16.73
N HIS A 1038 15.61 -38.45 15.77
CA HIS A 1038 14.40 -37.66 15.85
C HIS A 1038 13.16 -38.40 15.37
N ILE A 1039 13.30 -39.63 14.90
CA ILE A 1039 12.22 -40.38 14.29
C ILE A 1039 11.66 -41.34 15.34
N PRO A 1040 10.36 -41.35 15.60
CA PRO A 1040 9.84 -42.33 16.56
C PRO A 1040 9.83 -43.73 15.96
N GLN A 1041 10.10 -44.72 16.82
CA GLN A 1041 10.28 -46.10 16.39
C GLN A 1041 9.52 -47.05 17.30
N SER A 1042 9.31 -48.26 16.80
CA SER A 1042 8.73 -49.32 17.60
C SER A 1042 9.78 -49.90 18.54
N GLN A 1043 9.31 -50.77 19.44
CA GLN A 1043 10.21 -51.42 20.38
C GLN A 1043 11.22 -52.32 19.66
N ASP A 1044 10.71 -53.25 18.84
CA ASP A 1044 11.57 -54.18 18.14
C ASP A 1044 12.53 -53.46 17.20
N ALA A 1045 12.11 -52.30 16.68
CA ALA A 1045 12.97 -51.55 15.78
C ALA A 1045 14.19 -51.02 16.51
N HIS A 1046 14.01 -50.33 17.64
CA HIS A 1046 15.13 -49.65 18.28
C HIS A 1046 16.17 -50.65 18.75
N GLN A 1047 15.73 -51.82 19.25
CA GLN A 1047 16.63 -52.92 19.56
C GLN A 1047 17.57 -53.19 18.40
N MET A 1048 16.99 -53.43 17.22
CA MET A 1048 17.78 -53.80 16.05
C MET A 1048 18.66 -52.64 15.58
N THR A 1049 18.15 -51.41 15.67
CA THR A 1049 19.01 -50.27 15.36
C THR A 1049 20.14 -50.14 16.37
N MET A 1050 19.86 -50.51 17.63
CA MET A 1050 20.87 -50.39 18.69
C MET A 1050 22.05 -51.31 18.41
N GLU A 1051 21.79 -52.56 18.05
CA GLU A 1051 22.89 -53.44 17.64
C GLU A 1051 23.44 -52.99 16.30
N LEU A 1093 26.28 -53.60 8.77
CA LEU A 1093 25.08 -54.12 9.42
C LEU A 1093 25.05 -55.64 9.31
N PRO A 1094 24.43 -56.34 10.26
CA PRO A 1094 24.16 -57.76 10.04
C PRO A 1094 23.24 -57.96 8.85
N ILE A 1095 23.29 -59.17 8.29
CA ILE A 1095 22.53 -59.46 7.07
C ILE A 1095 21.04 -59.45 7.35
N THR A 1096 20.61 -60.12 8.42
CA THR A 1096 19.18 -60.22 8.71
C THR A 1096 18.60 -58.88 9.14
N ARG A 1097 19.43 -58.01 9.71
CA ARG A 1097 18.96 -56.68 10.09
C ARG A 1097 18.67 -55.85 8.85
N LYS A 1098 19.47 -56.04 7.81
CA LYS A 1098 19.35 -55.20 6.62
C LYS A 1098 18.10 -55.55 5.82
N PHE A 1099 17.60 -56.78 5.98
CA PHE A 1099 16.30 -57.14 5.40
C PHE A 1099 15.15 -56.55 6.22
N TYR A 1100 15.26 -56.64 7.54
CA TYR A 1100 14.22 -56.14 8.42
C TYR A 1100 13.98 -54.65 8.21
N ALA A 1101 15.06 -53.88 8.07
CA ALA A 1101 14.93 -52.46 7.81
C ALA A 1101 14.16 -52.20 6.52
N PHE A 1102 14.26 -53.11 5.55
CA PHE A 1102 13.66 -52.90 4.25
C PHE A 1102 12.16 -53.20 4.27
N TYR A 1103 11.80 -54.39 4.75
CA TYR A 1103 10.42 -54.85 4.65
C TYR A 1103 9.49 -54.24 5.70
N HIS A 1104 10.01 -53.40 6.58
CA HIS A 1104 9.21 -52.72 7.60
C HIS A 1104 9.21 -51.21 7.42
N ALA A 1105 9.80 -50.70 6.34
CA ALA A 1105 9.66 -49.31 5.95
C ALA A 1105 8.30 -49.08 5.31
N PRO A 1106 7.61 -47.97 5.60
CA PRO A 1106 6.29 -47.76 4.96
C PRO A 1106 6.36 -47.57 3.46
N ILE A 1107 7.44 -46.99 2.94
CA ILE A 1107 7.59 -46.84 1.49
C ILE A 1107 7.59 -48.19 0.80
N VAL A 1108 8.19 -49.19 1.44
CA VAL A 1108 8.33 -50.50 0.80
C VAL A 1108 7.00 -51.23 0.81
N LYS A 1109 6.26 -51.14 1.92
CA LYS A 1109 4.94 -51.74 1.99
C LYS A 1109 4.01 -51.15 0.94
N PHE A 1110 4.14 -49.85 0.69
CA PHE A 1110 3.33 -49.17 -0.30
C PHE A 1110 3.51 -49.76 -1.69
N TRP A 1111 4.75 -49.81 -2.19
CA TRP A 1111 5.00 -50.31 -3.53
C TRP A 1111 4.75 -51.80 -3.61
N PHE A 1112 4.91 -52.50 -2.49
CA PHE A 1112 4.74 -53.94 -2.43
C PHE A 1112 3.25 -54.30 -2.41
N ASN A 1113 2.41 -53.38 -1.94
CA ASN A 1113 0.96 -53.49 -2.13
C ASN A 1113 0.54 -52.96 -3.50
N THR A 1114 1.14 -51.84 -3.92
CA THR A 1114 0.78 -51.22 -5.19
C THR A 1114 0.96 -52.18 -6.36
N LEU A 1115 2.09 -52.89 -6.39
CA LEU A 1115 2.34 -53.83 -7.48
C LEU A 1115 1.39 -55.01 -7.43
N ALA A 1116 1.03 -55.46 -6.23
CA ALA A 1116 0.06 -56.54 -6.13
C ALA A 1116 -1.33 -56.07 -6.52
N TYR A 1117 -1.64 -54.80 -6.24
CA TYR A 1117 -2.93 -54.25 -6.64
C TYR A 1117 -3.03 -54.10 -8.15
N LEU A 1118 -1.92 -53.79 -8.82
CA LEU A 1118 -1.94 -53.65 -10.26
C LEU A 1118 -2.02 -55.02 -10.94
N GLY A 1119 -1.28 -56.00 -10.40
CA GLY A 1119 -1.44 -57.36 -10.88
C GLY A 1119 -2.83 -57.89 -10.66
N PHE A 1120 -3.50 -57.42 -9.61
CA PHE A 1120 -4.88 -57.77 -9.37
C PHE A 1120 -5.81 -57.26 -10.47
N LEU A 1121 -5.67 -55.97 -10.82
CA LEU A 1121 -6.56 -55.40 -11.82
C LEU A 1121 -6.38 -56.03 -13.18
N MET A 1122 -5.12 -56.29 -13.57
CA MET A 1122 -4.83 -56.94 -14.84
C MET A 1122 -5.60 -58.24 -15.00
N LEU A 1123 -5.64 -59.06 -13.96
CA LEU A 1123 -6.37 -60.32 -14.03
C LEU A 1123 -7.88 -60.09 -14.06
N TYR A 1124 -8.38 -59.27 -13.15
CA TYR A 1124 -9.81 -59.00 -13.09
C TYR A 1124 -10.29 -58.26 -14.35
N THR A 1125 -9.37 -57.58 -15.03
CA THR A 1125 -9.65 -57.08 -16.37
C THR A 1125 -9.67 -58.20 -17.40
N PHE A 1126 -8.74 -59.17 -17.27
CA PHE A 1126 -8.74 -60.33 -18.14
C PHE A 1126 -9.99 -61.17 -17.95
N VAL A 1127 -10.40 -61.36 -16.69
CA VAL A 1127 -11.55 -62.20 -16.39
C VAL A 1127 -12.83 -61.60 -16.96
N VAL A 1128 -12.95 -60.27 -16.90
CA VAL A 1128 -14.21 -59.62 -17.21
C VAL A 1128 -14.37 -59.42 -18.72
N LEU A 1129 -13.25 -59.39 -19.46
CA LEU A 1129 -13.27 -59.24 -20.91
C LEU A 1129 -13.29 -60.56 -21.66
N VAL A 1130 -12.78 -61.63 -21.06
CA VAL A 1130 -12.69 -62.93 -21.69
C VAL A 1130 -13.92 -63.72 -21.28
N LYS A 1131 -14.37 -64.60 -22.17
CA LYS A 1131 -15.55 -65.42 -21.94
C LYS A 1131 -15.45 -66.18 -20.63
N MET A 1132 -16.57 -66.26 -19.91
CA MET A 1132 -16.67 -66.93 -18.63
C MET A 1132 -17.49 -68.20 -18.76
N GLU A 1133 -16.95 -69.29 -18.23
CA GLU A 1133 -17.54 -70.61 -18.33
C GLU A 1133 -18.23 -70.94 -17.01
N GLN A 1134 -18.70 -72.18 -16.86
CA GLN A 1134 -19.41 -72.57 -15.64
C GLN A 1134 -18.50 -72.52 -14.43
N LEU A 1135 -17.29 -73.03 -14.55
CA LEU A 1135 -16.34 -73.08 -13.45
C LEU A 1135 -15.35 -71.91 -13.53
N PRO A 1136 -15.01 -71.25 -12.43
CA PRO A 1136 -14.05 -70.14 -12.52
C PRO A 1136 -12.68 -70.59 -13.01
N SER A 1137 -12.01 -69.67 -13.70
CA SER A 1137 -10.65 -69.90 -14.17
C SER A 1137 -9.64 -69.62 -13.06
N VAL A 1138 -8.39 -70.00 -13.30
CA VAL A 1138 -7.33 -69.75 -12.34
C VAL A 1138 -7.16 -68.26 -12.10
N GLN A 1139 -7.40 -67.45 -13.14
CA GLN A 1139 -7.37 -66.00 -12.97
C GLN A 1139 -8.47 -65.54 -12.03
N GLU A 1140 -9.68 -66.09 -12.18
CA GLU A 1140 -10.81 -65.65 -11.39
C GLU A 1140 -10.67 -66.06 -9.92
N TRP A 1141 -10.10 -67.24 -9.66
CA TRP A 1141 -9.88 -67.66 -8.28
C TRP A 1141 -8.93 -66.72 -7.56
N ILE A 1142 -7.82 -66.35 -8.20
CA ILE A 1142 -6.86 -65.44 -7.61
C ILE A 1142 -7.52 -64.11 -7.28
N VAL A 1143 -8.49 -63.71 -8.11
CA VAL A 1143 -9.19 -62.44 -7.89
C VAL A 1143 -10.09 -62.55 -6.67
N ILE A 1144 -10.74 -63.69 -6.51
CA ILE A 1144 -11.63 -63.93 -5.37
C ILE A 1144 -10.81 -63.97 -4.08
N ALA A 1145 -9.60 -64.52 -4.16
CA ALA A 1145 -8.73 -64.61 -2.98
C ALA A 1145 -8.30 -63.23 -2.49
N TYR A 1146 -7.87 -62.38 -3.41
CA TYR A 1146 -7.43 -61.04 -3.06
C TYR A 1146 -8.55 -60.26 -2.37
N ILE A 1147 -9.75 -60.27 -2.95
CA ILE A 1147 -10.83 -59.46 -2.40
C ILE A 1147 -11.28 -60.01 -1.05
N PHE A 1148 -11.21 -61.33 -0.88
CA PHE A 1148 -11.54 -61.94 0.42
C PHE A 1148 -10.55 -61.51 1.48
N THR A 1149 -9.26 -61.64 1.17
CA THR A 1149 -8.21 -61.30 2.13
C THR A 1149 -8.07 -59.81 2.31
N TYR A 1150 -8.22 -59.04 1.22
CA TYR A 1150 -8.30 -57.59 1.32
C TYR A 1150 -9.38 -57.16 2.30
N ALA A 1151 -10.54 -57.82 2.25
CA ALA A 1151 -11.63 -57.47 3.15
C ALA A 1151 -11.26 -57.74 4.60
N ILE A 1152 -10.59 -58.86 4.87
CA ILE A 1152 -10.15 -59.17 6.23
C ILE A 1152 -9.22 -58.07 6.74
N GLU A 1153 -8.31 -57.60 5.90
CA GLU A 1153 -7.38 -56.57 6.35
C GLU A 1153 -8.09 -55.26 6.61
N LYS A 1154 -9.26 -55.04 6.00
CA LYS A 1154 -9.99 -53.82 6.28
C LYS A 1154 -10.72 -53.92 7.62
N VAL A 1155 -11.11 -55.13 8.01
CA VAL A 1155 -11.81 -55.31 9.29
C VAL A 1155 -10.88 -55.01 10.44
N ARG A 1156 -9.64 -55.50 10.37
CA ARG A 1156 -8.70 -55.29 11.48
C ARG A 1156 -8.33 -53.82 11.62
N GLU A 1157 -8.21 -53.10 10.50
CA GLU A 1157 -7.98 -51.66 10.54
C GLU A 1157 -9.04 -50.95 11.37
N VAL A 1158 -10.29 -51.41 11.25
CA VAL A 1158 -11.38 -50.83 12.03
C VAL A 1158 -11.17 -51.14 13.51
N PHE A 1159 -11.00 -52.43 13.84
CA PHE A 1159 -10.94 -52.88 15.22
C PHE A 1159 -9.53 -52.79 15.81
N MET A 1160 -8.63 -52.03 15.17
CA MET A 1160 -7.32 -51.75 15.75
C MET A 1160 -6.91 -50.30 15.50
N SER A 1161 -7.85 -49.37 15.60
CA SER A 1161 -7.61 -47.96 15.30
C SER A 1161 -7.36 -47.19 16.60
N GLU A 1162 -7.00 -45.92 16.45
CA GLU A 1162 -6.64 -45.09 17.61
C GLU A 1162 -7.85 -44.82 18.50
N ALA A 1163 -9.03 -44.67 17.92
CA ALA A 1163 -10.25 -44.59 18.73
C ALA A 1163 -10.45 -45.90 19.48
N GLY A 1164 -10.87 -45.79 20.74
CA GLY A 1164 -11.04 -46.94 21.61
C GLY A 1164 -12.46 -47.44 21.74
N LYS A 1165 -13.46 -46.72 21.25
CA LYS A 1165 -14.85 -47.15 21.27
C LYS A 1165 -15.27 -47.50 19.85
N ILE A 1166 -16.04 -48.58 19.73
CA ILE A 1166 -16.44 -49.12 18.41
C ILE A 1166 -17.07 -48.03 17.56
N SER A 1167 -18.11 -47.37 18.08
CA SER A 1167 -18.84 -46.38 17.30
C SER A 1167 -17.93 -45.26 16.79
N GLN A 1168 -16.84 -44.98 17.51
CA GLN A 1168 -15.84 -44.03 17.02
C GLN A 1168 -14.93 -44.69 16.00
N LYS A 1169 -14.60 -45.97 16.20
CA LYS A 1169 -13.82 -46.70 15.19
C LYS A 1169 -14.57 -46.75 13.87
N ILE A 1170 -15.90 -46.83 13.93
CA ILE A 1170 -16.70 -46.94 12.71
C ILE A 1170 -16.76 -45.60 11.99
N LYS A 1171 -17.19 -44.54 12.68
CA LYS A 1171 -17.45 -43.25 12.04
C LYS A 1171 -16.19 -42.70 11.39
N VAL A 1172 -15.02 -42.97 11.96
CA VAL A 1172 -13.79 -42.38 11.48
C VAL A 1172 -13.31 -43.11 10.23
N TRP A 1173 -13.51 -44.43 10.18
CA TRP A 1173 -13.11 -45.19 9.00
C TRP A 1173 -14.00 -44.84 7.81
N PHE A 1174 -15.29 -44.60 8.04
CA PHE A 1174 -16.21 -44.16 7.00
C PHE A 1174 -16.11 -42.66 6.70
N SER A 1175 -15.10 -41.98 7.26
CA SER A 1175 -14.83 -40.59 6.93
C SER A 1175 -13.88 -40.44 5.77
N ASP A 1176 -13.63 -41.51 5.01
CA ASP A 1176 -12.73 -41.52 3.88
C ASP A 1176 -13.52 -41.99 2.66
N TYR A 1177 -13.42 -41.23 1.57
CA TYR A 1177 -14.16 -41.52 0.35
C TYR A 1177 -13.98 -42.96 -0.10
N PHE A 1178 -12.73 -43.44 -0.09
CA PHE A 1178 -12.43 -44.70 -0.73
C PHE A 1178 -12.64 -45.90 0.19
N ASN A 1179 -12.75 -45.69 1.50
CA ASN A 1179 -13.12 -46.78 2.38
C ASN A 1179 -14.61 -47.08 2.29
N VAL A 1180 -15.42 -46.05 2.06
CA VAL A 1180 -16.83 -46.26 1.77
C VAL A 1180 -16.99 -47.03 0.46
N SER A 1181 -16.19 -46.67 -0.54
CA SER A 1181 -16.28 -47.31 -1.85
C SER A 1181 -15.82 -48.75 -1.79
N ASP A 1182 -14.80 -49.06 -0.98
CA ASP A 1182 -14.35 -50.43 -0.83
C ASP A 1182 -15.40 -51.29 -0.14
N THR A 1183 -16.14 -50.70 0.79
CA THR A 1183 -17.21 -51.42 1.47
C THR A 1183 -18.27 -51.88 0.47
N ILE A 1184 -18.69 -50.98 -0.41
CA ILE A 1184 -19.65 -51.33 -1.46
C ILE A 1184 -19.02 -52.33 -2.42
N ALA A 1185 -17.78 -52.07 -2.84
CA ALA A 1185 -17.09 -52.93 -3.78
C ALA A 1185 -16.96 -54.35 -3.27
N ILE A 1186 -16.62 -54.52 -1.99
CA ILE A 1186 -16.47 -55.84 -1.41
C ILE A 1186 -17.82 -56.54 -1.32
N ILE A 1187 -18.83 -55.84 -0.78
CA ILE A 1187 -20.14 -56.44 -0.60
C ILE A 1187 -20.75 -56.81 -1.94
N SER A 1188 -20.62 -55.91 -2.92
CA SER A 1188 -21.23 -56.15 -4.23
C SER A 1188 -20.56 -57.30 -4.96
N PHE A 1189 -19.27 -57.52 -4.72
CA PHE A 1189 -18.58 -58.63 -5.38
C PHE A 1189 -19.15 -59.97 -4.99
N PHE A 1190 -19.32 -60.20 -3.68
CA PHE A 1190 -19.68 -61.52 -3.22
C PHE A 1190 -21.14 -61.84 -3.47
N VAL A 1191 -21.97 -60.80 -3.62
CA VAL A 1191 -23.30 -60.99 -4.22
C VAL A 1191 -23.14 -61.54 -5.62
N GLY A 1192 -22.27 -60.92 -6.42
CA GLY A 1192 -22.07 -61.36 -7.78
C GLY A 1192 -21.44 -62.74 -7.87
N PHE A 1193 -20.48 -63.02 -6.98
CA PHE A 1193 -19.90 -64.35 -6.94
C PHE A 1193 -20.95 -65.40 -6.58
N GLY A 1194 -21.84 -65.07 -5.65
CA GLY A 1194 -22.89 -65.98 -5.25
C GLY A 1194 -23.78 -66.39 -6.41
N LEU A 1195 -24.22 -65.40 -7.19
CA LEU A 1195 -25.06 -65.66 -8.34
C LEU A 1195 -24.29 -66.38 -9.45
N ARG A 1196 -23.10 -65.88 -9.77
CA ARG A 1196 -22.25 -66.50 -10.77
C ARG A 1196 -21.93 -67.96 -10.44
N PHE A 1197 -21.68 -68.24 -9.17
CA PHE A 1197 -21.23 -69.55 -8.71
C PHE A 1197 -22.37 -70.44 -8.25
N GLY A 1198 -23.37 -69.88 -7.57
CA GLY A 1198 -24.48 -70.65 -7.06
C GLY A 1198 -25.64 -70.80 -8.02
N ALA A 1199 -25.39 -70.60 -9.31
CA ALA A 1199 -26.43 -70.68 -10.33
C ALA A 1199 -26.51 -72.11 -10.86
N LYS A 1200 -27.74 -72.58 -11.07
CA LYS A 1200 -27.96 -73.92 -11.60
C LYS A 1200 -27.71 -73.84 -13.09
N TRP A 1201 -26.63 -74.47 -13.54
CA TRP A 1201 -26.21 -74.42 -14.93
C TRP A 1201 -27.11 -75.31 -15.78
N ASN A 1202 -28.38 -74.95 -15.89
CA ASN A 1202 -29.21 -75.53 -16.94
C ASN A 1202 -28.59 -75.06 -18.24
N TYR A 1203 -28.05 -76.00 -19.03
CA TYR A 1203 -26.97 -75.75 -19.98
C TYR A 1203 -27.17 -74.61 -20.98
N ILE A 1204 -28.35 -73.99 -21.03
CA ILE A 1204 -29.14 -73.68 -22.22
C ILE A 1204 -28.40 -73.01 -23.40
N ASN A 1205 -27.07 -72.84 -23.35
CA ASN A 1205 -26.33 -71.71 -23.92
C ASN A 1205 -26.44 -70.47 -23.03
N ALA A 1206 -25.58 -70.47 -22.01
CA ALA A 1206 -25.42 -69.39 -21.04
C ALA A 1206 -25.64 -68.02 -21.66
N TYR A 1207 -26.31 -67.18 -20.87
CA TYR A 1207 -27.07 -66.00 -21.27
C TYR A 1207 -28.43 -66.43 -21.77
N ASP A 1208 -28.79 -67.67 -21.46
CA ASP A 1208 -30.16 -68.05 -21.23
C ASP A 1208 -30.42 -68.34 -19.75
N ASN A 1209 -29.37 -68.48 -18.95
CA ASN A 1209 -29.47 -68.57 -17.49
C ASN A 1209 -29.27 -67.16 -16.93
N HIS A 1210 -30.37 -66.54 -16.49
CA HIS A 1210 -30.34 -65.11 -16.16
C HIS A 1210 -29.83 -64.83 -14.76
N VAL A 1211 -29.61 -65.86 -13.94
CA VAL A 1211 -28.97 -65.66 -12.65
C VAL A 1211 -27.46 -65.56 -12.82
N PHE A 1212 -26.92 -66.31 -13.77
CA PHE A 1212 -25.51 -66.19 -14.13
C PHE A 1212 -25.22 -64.79 -14.70
N VAL A 1213 -26.13 -64.27 -15.52
CA VAL A 1213 -25.92 -62.97 -16.16
C VAL A 1213 -25.78 -61.88 -15.12
N ALA A 1214 -26.73 -61.80 -14.19
CA ALA A 1214 -26.69 -60.79 -13.14
C ALA A 1214 -25.38 -60.85 -12.37
N GLY A 1215 -24.89 -62.05 -12.09
CA GLY A 1215 -23.62 -62.19 -11.40
C GLY A 1215 -22.47 -61.60 -12.19
N ARG A 1216 -22.37 -61.95 -13.47
CA ARG A 1216 -21.31 -61.42 -14.31
C ARG A 1216 -21.43 -59.92 -14.49
N LEU A 1217 -22.65 -59.41 -14.66
CA LEU A 1217 -22.81 -57.98 -14.90
C LEU A 1217 -22.44 -57.15 -13.68
N ILE A 1218 -22.58 -57.73 -12.49
CA ILE A 1218 -22.15 -57.04 -11.27
C ILE A 1218 -20.63 -56.94 -11.23
N TYR A 1219 -19.94 -57.99 -11.68
CA TYR A 1219 -18.48 -57.92 -11.84
C TYR A 1219 -18.09 -56.78 -12.78
N CYS A 1220 -18.75 -56.69 -13.93
CA CYS A 1220 -18.39 -55.73 -14.95
C CYS A 1220 -18.60 -54.29 -14.45
N LEU A 1221 -19.54 -54.11 -13.52
CA LEU A 1221 -19.75 -52.80 -12.93
C LEU A 1221 -18.88 -52.59 -11.70
N ASN A 1222 -18.57 -53.67 -10.98
CA ASN A 1222 -17.81 -53.55 -9.75
C ASN A 1222 -16.36 -53.16 -10.02
N ILE A 1223 -15.83 -53.56 -11.19
CA ILE A 1223 -14.44 -53.27 -11.51
C ILE A 1223 -14.17 -51.78 -11.60
N ILE A 1224 -15.23 -50.96 -11.79
CA ILE A 1224 -15.09 -49.52 -11.83
C ILE A 1224 -14.56 -49.00 -10.50
N PHE A 1225 -15.09 -49.54 -9.39
CA PHE A 1225 -14.60 -49.21 -8.06
C PHE A 1225 -13.10 -49.40 -7.93
N TRP A 1226 -12.58 -50.45 -8.57
CA TRP A 1226 -11.20 -50.84 -8.34
C TRP A 1226 -10.23 -50.07 -9.23
N TYR A 1227 -10.71 -49.48 -10.34
CA TYR A 1227 -9.90 -48.51 -11.06
C TYR A 1227 -9.85 -47.18 -10.34
N VAL A 1228 -10.96 -46.76 -9.74
CA VAL A 1228 -11.01 -45.46 -9.09
C VAL A 1228 -10.20 -45.45 -7.79
N ARG A 1229 -9.98 -46.62 -7.19
CA ARG A 1229 -9.11 -46.71 -6.02
C ARG A 1229 -7.65 -46.41 -6.37
N LEU A 1230 -7.29 -46.45 -7.66
CA LEU A 1230 -5.94 -46.07 -8.06
C LEU A 1230 -5.66 -44.60 -7.81
N LEU A 1231 -6.72 -43.78 -7.73
CA LEU A 1231 -6.54 -42.38 -7.37
C LEU A 1231 -6.10 -42.22 -5.93
N ASP A 1232 -6.39 -43.22 -5.09
CA ASP A 1232 -5.92 -43.21 -3.72
C ASP A 1232 -4.42 -43.43 -3.66
N PHE A 1233 -3.90 -44.32 -4.51
CA PHE A 1233 -2.46 -44.55 -4.59
C PHE A 1233 -1.74 -43.35 -5.20
N LEU A 1234 -2.31 -42.77 -6.26
CA LEU A 1234 -1.71 -41.65 -6.96
C LEU A 1234 -1.68 -40.38 -6.13
N ALA A 1235 -2.60 -40.21 -5.21
CA ALA A 1235 -2.64 -39.03 -4.36
C ALA A 1235 -1.51 -38.97 -3.34
N VAL A 1236 -0.70 -40.00 -3.26
CA VAL A 1236 0.49 -39.98 -2.43
C VAL A 1236 1.51 -38.98 -2.95
N ASN A 1237 1.47 -38.67 -4.24
CA ASN A 1237 2.34 -37.66 -4.79
C ASN A 1237 1.86 -36.25 -4.47
N GLN A 1238 2.81 -35.33 -4.40
CA GLN A 1238 2.58 -33.94 -4.07
C GLN A 1238 1.83 -33.17 -5.14
N GLN A 1239 2.06 -33.47 -6.41
CA GLN A 1239 1.38 -32.77 -7.48
C GLN A 1239 0.00 -33.33 -7.73
N ALA A 1240 -0.14 -34.65 -7.82
CA ALA A 1240 -1.41 -35.27 -8.16
C ALA A 1240 -2.43 -35.19 -7.03
N GLY A 1241 -1.99 -35.37 -5.79
CA GLY A 1241 -2.87 -35.48 -4.65
C GLY A 1241 -3.81 -34.34 -4.43
N PRO A 1242 -3.32 -33.10 -4.49
CA PRO A 1242 -4.25 -31.97 -4.39
C PRO A 1242 -5.28 -31.91 -5.49
N TYR A 1243 -4.94 -32.26 -6.73
CA TYR A 1243 -5.94 -32.27 -7.81
C TYR A 1243 -7.03 -33.31 -7.53
N VAL A 1244 -6.65 -34.46 -6.99
CA VAL A 1244 -7.64 -35.47 -6.61
C VAL A 1244 -8.58 -34.92 -5.56
N MET A 1245 -8.08 -34.05 -4.68
CA MET A 1245 -8.94 -33.47 -3.65
C MET A 1245 -9.78 -32.33 -4.22
N MET A 1246 -9.28 -31.65 -5.24
CA MET A 1246 -10.07 -30.61 -5.90
C MET A 1246 -11.31 -31.19 -6.57
N ILE A 1247 -11.16 -32.35 -7.22
CA ILE A 1247 -12.26 -32.94 -7.99
C ILE A 1247 -13.48 -33.14 -7.11
N GLY A 1248 -13.27 -33.57 -5.86
CA GLY A 1248 -14.40 -33.72 -4.96
C GLY A 1248 -14.99 -32.39 -4.56
N LYS A 1249 -14.12 -31.40 -4.30
CA LYS A 1249 -14.60 -30.10 -3.84
C LYS A 1249 -15.37 -29.38 -4.93
N MET A 1250 -15.04 -29.64 -6.19
CA MET A 1250 -15.64 -28.88 -7.29
C MET A 1250 -16.97 -29.47 -7.72
N VAL A 1251 -17.10 -30.80 -7.64
CA VAL A 1251 -18.39 -31.44 -7.84
C VAL A 1251 -19.41 -30.88 -6.87
N ALA A 1252 -19.01 -30.69 -5.62
CA ALA A 1252 -19.91 -30.11 -4.62
C ALA A 1252 -20.27 -28.67 -4.96
N ASN A 1253 -19.33 -27.90 -5.49
CA ASN A 1253 -19.56 -26.49 -5.74
C ASN A 1253 -20.30 -26.20 -7.05
N MET A 1254 -20.13 -27.03 -8.07
CA MET A 1254 -20.81 -26.83 -9.34
C MET A 1254 -22.22 -27.41 -9.35
N PHE A 1255 -22.76 -27.77 -8.19
CA PHE A 1255 -24.01 -28.52 -8.13
C PHE A 1255 -25.18 -27.75 -8.71
N TYR A 1256 -25.36 -26.49 -8.30
CA TYR A 1256 -26.56 -25.77 -8.66
C TYR A 1256 -26.54 -25.26 -10.08
N ILE A 1257 -25.35 -25.01 -10.63
CA ILE A 1257 -25.25 -24.70 -12.05
C ILE A 1257 -25.70 -25.89 -12.87
N VAL A 1258 -25.42 -27.10 -12.41
CA VAL A 1258 -25.79 -28.31 -13.13
C VAL A 1258 -27.27 -28.60 -12.96
N VAL A 1259 -27.87 -28.19 -11.85
CA VAL A 1259 -29.31 -28.34 -11.67
C VAL A 1259 -30.06 -27.45 -12.65
N ILE A 1260 -29.56 -26.24 -12.88
CA ILE A 1260 -30.17 -25.34 -13.85
C ILE A 1260 -30.06 -25.94 -15.26
N MET A 1261 -28.91 -26.50 -15.60
CA MET A 1261 -28.73 -27.14 -16.90
C MET A 1261 -29.69 -28.31 -17.08
N ALA A 1262 -29.95 -29.07 -16.03
CA ALA A 1262 -30.89 -30.18 -16.11
C ALA A 1262 -32.31 -29.69 -16.31
N LEU A 1263 -32.61 -28.45 -15.88
CA LEU A 1263 -33.93 -27.88 -16.07
C LEU A 1263 -34.12 -27.40 -17.50
N VAL A 1264 -33.08 -26.79 -18.07
CA VAL A 1264 -33.11 -26.37 -19.47
C VAL A 1264 -33.29 -27.57 -20.37
N LEU A 1265 -32.72 -28.71 -19.97
CA LEU A 1265 -32.83 -29.95 -20.73
C LEU A 1265 -34.27 -30.44 -20.82
N LEU A 1266 -34.99 -30.44 -19.70
CA LEU A 1266 -36.37 -30.92 -19.70
C LEU A 1266 -37.30 -29.92 -20.36
N SER A 1267 -37.03 -28.63 -20.19
CA SER A 1267 -37.74 -27.57 -20.89
C SER A 1267 -37.73 -27.75 -22.39
N PHE A 1268 -36.68 -28.40 -22.92
CA PHE A 1268 -36.61 -28.67 -24.36
C PHE A 1268 -37.14 -30.05 -24.70
N GLY A 1269 -36.74 -31.06 -23.93
CA GLY A 1269 -37.07 -32.43 -24.23
C GLY A 1269 -38.54 -32.77 -24.30
N VAL A 1270 -39.32 -32.19 -23.39
CA VAL A 1270 -40.74 -32.51 -23.28
C VAL A 1270 -41.50 -31.96 -24.48
N PRO A 1271 -41.31 -30.68 -24.89
CA PRO A 1271 -41.95 -30.22 -26.13
C PRO A 1271 -41.50 -30.92 -27.39
N ARG A 1272 -40.21 -31.19 -27.53
CA ARG A 1272 -39.69 -31.88 -28.71
C ARG A 1272 -40.40 -33.20 -28.92
N LYS A 1273 -40.53 -33.99 -27.85
CA LYS A 1273 -41.17 -35.29 -27.93
C LYS A 1273 -42.65 -35.17 -28.20
N ALA A 1274 -43.31 -34.21 -27.55
CA ALA A 1274 -44.75 -34.09 -27.64
C ALA A 1274 -45.19 -33.65 -29.03
N ILE A 1275 -44.41 -32.77 -29.66
CA ILE A 1275 -44.76 -32.26 -30.98
C ILE A 1275 -44.49 -33.31 -32.05
N LEU A 1276 -43.35 -34.00 -31.96
CA LEU A 1276 -42.95 -34.96 -32.99
C LEU A 1276 -43.60 -36.32 -32.85
N TYR A 1277 -44.05 -36.70 -31.66
CA TYR A 1277 -44.64 -38.01 -31.41
C TYR A 1277 -45.95 -37.85 -30.63
N PRO A 1278 -47.06 -37.55 -31.32
CA PRO A 1278 -48.32 -37.33 -30.60
C PRO A 1278 -49.18 -38.56 -30.36
N HIS A 1279 -49.02 -39.62 -31.13
CA HIS A 1279 -49.99 -40.71 -31.13
C HIS A 1279 -49.52 -41.85 -30.23
N GLU A 1280 -48.90 -41.49 -29.12
CA GLU A 1280 -48.25 -42.44 -28.23
C GLU A 1280 -49.11 -42.77 -27.02
N GLU A 1281 -49.00 -44.01 -26.59
CA GLU A 1281 -49.60 -44.49 -25.36
C GLU A 1281 -48.61 -44.32 -24.21
N PRO A 1282 -49.06 -44.49 -22.97
CA PRO A 1282 -48.12 -44.39 -21.85
C PRO A 1282 -47.09 -45.51 -21.86
N SER A 1283 -45.87 -45.16 -21.48
CA SER A 1283 -44.77 -46.11 -21.42
C SER A 1283 -43.59 -45.45 -20.75
N TRP A 1284 -42.69 -46.28 -20.20
CA TRP A 1284 -41.47 -45.78 -19.61
C TRP A 1284 -40.44 -45.36 -20.65
N SER A 1285 -40.66 -45.67 -21.93
CA SER A 1285 -39.84 -45.11 -22.99
C SER A 1285 -40.00 -43.60 -23.11
N LEU A 1286 -41.15 -43.06 -22.69
CA LEU A 1286 -41.33 -41.61 -22.68
C LEU A 1286 -40.34 -40.94 -21.75
N ALA A 1287 -39.94 -41.62 -20.68
CA ALA A 1287 -39.01 -41.02 -19.73
C ALA A 1287 -37.59 -41.00 -20.30
N LYS A 1288 -37.26 -41.93 -21.17
CA LYS A 1288 -35.96 -41.91 -21.85
C LYS A 1288 -35.94 -40.86 -22.95
N ASP A 1289 -37.03 -40.72 -23.68
CA ASP A 1289 -37.01 -39.91 -24.90
C ASP A 1289 -36.94 -38.43 -24.60
N ILE A 1290 -37.48 -37.98 -23.47
CA ILE A 1290 -37.42 -36.57 -23.10
C ILE A 1290 -36.08 -36.16 -22.54
N VAL A 1291 -35.16 -37.10 -22.34
CA VAL A 1291 -33.92 -36.84 -21.62
C VAL A 1291 -32.68 -37.26 -22.40
N PHE A 1292 -32.82 -38.12 -23.39
CA PHE A 1292 -31.71 -38.82 -24.03
C PHE A 1292 -30.99 -37.92 -25.04
N HIS A 1293 -31.64 -37.58 -26.15
CA HIS A 1293 -30.99 -36.72 -27.14
C HIS A 1293 -30.62 -35.34 -26.60
N PRO A 1294 -31.43 -34.66 -25.80
CA PRO A 1294 -30.99 -33.37 -25.25
C PRO A 1294 -29.71 -33.44 -24.45
N TYR A 1295 -29.46 -34.54 -23.75
CA TYR A 1295 -28.20 -34.68 -23.02
C TYR A 1295 -27.02 -34.79 -23.97
N TRP A 1296 -27.16 -35.58 -25.02
CA TRP A 1296 -26.08 -35.81 -25.95
C TRP A 1296 -25.78 -34.57 -26.79
N MET A 1297 -26.73 -33.65 -26.91
CA MET A 1297 -26.48 -32.36 -27.55
C MET A 1297 -25.42 -31.52 -26.84
N ILE A 1298 -25.32 -31.63 -25.51
CA ILE A 1298 -24.31 -30.89 -24.77
C ILE A 1298 -22.90 -31.30 -25.17
N PHE A 1299 -22.74 -32.49 -25.75
CA PHE A 1299 -21.44 -33.12 -25.90
C PHE A 1299 -20.99 -33.22 -27.36
N GLY A 1300 -21.48 -32.31 -28.20
CA GLY A 1300 -20.96 -32.13 -29.54
C GLY A 1300 -21.78 -32.74 -30.64
N GLU A 1301 -22.91 -33.34 -30.32
CA GLU A 1301 -23.79 -33.96 -31.31
C GLU A 1301 -24.94 -33.01 -31.58
N VAL A 1302 -25.42 -33.01 -32.83
CA VAL A 1302 -26.45 -32.06 -33.27
C VAL A 1302 -27.68 -32.77 -33.80
N TYR A 1303 -27.57 -34.03 -34.20
CA TYR A 1303 -28.61 -34.76 -34.91
C TYR A 1303 -29.10 -33.94 -36.10
N ALA A 1304 -28.15 -33.69 -37.00
CA ALA A 1304 -28.34 -32.72 -38.08
C ALA A 1304 -29.48 -33.10 -39.01
N TYR A 1305 -29.54 -34.37 -39.40
CA TYR A 1305 -30.53 -34.84 -40.33
C TYR A 1305 -31.81 -35.31 -39.64
N GLU A 1306 -31.95 -35.04 -38.35
CA GLU A 1306 -33.21 -35.20 -37.63
C GLU A 1306 -33.89 -33.87 -37.35
N ILE A 1307 -33.16 -32.76 -37.43
CA ILE A 1307 -33.75 -31.43 -37.46
C ILE A 1307 -34.53 -31.27 -38.75
N ASP A 1308 -35.70 -30.63 -38.68
CA ASP A 1308 -36.50 -30.39 -39.87
C ASP A 1308 -36.84 -31.70 -40.54
N VAL A 1309 -37.61 -32.54 -39.84
CA VAL A 1309 -37.96 -33.88 -40.32
C VAL A 1309 -38.71 -33.89 -41.64
N CYS A 1310 -39.22 -32.74 -42.09
CA CYS A 1310 -39.94 -32.64 -43.36
C CYS A 1310 -39.02 -32.32 -44.53
N ALA A 1311 -37.72 -32.17 -44.30
CA ALA A 1311 -36.77 -31.92 -45.37
C ALA A 1311 -36.50 -33.17 -46.18
N ASN A 1312 -35.85 -32.98 -47.34
CA ASN A 1312 -35.56 -34.08 -48.25
C ASN A 1312 -34.38 -34.92 -47.80
N ASP A 1313 -33.40 -34.32 -47.13
CA ASP A 1313 -32.28 -35.05 -46.57
C ASP A 1313 -32.57 -35.65 -45.19
N SER A 1314 -33.82 -35.63 -44.75
CA SER A 1314 -34.16 -36.08 -43.42
C SER A 1314 -34.10 -37.59 -43.30
N THR A 1315 -33.72 -38.07 -42.12
CA THR A 1315 -33.74 -39.47 -41.78
C THR A 1315 -35.02 -39.88 -41.04
N LEU A 1316 -35.93 -38.94 -40.79
CA LEU A 1316 -37.21 -39.22 -40.13
C LEU A 1316 -38.37 -38.69 -40.97
N PRO A 1317 -38.56 -39.20 -42.19
CA PRO A 1317 -39.63 -38.68 -43.04
C PRO A 1317 -41.03 -39.12 -42.64
N THR A 1318 -41.15 -40.24 -41.93
CA THR A 1318 -42.43 -40.68 -41.39
C THR A 1318 -42.91 -39.81 -40.24
N ILE A 1319 -42.06 -38.93 -39.72
CA ILE A 1319 -42.36 -38.12 -38.55
C ILE A 1319 -42.85 -36.72 -38.94
N CYS A 1320 -42.73 -36.35 -40.21
CA CYS A 1320 -43.25 -35.08 -40.70
C CYS A 1320 -44.75 -35.01 -40.47
N GLY A 1321 -45.21 -33.89 -39.95
CA GLY A 1321 -46.60 -33.70 -39.63
C GLY A 1321 -46.92 -32.29 -39.22
N PRO A 1322 -48.13 -32.06 -38.70
CA PRO A 1322 -48.49 -30.71 -38.26
C PRO A 1322 -47.72 -30.27 -37.03
N GLY A 1323 -47.05 -29.13 -37.16
CA GLY A 1323 -46.38 -28.47 -36.07
C GLY A 1323 -44.93 -28.84 -35.88
N THR A 1324 -44.33 -29.57 -36.82
CA THR A 1324 -42.97 -30.04 -36.66
C THR A 1324 -41.95 -28.98 -37.06
N TRP A 1325 -42.35 -28.00 -37.84
CA TRP A 1325 -41.53 -26.83 -38.14
C TRP A 1325 -41.13 -26.03 -36.91
N LEU A 1326 -41.73 -26.28 -35.75
CA LEU A 1326 -41.37 -25.63 -34.51
C LEU A 1326 -40.09 -26.16 -33.88
N THR A 1327 -39.77 -27.43 -34.07
CA THR A 1327 -38.67 -28.05 -33.34
C THR A 1327 -37.29 -27.54 -33.71
N PRO A 1328 -37.03 -27.03 -34.93
CA PRO A 1328 -35.74 -26.36 -35.13
C PRO A 1328 -35.58 -25.07 -34.35
N PHE A 1329 -36.64 -24.26 -34.27
CA PHE A 1329 -36.60 -23.06 -33.43
C PHE A 1329 -36.30 -23.40 -31.98
N LEU A 1330 -36.96 -24.43 -31.45
CA LEU A 1330 -36.75 -24.85 -30.06
C LEU A 1330 -35.31 -25.24 -29.80
N GLN A 1331 -34.74 -26.04 -30.70
CA GLN A 1331 -33.39 -26.54 -30.50
C GLN A 1331 -32.36 -25.44 -30.67
N ALA A 1332 -32.65 -24.43 -31.49
CA ALA A 1332 -31.75 -23.29 -31.63
C ALA A 1332 -31.67 -22.50 -30.33
N VAL A 1333 -32.82 -22.31 -29.67
CA VAL A 1333 -32.83 -21.65 -28.38
C VAL A 1333 -32.13 -22.52 -27.33
N TYR A 1334 -32.40 -23.82 -27.36
CA TYR A 1334 -31.82 -24.74 -26.37
C TYR A 1334 -30.30 -24.66 -26.34
N LEU A 1335 -29.67 -24.77 -27.50
CA LEU A 1335 -28.21 -24.79 -27.53
C LEU A 1335 -27.60 -23.43 -27.30
N PHE A 1336 -28.30 -22.36 -27.67
CA PHE A 1336 -27.85 -21.04 -27.28
C PHE A 1336 -27.75 -20.95 -25.76
N VAL A 1337 -28.76 -21.45 -25.06
CA VAL A 1337 -28.77 -21.34 -23.61
C VAL A 1337 -27.71 -22.24 -22.99
N GLN A 1338 -27.58 -23.49 -23.44
CA GLN A 1338 -26.68 -24.42 -22.76
C GLN A 1338 -25.21 -24.06 -22.98
N TYR A 1339 -24.81 -23.81 -24.21
CA TYR A 1339 -23.40 -23.50 -24.46
C TYR A 1339 -23.04 -22.04 -24.21
N ILE A 1340 -23.71 -21.12 -24.91
CA ILE A 1340 -23.26 -19.73 -24.90
C ILE A 1340 -23.48 -19.07 -23.53
N ILE A 1341 -24.39 -19.58 -22.72
CA ILE A 1341 -24.64 -19.06 -21.38
C ILE A 1341 -24.10 -20.01 -20.30
N MET A 1342 -24.53 -21.27 -20.33
CA MET A 1342 -24.37 -22.13 -19.15
C MET A 1342 -23.03 -22.87 -19.14
N VAL A 1343 -22.51 -23.29 -20.29
CA VAL A 1343 -21.18 -23.90 -20.29
C VAL A 1343 -20.12 -22.86 -20.01
N ASN A 1344 -20.30 -21.64 -20.54
CA ASN A 1344 -19.28 -20.61 -20.37
C ASN A 1344 -19.33 -20.01 -18.97
N LEU A 1345 -20.51 -19.95 -18.37
CA LEU A 1345 -20.64 -19.58 -16.96
C LEU A 1345 -19.90 -20.57 -16.07
N LEU A 1346 -20.01 -21.85 -16.40
CA LEU A 1346 -19.34 -22.90 -15.65
C LEU A 1346 -17.83 -22.84 -15.82
N ILE A 1347 -17.37 -22.57 -17.04
CA ILE A 1347 -15.95 -22.25 -17.24
C ILE A 1347 -15.54 -21.06 -16.39
N ALA A 1348 -16.34 -19.98 -16.45
CA ALA A 1348 -16.02 -18.79 -15.67
C ALA A 1348 -16.06 -19.05 -14.18
N PHE A 1349 -16.98 -19.89 -13.71
CA PHE A 1349 -16.97 -20.32 -12.31
C PHE A 1349 -15.61 -20.88 -11.91
N PHE A 1350 -15.12 -21.89 -12.64
CA PHE A 1350 -13.87 -22.56 -12.27
C PHE A 1350 -12.67 -21.63 -12.34
N ASN A 1351 -12.57 -20.83 -13.41
CA ASN A 1351 -11.45 -19.88 -13.54
C ASN A 1351 -11.35 -18.94 -12.35
N ASN A 1352 -12.47 -18.57 -11.74
CA ASN A 1352 -12.50 -17.60 -10.66
C ASN A 1352 -12.48 -18.22 -9.27
N VAL A 1353 -12.60 -19.54 -9.16
CA VAL A 1353 -12.58 -20.25 -7.88
C VAL A 1353 -11.40 -21.21 -7.76
N TYR A 1354 -10.62 -21.39 -8.83
CA TYR A 1354 -9.54 -22.36 -8.88
C TYR A 1354 -8.52 -22.16 -7.76
N LEU A 1355 -8.10 -20.92 -7.54
CA LEU A 1355 -6.96 -20.66 -6.66
C LEU A 1355 -7.26 -21.02 -5.21
N GLN A 1356 -8.42 -20.57 -4.69
CA GLN A 1356 -8.71 -20.77 -3.28
C GLN A 1356 -9.11 -22.21 -2.99
N VAL A 1357 -9.65 -22.91 -3.99
CA VAL A 1357 -9.89 -24.35 -3.85
C VAL A 1357 -8.58 -25.10 -3.90
N LYS A 1358 -7.68 -24.70 -4.81
CA LYS A 1358 -6.36 -25.30 -4.87
C LYS A 1358 -5.59 -25.07 -3.59
N ALA A 1359 -5.72 -23.88 -2.99
CA ALA A 1359 -5.00 -23.59 -1.77
C ALA A 1359 -5.53 -24.41 -0.59
N ILE A 1360 -6.86 -24.51 -0.49
CA ILE A 1360 -7.47 -25.35 0.54
C ILE A 1360 -7.08 -26.81 0.33
N SER A 1361 -7.01 -27.23 -0.93
CA SER A 1361 -6.78 -28.65 -1.22
C SER A 1361 -5.34 -29.05 -0.92
N ASN A 1362 -4.40 -28.13 -1.02
CA ASN A 1362 -3.01 -28.44 -0.66
C ASN A 1362 -2.87 -28.63 0.84
N ILE A 1363 -3.56 -27.80 1.63
CA ILE A 1363 -3.48 -27.91 3.09
C ILE A 1363 -4.19 -29.17 3.55
N VAL A 1364 -5.35 -29.46 2.95
CA VAL A 1364 -6.08 -30.67 3.30
C VAL A 1364 -5.27 -31.91 2.92
N TRP A 1365 -4.59 -31.86 1.77
CA TRP A 1365 -3.79 -33.02 1.36
C TRP A 1365 -2.67 -33.28 2.35
N LYS A 1366 -2.06 -32.22 2.86
CA LYS A 1366 -0.94 -32.37 3.78
C LYS A 1366 -1.39 -32.87 5.14
N TYR A 1367 -2.54 -32.40 5.62
CA TYR A 1367 -3.08 -32.87 6.89
C TYR A 1367 -3.35 -34.36 6.85
N GLN A 1368 -3.77 -34.87 5.69
CA GLN A 1368 -4.18 -36.27 5.60
C GLN A 1368 -3.01 -37.21 5.32
N ARG A 1369 -1.83 -36.68 5.00
CA ARG A 1369 -0.64 -37.53 4.95
C ARG A 1369 -0.40 -38.23 6.27
N TYR A 1370 -0.66 -37.53 7.37
CA TYR A 1370 -0.53 -38.11 8.71
C TYR A 1370 -1.31 -39.40 8.85
N HIS A 1371 -2.62 -39.35 8.59
CA HIS A 1371 -3.46 -40.53 8.72
C HIS A 1371 -3.02 -41.61 7.76
N PHE A 1372 -2.46 -41.20 6.62
CA PHE A 1372 -2.00 -42.14 5.61
C PHE A 1372 -0.71 -42.83 6.03
N ILE A 1373 0.30 -42.04 6.42
CA ILE A 1373 1.62 -42.60 6.73
C ILE A 1373 1.58 -43.36 8.05
N MET A 1374 0.80 -42.88 9.01
CA MET A 1374 0.74 -43.54 10.31
C MET A 1374 0.02 -44.87 10.24
N ALA A 1375 -0.77 -45.10 9.18
CA ALA A 1375 -1.43 -46.37 9.01
C ALA A 1375 -0.45 -47.45 8.58
N TYR A 1376 0.52 -47.09 7.73
CA TYR A 1376 1.45 -48.08 7.19
C TYR A 1376 2.41 -48.60 8.24
N HIS A 1377 2.63 -47.85 9.32
CA HIS A 1377 3.41 -48.39 10.44
C HIS A 1377 2.70 -49.57 11.07
N GLU A 1378 1.37 -49.55 11.07
CA GLU A 1378 0.56 -50.61 11.65
C GLU A 1378 0.22 -51.70 10.65
N LYS A 1379 0.34 -51.45 9.35
CA LYS A 1379 -0.03 -52.49 8.40
C LYS A 1379 1.01 -53.61 8.41
N PRO A 1380 0.62 -54.83 8.03
CA PRO A 1380 1.59 -55.92 7.94
C PRO A 1380 2.58 -55.73 6.81
N VAL A 1381 3.51 -56.66 6.71
CA VAL A 1381 4.55 -56.67 5.69
C VAL A 1381 4.05 -57.23 4.37
N LEU A 1382 3.11 -58.21 4.36
CA LEU A 1382 2.70 -58.88 3.10
C LEU A 1382 1.42 -58.26 2.53
N PRO A 1383 1.26 -58.32 1.22
CA PRO A 1383 0.09 -57.71 0.60
C PRO A 1383 -1.09 -58.66 0.54
N PRO A 1384 -2.27 -58.19 0.11
CA PRO A 1384 -3.51 -58.88 0.47
C PRO A 1384 -3.77 -60.20 -0.23
N PRO A 1385 -2.87 -60.75 -1.07
CA PRO A 1385 -3.00 -62.19 -1.36
C PRO A 1385 -2.31 -63.09 -0.35
N LEU A 1386 -1.13 -62.67 0.10
CA LEU A 1386 -0.29 -63.47 0.97
C LEU A 1386 -0.36 -63.03 2.42
N ILE A 1387 -1.05 -61.93 2.70
CA ILE A 1387 -1.26 -61.39 4.04
C ILE A 1387 -1.86 -62.43 4.98
N ILE A 1388 -2.60 -63.39 4.43
CA ILE A 1388 -3.34 -64.39 5.20
C ILE A 1388 -2.41 -65.12 6.15
N LEU A 1389 -1.16 -65.34 5.72
CA LEU A 1389 -0.17 -65.95 6.61
C LEU A 1389 0.26 -64.98 7.69
N SER A 1390 0.36 -63.69 7.36
CA SER A 1390 0.70 -62.69 8.36
C SER A 1390 -0.42 -62.54 9.40
N HIS A 1391 -1.66 -62.78 8.99
CA HIS A 1391 -2.76 -62.76 9.94
C HIS A 1391 -2.67 -63.94 10.90
N ILE A 1392 -2.52 -65.16 10.36
CA ILE A 1392 -2.55 -66.37 11.17
C ILE A 1392 -1.40 -66.35 12.18
N VAL A 1393 -0.20 -65.98 11.72
CA VAL A 1393 0.95 -65.92 12.61
C VAL A 1393 0.74 -64.87 13.68
N SER A 1394 0.12 -63.75 13.31
CA SER A 1394 -0.14 -62.68 14.26
C SER A 1394 -1.11 -63.12 15.36
N LEU A 1395 -2.01 -64.04 15.03
CA LEU A 1395 -2.97 -64.53 16.02
C LEU A 1395 -2.29 -65.49 16.99
N GLY A 1411 1.78 -47.80 19.57
CA GLY A 1411 2.39 -47.28 18.36
C GLY A 1411 3.87 -46.98 18.53
N PRO A 1412 4.48 -46.37 17.52
CA PRO A 1412 5.90 -46.03 17.63
C PRO A 1412 6.13 -44.89 18.62
N LYS A 1413 7.28 -44.94 19.28
CA LYS A 1413 7.60 -44.01 20.35
C LYS A 1413 8.99 -43.42 20.15
N LEU A 1414 9.12 -42.15 20.53
CA LEU A 1414 10.39 -41.43 20.49
C LEU A 1414 11.13 -41.63 21.81
N PHE A 1415 12.34 -42.17 21.72
CA PHE A 1415 13.15 -42.53 22.89
C PHE A 1415 14.26 -41.50 23.05
N LEU A 1416 14.41 -40.99 24.27
CA LEU A 1416 15.48 -40.06 24.61
C LEU A 1416 16.18 -40.52 25.88
N THR A 1417 17.51 -40.56 25.84
CA THR A 1417 18.27 -40.61 27.08
C THR A 1417 18.13 -39.29 27.83
N GLU A 1418 18.56 -39.29 29.09
CA GLU A 1418 18.21 -38.18 29.98
C GLU A 1418 18.93 -36.90 29.59
N GLU A 1419 20.16 -36.98 29.11
CA GLU A 1419 20.85 -35.78 28.67
C GLU A 1419 20.22 -35.21 27.41
N ASP A 1420 19.55 -36.06 26.61
CA ASP A 1420 18.88 -35.57 25.42
C ASP A 1420 17.51 -35.00 25.74
N GLN A 1421 16.88 -35.48 26.83
CA GLN A 1421 15.69 -34.80 27.33
C GLN A 1421 16.04 -33.44 27.90
N LYS A 1422 17.23 -33.34 28.51
CA LYS A 1422 17.65 -32.06 29.10
C LYS A 1422 17.96 -31.04 28.02
N LYS A 1423 18.68 -31.46 26.97
CA LYS A 1423 18.98 -30.57 25.87
C LYS A 1423 17.72 -30.11 25.14
N LEU A 1424 16.66 -30.90 25.22
CA LEU A 1424 15.44 -30.57 24.49
C LEU A 1424 14.59 -29.58 25.26
N HIS A 1425 14.51 -29.76 26.58
CA HIS A 1425 13.78 -28.79 27.41
C HIS A 1425 14.50 -27.45 27.43
N ASP A 1426 15.80 -27.43 27.18
CA ASP A 1426 16.53 -26.17 27.06
C ASP A 1426 16.26 -25.52 25.71
N PHE A 1427 16.27 -26.32 24.64
CA PHE A 1427 15.91 -25.83 23.32
C PHE A 1427 14.54 -25.17 23.33
N GLU A 1428 13.58 -25.77 24.04
CA GLU A 1428 12.23 -25.23 24.09
C GLU A 1428 12.20 -23.87 24.77
N GLU A 1429 12.79 -23.79 25.97
CA GLU A 1429 12.80 -22.54 26.73
C GLU A 1429 13.45 -21.41 25.94
N GLN A 1430 14.59 -21.69 25.31
CA GLN A 1430 15.29 -20.67 24.53
C GLN A 1430 14.43 -20.14 23.40
N CYS A 1431 13.74 -21.03 22.69
CA CYS A 1431 12.99 -20.61 21.51
C CYS A 1431 11.73 -19.85 21.90
N VAL A 1432 11.21 -20.09 23.10
CA VAL A 1432 10.06 -19.33 23.58
C VAL A 1432 10.49 -17.91 23.97
N GLU A 1433 11.67 -17.78 24.57
CA GLU A 1433 12.22 -16.46 24.87
C GLU A 1433 12.42 -15.64 23.60
N MET A 1434 13.07 -16.23 22.60
CA MET A 1434 13.26 -15.57 21.32
C MET A 1434 11.94 -15.09 20.73
N TYR A 1435 10.88 -15.88 20.93
CA TYR A 1435 9.60 -15.57 20.32
C TYR A 1435 9.01 -14.28 20.88
N PHE A 1436 9.01 -14.13 22.19
CA PHE A 1436 8.47 -12.92 22.80
C PHE A 1436 9.34 -11.72 22.50
N ASP A 1437 10.66 -11.91 22.53
CA ASP A 1437 11.60 -10.82 22.27
C ASP A 1437 11.40 -10.21 20.89
N GLU A 1438 11.46 -11.06 19.86
CA GLU A 1438 11.31 -10.57 18.49
C GLU A 1438 9.93 -9.97 18.25
N LYS A 1439 8.94 -10.40 19.03
CA LYS A 1439 7.59 -9.84 18.90
C LYS A 1439 7.55 -8.40 19.41
N ASP A 1440 8.23 -8.13 20.52
CA ASP A 1440 8.28 -6.79 21.07
C ASP A 1440 9.11 -5.87 20.18
N ASP A 1441 10.22 -6.39 19.63
CA ASP A 1441 11.10 -5.57 18.81
C ASP A 1441 10.41 -5.11 17.54
N LYS A 1442 9.72 -6.03 16.85
CA LYS A 1442 8.99 -5.67 15.65
C LYS A 1442 7.90 -4.65 15.97
N PHE A 1443 7.25 -4.80 17.12
CA PHE A 1443 6.25 -3.84 17.54
C PHE A 1443 6.89 -2.49 17.80
N ASN A 1444 7.92 -2.46 18.66
CA ASN A 1444 8.60 -1.21 18.96
C ASN A 1444 9.76 -0.98 18.01
N SER A 1445 9.52 -1.19 16.71
CA SER A 1445 10.41 -0.71 15.66
C SER A 1445 9.62 -0.27 14.43
N GLY A 1446 8.28 -0.25 14.53
CA GLY A 1446 7.45 0.11 13.40
C GLY A 1446 7.11 1.59 13.37
N SER A 1447 6.72 2.05 12.19
CA SER A 1447 6.41 3.47 12.02
C SER A 1447 5.17 3.87 12.81
N GLU A 1448 4.14 3.03 12.79
CA GLU A 1448 2.92 3.33 13.53
C GLU A 1448 3.19 3.48 15.02
N GLU A 1449 4.21 2.80 15.53
CA GLU A 1449 4.57 2.89 16.94
C GLU A 1449 5.57 3.99 17.22
N ARG A 1450 6.45 4.31 16.27
CA ARG A 1450 7.40 5.39 16.47
C ARG A 1450 6.77 6.76 16.22
N ILE A 1451 5.83 6.84 15.29
CA ILE A 1451 5.11 8.10 15.05
C ILE A 1451 4.37 8.53 16.30
N ARG A 1452 3.81 7.58 17.04
CA ARG A 1452 2.93 7.91 18.15
C ARG A 1452 3.67 8.24 19.44
N VAL A 1453 4.77 7.54 19.75
CA VAL A 1453 5.55 7.90 20.92
C VAL A 1453 6.30 9.18 20.64
N THR A 1454 6.58 9.48 19.36
CA THR A 1454 7.00 10.82 18.98
C THR A 1454 5.87 11.82 19.18
N PHE A 1455 4.65 11.46 18.75
CA PHE A 1455 3.48 12.32 18.94
C PHE A 1455 3.28 12.67 20.41
N GLU A 1456 3.60 11.76 21.32
CA GLU A 1456 3.38 12.00 22.74
C GLU A 1456 4.47 12.90 23.33
N ARG A 1457 5.73 12.64 22.99
CA ARG A 1457 6.82 13.46 23.51
C ARG A 1457 6.72 14.90 23.03
N VAL A 1458 6.39 15.11 21.76
CA VAL A 1458 6.28 16.46 21.22
C VAL A 1458 5.17 17.24 21.93
N GLU A 1459 4.08 16.56 22.26
CA GLU A 1459 3.04 17.17 23.07
C GLU A 1459 3.57 17.59 24.43
N GLN A 1460 4.39 16.74 25.06
CA GLN A 1460 4.99 17.08 26.35
C GLN A 1460 5.95 18.25 26.22
N MET A 1461 6.89 18.16 25.26
CA MET A 1461 7.92 19.18 25.11
C MET A 1461 7.32 20.54 24.80
N SER A 1462 6.20 20.57 24.09
CA SER A 1462 5.48 21.82 23.87
C SER A 1462 5.10 22.46 25.20
N ILE A 1463 4.66 21.65 26.15
CA ILE A 1463 4.25 22.17 27.46
C ILE A 1463 5.47 22.68 28.20
N GLN A 1464 6.62 22.02 28.03
CA GLN A 1464 7.80 22.36 28.80
C GLN A 1464 8.43 23.67 28.34
N ILE A 1465 8.57 23.87 27.02
CA ILE A 1465 9.18 25.09 26.49
C ILE A 1465 8.30 26.26 26.88
N LYS A 1466 6.99 26.07 26.87
CA LYS A 1466 6.08 27.07 27.42
C LYS A 1466 6.35 27.27 28.91
N GLU A 1467 6.65 26.17 29.60
CA GLU A 1467 7.00 26.19 31.01
C GLU A 1467 8.42 26.72 31.21
N VAL A 1468 9.19 26.77 30.11
CA VAL A 1468 10.38 27.61 30.03
C VAL A 1468 10.04 29.02 29.56
N GLY A 1469 9.13 29.17 28.59
CA GLY A 1469 8.94 30.45 27.95
C GLY A 1469 8.39 31.50 28.89
N ASP A 1470 7.53 31.07 29.82
CA ASP A 1470 7.02 31.98 30.84
C ASP A 1470 8.11 32.31 31.84
N ARG A 1471 8.87 31.30 32.27
CA ARG A 1471 9.93 31.49 33.24
C ARG A 1471 11.10 32.29 32.69
N VAL A 1472 11.43 32.13 31.42
CA VAL A 1472 12.67 32.69 30.90
C VAL A 1472 12.49 34.19 30.69
N ASN A 1473 11.26 34.61 30.33
CA ASN A 1473 10.87 36.00 30.50
C ASN A 1473 11.21 36.47 31.91
N TYR A 1474 10.83 35.67 32.90
CA TYR A 1474 10.86 36.07 34.30
C TYR A 1474 12.29 36.10 34.86
N ILE A 1475 13.29 35.70 34.07
CA ILE A 1475 14.69 35.82 34.46
C ILE A 1475 15.19 37.23 34.14
N LYS A 1476 15.02 37.66 32.88
CA LYS A 1476 15.60 38.93 32.44
C LYS A 1476 14.96 40.13 33.16
N ARG A 1477 13.82 39.94 33.80
CA ARG A 1477 13.15 41.05 34.45
C ARG A 1477 13.97 41.56 35.64
N SER A 1478 14.92 40.76 36.12
CA SER A 1478 15.90 41.26 37.09
C SER A 1478 16.86 42.24 36.42
N LEU A 1479 17.49 41.83 35.33
CA LEU A 1479 18.49 42.68 34.69
C LEU A 1479 17.87 43.89 34.01
N GLN A 1480 16.53 43.94 33.90
CA GLN A 1480 15.82 45.19 33.71
C GLN A 1480 15.49 45.90 35.02
N SER A 1481 15.19 45.17 36.10
CA SER A 1481 14.81 45.76 37.38
C SER A 1481 15.95 45.81 38.38
N LEU A 1482 16.59 44.67 38.66
CA LEU A 1482 17.76 44.64 39.53
C LEU A 1482 18.88 45.56 39.03
N ASP A 1483 19.13 45.58 37.73
CA ASP A 1483 20.19 46.41 37.17
C ASP A 1483 19.90 47.89 37.36
N SER B 341 35.68 -32.31 53.81
CA SER B 341 34.76 -33.45 53.55
C SER B 341 34.05 -33.18 52.21
N PRO B 342 33.34 -34.19 51.65
CA PRO B 342 32.68 -33.97 50.35
C PRO B 342 31.77 -32.77 50.33
N THR B 343 31.73 -32.08 49.19
CA THR B 343 31.00 -30.83 49.09
C THR B 343 29.51 -30.99 49.39
N ASP B 344 28.92 -32.13 49.03
CA ASP B 344 27.59 -32.63 49.44
C ASP B 344 26.43 -31.68 49.15
N ALA B 345 26.68 -30.60 48.42
CA ALA B 345 25.62 -29.70 47.99
C ALA B 345 26.04 -29.04 46.68
N TYR B 346 25.64 -29.66 45.57
CA TYR B 346 25.96 -29.12 44.26
C TYR B 346 24.88 -29.49 43.25
N GLY B 347 24.37 -28.49 42.54
CA GLY B 347 23.30 -28.72 41.59
C GLY B 347 22.83 -27.42 40.98
N VAL B 348 21.51 -27.29 40.92
CA VAL B 348 20.83 -26.13 40.33
C VAL B 348 20.03 -25.44 41.42
N ILE B 349 20.29 -24.15 41.61
CA ILE B 349 19.68 -23.33 42.66
C ILE B 349 18.58 -22.49 42.04
N ASN B 350 17.91 -23.03 41.01
CA ASN B 350 16.94 -22.29 40.23
C ASN B 350 15.94 -21.58 41.14
N PHE B 351 16.01 -20.26 41.11
CA PHE B 351 15.10 -19.41 41.86
C PHE B 351 13.68 -19.71 41.42
N GLN B 352 12.72 -19.47 42.31
CA GLN B 352 11.31 -19.58 41.97
C GLN B 352 10.99 -18.70 40.77
N GLY B 353 11.67 -17.56 40.69
CA GLY B 353 11.55 -16.69 39.54
C GLY B 353 10.24 -15.94 39.54
N GLY B 354 10.25 -14.73 38.99
CA GLY B 354 9.06 -13.92 38.86
C GLY B 354 8.53 -14.00 37.45
N SER B 355 8.85 -13.00 36.63
CA SER B 355 8.48 -13.01 35.22
C SER B 355 8.98 -14.25 34.51
N HIS B 356 10.14 -14.75 34.92
CA HIS B 356 10.76 -15.94 34.33
C HIS B 356 11.10 -16.92 35.44
N SER B 357 11.89 -17.95 35.13
CA SER B 357 12.32 -18.97 36.08
C SER B 357 13.84 -19.03 36.10
N TYR B 358 14.46 -17.86 36.30
CA TYR B 358 15.90 -17.65 36.24
C TYR B 358 16.71 -18.74 36.96
N ARG B 359 17.54 -19.45 36.20
CA ARG B 359 18.27 -20.59 36.71
C ARG B 359 19.65 -20.16 37.22
N ALA B 360 20.35 -21.11 37.84
CA ALA B 360 21.63 -20.83 38.48
C ALA B 360 22.24 -22.15 38.90
N LYS B 361 23.44 -22.10 39.49
CA LYS B 361 24.21 -23.31 39.79
C LYS B 361 25.01 -23.08 41.06
N TYR B 362 25.20 -24.14 41.85
CA TYR B 362 25.92 -24.09 43.12
C TYR B 362 26.81 -25.31 43.27
N VAL B 363 27.91 -25.15 44.02
CA VAL B 363 28.83 -26.25 44.28
C VAL B 363 29.11 -26.43 45.78
N ARG B 364 29.07 -25.35 46.56
CA ARG B 364 29.41 -25.40 47.98
C ARG B 364 30.78 -26.04 48.22
N LEU B 365 31.86 -25.37 47.83
CA LEU B 365 33.21 -25.88 48.04
C LEU B 365 33.80 -25.34 49.35
N SER B 366 35.07 -25.65 49.57
CA SER B 366 35.76 -25.42 50.84
C SER B 366 36.17 -23.96 50.96
N TYR B 367 37.08 -23.67 51.90
CA TYR B 367 37.86 -22.44 51.89
C TYR B 367 39.32 -22.69 51.55
N ASP B 368 39.65 -23.86 51.01
CA ASP B 368 41.02 -24.23 50.67
C ASP B 368 41.16 -24.83 49.28
N THR B 369 40.09 -24.85 48.49
CA THR B 369 40.13 -25.33 47.11
C THR B 369 41.16 -24.55 46.31
N LYS B 370 41.85 -25.23 45.40
CA LYS B 370 42.97 -24.61 44.71
C LYS B 370 42.48 -23.83 43.49
N PRO B 371 43.15 -22.74 43.10
CA PRO B 371 42.65 -21.95 41.96
C PRO B 371 42.54 -22.72 40.66
N GLU B 372 43.36 -23.76 40.48
CA GLU B 372 43.32 -24.54 39.25
C GLU B 372 42.01 -25.32 39.14
N ILE B 373 41.50 -25.80 40.27
CA ILE B 373 40.29 -26.63 40.25
C ILE B 373 39.05 -25.75 40.24
N ILE B 374 39.15 -24.52 40.74
CA ILE B 374 38.03 -23.60 40.72
C ILE B 374 37.71 -23.29 39.25
N LEU B 375 38.74 -22.88 38.49
CA LEU B 375 38.54 -22.58 37.08
C LEU B 375 38.11 -23.83 36.31
N GLN B 376 38.75 -24.95 36.58
CA GLN B 376 38.46 -26.23 35.93
C GLN B 376 36.98 -26.58 36.01
N LEU B 377 36.35 -26.24 37.14
CA LEU B 377 34.92 -26.45 37.32
C LEU B 377 34.10 -25.57 36.39
N LEU B 378 34.50 -24.30 36.25
CA LEU B 378 33.69 -23.29 35.57
C LEU B 378 33.53 -23.59 34.08
N LEU B 379 34.59 -24.08 33.43
CA LEU B 379 34.61 -24.20 31.98
C LEU B 379 34.28 -25.63 31.55
N LYS B 380 34.73 -26.62 32.32
CA LYS B 380 34.48 -28.02 31.98
C LYS B 380 33.02 -28.40 32.23
N GLU B 381 32.59 -28.31 33.50
CA GLU B 381 31.28 -28.78 33.91
C GLU B 381 30.18 -27.80 33.50
N TRP B 382 30.29 -26.56 33.94
CA TRP B 382 29.27 -25.56 33.65
C TRP B 382 29.30 -25.08 32.19
N GLN B 383 30.26 -25.53 31.39
CA GLN B 383 30.28 -25.30 29.93
C GLN B 383 30.26 -23.81 29.62
N MET B 384 31.07 -23.07 30.35
CA MET B 384 31.25 -21.65 30.15
C MET B 384 32.41 -21.39 29.19
N GLU B 385 32.34 -20.26 28.50
CA GLU B 385 33.42 -19.83 27.62
C GLU B 385 34.36 -18.89 28.37
N LEU B 386 35.62 -18.87 27.95
CA LEU B 386 36.59 -18.01 28.59
C LEU B 386 36.22 -16.54 28.34
N PRO B 387 36.30 -15.66 29.34
CA PRO B 387 35.88 -14.27 29.10
C PRO B 387 37.03 -13.41 28.60
N LYS B 388 36.68 -12.53 27.67
CA LYS B 388 37.62 -11.51 27.23
C LYS B 388 37.70 -10.33 28.20
N LEU B 389 37.00 -10.39 29.33
CA LEU B 389 37.07 -9.35 30.35
C LEU B 389 36.41 -9.82 31.63
N VAL B 390 36.93 -9.34 32.75
CA VAL B 390 36.37 -9.57 34.08
C VAL B 390 36.07 -8.19 34.70
N ILE B 391 34.85 -8.01 35.18
CA ILE B 391 34.45 -6.81 35.90
C ILE B 391 34.11 -7.28 37.32
N SER B 392 34.99 -6.98 38.26
CA SER B 392 34.68 -7.18 39.68
C SER B 392 33.97 -5.96 40.24
N VAL B 393 32.90 -6.20 41.00
CA VAL B 393 32.10 -5.12 41.57
C VAL B 393 32.28 -5.14 43.09
N HIS B 394 33.05 -4.18 43.61
CA HIS B 394 33.21 -3.98 45.03
C HIS B 394 32.60 -2.64 45.42
N GLY B 395 31.40 -2.68 45.99
CA GLY B 395 30.87 -1.56 46.72
C GLY B 395 30.77 -1.97 48.17
N GLY B 396 29.57 -1.94 48.71
CA GLY B 396 29.32 -2.45 50.04
C GLY B 396 28.08 -3.31 50.07
N MET B 397 27.79 -3.86 51.24
CA MET B 397 26.47 -4.40 51.51
C MET B 397 25.58 -3.30 52.04
N GLN B 398 24.26 -3.46 51.89
CA GLN B 398 23.24 -2.53 52.41
C GLN B 398 23.39 -1.10 51.86
N LYS B 399 23.17 -0.90 50.55
CA LYS B 399 23.52 0.36 49.90
C LYS B 399 22.33 1.31 49.74
N PHE B 400 21.10 0.77 49.68
CA PHE B 400 19.94 1.53 50.16
C PHE B 400 19.69 2.87 49.46
N GLU B 401 18.95 2.83 48.35
CA GLU B 401 18.49 4.00 47.58
C GLU B 401 19.55 4.68 46.72
N LEU B 402 20.01 3.96 45.71
CA LEU B 402 20.68 4.54 44.54
C LEU B 402 19.73 5.50 43.85
N HIS B 403 20.29 6.59 43.30
CA HIS B 403 19.50 7.70 42.77
C HIS B 403 18.73 7.28 41.52
N PRO B 404 17.76 8.10 41.02
CA PRO B 404 17.03 7.68 39.82
C PRO B 404 17.86 7.70 38.54
N ARG B 405 18.53 8.82 38.26
CA ARG B 405 19.30 8.92 37.02
C ARG B 405 20.53 8.03 37.07
N ILE B 406 21.14 7.89 38.25
CA ILE B 406 22.33 7.06 38.40
C ILE B 406 22.02 5.61 38.05
N LYS B 407 20.79 5.17 38.32
CA LYS B 407 20.36 3.82 38.03
C LYS B 407 20.40 3.54 36.53
N GLN B 408 19.92 4.51 35.74
CA GLN B 408 19.83 4.37 34.30
C GLN B 408 21.19 4.21 33.65
N LEU B 409 22.10 5.15 33.93
CA LEU B 409 23.36 5.23 33.21
C LEU B 409 24.27 4.06 33.54
N LEU B 410 24.43 3.75 34.82
CA LEU B 410 25.30 2.64 35.23
C LEU B 410 24.83 1.32 34.64
N GLY B 411 23.53 1.08 34.64
CA GLY B 411 23.00 -0.12 34.06
C GLY B 411 23.25 -0.17 32.56
N LYS B 412 22.62 0.75 31.83
CA LYS B 412 22.79 0.88 30.39
C LYS B 412 24.26 0.85 29.97
N GLY B 413 25.13 1.44 30.79
CA GLY B 413 26.55 1.45 30.47
C GLY B 413 27.22 0.12 30.79
N LEU B 414 26.83 -0.51 31.90
CA LEU B 414 27.51 -1.72 32.35
C LEU B 414 27.14 -2.92 31.49
N ILE B 415 25.87 -3.01 31.08
CA ILE B 415 25.44 -4.11 30.22
C ILE B 415 26.23 -4.10 28.92
N LYS B 416 26.37 -2.92 28.32
CA LYS B 416 27.04 -2.76 27.04
C LYS B 416 28.48 -3.25 27.09
N ALA B 417 29.22 -2.90 28.14
CA ALA B 417 30.59 -3.40 28.30
C ALA B 417 30.62 -4.91 28.43
N ALA B 418 29.57 -5.48 29.04
CA ALA B 418 29.55 -6.91 29.29
C ALA B 418 29.15 -7.69 28.04
N VAL B 419 28.09 -7.25 27.36
CA VAL B 419 27.59 -7.99 26.21
C VAL B 419 28.52 -7.81 25.01
N THR B 420 29.10 -6.62 24.87
CA THR B 420 29.95 -6.35 23.71
C THR B 420 31.34 -6.96 23.85
N THR B 421 31.65 -7.56 25.01
CA THR B 421 32.98 -8.11 25.28
C THR B 421 32.93 -9.53 25.85
N GLY B 422 31.75 -10.10 26.04
CA GLY B 422 31.62 -11.42 26.62
C GLY B 422 32.31 -11.54 27.95
N ALA B 423 31.82 -10.81 28.95
CA ALA B 423 32.51 -10.62 30.21
C ALA B 423 31.87 -11.44 31.32
N TRP B 424 32.66 -11.65 32.38
CA TRP B 424 32.19 -12.23 33.64
C TRP B 424 32.13 -11.11 34.67
N ILE B 425 30.92 -10.80 35.14
CA ILE B 425 30.74 -9.87 36.24
C ILE B 425 30.82 -10.68 37.53
N LEU B 426 31.62 -10.21 38.49
CA LEU B 426 31.81 -10.87 39.78
C LEU B 426 31.20 -9.98 40.87
N THR B 427 30.14 -10.47 41.51
CA THR B 427 29.46 -9.81 42.60
C THR B 427 29.62 -10.65 43.87
N GLY B 428 28.98 -10.20 44.94
CA GLY B 428 28.97 -10.93 46.19
C GLY B 428 27.83 -11.93 46.27
N GLY B 429 26.80 -11.77 45.44
CA GLY B 429 25.68 -12.70 45.41
C GLY B 429 24.53 -12.30 46.31
N VAL B 430 24.84 -11.90 47.55
CA VAL B 430 23.82 -11.55 48.53
C VAL B 430 23.00 -10.36 48.05
N ASN B 431 21.68 -10.41 48.23
CA ASN B 431 20.79 -9.35 47.76
C ASN B 431 20.79 -8.23 48.80
N THR B 432 21.95 -7.60 48.96
CA THR B 432 22.07 -6.39 49.76
C THR B 432 23.23 -5.57 49.23
N GLY B 433 22.91 -4.43 48.62
CA GLY B 433 23.91 -3.51 48.12
C GLY B 433 24.12 -3.56 46.61
N VAL B 434 25.36 -3.72 46.18
CA VAL B 434 25.66 -3.66 44.74
C VAL B 434 24.99 -4.81 44.00
N ALA B 435 25.05 -6.02 44.56
CA ALA B 435 24.46 -7.19 43.90
C ALA B 435 22.97 -7.01 43.68
N LYS B 436 22.33 -6.19 44.51
CA LYS B 436 20.95 -5.79 44.25
C LYS B 436 20.88 -4.92 43.01
N HIS B 437 21.69 -3.86 42.96
CA HIS B 437 21.57 -2.88 41.89
C HIS B 437 22.13 -3.42 40.57
N VAL B 438 23.11 -4.32 40.64
CA VAL B 438 23.58 -5.01 39.44
C VAL B 438 22.45 -5.83 38.83
N GLY B 439 21.80 -6.66 39.65
CA GLY B 439 20.66 -7.41 39.18
C GLY B 439 19.52 -6.53 38.71
N ASP B 440 19.36 -5.36 39.36
CA ASP B 440 18.38 -4.38 38.89
C ASP B 440 18.75 -3.90 37.49
N ALA B 441 20.04 -3.65 37.26
CA ALA B 441 20.49 -3.16 35.96
C ALA B 441 20.26 -4.20 34.87
N LEU B 442 20.47 -5.47 35.19
CA LEU B 442 20.21 -6.57 34.27
C LEU B 442 18.75 -6.55 33.83
N LYS B 443 17.85 -6.59 34.80
CA LYS B 443 16.41 -6.64 34.55
C LYS B 443 15.94 -5.51 33.64
N GLU B 444 16.48 -4.31 33.84
CA GLU B 444 16.11 -3.18 33.01
C GLU B 444 16.49 -3.42 31.56
N HIS B 445 17.78 -3.48 31.29
CA HIS B 445 18.30 -3.73 29.94
C HIS B 445 18.69 -5.19 29.76
N ALA B 446 17.72 -6.08 29.98
CA ALA B 446 17.96 -7.52 29.91
C ALA B 446 18.34 -7.95 28.51
N SER B 447 17.41 -7.83 27.55
CA SER B 447 17.53 -8.40 26.22
C SER B 447 17.82 -9.89 26.26
N ARG B 448 17.41 -10.55 27.34
CA ARG B 448 17.82 -11.91 27.74
C ARG B 448 19.29 -12.19 27.42
N SER B 449 20.13 -11.18 27.64
CA SER B 449 21.55 -11.27 27.31
C SER B 449 22.35 -11.98 28.38
N SER B 450 21.70 -12.70 29.30
CA SER B 450 22.39 -13.65 30.17
C SER B 450 23.17 -14.67 29.35
N ARG B 451 22.69 -14.99 28.14
CA ARG B 451 23.43 -15.77 27.16
C ARG B 451 24.85 -15.22 26.97
N LYS B 452 24.97 -13.90 26.95
CA LYS B 452 26.26 -13.22 26.77
C LYS B 452 26.80 -12.60 28.05
N ILE B 453 26.05 -12.64 29.15
CA ILE B 453 26.49 -12.08 30.43
C ILE B 453 26.37 -13.17 31.48
N CYS B 454 27.50 -13.57 32.06
CA CYS B 454 27.55 -14.62 33.06
C CYS B 454 27.96 -14.01 34.40
N THR B 455 26.96 -13.51 35.12
CA THR B 455 27.19 -13.00 36.46
C THR B 455 27.38 -14.16 37.42
N ILE B 456 28.36 -14.04 38.29
CA ILE B 456 28.73 -15.11 39.23
C ILE B 456 28.63 -14.53 40.63
N GLY B 457 28.09 -15.34 41.54
CA GLY B 457 27.96 -14.97 42.93
C GLY B 457 29.00 -15.72 43.76
N ILE B 458 29.67 -14.98 44.64
CA ILE B 458 30.66 -15.55 45.55
C ILE B 458 30.34 -14.99 46.94
N ALA B 459 29.95 -15.88 47.86
CA ALA B 459 29.62 -15.51 49.23
C ALA B 459 30.06 -16.63 50.19
N PRO B 460 30.10 -16.38 51.50
CA PRO B 460 30.28 -17.50 52.44
C PRO B 460 29.01 -18.30 52.62
N TRP B 461 29.17 -19.56 52.97
CA TRP B 461 28.06 -20.48 53.16
C TRP B 461 27.65 -20.48 54.63
N GLY B 462 26.44 -19.98 54.89
CA GLY B 462 25.91 -19.88 56.23
C GLY B 462 25.22 -18.55 56.48
N VAL B 463 25.70 -17.49 55.83
CA VAL B 463 25.17 -16.14 56.03
C VAL B 463 23.91 -15.92 55.20
N ILE B 464 23.38 -16.99 54.59
CA ILE B 464 22.36 -16.89 53.56
C ILE B 464 21.07 -17.49 54.09
N GLU B 465 19.97 -16.75 53.95
CA GLU B 465 18.66 -17.26 54.32
C GLU B 465 18.34 -18.50 53.50
N ASN B 466 17.56 -19.40 54.10
CA ASN B 466 17.23 -20.70 53.52
C ASN B 466 18.48 -21.47 53.12
N ARG B 467 19.51 -21.45 53.96
CA ARG B 467 20.72 -22.20 53.69
C ARG B 467 20.44 -23.70 53.55
N ASN B 468 19.53 -24.23 54.37
CA ASN B 468 19.40 -25.67 54.52
C ASN B 468 18.59 -26.35 53.42
N ASP B 469 17.86 -25.58 52.60
CA ASP B 469 17.03 -26.23 51.57
C ASP B 469 17.80 -26.56 50.27
N LEU B 470 19.13 -26.54 50.31
CA LEU B 470 19.98 -26.78 49.14
C LEU B 470 20.86 -28.01 49.28
N VAL B 471 20.96 -28.57 50.49
CA VAL B 471 21.86 -29.70 50.76
C VAL B 471 21.44 -30.90 49.92
N GLY B 472 22.35 -31.41 49.11
CA GLY B 472 22.12 -32.65 48.40
C GLY B 472 22.88 -32.70 47.09
N ARG B 473 22.91 -33.90 46.52
CA ARG B 473 23.77 -34.21 45.38
C ARG B 473 23.01 -34.04 44.06
N ASP B 474 23.44 -33.08 43.24
CA ASP B 474 22.86 -32.83 41.93
C ASP B 474 21.35 -32.60 42.04
N VAL B 475 20.99 -31.70 42.95
CA VAL B 475 19.61 -31.49 43.37
C VAL B 475 19.10 -30.21 42.73
N VAL B 476 18.10 -30.33 41.86
CA VAL B 476 17.29 -29.17 41.51
C VAL B 476 16.61 -28.70 42.79
N ALA B 477 16.72 -27.41 43.08
CA ALA B 477 16.30 -26.83 44.34
C ALA B 477 15.30 -25.72 44.08
N PRO B 478 14.25 -25.60 44.92
CA PRO B 478 13.49 -24.34 44.94
C PRO B 478 14.13 -23.34 45.88
N TYR B 479 13.71 -22.09 45.81
CA TYR B 479 14.26 -21.04 46.66
C TYR B 479 13.36 -19.81 46.54
N GLN B 480 12.97 -19.26 47.69
CA GLN B 480 12.01 -18.17 47.74
C GLN B 480 12.74 -16.87 48.00
N THR B 481 12.56 -15.89 47.11
CA THR B 481 13.14 -14.56 47.29
C THR B 481 12.19 -13.65 48.07
N LEU B 482 11.23 -14.23 48.79
CA LEU B 482 10.37 -13.50 49.72
C LEU B 482 11.21 -12.72 50.71
N LEU B 483 10.95 -11.41 50.80
CA LEU B 483 11.65 -10.55 51.74
C LEU B 483 11.11 -10.86 53.14
N ASN B 484 11.60 -11.96 53.70
CA ASN B 484 11.15 -12.46 54.99
C ASN B 484 11.46 -11.38 56.02
N PRO B 485 10.44 -10.74 56.66
CA PRO B 485 10.70 -9.51 57.41
C PRO B 485 11.62 -9.70 58.61
N LEU B 486 11.36 -10.73 59.39
CA LEU B 486 12.17 -11.05 60.56
C LEU B 486 13.61 -11.41 60.19
N SER B 487 13.85 -11.78 58.93
CA SER B 487 15.16 -12.26 58.50
C SER B 487 16.14 -11.10 58.40
N LYS B 488 17.16 -11.13 59.25
CA LYS B 488 18.36 -10.32 59.04
C LYS B 488 19.34 -10.99 58.09
N LEU B 489 19.05 -12.23 57.66
CA LEU B 489 19.96 -12.95 56.79
C LEU B 489 19.96 -12.34 55.40
N ASN B 490 20.81 -12.86 54.52
CA ASN B 490 20.90 -12.41 53.14
C ASN B 490 20.08 -13.37 52.29
N VAL B 491 19.64 -12.90 51.13
CA VAL B 491 19.01 -13.75 50.12
C VAL B 491 19.82 -13.63 48.84
N LEU B 492 19.92 -14.72 48.09
CA LEU B 492 20.64 -14.70 46.82
C LEU B 492 19.79 -14.00 45.77
N ASN B 493 20.44 -13.25 44.90
CA ASN B 493 19.72 -12.42 43.95
C ASN B 493 19.23 -13.27 42.79
N ASN B 494 17.93 -13.16 42.48
CA ASN B 494 17.33 -13.95 41.43
C ASN B 494 18.00 -13.70 40.07
N LEU B 495 18.41 -12.46 39.80
CA LEU B 495 18.99 -12.12 38.50
C LEU B 495 20.49 -12.43 38.46
N HIS B 496 20.89 -13.62 38.90
CA HIS B 496 22.26 -14.10 38.71
C HIS B 496 22.22 -15.41 37.95
N SER B 497 23.38 -15.99 37.65
CA SER B 497 23.49 -17.13 36.75
C SER B 497 24.32 -18.27 37.31
N HIS B 498 25.18 -17.98 38.28
CA HIS B 498 26.05 -18.99 38.87
C HIS B 498 26.37 -18.58 40.29
N PHE B 499 26.76 -19.56 41.11
CA PHE B 499 27.08 -19.31 42.51
C PHE B 499 28.17 -20.26 42.97
N ILE B 500 29.13 -19.71 43.70
CA ILE B 500 30.15 -20.47 44.42
C ILE B 500 30.08 -20.01 45.85
N LEU B 501 29.98 -20.94 46.79
CA LEU B 501 29.66 -20.61 48.18
C LEU B 501 30.69 -21.31 49.08
N VAL B 502 31.28 -20.51 49.96
CA VAL B 502 32.57 -20.83 50.59
C VAL B 502 32.33 -21.17 52.05
N ASP B 503 32.65 -22.40 52.43
CA ASP B 503 32.56 -22.78 53.84
C ASP B 503 33.61 -21.99 54.62
N ASP B 504 33.50 -22.01 55.94
CA ASP B 504 34.36 -21.24 56.82
C ASP B 504 34.22 -21.83 58.21
N GLY B 505 34.62 -21.07 59.24
CA GLY B 505 34.35 -21.43 60.61
C GLY B 505 32.94 -21.96 60.82
N THR B 506 31.92 -21.12 60.64
CA THR B 506 30.54 -21.58 60.67
C THR B 506 29.55 -20.53 60.18
N VAL B 507 28.27 -20.81 60.40
CA VAL B 507 27.18 -19.88 60.14
C VAL B 507 27.45 -18.55 60.83
N GLY B 508 26.95 -17.46 60.25
CA GLY B 508 27.11 -16.14 60.84
C GLY B 508 28.42 -15.48 60.51
N LYS B 509 29.52 -16.23 60.62
CA LYS B 509 30.83 -15.77 60.19
C LYS B 509 30.79 -15.28 58.76
N TYR B 510 31.10 -14.00 58.56
CA TYR B 510 31.05 -13.34 57.26
C TYR B 510 32.40 -12.70 56.98
N GLY B 511 32.94 -12.97 55.79
CA GLY B 511 34.19 -12.38 55.34
C GLY B 511 35.26 -13.38 55.00
N ALA B 512 34.87 -14.61 54.65
CA ALA B 512 35.81 -15.64 54.25
C ALA B 512 35.72 -15.95 52.76
N GLU B 513 35.35 -14.95 51.94
CA GLU B 513 35.25 -15.11 50.49
C GLU B 513 36.27 -14.30 49.72
N VAL B 514 37.04 -13.45 50.39
CA VAL B 514 37.89 -12.48 49.69
C VAL B 514 39.01 -13.19 48.94
N ARG B 515 39.52 -14.28 49.50
CA ARG B 515 40.64 -14.99 48.89
C ARG B 515 40.28 -15.55 47.53
N LEU B 516 39.13 -16.24 47.44
CA LEU B 516 38.81 -17.00 46.24
C LEU B 516 38.57 -16.07 45.06
N ARG B 517 37.88 -14.95 45.29
CA ARG B 517 37.69 -13.95 44.25
C ARG B 517 39.03 -13.49 43.70
N ARG B 518 39.99 -13.20 44.58
CA ARG B 518 41.29 -12.73 44.12
C ARG B 518 42.03 -13.82 43.35
N GLU B 519 42.21 -14.99 43.96
CA GLU B 519 42.95 -16.08 43.30
C GLU B 519 42.36 -16.40 41.93
N LEU B 520 41.04 -16.28 41.79
CA LEU B 520 40.42 -16.43 40.48
C LEU B 520 40.82 -15.27 39.56
N GLU B 521 40.88 -14.05 40.08
CA GLU B 521 41.27 -12.90 39.27
C GLU B 521 42.71 -13.03 38.80
N LYS B 522 43.59 -13.54 39.66
CA LYS B 522 44.96 -13.85 39.23
C LYS B 522 44.94 -14.94 38.17
N THR B 523 44.07 -15.93 38.33
CA THR B 523 44.08 -17.09 37.46
C THR B 523 43.61 -16.73 36.06
N ILE B 524 42.53 -15.95 35.95
CA ILE B 524 41.99 -15.61 34.63
C ILE B 524 42.96 -14.71 33.88
N ASN B 525 43.64 -13.81 34.60
CA ASN B 525 44.66 -12.97 34.01
C ASN B 525 45.89 -13.75 33.56
N GLN B 526 46.03 -15.01 33.97
CA GLN B 526 47.09 -15.88 33.48
C GLN B 526 46.55 -16.87 32.44
N GLN B 527 45.60 -16.42 31.63
CA GLN B 527 45.10 -17.16 30.50
C GLN B 527 45.13 -16.25 29.27
N ARG B 528 45.52 -16.81 28.13
CA ARG B 528 45.60 -16.01 26.92
C ARG B 528 44.20 -15.72 26.39
N ILE B 529 43.98 -14.47 25.96
CA ILE B 529 42.65 -14.00 25.61
C ILE B 529 42.16 -14.56 24.27
N HIS B 530 43.04 -15.12 23.45
CA HIS B 530 42.61 -15.73 22.20
C HIS B 530 43.72 -16.66 21.73
N ALA B 531 43.37 -17.61 20.85
CA ALA B 531 44.32 -18.58 20.32
C ALA B 531 45.50 -17.91 19.61
N ARG B 532 45.33 -16.66 19.18
CA ARG B 532 46.33 -15.92 18.41
C ARG B 532 46.99 -14.81 19.20
N ILE B 533 46.34 -14.33 20.26
CA ILE B 533 46.81 -13.19 21.03
C ILE B 533 47.47 -13.72 22.31
N GLY B 534 48.56 -13.07 22.69
CA GLY B 534 49.37 -13.53 23.81
C GLY B 534 49.05 -12.85 25.12
N GLN B 535 48.52 -11.63 25.05
CA GLN B 535 48.14 -10.87 26.22
C GLN B 535 47.16 -11.63 27.09
N GLY B 536 47.26 -11.46 28.40
CA GLY B 536 46.34 -12.09 29.32
C GLY B 536 45.01 -11.38 29.41
N VAL B 537 44.02 -12.08 29.93
CA VAL B 537 42.67 -11.53 30.09
C VAL B 537 42.76 -10.31 31.00
N PRO B 538 42.19 -9.15 30.64
CA PRO B 538 42.24 -8.02 31.56
C PRO B 538 41.27 -8.18 32.71
N VAL B 539 41.55 -7.45 33.79
CA VAL B 539 40.70 -7.41 34.98
C VAL B 539 40.53 -5.94 35.34
N VAL B 540 39.30 -5.53 35.62
CA VAL B 540 38.99 -4.18 36.07
C VAL B 540 37.98 -4.27 37.20
N ALA B 541 38.08 -3.33 38.13
CA ALA B 541 37.23 -3.27 39.31
C ALA B 541 36.40 -2.00 39.26
N LEU B 542 35.09 -2.14 39.47
CA LEU B 542 34.17 -1.02 39.54
C LEU B 542 33.63 -0.88 40.94
N ILE B 543 33.42 0.37 41.37
CA ILE B 543 33.13 0.71 42.75
C ILE B 543 31.85 1.52 42.80
N PHE B 544 30.86 1.04 43.56
CA PHE B 544 29.61 1.75 43.79
C PHE B 544 29.43 1.95 45.28
N GLU B 545 29.51 3.22 45.72
CA GLU B 545 29.30 3.57 47.12
C GLU B 545 30.24 2.77 48.01
N GLY B 546 31.55 3.00 47.88
CA GLY B 546 32.52 2.18 48.58
C GLY B 546 32.52 2.47 50.07
N GLY B 547 33.64 2.21 50.74
CA GLY B 547 33.62 2.07 52.19
C GLY B 547 35.00 1.94 52.78
N PRO B 548 35.08 2.04 54.12
CA PRO B 548 36.39 2.12 54.77
C PRO B 548 37.24 0.89 54.57
N ASN B 549 36.62 -0.26 54.28
CA ASN B 549 37.39 -1.45 53.92
C ASN B 549 37.59 -1.54 52.41
N VAL B 550 36.67 -0.98 51.62
CA VAL B 550 36.84 -0.93 50.17
C VAL B 550 38.03 -0.07 49.81
N ILE B 551 38.22 1.04 50.51
CA ILE B 551 39.34 1.93 50.23
C ILE B 551 40.66 1.27 50.57
N LEU B 552 40.61 0.18 51.34
CA LEU B 552 41.76 -0.72 51.43
C LEU B 552 41.77 -1.72 50.27
N THR B 553 40.59 -2.12 49.79
CA THR B 553 40.51 -2.98 48.61
C THR B 553 41.04 -2.26 47.37
N VAL B 554 40.76 -0.96 47.26
CA VAL B 554 41.27 -0.19 46.12
C VAL B 554 42.79 -0.19 46.14
N LEU B 555 43.38 0.12 47.28
CA LEU B 555 44.83 0.13 47.42
C LEU B 555 45.43 -1.24 47.14
N GLU B 556 44.74 -2.30 47.56
CA GLU B 556 45.28 -3.65 47.42
C GLU B 556 45.49 -4.02 45.96
N TYR B 557 44.75 -3.37 45.05
CA TYR B 557 44.90 -3.62 43.62
C TYR B 557 46.10 -2.87 43.08
N LEU B 558 46.15 -1.56 43.34
CA LEU B 558 47.24 -0.74 42.83
C LEU B 558 48.60 -1.21 43.34
N GLN B 559 48.63 -1.89 44.48
CA GLN B 559 49.85 -2.55 44.96
C GLN B 559 50.11 -3.89 44.26
N GLU B 560 49.14 -4.42 43.52
CA GLU B 560 49.27 -5.76 42.99
C GLU B 560 50.17 -5.77 41.74
N SER B 561 50.73 -6.94 41.46
CA SER B 561 51.60 -7.16 40.31
C SER B 561 50.94 -8.19 39.39
N PRO B 562 50.35 -7.77 38.25
CA PRO B 562 50.22 -6.42 37.68
C PRO B 562 49.23 -5.55 38.45
N PRO B 563 49.33 -4.22 38.33
CA PRO B 563 48.41 -3.34 39.07
C PRO B 563 47.04 -3.16 38.43
N VAL B 564 46.13 -4.06 38.80
CA VAL B 564 44.71 -4.05 38.41
C VAL B 564 44.15 -2.63 38.53
N PRO B 565 43.53 -2.04 37.49
CA PRO B 565 42.98 -0.70 37.63
C PRO B 565 41.65 -0.71 38.38
N VAL B 566 41.11 0.49 38.61
CA VAL B 566 39.88 0.69 39.35
C VAL B 566 39.08 1.80 38.68
N VAL B 567 37.76 1.66 38.68
CA VAL B 567 36.83 2.69 38.22
C VAL B 567 35.96 3.09 39.40
N VAL B 568 35.60 4.37 39.45
CA VAL B 568 34.65 4.89 40.43
C VAL B 568 33.63 5.74 39.68
N CYS B 569 32.54 6.06 40.38
CA CYS B 569 31.48 6.89 39.81
C CYS B 569 30.95 7.82 40.90
N GLU B 570 30.85 9.10 40.57
CA GLU B 570 30.26 10.05 41.50
C GLU B 570 28.74 9.97 41.43
N GLY B 571 28.09 10.63 42.39
CA GLY B 571 26.67 10.44 42.62
C GLY B 571 26.34 9.34 43.60
N THR B 572 27.33 8.66 44.15
CA THR B 572 27.13 7.66 45.20
C THR B 572 27.00 8.36 46.54
N GLY B 573 27.07 7.61 47.65
CA GLY B 573 26.83 8.15 48.97
C GLY B 573 27.81 7.70 50.04
N ARG B 574 28.94 7.12 49.63
CA ARG B 574 30.02 6.75 50.53
C ARG B 574 31.25 6.68 49.64
N ALA B 575 32.30 5.96 50.06
CA ALA B 575 33.69 6.25 49.75
C ALA B 575 33.99 6.56 48.29
N ALA B 576 33.21 6.02 47.35
CA ALA B 576 33.40 6.33 45.94
C ALA B 576 33.24 7.82 45.68
N ASP B 577 32.12 8.41 46.13
CA ASP B 577 31.95 9.85 46.02
C ASP B 577 33.02 10.60 46.80
N LEU B 578 33.51 10.02 47.89
CA LEU B 578 34.58 10.65 48.64
C LEU B 578 35.86 10.64 47.81
N LEU B 579 36.34 9.44 47.47
CA LEU B 579 37.54 9.33 46.65
C LEU B 579 37.34 9.99 45.29
N ALA B 580 36.09 10.16 44.86
CA ALA B 580 35.80 11.10 43.78
C ALA B 580 36.09 12.53 44.21
N TYR B 581 35.69 12.93 45.42
CA TYR B 581 36.03 14.27 45.87
C TYR B 581 37.53 14.42 46.05
N ILE B 582 38.18 13.34 46.48
CA ILE B 582 39.64 13.34 46.63
C ILE B 582 40.32 13.61 45.29
N HIS B 583 39.74 13.10 44.21
CA HIS B 583 40.26 13.23 42.86
C HIS B 583 40.53 14.69 42.48
N LYS B 584 39.51 15.54 42.57
CA LYS B 584 39.58 16.85 41.93
C LYS B 584 40.68 17.74 42.52
N GLN B 585 40.97 17.58 43.81
CA GLN B 585 41.99 18.37 44.50
C GLN B 585 43.20 17.47 44.76
N THR B 586 44.03 17.31 43.73
CA THR B 586 45.30 16.59 43.84
C THR B 586 46.06 16.77 42.54
N GLU B 587 47.39 16.82 42.62
CA GLU B 587 48.25 16.87 41.44
C GLU B 587 48.93 15.52 41.24
N GLU B 588 49.67 15.40 40.14
CA GLU B 588 50.17 14.10 39.73
C GLU B 588 51.17 13.57 40.74
N GLY B 589 50.74 12.61 41.56
CA GLY B 589 51.57 12.05 42.61
C GLY B 589 51.53 12.82 43.92
N GLY B 590 51.06 14.07 43.87
CA GLY B 590 51.07 14.92 45.05
C GLY B 590 50.14 14.46 46.15
N ASN B 591 50.49 14.80 47.39
CA ASN B 591 49.67 14.46 48.56
C ASN B 591 48.63 15.52 48.88
N LEU B 592 48.91 16.79 48.61
CA LEU B 592 47.94 17.84 48.89
C LEU B 592 48.31 19.15 48.17
N PRO B 593 47.32 19.91 47.64
CA PRO B 593 47.53 21.36 47.48
C PRO B 593 47.39 22.01 48.84
N ASP B 594 47.38 23.36 48.92
CA ASP B 594 47.38 24.12 50.17
C ASP B 594 46.52 23.49 51.25
N ALA B 595 47.11 23.28 52.43
CA ALA B 595 46.74 22.19 53.32
C ALA B 595 45.26 22.23 53.71
N ALA B 596 44.57 21.13 53.41
CA ALA B 596 43.20 20.91 53.88
C ALA B 596 43.04 19.53 54.52
N GLU B 597 44.14 18.84 54.84
CA GLU B 597 44.02 17.55 55.49
C GLU B 597 43.27 17.59 56.83
N PRO B 598 43.17 18.71 57.58
CA PRO B 598 42.16 18.75 58.64
C PRO B 598 40.75 18.61 58.09
N ASP B 599 40.44 19.36 57.03
CA ASP B 599 39.10 19.32 56.46
C ASP B 599 38.82 17.99 55.79
N ILE B 600 39.85 17.30 55.31
CA ILE B 600 39.67 15.99 54.69
C ILE B 600 39.40 15.00 55.80
N ILE B 601 40.26 15.00 56.83
CA ILE B 601 40.07 14.10 57.97
C ILE B 601 38.75 14.40 58.67
N SER B 602 38.28 15.65 58.61
CA SER B 602 36.94 15.98 59.09
C SER B 602 35.91 15.16 58.32
N THR B 603 36.06 15.11 57.00
CA THR B 603 35.10 14.41 56.17
C THR B 603 35.28 12.90 56.26
N ILE B 604 36.51 12.43 56.48
CA ILE B 604 36.78 11.00 56.63
C ILE B 604 35.98 10.48 57.81
N LYS B 605 36.06 11.17 58.96
CA LYS B 605 35.34 10.70 60.13
C LYS B 605 33.87 11.10 60.11
N LYS B 606 33.49 12.09 59.30
CA LYS B 606 32.08 12.43 59.17
C LYS B 606 31.26 11.24 58.71
N THR B 607 31.72 10.56 57.66
CA THR B 607 30.96 9.45 57.09
C THR B 607 30.97 8.24 58.02
N PHE B 608 32.17 7.71 58.31
CA PHE B 608 32.33 6.64 59.30
C PHE B 608 33.06 7.23 60.50
N ASN B 609 32.36 7.23 61.64
CA ASN B 609 32.85 7.93 62.83
C ASN B 609 34.11 7.30 63.41
N PHE B 610 35.23 8.01 63.29
CA PHE B 610 36.51 7.64 63.88
C PHE B 610 36.83 8.47 65.12
N GLY B 611 36.90 9.80 64.96
CA GLY B 611 37.36 10.69 66.01
C GLY B 611 38.87 10.72 66.09
N GLN B 612 39.54 10.64 64.94
CA GLN B 612 41.00 10.57 64.86
C GLN B 612 41.51 9.31 65.56
N SER B 613 40.66 8.28 65.67
CA SER B 613 41.17 6.99 66.12
C SER B 613 42.11 6.44 65.06
N GLU B 614 41.64 6.35 63.81
CA GLU B 614 42.51 6.11 62.67
C GLU B 614 42.10 6.91 61.44
N ALA B 615 41.31 7.97 61.61
CA ALA B 615 40.94 8.82 60.47
C ALA B 615 42.17 9.39 59.78
N VAL B 616 43.26 9.60 60.54
CA VAL B 616 44.53 9.93 59.92
C VAL B 616 44.98 8.81 59.00
N HIS B 617 44.92 7.56 59.47
CA HIS B 617 45.36 6.43 58.66
C HIS B 617 44.57 6.34 57.37
N LEU B 618 43.27 6.62 57.42
CA LEU B 618 42.44 6.59 56.22
C LEU B 618 42.87 7.68 55.24
N PHE B 619 43.50 8.75 55.74
CA PHE B 619 43.97 9.81 54.85
C PHE B 619 45.16 9.35 54.02
N GLN B 620 46.10 8.63 54.65
CA GLN B 620 47.26 8.14 53.89
C GLN B 620 46.88 7.03 52.93
N THR B 621 45.73 6.38 53.16
CA THR B 621 45.20 5.46 52.16
C THR B 621 44.64 6.23 50.97
N MET B 622 43.85 7.27 51.24
CA MET B 622 43.40 8.19 50.20
C MET B 622 44.59 8.88 49.53
N MET B 623 45.70 9.03 50.26
CA MET B 623 46.92 9.62 49.71
C MET B 623 47.50 8.71 48.63
N GLU B 624 47.62 7.42 48.93
CA GLU B 624 48.18 6.50 47.94
C GLU B 624 47.17 6.15 46.85
N CYS B 625 45.90 6.51 47.04
CA CYS B 625 44.89 6.31 46.00
C CYS B 625 44.80 7.52 45.10
N MET B 626 44.99 8.72 45.65
CA MET B 626 45.11 9.92 44.84
C MET B 626 46.50 9.98 44.19
N LYS B 627 47.39 9.07 44.53
CA LYS B 627 48.75 9.07 44.00
C LYS B 627 48.83 8.38 42.64
N LYS B 628 48.54 7.08 42.61
CA LYS B 628 48.62 6.31 41.38
C LYS B 628 47.39 6.59 40.52
N LYS B 629 47.33 7.80 39.97
CA LYS B 629 46.17 8.26 39.22
C LYS B 629 46.16 7.73 37.80
N GLU B 630 47.21 7.01 37.41
CA GLU B 630 47.26 6.38 36.11
C GLU B 630 46.40 5.12 36.03
N LEU B 631 45.65 4.78 37.09
CA LEU B 631 44.82 3.60 37.12
C LEU B 631 43.47 3.87 37.79
N ILE B 632 43.08 5.15 37.90
CA ILE B 632 41.85 5.55 38.56
C ILE B 632 41.04 6.40 37.59
N THR B 633 39.72 6.31 37.70
CA THR B 633 38.81 6.91 36.74
C THR B 633 37.47 7.16 37.40
N VAL B 634 37.02 8.41 37.37
CA VAL B 634 35.71 8.81 37.86
C VAL B 634 34.83 9.07 36.67
N PHE B 635 33.55 8.69 36.78
CA PHE B 635 32.56 8.96 35.75
C PHE B 635 31.71 10.13 36.19
N HIS B 636 32.02 11.33 35.68
CA HIS B 636 31.29 12.55 36.02
C HIS B 636 29.90 12.49 35.38
N ILE B 637 28.88 12.47 36.23
CA ILE B 637 27.49 12.36 35.79
C ILE B 637 26.86 13.75 35.80
N GLY B 638 26.70 14.33 34.61
CA GLY B 638 26.04 15.61 34.45
C GLY B 638 26.71 16.51 33.45
N SER B 639 28.03 16.41 33.33
CA SER B 639 28.81 17.23 32.42
C SER B 639 29.14 16.50 31.13
N GLU B 640 28.51 15.35 30.89
CA GLU B 640 28.83 14.39 29.83
C GLU B 640 30.33 14.20 29.63
N ASP B 641 31.10 14.31 30.71
CA ASP B 641 32.54 14.15 30.62
C ASP B 641 32.85 12.66 30.67
N HIS B 642 33.58 12.19 29.67
CA HIS B 642 33.94 10.78 29.61
C HIS B 642 32.68 9.91 29.55
N GLN B 643 31.99 9.96 28.41
CA GLN B 643 30.63 9.47 28.20
C GLN B 643 30.49 7.98 28.57
N ASP B 644 29.28 7.42 28.47
CA ASP B 644 28.77 6.24 29.18
C ASP B 644 29.75 5.16 29.56
N ILE B 645 29.48 4.55 30.72
CA ILE B 645 30.46 3.92 31.59
C ILE B 645 31.21 2.80 30.88
N ASP B 646 30.65 2.22 29.82
CA ASP B 646 31.36 1.16 29.10
C ASP B 646 32.69 1.68 28.56
N VAL B 647 32.68 2.87 27.96
CA VAL B 647 33.90 3.46 27.44
C VAL B 647 34.87 3.69 28.58
N ALA B 648 34.36 3.96 29.77
CA ALA B 648 35.20 4.19 30.93
C ALA B 648 35.81 2.88 31.45
N ILE B 649 34.99 1.82 31.56
CA ILE B 649 35.49 0.55 32.06
C ILE B 649 36.58 0.02 31.14
N LEU B 650 36.47 0.29 29.83
CA LEU B 650 37.38 -0.31 28.86
C LEU B 650 38.58 0.59 28.60
N THR B 651 38.34 1.88 28.37
CA THR B 651 39.42 2.85 28.27
C THR B 651 40.33 2.82 29.49
N ALA B 652 39.79 2.51 30.67
CA ALA B 652 40.60 2.39 31.87
C ALA B 652 41.70 1.34 31.71
N LEU B 653 41.41 0.28 30.97
CA LEU B 653 42.39 -0.78 30.72
C LEU B 653 43.44 -0.36 29.71
N LEU B 654 43.21 0.75 29.00
CA LEU B 654 44.15 1.21 27.98
C LEU B 654 45.10 2.24 28.55
N LYS B 655 44.57 3.21 29.30
CA LYS B 655 45.42 4.18 29.99
C LYS B 655 46.14 3.46 31.14
N GLY B 656 47.18 4.11 31.66
CA GLY B 656 48.12 3.43 32.53
C GLY B 656 48.64 2.21 31.80
N THR B 657 48.99 1.16 32.56
CA THR B 657 49.20 -0.20 32.06
C THR B 657 49.95 -0.25 30.73
N ASN B 658 51.00 0.56 30.59
CA ASN B 658 51.45 1.14 29.32
C ASN B 658 51.31 0.22 28.12
N ALA B 659 51.89 -0.98 28.22
CA ALA B 659 51.67 -2.17 27.42
C ALA B 659 52.06 -2.10 25.95
N SER B 660 51.78 -0.97 25.27
CA SER B 660 52.25 -0.64 23.92
C SER B 660 51.31 0.41 23.34
N ALA B 661 51.55 0.81 22.09
CA ALA B 661 50.45 1.23 21.23
C ALA B 661 49.78 0.02 20.58
N PHE B 662 50.58 -1.01 20.29
CA PHE B 662 50.12 -2.21 19.58
C PHE B 662 49.11 -3.02 20.39
N ASP B 663 49.54 -3.51 21.55
CA ASP B 663 48.68 -4.33 22.41
C ASP B 663 47.35 -3.65 22.73
N GLN B 664 47.34 -2.32 22.78
CA GLN B 664 46.07 -1.59 22.88
C GLN B 664 45.16 -1.93 21.70
N LEU B 665 45.73 -1.96 20.50
CA LEU B 665 44.95 -2.28 19.30
C LEU B 665 44.50 -3.73 19.31
N ILE B 666 45.37 -4.64 19.75
CA ILE B 666 45.07 -6.07 19.75
C ILE B 666 43.94 -6.37 20.72
N LEU B 667 43.84 -5.61 21.81
CA LEU B 667 42.83 -5.88 22.82
C LEU B 667 41.45 -5.50 22.32
N THR B 668 41.35 -4.35 21.63
CA THR B 668 40.08 -3.95 21.03
C THR B 668 39.64 -4.97 19.99
N LEU B 669 40.60 -5.56 19.28
CA LEU B 669 40.31 -6.53 18.23
C LEU B 669 39.61 -7.75 18.79
N ALA B 670 40.17 -8.34 19.84
CA ALA B 670 39.54 -9.49 20.49
C ALA B 670 38.13 -9.14 20.98
N TRP B 671 37.96 -7.93 21.51
CA TRP B 671 36.65 -7.47 21.94
C TRP B 671 35.73 -7.14 20.78
N ASP B 672 36.27 -6.80 19.62
CA ASP B 672 35.51 -6.24 18.51
C ASP B 672 34.81 -4.95 18.92
N ARG B 673 35.67 -3.97 19.30
CA ARG B 673 35.24 -2.61 19.60
C ARG B 673 36.11 -1.66 18.78
N VAL B 674 35.54 -1.15 17.68
CA VAL B 674 36.30 -0.28 16.79
C VAL B 674 36.22 1.17 17.26
N ASP B 675 35.07 1.55 17.84
CA ASP B 675 34.89 2.90 18.36
C ASP B 675 35.95 3.24 19.39
N ILE B 676 36.33 2.26 20.21
CA ILE B 676 37.41 2.43 21.17
C ILE B 676 38.71 2.62 20.40
N ALA B 677 38.96 1.73 19.44
CA ALA B 677 40.22 1.72 18.70
C ALA B 677 40.43 2.99 17.90
N LYS B 678 39.41 3.39 17.14
CA LYS B 678 39.46 4.60 16.33
C LYS B 678 39.77 5.81 17.19
N ASN B 679 39.06 5.95 18.30
CA ASN B 679 39.06 7.19 19.06
C ASN B 679 40.14 7.23 20.14
N HIS B 680 40.46 6.08 20.73
CA HIS B 680 41.36 6.02 21.88
C HIS B 680 42.67 5.27 21.61
N VAL B 681 42.88 4.82 20.37
CA VAL B 681 44.18 4.31 19.94
C VAL B 681 44.70 5.05 18.71
N PHE B 682 43.85 5.24 17.70
CA PHE B 682 44.23 6.01 16.52
C PHE B 682 44.00 7.50 16.78
N VAL B 683 44.76 8.01 17.75
CA VAL B 683 44.68 9.39 18.19
C VAL B 683 45.73 10.17 17.42
N TYR B 684 45.57 11.50 17.37
CA TYR B 684 46.60 12.31 16.74
C TYR B 684 47.90 12.18 17.52
N GLY B 685 49.02 12.09 16.80
CA GLY B 685 50.32 12.00 17.41
C GLY B 685 50.70 10.62 17.90
N GLN B 686 49.84 9.62 17.71
CA GLN B 686 50.15 8.27 18.14
C GLN B 686 51.33 7.74 17.34
N GLN B 687 52.49 7.61 17.98
CA GLN B 687 53.67 7.13 17.29
C GLN B 687 53.54 5.64 17.01
N TRP B 688 53.36 5.27 15.75
CA TRP B 688 53.26 3.88 15.37
C TRP B 688 54.63 3.32 15.04
N LEU B 689 54.83 2.05 15.39
CA LEU B 689 56.03 1.27 15.12
C LEU B 689 55.96 0.86 13.65
N VAL B 690 56.62 -0.25 13.31
CA VAL B 690 56.89 -0.71 11.96
C VAL B 690 55.78 -1.72 11.76
N GLY B 691 55.89 -2.60 10.77
CA GLY B 691 54.75 -3.42 10.35
C GLY B 691 54.04 -4.29 11.38
N SER B 692 54.24 -4.02 12.67
CA SER B 692 53.23 -4.31 13.68
C SER B 692 51.82 -4.06 13.16
N LEU B 693 51.57 -2.91 12.51
CA LEU B 693 50.26 -2.66 11.92
C LEU B 693 49.88 -3.73 10.91
N GLU B 694 50.84 -4.23 10.14
CA GLU B 694 50.54 -5.33 9.23
C GLU B 694 50.16 -6.58 10.00
N GLN B 695 50.90 -6.87 11.07
CA GLN B 695 50.59 -8.05 11.89
C GLN B 695 49.20 -7.96 12.49
N ALA B 696 48.69 -6.74 12.70
CA ALA B 696 47.30 -6.59 13.13
C ALA B 696 46.33 -6.95 12.01
N MET B 697 46.65 -6.57 10.77
CA MET B 697 45.80 -6.92 9.64
C MET B 697 45.71 -8.43 9.48
N LEU B 698 46.85 -9.12 9.61
CA LEU B 698 46.86 -10.57 9.50
C LEU B 698 45.98 -11.20 10.57
N ASP B 699 45.88 -10.57 11.73
CA ASP B 699 45.07 -11.12 12.81
C ASP B 699 43.60 -10.81 12.58
N ALA B 700 43.31 -9.66 11.98
CA ALA B 700 41.92 -9.28 11.73
C ALA B 700 41.32 -10.08 10.58
N LEU B 701 42.13 -10.44 9.59
CA LEU B 701 41.61 -11.19 8.44
C LEU B 701 41.22 -12.61 8.84
N VAL B 702 42.07 -13.27 9.63
CA VAL B 702 41.74 -14.61 10.13
C VAL B 702 40.48 -14.56 10.98
N MET B 703 40.46 -13.69 11.97
CA MET B 703 39.37 -13.59 12.93
C MET B 703 38.07 -13.08 12.33
N ASP B 704 38.07 -12.69 11.06
CA ASP B 704 36.87 -12.19 10.38
C ASP B 704 36.38 -10.92 11.05
N ARG B 705 37.33 -10.02 11.26
CA ARG B 705 37.12 -8.74 11.92
C ARG B 705 37.15 -7.68 10.82
N VAL B 706 36.00 -7.47 10.18
CA VAL B 706 35.94 -6.69 8.95
C VAL B 706 36.20 -5.22 9.23
N SER B 707 35.62 -4.69 10.31
CA SER B 707 35.70 -3.26 10.56
C SER B 707 37.10 -2.84 10.95
N PHE B 708 37.92 -3.78 11.44
CA PHE B 708 39.33 -3.48 11.71
C PHE B 708 40.16 -3.55 10.44
N VAL B 709 39.69 -4.28 9.42
CA VAL B 709 40.35 -4.25 8.12
C VAL B 709 40.12 -2.89 7.47
N LYS B 710 38.86 -2.44 7.48
CA LYS B 710 38.50 -1.12 6.99
C LYS B 710 39.33 -0.03 7.65
N LEU B 711 39.35 -0.03 8.98
CA LEU B 711 40.09 0.98 9.74
C LEU B 711 41.57 1.01 9.36
N LEU B 712 42.22 -0.14 9.41
CA LEU B 712 43.66 -0.20 9.17
C LEU B 712 44.00 0.23 7.74
N ILE B 713 43.11 -0.04 6.78
CA ILE B 713 43.31 0.46 5.42
C ILE B 713 43.28 1.98 5.42
N GLU B 714 42.27 2.58 6.06
CA GLU B 714 42.16 4.02 6.15
C GLU B 714 43.38 4.65 6.81
N ASN B 715 44.00 3.97 7.77
CA ASN B 715 45.09 4.53 8.57
C ASN B 715 46.46 4.00 8.15
N GLY B 716 46.64 3.69 6.86
CA GLY B 716 47.98 3.60 6.29
C GLY B 716 48.42 2.26 5.73
N VAL B 717 47.71 1.18 6.06
CA VAL B 717 48.16 -0.14 5.64
C VAL B 717 47.97 -0.29 4.14
N SER B 718 48.91 -1.00 3.51
CA SER B 718 48.92 -1.22 2.07
C SER B 718 48.82 -2.71 1.78
N MET B 719 47.77 -3.12 1.08
CA MET B 719 47.64 -4.52 0.69
C MET B 719 48.74 -4.95 -0.27
N HIS B 720 49.19 -4.02 -1.13
CA HIS B 720 50.25 -4.34 -2.07
C HIS B 720 51.54 -4.69 -1.34
N LYS B 721 51.87 -3.93 -0.29
CA LYS B 721 53.03 -4.25 0.53
C LYS B 721 52.73 -5.39 1.50
N PHE B 722 51.53 -5.39 2.08
CA PHE B 722 51.16 -6.41 3.06
C PHE B 722 51.21 -7.81 2.46
N LEU B 723 50.39 -8.04 1.44
CA LEU B 723 50.03 -9.40 1.05
C LEU B 723 51.12 -10.08 0.24
N THR B 724 51.85 -10.99 0.88
CA THR B 724 52.87 -11.82 0.27
C THR B 724 52.37 -13.25 0.16
N ILE B 725 53.17 -14.10 -0.46
CA ILE B 725 52.81 -15.51 -0.60
C ILE B 725 52.74 -16.21 0.74
N PRO B 726 53.76 -16.12 1.63
CA PRO B 726 53.67 -16.88 2.89
C PRO B 726 52.51 -16.48 3.78
N ARG B 727 52.17 -15.19 3.82
CA ARG B 727 50.97 -14.79 4.55
C ARG B 727 49.73 -15.39 3.91
N LEU B 728 49.58 -15.23 2.59
CA LEU B 728 48.40 -15.71 1.89
C LEU B 728 48.29 -17.23 1.97
N GLU B 729 49.41 -17.94 2.15
CA GLU B 729 49.35 -19.33 2.56
C GLU B 729 48.65 -19.48 3.90
N GLU B 730 49.11 -18.74 4.91
CA GLU B 730 48.60 -18.86 6.27
C GLU B 730 47.10 -18.62 6.33
N LEU B 731 46.61 -17.70 5.51
CA LEU B 731 45.18 -17.37 5.51
C LEU B 731 44.33 -18.56 5.08
N TYR B 732 44.82 -19.38 4.14
CA TYR B 732 44.12 -20.62 3.81
C TYR B 732 44.35 -21.68 4.86
N ASN B 733 45.56 -21.75 5.41
CA ASN B 733 45.92 -22.74 6.40
C ASN B 733 45.79 -22.20 7.82
N THR B 734 44.56 -21.88 8.24
CA THR B 734 44.31 -21.45 9.60
C THR B 734 42.95 -21.97 10.05
N LYS B 735 42.90 -22.46 11.28
CA LYS B 735 41.68 -22.96 11.90
C LYS B 735 41.17 -22.02 12.99
N GLN B 736 41.81 -20.87 13.17
CA GLN B 736 41.44 -19.91 14.21
C GLN B 736 40.40 -18.92 13.69
N GLY B 737 39.34 -19.41 13.07
CA GLY B 737 38.31 -18.57 12.56
C GLY B 737 37.20 -19.37 11.89
N PRO B 738 36.19 -18.68 11.37
CA PRO B 738 35.13 -19.38 10.64
C PRO B 738 35.63 -19.95 9.33
N THR B 739 35.73 -21.28 9.24
CA THR B 739 36.28 -21.95 8.08
C THR B 739 35.15 -22.57 7.27
N ASN B 740 35.47 -22.90 6.02
CA ASN B 740 34.59 -23.70 5.19
C ASN B 740 34.99 -25.16 5.37
N PRO B 741 34.10 -26.04 5.88
CA PRO B 741 34.55 -27.42 6.08
C PRO B 741 34.75 -28.18 4.78
N MET B 742 34.19 -27.67 3.67
CA MET B 742 34.25 -28.37 2.40
C MET B 742 35.37 -27.92 1.48
N LEU B 743 36.24 -27.00 1.89
CA LEU B 743 37.42 -26.72 1.10
C LEU B 743 38.34 -27.94 1.06
N PHE B 744 38.65 -28.50 2.23
CA PHE B 744 39.47 -29.71 2.30
C PHE B 744 38.85 -30.85 1.50
N HIS B 745 37.52 -30.95 1.49
CA HIS B 745 36.86 -32.00 0.72
C HIS B 745 37.04 -31.77 -0.78
N LEU B 746 37.43 -30.55 -1.19
CA LEU B 746 37.72 -30.27 -2.58
C LEU B 746 39.21 -30.47 -2.90
N ILE B 747 40.09 -30.22 -1.92
CA ILE B 747 41.52 -30.43 -2.12
C ILE B 747 41.79 -31.88 -2.47
N ARG B 748 41.03 -32.80 -1.88
CA ARG B 748 41.22 -34.23 -2.14
C ARG B 748 40.97 -34.57 -3.61
N ASP B 749 39.80 -34.17 -4.12
CA ASP B 749 39.36 -34.62 -5.44
C ASP B 749 40.28 -34.14 -6.54
N VAL B 750 40.95 -32.99 -6.34
CA VAL B 750 41.88 -32.50 -7.35
C VAL B 750 43.24 -33.19 -7.25
N LYS B 751 43.59 -33.73 -6.09
CA LYS B 751 44.78 -34.58 -5.92
C LYS B 751 44.44 -36.07 -6.03
N GLN B 752 43.17 -36.41 -6.14
CA GLN B 752 42.60 -37.71 -6.50
C GLN B 752 42.66 -38.78 -5.42
N GLY B 753 43.58 -38.70 -4.46
CA GLY B 753 43.37 -39.41 -3.21
C GLY B 753 44.21 -38.98 -2.02
N ASN B 754 45.15 -38.07 -2.24
CA ASN B 754 46.30 -37.97 -1.34
C ASN B 754 46.15 -36.80 -0.39
N LEU B 755 46.26 -37.09 0.90
CA LEU B 755 45.99 -36.11 1.95
C LEU B 755 46.64 -36.56 3.25
N PRO B 756 47.91 -36.24 3.50
CA PRO B 756 48.49 -36.55 4.82
C PRO B 756 47.83 -35.71 5.89
N PRO B 757 47.89 -36.13 7.16
CA PRO B 757 47.17 -35.37 8.20
C PRO B 757 47.83 -34.03 8.51
N GLY B 758 49.14 -33.93 8.28
CA GLY B 758 49.87 -32.69 8.50
C GLY B 758 49.98 -31.88 7.23
N TYR B 759 48.91 -31.85 6.45
CA TYR B 759 48.94 -31.22 5.13
C TYR B 759 48.74 -29.71 5.25
N LYS B 760 49.68 -28.97 4.69
CA LYS B 760 49.56 -27.51 4.55
C LYS B 760 49.13 -27.22 3.12
N ILE B 761 47.97 -26.58 2.97
CA ILE B 761 47.45 -26.25 1.65
C ILE B 761 48.42 -25.32 0.95
N THR B 762 48.59 -25.53 -0.36
CA THR B 762 49.45 -24.73 -1.21
C THR B 762 48.62 -24.06 -2.30
N LEU B 763 49.18 -22.98 -2.86
CA LEU B 763 48.43 -22.21 -3.85
C LEU B 763 48.35 -22.93 -5.18
N ILE B 764 49.27 -23.86 -5.43
CA ILE B 764 49.12 -24.75 -6.58
C ILE B 764 47.83 -25.56 -6.44
N ASP B 765 47.52 -25.96 -5.21
CA ASP B 765 46.33 -26.76 -4.97
C ASP B 765 45.07 -25.90 -4.97
N ILE B 766 45.20 -24.64 -4.55
CA ILE B 766 44.07 -23.71 -4.65
C ILE B 766 43.74 -23.46 -6.12
N GLY B 767 44.77 -23.27 -6.95
CA GLY B 767 44.55 -23.05 -8.37
C GLY B 767 43.77 -24.16 -9.02
N LEU B 768 44.03 -25.41 -8.63
CA LEU B 768 43.33 -26.54 -9.23
C LEU B 768 41.88 -26.61 -8.76
N VAL B 769 41.61 -26.15 -7.54
CA VAL B 769 40.23 -26.04 -7.09
C VAL B 769 39.50 -25.00 -7.93
N ILE B 770 40.14 -23.85 -8.16
CA ILE B 770 39.52 -22.77 -8.91
C ILE B 770 39.25 -23.21 -10.34
N GLU B 771 40.25 -23.80 -11.00
CA GLU B 771 40.06 -24.28 -12.36
C GLU B 771 38.98 -25.34 -12.43
N TYR B 772 38.87 -26.17 -11.39
CA TYR B 772 37.79 -27.15 -11.32
C TYR B 772 36.44 -26.48 -11.17
N LEU B 773 36.33 -25.54 -10.24
CA LEU B 773 35.05 -24.88 -9.98
C LEU B 773 34.63 -24.01 -11.16
N MET B 774 35.54 -23.17 -11.65
CA MET B 774 35.23 -22.29 -12.75
C MET B 774 34.98 -23.05 -14.05
N GLY B 775 35.54 -24.25 -14.19
CA GLY B 775 35.19 -25.13 -15.28
C GLY B 775 35.69 -24.66 -16.63
N GLY B 776 35.30 -25.43 -17.64
CA GLY B 776 35.62 -25.08 -19.01
C GLY B 776 37.11 -25.19 -19.27
N THR B 777 37.69 -24.08 -19.72
CA THR B 777 39.12 -23.97 -20.02
C THR B 777 39.76 -22.89 -19.17
N TYR B 778 39.16 -22.57 -18.03
CA TYR B 778 39.70 -21.54 -17.16
C TYR B 778 41.02 -22.00 -16.58
N ARG B 779 41.99 -21.09 -16.55
CA ARG B 779 43.34 -21.38 -16.10
C ARG B 779 43.78 -20.28 -15.14
N CYS B 780 44.16 -20.67 -13.93
CA CYS B 780 44.49 -19.72 -12.88
C CYS B 780 45.97 -19.37 -12.94
N THR B 781 46.31 -18.17 -12.45
CA THR B 781 47.69 -17.72 -12.49
C THR B 781 48.57 -18.51 -11.51
N TYR B 782 47.95 -19.23 -10.57
CA TYR B 782 48.73 -20.07 -9.66
C TYR B 782 49.33 -21.27 -10.35
N THR B 783 48.75 -21.73 -11.46
CA THR B 783 49.15 -22.97 -12.11
C THR B 783 50.01 -22.72 -13.35
N ARG B 784 50.58 -21.52 -13.48
CA ARG B 784 51.35 -21.14 -14.66
C ARG B 784 52.84 -21.28 -14.38
N LYS B 785 53.60 -21.30 -15.46
CA LYS B 785 55.05 -21.46 -15.38
C LYS B 785 55.69 -20.37 -14.53
N ARG B 786 55.26 -19.13 -14.73
CA ARG B 786 55.81 -18.00 -14.00
C ARG B 786 55.67 -18.18 -12.49
N PHE B 787 54.49 -18.62 -12.04
CA PHE B 787 54.25 -18.70 -10.61
C PHE B 787 54.89 -19.93 -10.00
N ARG B 788 54.84 -21.06 -10.71
CA ARG B 788 55.38 -22.31 -10.18
C ARG B 788 56.87 -22.21 -9.88
N LEU B 789 57.58 -21.36 -10.63
CA LEU B 789 59.02 -21.22 -10.44
C LEU B 789 59.32 -20.32 -9.25
N ILE B 790 58.75 -19.12 -9.24
CA ILE B 790 58.96 -18.19 -8.12
C ILE B 790 58.44 -18.77 -6.82
N TYR B 791 57.39 -19.60 -6.90
CA TYR B 791 56.87 -20.26 -5.71
C TYR B 791 57.88 -21.26 -5.17
N ASN B 792 58.50 -22.04 -6.06
CA ASN B 792 59.54 -22.98 -5.63
C ASN B 792 60.81 -22.26 -5.19
N SER B 793 61.11 -21.12 -5.81
CA SER B 793 62.29 -20.34 -5.45
C SER B 793 62.18 -19.82 -4.02
N LEU B 794 61.18 -19.00 -3.75
CA LEU B 794 61.00 -18.37 -2.45
C LEU B 794 60.80 -19.42 -1.36
N GLU B 868 58.49 -5.67 -5.70
CA GLU B 868 59.21 -6.92 -5.44
C GLU B 868 58.41 -8.01 -6.18
N THR B 869 58.55 -9.26 -5.77
CA THR B 869 58.23 -10.42 -6.60
C THR B 869 57.36 -11.43 -5.89
N LYS B 870 57.54 -11.63 -4.58
CA LYS B 870 56.59 -12.37 -3.78
C LYS B 870 55.27 -11.64 -3.61
N ARG B 871 55.21 -10.34 -3.91
CA ARG B 871 53.98 -9.58 -3.89
C ARG B 871 53.12 -9.99 -5.07
N PHE B 872 51.89 -9.44 -5.12
CA PHE B 872 50.96 -9.63 -6.21
C PHE B 872 50.62 -8.23 -6.74
N PRO B 873 50.32 -8.10 -8.04
CA PRO B 873 49.91 -6.78 -8.53
C PRO B 873 48.48 -6.40 -8.16
N TYR B 874 47.63 -7.39 -7.92
CA TYR B 874 46.21 -7.15 -7.65
C TYR B 874 45.81 -8.03 -6.47
N PRO B 875 46.11 -7.60 -5.24
CA PRO B 875 45.86 -8.47 -4.08
C PRO B 875 44.41 -8.54 -3.66
N LEU B 876 43.61 -7.52 -3.98
CA LEU B 876 42.19 -7.58 -3.64
C LEU B 876 41.46 -8.65 -4.43
N ASN B 877 42.04 -9.11 -5.55
CA ASN B 877 41.49 -10.25 -6.27
C ASN B 877 41.80 -11.55 -5.54
N GLU B 878 43.03 -11.68 -5.05
CA GLU B 878 43.46 -12.89 -4.37
C GLU B 878 42.70 -13.09 -3.06
N LEU B 879 42.31 -11.98 -2.42
CA LEU B 879 41.58 -12.07 -1.17
C LEU B 879 40.10 -12.32 -1.39
N LEU B 880 39.54 -11.80 -2.49
CA LEU B 880 38.13 -12.05 -2.81
C LEU B 880 37.89 -13.54 -3.02
N ILE B 881 38.83 -14.21 -3.66
CA ILE B 881 38.71 -15.66 -3.87
C ILE B 881 38.84 -16.39 -2.55
N TRP B 882 39.80 -15.97 -1.73
CA TRP B 882 39.97 -16.52 -0.39
C TRP B 882 38.69 -16.44 0.42
N ALA B 883 38.11 -15.24 0.53
CA ALA B 883 36.93 -15.04 1.35
C ALA B 883 35.75 -15.86 0.87
N CYS B 884 35.71 -16.17 -0.43
CA CYS B 884 34.59 -16.93 -0.98
C CYS B 884 34.80 -18.43 -0.81
N LEU B 885 36.04 -18.90 -0.97
CA LEU B 885 36.34 -20.30 -0.70
C LEU B 885 36.20 -20.64 0.77
N MET B 886 36.49 -19.69 1.65
CA MET B 886 36.34 -19.87 3.08
C MET B 886 34.92 -19.59 3.58
N LYS B 887 33.97 -19.31 2.68
CA LYS B 887 32.59 -18.99 3.05
C LYS B 887 32.56 -17.82 4.03
N ARG B 888 33.14 -16.70 3.61
CA ARG B 888 33.14 -15.47 4.39
C ARG B 888 32.55 -14.35 3.55
N GLN B 889 31.22 -14.25 3.62
CA GLN B 889 30.47 -13.36 2.74
C GLN B 889 30.65 -11.90 3.13
N VAL B 890 30.61 -11.59 4.42
CA VAL B 890 30.70 -10.21 4.86
C VAL B 890 32.08 -9.65 4.55
N MET B 891 33.10 -10.50 4.59
CA MET B 891 34.43 -10.09 4.16
C MET B 891 34.52 -9.99 2.65
N ALA B 892 33.83 -10.88 1.94
CA ALA B 892 33.87 -10.86 0.48
C ALA B 892 33.21 -9.62 -0.08
N ARG B 893 32.08 -9.20 0.51
CA ARG B 893 31.42 -7.97 0.07
C ARG B 893 32.32 -6.76 0.29
N PHE B 894 32.99 -6.71 1.43
CA PHE B 894 33.87 -5.57 1.72
C PHE B 894 35.00 -5.49 0.71
N LEU B 895 35.69 -6.61 0.48
CA LEU B 895 36.83 -6.61 -0.43
C LEU B 895 36.40 -6.39 -1.87
N TRP B 896 35.17 -6.76 -2.22
CA TRP B 896 34.68 -6.52 -3.56
C TRP B 896 34.60 -5.03 -3.87
N GLN B 897 34.16 -4.23 -2.89
CA GLN B 897 34.03 -2.80 -3.09
C GLN B 897 35.36 -2.11 -3.28
N HIS B 898 36.47 -2.74 -2.90
CA HIS B 898 37.80 -2.19 -3.05
C HIS B 898 38.52 -2.89 -4.20
N GLY B 899 39.20 -2.09 -5.01
CA GLY B 899 39.84 -2.57 -6.22
C GLY B 899 39.06 -2.18 -7.45
N GLU B 900 39.48 -2.77 -8.58
CA GLU B 900 38.91 -2.48 -9.89
C GLU B 900 38.31 -3.74 -10.46
N GLU B 901 37.57 -3.58 -11.57
CA GLU B 901 36.84 -4.65 -12.23
C GLU B 901 35.76 -5.23 -11.33
N SER B 902 34.86 -4.37 -10.85
CA SER B 902 33.87 -4.80 -9.87
C SER B 902 32.84 -5.76 -10.45
N MET B 903 32.37 -5.47 -11.67
CA MET B 903 31.34 -6.31 -12.28
C MET B 903 31.90 -7.69 -12.62
N ALA B 904 33.17 -7.75 -13.00
CA ALA B 904 33.80 -9.03 -13.30
C ALA B 904 33.94 -9.88 -12.05
N LYS B 905 34.43 -9.28 -10.97
CA LYS B 905 34.63 -10.02 -9.72
C LYS B 905 33.32 -10.57 -9.18
N ALA B 906 32.22 -9.86 -9.40
CA ALA B 906 30.93 -10.33 -8.91
C ALA B 906 30.44 -11.53 -9.69
N LEU B 907 30.79 -11.63 -10.97
CA LEU B 907 30.37 -12.76 -11.78
C LEU B 907 31.26 -13.98 -11.52
N VAL B 908 32.51 -13.75 -11.12
CA VAL B 908 33.37 -14.84 -10.65
C VAL B 908 32.82 -15.43 -9.36
N ALA B 909 32.53 -14.57 -8.39
CA ALA B 909 32.04 -15.03 -7.09
C ALA B 909 30.76 -15.83 -7.23
N CYS B 910 29.84 -15.36 -8.07
CA CYS B 910 28.61 -16.10 -8.34
C CYS B 910 28.90 -17.50 -8.84
N LYS B 911 29.92 -17.62 -9.69
CA LYS B 911 30.28 -18.92 -10.26
C LYS B 911 30.86 -19.84 -9.19
N ILE B 912 31.76 -19.31 -8.37
CA ILE B 912 32.46 -20.13 -7.38
C ILE B 912 31.49 -20.69 -6.35
N TYR B 913 30.56 -19.86 -5.86
CA TYR B 913 29.59 -20.36 -4.89
C TYR B 913 28.63 -21.37 -5.52
N ARG B 914 28.19 -21.10 -6.75
CA ARG B 914 27.28 -22.02 -7.44
C ARG B 914 27.88 -23.39 -7.60
N SER B 915 29.18 -23.45 -7.87
CA SER B 915 29.83 -24.74 -8.08
C SER B 915 30.07 -25.47 -6.76
N MET B 916 30.36 -24.73 -5.69
CA MET B 916 30.46 -25.36 -4.38
C MET B 916 29.10 -25.82 -3.88
N ALA B 917 28.03 -25.12 -4.25
CA ALA B 917 26.70 -25.56 -3.87
C ALA B 917 26.36 -26.90 -4.51
N TYR B 918 26.77 -27.09 -5.75
CA TYR B 918 26.51 -28.33 -6.46
C TYR B 918 27.25 -29.51 -5.82
N GLU B 919 28.53 -29.31 -5.51
CA GLU B 919 29.32 -30.38 -4.90
C GLU B 919 28.76 -30.75 -3.53
N ALA B 920 28.20 -29.77 -2.81
CA ALA B 920 27.65 -30.01 -1.50
C ALA B 920 26.38 -30.87 -1.59
N LYS B 921 25.59 -30.67 -2.64
CA LYS B 921 24.46 -31.56 -2.91
C LYS B 921 24.98 -32.97 -3.13
N GLN B 922 25.91 -33.11 -4.07
CA GLN B 922 26.50 -34.37 -4.48
C GLN B 922 27.41 -34.99 -3.44
N SER B 923 27.62 -34.40 -2.26
CA SER B 923 28.50 -34.96 -1.24
C SER B 923 27.69 -35.29 0.00
N ASP B 924 28.26 -36.15 0.85
CA ASP B 924 27.57 -36.73 1.98
C ASP B 924 28.13 -36.12 3.26
N LEU B 925 27.57 -34.97 3.64
CA LEU B 925 28.01 -34.25 4.84
C LEU B 925 26.80 -33.94 5.71
N VAL B 926 27.08 -33.50 6.93
CA VAL B 926 26.04 -33.34 7.95
C VAL B 926 25.17 -32.13 7.63
N ASP B 927 25.81 -30.99 7.34
CA ASP B 927 25.08 -29.79 6.92
C ASP B 927 25.41 -29.51 5.47
N ASP B 928 24.36 -29.43 4.65
CA ASP B 928 24.56 -29.25 3.22
C ASP B 928 25.19 -27.90 2.92
N THR B 929 24.75 -26.84 3.62
CA THR B 929 25.26 -25.49 3.41
C THR B 929 25.01 -24.98 1.99
N SER B 930 24.19 -25.66 1.20
CA SER B 930 24.13 -25.37 -0.23
C SER B 930 23.12 -24.27 -0.52
N GLU B 931 22.04 -24.21 0.25
CA GLU B 931 21.12 -23.09 0.15
C GLU B 931 21.77 -21.81 0.67
N GLU B 932 22.76 -21.94 1.55
CA GLU B 932 23.55 -20.81 1.99
C GLU B 932 24.46 -20.33 0.86
N LEU B 933 25.13 -21.25 0.18
CA LEU B 933 26.02 -20.89 -0.92
C LEU B 933 25.22 -20.43 -2.12
N LYS B 934 24.10 -21.08 -2.40
CA LYS B 934 23.21 -20.65 -3.47
C LYS B 934 22.66 -19.25 -3.20
N GLN B 935 22.54 -18.88 -1.92
CA GLN B 935 22.11 -17.55 -1.56
C GLN B 935 23.23 -16.54 -1.77
N TYR B 936 24.47 -16.97 -1.54
CA TYR B 936 25.61 -16.09 -1.72
C TYR B 936 25.90 -15.86 -3.19
N SER B 937 25.64 -16.87 -4.03
CA SER B 937 25.83 -16.73 -5.46
C SER B 937 24.85 -15.71 -6.04
N ASN B 938 23.61 -15.73 -5.57
CA ASN B 938 22.60 -14.84 -6.13
C ASN B 938 22.75 -13.41 -5.59
N ASP B 939 23.45 -13.24 -4.47
CA ASP B 939 23.73 -11.91 -3.98
C ASP B 939 24.70 -11.18 -4.89
N PHE B 940 25.82 -11.83 -5.24
CA PHE B 940 26.75 -11.20 -6.18
C PHE B 940 26.16 -11.11 -7.58
N GLY B 941 25.35 -12.08 -7.97
CA GLY B 941 24.72 -12.02 -9.28
C GLY B 941 23.78 -10.86 -9.42
N GLN B 942 23.10 -10.50 -8.33
CA GLN B 942 22.21 -9.34 -8.37
C GLN B 942 23.02 -8.04 -8.47
N LEU B 943 24.19 -8.00 -7.85
CA LEU B 943 25.04 -6.81 -7.93
C LEU B 943 25.50 -6.56 -9.37
N ALA B 944 25.92 -7.63 -10.06
CA ALA B 944 26.37 -7.50 -11.44
C ALA B 944 25.27 -6.94 -12.33
N VAL B 945 24.03 -7.37 -12.10
CA VAL B 945 22.91 -6.88 -12.90
C VAL B 945 22.66 -5.41 -12.60
N GLU B 946 22.74 -5.03 -11.33
CA GLU B 946 22.45 -3.66 -10.93
C GLU B 946 23.53 -2.70 -11.43
N LEU B 947 24.76 -3.18 -11.56
CA LEU B 947 25.83 -2.35 -12.13
C LEU B 947 25.64 -2.16 -13.63
N LEU B 948 25.16 -3.20 -14.32
CA LEU B 948 24.95 -3.11 -15.75
C LEU B 948 23.83 -2.14 -16.08
N GLU B 949 22.75 -2.17 -15.30
CA GLU B 949 21.68 -1.20 -15.48
C GLU B 949 22.18 0.22 -15.24
N GLN B 950 23.07 0.37 -14.26
CA GLN B 950 23.65 1.68 -13.98
C GLN B 950 24.48 2.18 -15.16
N SER B 951 25.31 1.30 -15.72
CA SER B 951 26.13 1.67 -16.88
C SER B 951 25.27 1.93 -18.10
N PHE B 952 24.22 1.14 -18.29
CA PHE B 952 23.36 1.27 -19.46
C PHE B 952 22.61 2.60 -19.46
N ARG B 953 22.20 3.07 -18.28
CA ARG B 953 21.52 4.36 -18.20
C ARG B 953 22.47 5.53 -18.41
N GLN B 954 23.78 5.31 -18.30
CA GLN B 954 24.79 6.34 -18.54
C GLN B 954 25.21 6.41 -20.00
N ASP B 955 25.63 5.28 -20.57
CA ASP B 955 26.02 5.24 -21.98
C ASP B 955 25.83 3.82 -22.48
N GLU B 956 24.95 3.65 -23.46
CA GLU B 956 24.60 2.31 -23.95
C GLU B 956 25.77 1.66 -24.67
N THR B 957 26.51 2.44 -25.46
CA THR B 957 27.56 1.87 -26.30
C THR B 957 28.73 1.41 -25.45
N MET B 958 29.09 2.18 -24.43
CA MET B 958 30.20 1.80 -23.57
C MET B 958 29.84 0.63 -22.66
N ALA B 959 28.56 0.53 -22.28
CA ALA B 959 28.10 -0.61 -21.50
C ALA B 959 28.20 -1.90 -22.31
N MET B 960 27.90 -1.84 -23.61
CA MET B 960 28.04 -3.02 -24.45
C MET B 960 29.50 -3.40 -24.63
N LYS B 961 30.40 -2.42 -24.66
CA LYS B 961 31.83 -2.73 -24.66
C LYS B 961 32.22 -3.44 -23.38
N LEU B 962 31.58 -3.10 -22.26
CA LEU B 962 31.98 -3.70 -20.99
C LEU B 962 31.72 -5.20 -20.97
N LEU B 963 30.75 -5.66 -21.76
CA LEU B 963 30.37 -7.06 -21.73
C LEU B 963 31.38 -7.94 -22.46
N THR B 964 32.28 -7.35 -23.25
CA THR B 964 33.06 -8.11 -24.23
C THR B 964 34.57 -7.88 -24.18
N TYR B 965 35.08 -6.92 -23.40
CA TYR B 965 36.52 -6.77 -23.29
C TYR B 965 37.14 -7.92 -22.49
N GLU B 966 38.35 -8.32 -22.87
CA GLU B 966 39.06 -9.32 -22.10
C GLU B 966 39.57 -8.73 -20.80
N LEU B 967 39.78 -9.61 -19.82
CA LEU B 967 39.97 -9.20 -18.44
C LEU B 967 41.42 -9.29 -17.99
N LYS B 968 42.17 -10.29 -18.47
CA LYS B 968 43.62 -10.42 -18.31
C LYS B 968 44.07 -10.81 -16.91
N ASN B 969 43.16 -10.81 -15.94
CA ASN B 969 43.39 -11.41 -14.64
C ASN B 969 42.43 -12.55 -14.38
N TRP B 970 41.55 -12.86 -15.35
CA TRP B 970 40.50 -13.85 -15.20
C TRP B 970 40.54 -14.79 -16.40
N SER B 971 41.76 -15.15 -16.79
CA SER B 971 42.03 -16.14 -17.82
C SER B 971 41.51 -15.69 -19.19
N ASN B 972 41.68 -14.41 -19.48
CA ASN B 972 41.38 -13.85 -20.79
C ASN B 972 39.91 -14.05 -21.14
N SER B 973 39.07 -14.06 -20.11
CA SER B 973 37.66 -14.34 -20.26
C SER B 973 36.89 -13.04 -20.39
N THR B 974 35.57 -13.16 -20.29
CA THR B 974 34.66 -12.09 -20.66
C THR B 974 33.50 -12.10 -19.68
N CYS B 975 33.06 -10.91 -19.27
CA CYS B 975 32.00 -10.81 -18.27
C CYS B 975 30.72 -11.47 -18.75
N LEU B 976 30.44 -11.35 -20.05
CA LEU B 976 29.25 -11.94 -20.61
C LEU B 976 29.39 -13.47 -20.72
N LYS B 977 30.62 -13.95 -20.89
CA LYS B 977 30.85 -15.39 -20.87
C LYS B 977 30.74 -15.96 -19.46
N LEU B 978 31.19 -15.21 -18.46
CA LEU B 978 31.11 -15.69 -17.08
C LEU B 978 29.67 -15.83 -16.62
N ALA B 979 28.80 -14.93 -17.08
CA ALA B 979 27.40 -14.98 -16.67
C ALA B 979 26.67 -16.15 -17.30
N VAL B 980 27.01 -16.49 -18.55
CA VAL B 980 26.45 -17.67 -19.19
C VAL B 980 26.90 -18.92 -18.46
N SER B 981 28.15 -18.95 -18.02
CA SER B 981 28.69 -20.12 -17.34
C SER B 981 27.95 -20.39 -16.03
N SER B 982 27.47 -19.34 -15.37
CA SER B 982 26.68 -19.47 -14.16
C SER B 982 25.18 -19.56 -14.42
N ARG B 983 24.75 -19.47 -15.68
CA ARG B 983 23.33 -19.42 -16.01
C ARG B 983 22.64 -18.29 -15.28
N LEU B 984 23.24 -17.12 -15.35
CA LEU B 984 22.81 -15.93 -14.63
C LEU B 984 22.01 -15.09 -15.62
N ARG B 985 20.72 -15.44 -15.70
CA ARG B 985 19.80 -15.05 -16.77
C ARG B 985 19.32 -13.60 -16.76
N PRO B 986 19.10 -12.95 -15.62
CA PRO B 986 18.71 -11.54 -15.67
C PRO B 986 19.76 -10.64 -16.30
N PHE B 987 21.01 -11.08 -16.29
CA PHE B 987 22.12 -10.38 -16.94
C PHE B 987 22.11 -10.60 -18.44
N VAL B 988 21.83 -11.83 -18.88
CA VAL B 988 21.77 -12.13 -20.30
C VAL B 988 20.43 -11.68 -20.89
N ALA B 989 19.37 -11.71 -20.10
CA ALA B 989 18.07 -11.19 -20.52
C ALA B 989 17.95 -9.68 -20.39
N HIS B 990 19.05 -8.98 -20.10
CA HIS B 990 19.02 -7.55 -19.90
C HIS B 990 19.06 -6.80 -21.24
N THR B 991 18.42 -5.62 -21.24
CA THR B 991 18.23 -4.84 -22.46
C THR B 991 19.55 -4.54 -23.16
N CYS B 992 20.59 -4.24 -22.39
CA CYS B 992 21.91 -3.92 -22.94
C CYS B 992 22.47 -5.04 -23.79
N THR B 993 22.51 -6.26 -23.25
CA THR B 993 23.14 -7.36 -23.97
C THR B 993 22.22 -7.97 -25.02
N GLN B 994 20.91 -7.80 -24.88
CA GLN B 994 20.02 -8.09 -25.99
C GLN B 994 20.28 -7.15 -27.17
N MET B 995 20.50 -5.88 -26.87
CA MET B 995 20.88 -4.91 -27.90
C MET B 995 22.17 -5.34 -28.61
N LEU B 996 23.11 -5.90 -27.85
CA LEU B 996 24.38 -6.33 -28.43
C LEU B 996 24.20 -7.55 -29.32
N LEU B 997 23.41 -8.53 -28.87
CA LEU B 997 23.16 -9.72 -29.68
C LEU B 997 22.45 -9.36 -30.97
N SER B 998 21.64 -8.31 -30.96
CA SER B 998 20.97 -7.87 -32.18
C SER B 998 21.92 -7.15 -33.13
N ASP B 999 22.98 -6.55 -32.59
CA ASP B 999 23.98 -5.92 -33.45
C ASP B 999 24.97 -6.93 -34.00
N MET B 1000 25.25 -7.98 -33.23
CA MET B 1000 26.05 -9.08 -33.73
C MET B 1000 25.30 -9.89 -34.78
N TRP B 1001 23.98 -9.92 -34.68
CA TRP B 1001 23.14 -10.58 -35.68
C TRP B 1001 23.23 -9.90 -37.03
N MET B 1002 23.21 -8.56 -37.04
CA MET B 1002 23.33 -7.79 -38.27
C MET B 1002 24.65 -8.04 -38.97
N GLY B 1003 25.76 -7.92 -38.25
CA GLY B 1003 27.07 -7.77 -38.86
C GLY B 1003 27.26 -6.35 -39.35
N ARG B 1004 27.95 -6.17 -40.47
CA ARG B 1004 28.10 -4.84 -41.06
C ARG B 1004 26.78 -4.27 -41.57
N LEU B 1005 25.79 -5.11 -41.83
CA LEU B 1005 24.54 -4.65 -42.41
C LEU B 1005 23.84 -3.70 -41.47
N ASN B 1006 23.45 -2.54 -41.98
CA ASN B 1006 22.66 -1.59 -41.20
C ASN B 1006 21.20 -1.94 -41.45
N MET B 1007 20.58 -2.59 -40.47
CA MET B 1007 19.25 -3.19 -40.63
C MET B 1007 18.17 -2.37 -39.92
N ARG B 1008 18.36 -1.07 -39.83
CA ARG B 1008 17.28 -0.12 -39.61
C ARG B 1008 16.79 0.48 -40.91
N LYS B 1009 17.73 0.69 -41.84
CA LYS B 1009 17.42 1.15 -43.18
C LYS B 1009 16.88 0.01 -44.04
N ASN B 1010 17.58 -1.13 -44.00
CA ASN B 1010 17.21 -2.29 -44.80
C ASN B 1010 16.06 -3.05 -44.17
N SER B 1011 15.48 -3.97 -44.92
CA SER B 1011 14.41 -4.83 -44.43
C SER B 1011 14.65 -6.24 -44.92
N TRP B 1012 13.92 -7.17 -44.32
CA TRP B 1012 14.07 -8.58 -44.69
C TRP B 1012 13.56 -8.86 -46.10
N TYR B 1013 12.76 -7.96 -46.67
CA TYR B 1013 12.43 -8.06 -48.09
C TYR B 1013 13.70 -8.09 -48.93
N LYS B 1014 14.69 -7.29 -48.54
CA LYS B 1014 15.81 -7.00 -49.43
C LYS B 1014 17.01 -7.91 -49.14
N VAL B 1015 17.04 -8.54 -47.97
CA VAL B 1015 18.07 -9.53 -47.68
C VAL B 1015 17.79 -10.82 -48.42
N ILE B 1016 16.54 -11.29 -48.36
CA ILE B 1016 16.14 -12.48 -49.09
C ILE B 1016 16.32 -12.26 -50.59
N LEU B 1017 15.89 -11.10 -51.08
CA LEU B 1017 16.12 -10.71 -52.47
C LEU B 1017 17.60 -10.79 -52.83
N SER B 1018 18.46 -10.23 -51.99
CA SER B 1018 19.88 -10.16 -52.31
C SER B 1018 20.56 -11.52 -52.28
N ILE B 1019 19.97 -12.48 -51.54
CA ILE B 1019 20.47 -13.84 -51.58
C ILE B 1019 20.14 -14.48 -52.92
N LEU B 1020 18.94 -14.22 -53.43
CA LEU B 1020 18.50 -14.76 -54.71
C LEU B 1020 19.04 -13.96 -55.87
N VAL B 1021 19.21 -12.65 -55.66
CA VAL B 1021 19.75 -11.73 -56.65
C VAL B 1021 21.08 -11.22 -56.10
N PRO B 1022 22.21 -11.88 -56.39
CA PRO B 1022 23.49 -11.46 -55.79
C PRO B 1022 23.87 -10.01 -56.10
N PRO B 1023 23.69 -9.50 -57.34
CA PRO B 1023 24.18 -8.13 -57.59
C PRO B 1023 23.43 -7.05 -56.81
N ALA B 1024 22.28 -7.40 -56.23
CA ALA B 1024 21.57 -6.50 -55.35
C ALA B 1024 22.21 -6.37 -53.96
N ILE B 1025 23.28 -7.13 -53.70
CA ILE B 1025 24.07 -6.92 -52.49
C ILE B 1025 24.70 -5.53 -52.48
N LEU B 1026 24.93 -4.95 -53.64
CA LEU B 1026 25.64 -3.68 -53.76
C LEU B 1026 24.78 -2.47 -53.41
N MET B 1027 23.45 -2.59 -53.50
CA MET B 1027 22.54 -1.49 -53.21
C MET B 1027 21.98 -1.54 -51.79
N LEU B 1028 22.76 -2.06 -50.83
CA LEU B 1028 22.34 -2.16 -49.44
C LEU B 1028 23.20 -1.27 -48.55
N GLU B 1029 22.58 -0.77 -47.49
CA GLU B 1029 23.24 0.13 -46.57
C GLU B 1029 24.00 -0.67 -45.51
N TYR B 1030 25.28 -0.36 -45.36
CA TYR B 1030 26.15 -1.02 -44.39
C TYR B 1030 26.64 -0.01 -43.36
N LYS B 1031 27.42 -0.51 -42.40
CA LYS B 1031 27.84 0.24 -41.23
C LYS B 1031 29.30 0.64 -41.36
N THR B 1032 29.64 1.72 -40.67
CA THR B 1032 30.99 2.23 -40.62
C THR B 1032 31.74 1.58 -39.47
N LYS B 1033 33.06 1.59 -39.57
CA LYS B 1033 33.93 1.03 -38.55
C LYS B 1033 33.66 1.65 -37.18
N ALA B 1034 33.30 2.94 -37.16
CA ALA B 1034 32.92 3.61 -35.93
C ALA B 1034 31.66 3.00 -35.31
N GLU B 1035 30.70 2.62 -36.14
CA GLU B 1035 29.48 1.96 -35.69
C GLU B 1035 29.69 0.49 -35.36
N MET B 1036 30.86 -0.07 -35.66
CA MET B 1036 31.18 -1.47 -35.43
C MET B 1036 32.22 -1.64 -34.33
N SER B 1037 32.33 -0.65 -33.44
CA SER B 1037 33.41 -0.60 -32.47
C SER B 1037 33.10 -1.33 -31.17
N HIS B 1038 31.84 -1.35 -30.75
CA HIS B 1038 31.42 -2.12 -29.58
C HIS B 1038 31.12 -3.57 -29.88
N ILE B 1039 31.22 -3.99 -31.13
CA ILE B 1039 30.83 -5.32 -31.56
C ILE B 1039 32.10 -6.17 -31.67
N PRO B 1040 32.16 -7.35 -31.03
CA PRO B 1040 33.36 -8.18 -31.21
C PRO B 1040 33.39 -8.81 -32.59
N GLN B 1041 34.59 -8.94 -33.13
CA GLN B 1041 34.80 -9.38 -34.51
C GLN B 1041 35.91 -10.41 -34.57
N SER B 1042 35.92 -11.14 -35.67
CA SER B 1042 37.00 -12.08 -35.96
C SER B 1042 38.23 -11.32 -36.46
N GLN B 1043 39.34 -12.06 -36.59
CA GLN B 1043 40.57 -11.47 -37.07
C GLN B 1043 40.42 -10.98 -38.51
N ASP B 1044 40.00 -11.88 -39.40
CA ASP B 1044 39.86 -11.53 -40.81
C ASP B 1044 38.84 -10.41 -41.02
N ALA B 1045 37.84 -10.33 -40.13
CA ALA B 1045 36.84 -9.28 -40.26
C ALA B 1045 37.44 -7.91 -40.02
N HIS B 1046 38.16 -7.74 -38.89
CA HIS B 1046 38.62 -6.39 -38.54
C HIS B 1046 39.59 -5.84 -39.56
N GLN B 1047 40.45 -6.71 -40.11
CA GLN B 1047 41.31 -6.34 -41.24
C GLN B 1047 40.50 -5.67 -42.33
N MET B 1048 39.46 -6.37 -42.79
CA MET B 1048 38.66 -5.88 -43.91
C MET B 1048 37.88 -4.63 -43.54
N THR B 1049 37.39 -4.55 -42.30
CA THR B 1049 36.75 -3.31 -41.85
C THR B 1049 37.78 -2.18 -41.77
N MET B 1050 39.02 -2.51 -41.42
CA MET B 1050 40.06 -1.50 -41.29
C MET B 1050 40.36 -0.82 -42.62
N GLU B 1051 40.50 -1.61 -43.69
CA GLU B 1051 40.64 -1.02 -45.01
C GLU B 1051 39.32 -0.40 -45.44
N LEU B 1093 33.16 1.48 -50.31
CA LEU B 1093 33.80 0.22 -49.96
C LEU B 1093 34.31 -0.46 -51.22
N PRO B 1094 35.37 -1.27 -51.13
CA PRO B 1094 35.73 -2.12 -52.26
C PRO B 1094 34.61 -3.11 -52.56
N ILE B 1095 34.59 -3.61 -53.79
CA ILE B 1095 33.51 -4.47 -54.25
C ILE B 1095 33.56 -5.82 -53.52
N THR B 1096 34.75 -6.42 -53.42
CA THR B 1096 34.85 -7.74 -52.81
C THR B 1096 34.61 -7.68 -51.30
N ARG B 1097 34.88 -6.52 -50.70
CA ARG B 1097 34.61 -6.37 -49.27
C ARG B 1097 33.12 -6.35 -49.01
N LYS B 1098 32.36 -5.76 -49.93
CA LYS B 1098 30.94 -5.58 -49.71
C LYS B 1098 30.18 -6.89 -49.83
N PHE B 1099 30.77 -7.87 -50.55
CA PHE B 1099 30.21 -9.22 -50.56
C PHE B 1099 30.56 -9.97 -49.27
N TYR B 1100 31.80 -9.83 -48.82
CA TYR B 1100 32.26 -10.52 -47.61
C TYR B 1100 31.42 -10.12 -46.41
N ALA B 1101 31.13 -8.83 -46.28
CA ALA B 1101 30.30 -8.35 -45.20
C ALA B 1101 28.92 -9.01 -45.22
N PHE B 1102 28.44 -9.35 -46.41
CA PHE B 1102 27.09 -9.89 -46.56
C PHE B 1102 27.03 -11.36 -46.19
N TYR B 1103 27.89 -12.17 -46.79
CA TYR B 1103 27.81 -13.62 -46.66
C TYR B 1103 28.38 -14.14 -45.33
N HIS B 1104 28.91 -13.27 -44.48
CA HIS B 1104 29.44 -13.64 -43.19
C HIS B 1104 28.65 -13.02 -42.04
N ALA B 1105 27.55 -12.33 -42.33
CA ALA B 1105 26.61 -11.88 -41.31
C ALA B 1105 25.75 -13.05 -40.84
N PRO B 1106 25.47 -13.19 -39.54
CA PRO B 1106 24.63 -14.32 -39.11
C PRO B 1106 23.20 -14.28 -39.63
N ILE B 1107 22.64 -13.08 -39.82
CA ILE B 1107 21.29 -12.97 -40.37
C ILE B 1107 21.23 -13.57 -41.77
N VAL B 1108 22.29 -13.42 -42.55
CA VAL B 1108 22.26 -13.88 -43.93
C VAL B 1108 22.40 -15.39 -43.98
N LYS B 1109 23.26 -15.96 -43.13
CA LYS B 1109 23.39 -17.41 -43.05
C LYS B 1109 22.07 -18.05 -42.65
N PHE B 1110 21.34 -17.40 -41.76
CA PHE B 1110 20.05 -17.90 -41.30
C PHE B 1110 19.06 -18.07 -42.45
N TRP B 1111 18.81 -17.00 -43.19
CA TRP B 1111 17.83 -17.06 -44.27
C TRP B 1111 18.34 -17.91 -45.42
N PHE B 1112 19.66 -18.01 -45.56
CA PHE B 1112 20.28 -18.78 -46.63
C PHE B 1112 20.24 -20.27 -46.32
N ASN B 1113 20.17 -20.61 -45.03
CA ASN B 1113 19.86 -21.98 -44.61
C ASN B 1113 18.34 -22.21 -44.60
N THR B 1114 17.59 -21.22 -44.12
CA THR B 1114 16.13 -21.35 -44.01
C THR B 1114 15.50 -21.66 -45.36
N LEU B 1115 15.91 -20.95 -46.41
CA LEU B 1115 15.35 -21.17 -47.74
C LEU B 1115 15.73 -22.53 -48.29
N ALA B 1116 16.96 -22.98 -47.99
CA ALA B 1116 17.37 -24.31 -48.42
C ALA B 1116 16.63 -25.39 -47.64
N TYR B 1117 16.32 -25.12 -46.37
CA TYR B 1117 15.56 -26.06 -45.57
C TYR B 1117 14.13 -26.18 -46.05
N LEU B 1118 13.55 -25.08 -46.54
CA LEU B 1118 12.18 -25.12 -47.04
C LEU B 1118 12.13 -25.81 -48.41
N GLY B 1119 13.11 -25.53 -49.27
CA GLY B 1119 13.21 -26.27 -50.51
C GLY B 1119 13.43 -27.75 -50.28
N PHE B 1120 14.10 -28.08 -49.18
CA PHE B 1120 14.28 -29.48 -48.80
C PHE B 1120 12.96 -30.15 -48.48
N LEU B 1121 12.13 -29.53 -47.65
CA LEU B 1121 10.87 -30.14 -47.24
C LEU B 1121 9.92 -30.31 -48.42
N MET B 1122 9.85 -29.31 -49.30
CA MET B 1122 9.00 -29.39 -50.49
C MET B 1122 9.29 -30.64 -51.30
N LEU B 1123 10.56 -30.97 -51.50
CA LEU B 1123 10.91 -32.16 -52.24
C LEU B 1123 10.58 -33.43 -51.47
N TYR B 1124 11.01 -33.49 -50.21
CA TYR B 1124 10.75 -34.67 -49.39
C TYR B 1124 9.26 -34.85 -49.14
N THR B 1125 8.49 -33.78 -49.25
CA THR B 1125 7.03 -33.89 -49.30
C THR B 1125 6.56 -34.44 -50.65
N PHE B 1126 7.19 -34.00 -51.74
CA PHE B 1126 6.88 -34.54 -53.05
C PHE B 1126 7.23 -36.02 -53.15
N VAL B 1127 8.38 -36.40 -52.59
CA VAL B 1127 8.85 -37.79 -52.67
C VAL B 1127 7.92 -38.71 -51.92
N VAL B 1128 7.41 -38.26 -50.77
CA VAL B 1128 6.69 -39.15 -49.87
C VAL B 1128 5.23 -39.28 -50.29
N LEU B 1129 4.70 -38.31 -51.03
CA LEU B 1129 3.33 -38.34 -51.51
C LEU B 1129 3.19 -38.96 -52.89
N VAL B 1130 4.23 -38.91 -53.71
CA VAL B 1130 4.21 -39.41 -55.07
C VAL B 1130 4.74 -40.84 -55.04
N LYS B 1131 4.23 -41.68 -55.94
CA LYS B 1131 4.62 -43.08 -56.03
C LYS B 1131 6.13 -43.23 -56.13
N MET B 1132 6.65 -44.24 -55.43
CA MET B 1132 8.07 -44.53 -55.38
C MET B 1132 8.36 -45.82 -56.13
N GLU B 1133 9.35 -45.77 -57.00
CA GLU B 1133 9.73 -46.85 -57.88
C GLU B 1133 10.96 -47.56 -57.30
N GLN B 1134 11.54 -48.50 -58.06
CA GLN B 1134 12.70 -49.24 -57.56
C GLN B 1134 13.90 -48.32 -57.36
N LEU B 1135 14.17 -47.44 -58.32
CA LEU B 1135 15.31 -46.54 -58.27
C LEU B 1135 14.87 -45.17 -57.77
N PRO B 1136 15.66 -44.51 -56.90
CA PRO B 1136 15.25 -43.18 -56.43
C PRO B 1136 15.17 -42.17 -57.56
N SER B 1137 14.28 -41.21 -57.39
CA SER B 1137 14.12 -40.10 -58.32
C SER B 1137 15.15 -39.01 -58.02
N VAL B 1138 15.25 -38.05 -58.95
CA VAL B 1138 16.17 -36.93 -58.76
C VAL B 1138 15.79 -36.14 -57.52
N GLN B 1139 14.50 -36.06 -57.21
CA GLN B 1139 14.05 -35.41 -55.99
C GLN B 1139 14.57 -36.17 -54.77
N GLU B 1140 14.49 -37.50 -54.79
CA GLU B 1140 14.88 -38.29 -53.63
C GLU B 1140 16.39 -38.24 -53.40
N TRP B 1141 17.18 -38.22 -54.47
CA TRP B 1141 18.63 -38.12 -54.30
C TRP B 1141 19.03 -36.82 -53.61
N ILE B 1142 18.45 -35.70 -54.05
CA ILE B 1142 18.73 -34.41 -53.45
C ILE B 1142 18.40 -34.44 -51.96
N VAL B 1143 17.36 -35.18 -51.59
CA VAL B 1143 16.94 -35.28 -50.20
C VAL B 1143 17.97 -36.06 -49.40
N ILE B 1144 18.49 -37.13 -49.99
CA ILE B 1144 19.49 -37.96 -49.34
C ILE B 1144 20.78 -37.17 -49.15
N ALA B 1145 21.10 -36.31 -50.11
CA ALA B 1145 22.32 -35.50 -50.04
C ALA B 1145 22.25 -34.50 -48.89
N TYR B 1146 21.13 -33.80 -48.78
CA TYR B 1146 20.96 -32.82 -47.71
C TYR B 1146 21.11 -33.46 -46.33
N ILE B 1147 20.43 -34.58 -46.10
CA ILE B 1147 20.45 -35.19 -44.77
C ILE B 1147 21.84 -35.74 -44.46
N PHE B 1148 22.55 -36.23 -45.49
CA PHE B 1148 23.91 -36.71 -45.29
C PHE B 1148 24.84 -35.57 -44.90
N THR B 1149 24.78 -34.48 -45.65
CA THR B 1149 25.64 -33.34 -45.40
C THR B 1149 25.22 -32.57 -44.16
N TYR B 1150 23.90 -32.44 -43.95
CA TYR B 1150 23.39 -31.89 -42.70
C TYR B 1150 23.95 -32.63 -41.50
N ALA B 1151 24.01 -33.96 -41.58
CA ALA B 1151 24.54 -34.75 -40.48
C ALA B 1151 26.00 -34.44 -40.22
N ILE B 1152 26.80 -34.29 -41.29
CA ILE B 1152 28.21 -33.96 -41.15
C ILE B 1152 28.36 -32.63 -40.41
N GLU B 1153 27.53 -31.65 -40.75
CA GLU B 1153 27.63 -30.34 -40.11
C GLU B 1153 27.24 -30.41 -38.64
N LYS B 1154 26.43 -31.41 -38.25
CA LYS B 1154 26.09 -31.54 -36.84
C LYS B 1154 27.24 -32.18 -36.07
N VAL B 1155 28.03 -33.02 -36.72
CA VAL B 1155 29.17 -33.65 -36.04
C VAL B 1155 30.22 -32.62 -35.68
N ARG B 1156 30.52 -31.70 -36.60
CA ARG B 1156 31.55 -30.71 -36.34
C ARG B 1156 31.13 -29.74 -35.24
N GLU B 1157 29.84 -29.40 -35.19
CA GLU B 1157 29.33 -28.57 -34.10
C GLU B 1157 29.64 -29.20 -32.75
N VAL B 1158 29.55 -30.52 -32.66
CA VAL B 1158 29.88 -31.21 -31.42
C VAL B 1158 31.36 -31.07 -31.12
N PHE B 1159 32.20 -31.44 -32.09
CA PHE B 1159 33.65 -31.50 -31.89
C PHE B 1159 34.34 -30.15 -32.14
N MET B 1160 33.57 -29.06 -32.17
CA MET B 1160 34.15 -27.72 -32.22
C MET B 1160 33.38 -26.75 -31.32
N SER B 1161 32.97 -27.21 -30.14
CA SER B 1161 32.16 -26.40 -29.23
C SER B 1161 33.05 -25.78 -28.16
N GLU B 1162 32.45 -24.92 -27.33
CA GLU B 1162 33.19 -24.19 -26.31
C GLU B 1162 33.72 -25.11 -25.23
N ALA B 1163 32.99 -26.15 -24.87
CA ALA B 1163 33.52 -27.17 -23.98
C ALA B 1163 34.70 -27.86 -24.63
N GLY B 1164 35.74 -28.13 -23.82
CA GLY B 1164 36.97 -28.72 -24.32
C GLY B 1164 37.11 -30.21 -24.09
N LYS B 1165 36.23 -30.83 -23.31
CA LYS B 1165 36.23 -32.27 -23.09
C LYS B 1165 35.04 -32.88 -23.81
N ILE B 1166 35.27 -34.05 -24.43
CA ILE B 1166 34.26 -34.70 -25.26
C ILE B 1166 32.95 -34.86 -24.49
N SER B 1167 33.01 -35.48 -23.31
CA SER B 1167 31.79 -35.77 -22.55
C SER B 1167 31.00 -34.51 -22.23
N GLN B 1168 31.69 -33.36 -22.14
CA GLN B 1168 30.99 -32.09 -21.99
C GLN B 1168 30.46 -31.59 -23.33
N LYS B 1169 31.21 -31.83 -24.41
CA LYS B 1169 30.71 -31.50 -25.74
C LYS B 1169 29.43 -32.26 -26.04
N ILE B 1170 29.33 -33.50 -25.54
CA ILE B 1170 28.17 -34.34 -25.83
C ILE B 1170 26.97 -33.87 -25.03
N LYS B 1171 27.10 -33.78 -23.70
CA LYS B 1171 25.96 -33.49 -22.83
C LYS B 1171 25.32 -32.15 -23.16
N VAL B 1172 26.10 -31.18 -23.62
CA VAL B 1172 25.59 -29.85 -23.85
C VAL B 1172 24.83 -29.79 -25.16
N TRP B 1173 25.29 -30.53 -26.17
CA TRP B 1173 24.59 -30.56 -27.45
C TRP B 1173 23.26 -31.28 -27.32
N PHE B 1174 23.20 -32.33 -26.50
CA PHE B 1174 21.95 -33.04 -26.22
C PHE B 1174 21.09 -32.33 -25.18
N SER B 1175 21.44 -31.11 -24.79
CA SER B 1175 20.62 -30.29 -23.92
C SER B 1175 19.64 -29.42 -24.69
N ASP B 1176 19.42 -29.70 -25.96
CA ASP B 1176 18.53 -28.95 -26.82
C ASP B 1176 17.51 -29.93 -27.40
N TYR B 1177 16.23 -29.58 -27.31
CA TYR B 1177 15.15 -30.46 -27.76
C TYR B 1177 15.35 -30.92 -29.19
N PHE B 1178 15.73 -29.99 -30.07
CA PHE B 1178 15.70 -30.28 -31.49
C PHE B 1178 16.99 -30.94 -31.98
N ASN B 1179 18.08 -30.86 -31.21
CA ASN B 1179 19.28 -31.61 -31.56
C ASN B 1179 19.12 -33.10 -31.24
N VAL B 1180 18.37 -33.40 -30.18
CA VAL B 1180 18.00 -34.78 -29.89
C VAL B 1180 17.12 -35.33 -31.00
N SER B 1181 16.17 -34.50 -31.47
CA SER B 1181 15.24 -34.93 -32.51
C SER B 1181 15.95 -35.13 -33.85
N ASP B 1182 16.94 -34.29 -34.15
CA ASP B 1182 17.69 -34.45 -35.38
C ASP B 1182 18.53 -35.72 -35.36
N THR B 1183 19.03 -36.10 -34.18
CA THR B 1183 19.80 -37.33 -34.04
C THR B 1183 18.95 -38.53 -34.41
N ILE B 1184 17.71 -38.59 -33.88
CA ILE B 1184 16.78 -39.66 -34.23
C ILE B 1184 16.40 -39.57 -35.70
N ALA B 1185 16.10 -38.36 -36.17
CA ALA B 1185 15.69 -38.16 -37.56
C ALA B 1185 16.75 -38.60 -38.54
N ILE B 1186 18.02 -38.30 -38.25
CA ILE B 1186 19.11 -38.70 -39.15
C ILE B 1186 19.29 -40.20 -39.13
N ILE B 1187 19.35 -40.79 -37.92
CA ILE B 1187 19.59 -42.22 -37.80
C ILE B 1187 18.44 -43.00 -38.41
N SER B 1188 17.20 -42.56 -38.17
CA SER B 1188 16.04 -43.29 -38.67
C SER B 1188 15.94 -43.21 -40.18
N PHE B 1189 16.43 -42.12 -40.79
CA PHE B 1189 16.37 -41.99 -42.24
C PHE B 1189 17.20 -43.07 -42.92
N PHE B 1190 18.44 -43.24 -42.48
CA PHE B 1190 19.36 -44.10 -43.21
C PHE B 1190 19.06 -45.56 -42.98
N VAL B 1191 18.39 -45.89 -41.87
CA VAL B 1191 17.76 -47.20 -41.74
C VAL B 1191 16.73 -47.38 -42.85
N GLY B 1192 15.87 -46.36 -43.04
CA GLY B 1192 14.85 -46.45 -44.06
C GLY B 1192 15.43 -46.47 -45.46
N PHE B 1193 16.46 -45.67 -45.70
CA PHE B 1193 17.14 -45.71 -47.00
C PHE B 1193 17.73 -47.08 -47.27
N GLY B 1194 18.32 -47.69 -46.25
CA GLY B 1194 18.91 -49.01 -46.38
C GLY B 1194 17.91 -50.04 -46.84
N LEU B 1195 16.75 -50.07 -46.21
CA LEU B 1195 15.70 -51.01 -46.57
C LEU B 1195 15.10 -50.69 -47.93
N ARG B 1196 14.78 -49.41 -48.14
CA ARG B 1196 14.23 -48.96 -49.43
C ARG B 1196 15.17 -49.27 -50.58
N PHE B 1197 16.47 -49.10 -50.38
CA PHE B 1197 17.47 -49.22 -51.42
C PHE B 1197 18.11 -50.59 -51.48
N GLY B 1198 18.34 -51.22 -50.33
CA GLY B 1198 18.98 -52.52 -50.29
C GLY B 1198 18.01 -53.68 -50.34
N ALA B 1199 16.80 -53.45 -50.84
CA ALA B 1199 15.78 -54.48 -50.92
C ALA B 1199 15.86 -55.19 -52.26
N LYS B 1200 15.71 -56.51 -52.24
CA LYS B 1200 15.75 -57.30 -53.46
C LYS B 1200 14.40 -57.15 -54.14
N TRP B 1201 14.40 -56.45 -55.27
CA TRP B 1201 13.18 -56.13 -56.00
C TRP B 1201 12.65 -57.36 -56.71
N ASN B 1202 12.23 -58.37 -55.95
CA ASN B 1202 11.42 -59.43 -56.53
C ASN B 1202 10.14 -58.74 -56.96
N TYR B 1203 9.88 -58.69 -58.26
CA TYR B 1203 9.07 -57.66 -58.92
C TYR B 1203 7.67 -57.42 -58.33
N ILE B 1204 7.21 -58.22 -57.39
CA ILE B 1204 5.91 -58.88 -57.32
C ILE B 1204 4.67 -57.99 -57.59
N ASN B 1205 4.82 -56.70 -57.97
CA ASN B 1205 3.94 -55.59 -57.59
C ASN B 1205 4.22 -55.12 -56.17
N ALA B 1206 5.26 -54.28 -56.08
CA ALA B 1206 5.72 -53.62 -54.86
C ALA B 1206 4.56 -53.28 -53.93
N TYR B 1207 4.85 -53.48 -52.64
CA TYR B 1207 3.90 -53.69 -51.55
C TYR B 1207 3.44 -55.14 -51.55
N ASP B 1208 4.18 -55.96 -52.29
CA ASP B 1208 4.36 -57.36 -51.94
C ASP B 1208 5.78 -57.63 -51.43
N ASN B 1209 6.71 -56.69 -51.63
CA ASN B 1209 8.04 -56.74 -51.03
C ASN B 1209 8.00 -55.94 -49.74
N HIS B 1210 7.99 -56.64 -48.60
CA HIS B 1210 7.70 -55.99 -47.32
C HIS B 1210 8.92 -55.33 -46.71
N VAL B 1211 10.12 -55.51 -47.28
CA VAL B 1211 11.29 -54.79 -46.82
C VAL B 1211 11.29 -53.38 -47.42
N PHE B 1212 10.83 -53.27 -48.66
CA PHE B 1212 10.62 -51.96 -49.28
C PHE B 1212 9.60 -51.14 -48.52
N VAL B 1213 8.52 -51.79 -48.07
CA VAL B 1213 7.43 -51.09 -47.38
C VAL B 1213 7.93 -50.44 -46.11
N ALA B 1214 8.62 -51.21 -45.27
CA ALA B 1214 9.16 -50.70 -44.02
C ALA B 1214 10.05 -49.49 -44.26
N GLY B 1215 10.86 -49.54 -45.33
CA GLY B 1215 11.71 -48.40 -45.65
C GLY B 1215 10.91 -47.16 -45.98
N ARG B 1216 9.91 -47.29 -46.85
CA ARG B 1216 9.08 -46.15 -47.20
C ARG B 1216 8.29 -45.64 -46.01
N LEU B 1217 7.77 -46.53 -45.18
CA LEU B 1217 6.94 -46.09 -44.07
C LEU B 1217 7.76 -45.34 -43.03
N ILE B 1218 9.06 -45.63 -42.93
CA ILE B 1218 9.93 -44.89 -42.03
C ILE B 1218 10.13 -43.47 -42.55
N TYR B 1219 10.25 -43.31 -43.87
CA TYR B 1219 10.26 -41.98 -44.46
C TYR B 1219 9.01 -41.20 -44.10
N CYS B 1220 7.85 -41.83 -44.26
CA CYS B 1220 6.58 -41.14 -44.05
C CYS B 1220 6.41 -40.70 -42.61
N LEU B 1221 7.05 -41.42 -41.68
CA LEU B 1221 7.02 -41.01 -40.28
C LEU B 1221 8.17 -40.07 -39.95
N ASN B 1222 9.30 -40.22 -40.63
CA ASN B 1222 10.46 -39.39 -40.31
C ASN B 1222 10.25 -37.94 -40.70
N ILE B 1223 9.44 -37.69 -41.73
CA ILE B 1223 9.22 -36.33 -42.21
C ILE B 1223 8.55 -35.47 -41.14
N ILE B 1224 7.91 -36.10 -40.14
CA ILE B 1224 7.30 -35.35 -39.04
C ILE B 1224 8.37 -34.59 -38.28
N PHE B 1225 9.51 -35.23 -38.03
CA PHE B 1225 10.64 -34.57 -37.38
C PHE B 1225 11.04 -33.29 -38.09
N TRP B 1226 10.97 -33.30 -39.42
CA TRP B 1226 11.52 -32.20 -40.19
C TRP B 1226 10.53 -31.04 -40.34
N TYR B 1227 9.23 -31.29 -40.15
CA TYR B 1227 8.29 -30.19 -40.01
C TYR B 1227 8.40 -29.53 -38.64
N VAL B 1228 8.61 -30.33 -37.59
CA VAL B 1228 8.66 -29.79 -36.24
C VAL B 1228 9.94 -28.99 -36.01
N ARG B 1229 11.00 -29.25 -36.79
CA ARG B 1229 12.21 -28.43 -36.71
C ARG B 1229 11.96 -27.01 -37.21
N LEU B 1230 10.86 -26.77 -37.94
CA LEU B 1230 10.53 -25.41 -38.35
C LEU B 1230 10.19 -24.53 -37.17
N LEU B 1231 9.80 -25.12 -36.05
CA LEU B 1231 9.56 -24.35 -34.83
C LEU B 1231 10.86 -23.79 -34.27
N ASP B 1232 11.97 -24.44 -34.60
CA ASP B 1232 13.29 -23.94 -34.20
C ASP B 1232 13.63 -22.66 -34.95
N PHE B 1233 13.30 -22.62 -36.25
CA PHE B 1233 13.51 -21.42 -37.05
C PHE B 1233 12.57 -20.30 -36.64
N LEU B 1234 11.31 -20.63 -36.39
CA LEU B 1234 10.29 -19.64 -36.03
C LEU B 1234 10.51 -19.04 -34.66
N ALA B 1235 11.16 -19.75 -33.75
CA ALA B 1235 11.44 -19.23 -32.41
C ALA B 1235 12.48 -18.14 -32.38
N VAL B 1236 13.10 -17.83 -33.52
CA VAL B 1236 14.00 -16.69 -33.63
C VAL B 1236 13.26 -15.39 -33.46
N ASN B 1237 11.96 -15.36 -33.74
CA ASN B 1237 11.16 -14.17 -33.51
C ASN B 1237 10.80 -14.00 -32.04
N GLN B 1238 10.63 -12.74 -31.65
CA GLN B 1238 10.32 -12.34 -30.29
C GLN B 1238 8.94 -12.75 -29.82
N GLN B 1239 7.95 -12.75 -30.70
CA GLN B 1239 6.60 -13.12 -30.32
C GLN B 1239 6.42 -14.63 -30.32
N ALA B 1240 6.86 -15.31 -31.38
CA ALA B 1240 6.64 -16.75 -31.50
C ALA B 1240 7.49 -17.57 -30.53
N GLY B 1241 8.74 -17.17 -30.33
CA GLY B 1241 9.69 -17.96 -29.58
C GLY B 1241 9.30 -18.31 -28.17
N PRO B 1242 8.80 -17.35 -27.40
CA PRO B 1242 8.30 -17.70 -26.07
C PRO B 1242 7.14 -18.68 -26.08
N TYR B 1243 6.21 -18.59 -27.04
CA TYR B 1243 5.12 -19.55 -27.09
C TYR B 1243 5.64 -20.96 -27.38
N VAL B 1244 6.66 -21.07 -28.21
CA VAL B 1244 7.27 -22.37 -28.48
C VAL B 1244 7.86 -22.93 -27.20
N MET B 1245 8.37 -22.07 -26.33
CA MET B 1245 8.95 -22.53 -25.07
C MET B 1245 7.86 -22.85 -24.06
N MET B 1246 6.73 -22.16 -24.13
CA MET B 1246 5.61 -22.48 -23.26
C MET B 1246 5.07 -23.88 -23.51
N ILE B 1247 4.96 -24.27 -24.79
CA ILE B 1247 4.37 -25.56 -25.15
C ILE B 1247 5.09 -26.70 -24.44
N GLY B 1248 6.41 -26.62 -24.35
CA GLY B 1248 7.13 -27.65 -23.62
C GLY B 1248 6.87 -27.60 -22.13
N LYS B 1249 6.82 -26.39 -21.58
CA LYS B 1249 6.64 -26.24 -20.14
C LYS B 1249 5.25 -26.69 -19.70
N MET B 1250 4.26 -26.57 -20.58
CA MET B 1250 2.88 -26.85 -20.19
C MET B 1250 2.56 -28.33 -20.33
N VAL B 1251 3.16 -29.01 -21.30
CA VAL B 1251 3.05 -30.46 -21.38
C VAL B 1251 3.56 -31.09 -20.10
N ALA B 1252 4.68 -30.58 -19.58
CA ALA B 1252 5.21 -31.09 -18.32
C ALA B 1252 4.27 -30.82 -17.16
N ASN B 1253 3.60 -29.67 -17.15
CA ASN B 1253 2.76 -29.30 -16.01
C ASN B 1253 1.38 -29.92 -16.04
N MET B 1254 0.81 -30.17 -17.22
CA MET B 1254 -0.51 -30.78 -17.33
C MET B 1254 -0.47 -32.30 -17.23
N PHE B 1255 0.65 -32.88 -16.80
CA PHE B 1255 0.85 -34.32 -16.88
C PHE B 1255 -0.15 -35.09 -16.02
N TYR B 1256 -0.31 -34.69 -14.76
CA TYR B 1256 -1.10 -35.50 -13.85
C TYR B 1256 -2.59 -35.33 -14.05
N ILE B 1257 -3.03 -34.19 -14.56
CA ILE B 1257 -4.43 -34.03 -14.96
C ILE B 1257 -4.75 -35.00 -16.09
N VAL B 1258 -3.79 -35.23 -16.98
CA VAL B 1258 -3.99 -36.12 -18.13
C VAL B 1258 -3.93 -37.58 -17.69
N VAL B 1259 -3.17 -37.88 -16.63
CA VAL B 1259 -3.14 -39.24 -16.10
C VAL B 1259 -4.49 -39.60 -15.49
N ILE B 1260 -5.13 -38.64 -14.82
CA ILE B 1260 -6.46 -38.87 -14.26
C ILE B 1260 -7.46 -39.11 -15.38
N MET B 1261 -7.39 -38.32 -16.45
CA MET B 1261 -8.27 -38.50 -17.59
C MET B 1261 -8.10 -39.87 -18.23
N ALA B 1262 -6.86 -40.36 -18.28
CA ALA B 1262 -6.61 -41.69 -18.84
C ALA B 1262 -7.18 -42.79 -17.95
N LEU B 1263 -7.34 -42.50 -16.65
CA LEU B 1263 -7.93 -43.47 -15.73
C LEU B 1263 -9.44 -43.52 -15.88
N VAL B 1264 -10.07 -42.36 -16.05
CA VAL B 1264 -11.50 -42.27 -16.29
C VAL B 1264 -11.85 -43.01 -17.58
N LEU B 1265 -10.95 -42.95 -18.56
CA LEU B 1265 -11.14 -43.61 -19.84
C LEU B 1265 -11.21 -45.13 -19.69
N LEU B 1266 -10.29 -45.71 -18.92
CA LEU B 1266 -10.28 -47.17 -18.75
C LEU B 1266 -11.42 -47.62 -17.85
N SER B 1267 -11.75 -46.81 -16.84
CA SER B 1267 -12.91 -47.05 -15.99
C SER B 1267 -14.20 -47.20 -16.79
N PHE B 1268 -14.28 -46.56 -17.97
CA PHE B 1268 -15.44 -46.69 -18.83
C PHE B 1268 -15.26 -47.77 -19.87
N GLY B 1269 -14.10 -47.80 -20.52
CA GLY B 1269 -13.86 -48.70 -21.63
C GLY B 1269 -13.98 -50.17 -21.34
N VAL B 1270 -13.50 -50.58 -20.16
CA VAL B 1270 -13.46 -51.99 -19.80
C VAL B 1270 -14.88 -52.51 -19.56
N PRO B 1271 -15.74 -51.82 -18.78
CA PRO B 1271 -17.13 -52.28 -18.67
C PRO B 1271 -17.94 -52.23 -19.96
N ARG B 1272 -17.77 -51.18 -20.76
CA ARG B 1272 -18.47 -51.08 -22.03
C ARG B 1272 -18.22 -52.29 -22.91
N LYS B 1273 -16.95 -52.68 -23.02
CA LYS B 1273 -16.58 -53.82 -23.86
C LYS B 1273 -17.07 -55.12 -23.27
N ALA B 1274 -16.97 -55.27 -21.95
CA ALA B 1274 -17.29 -56.53 -21.30
C ALA B 1274 -18.79 -56.82 -21.38
N ILE B 1275 -19.60 -55.77 -21.25
CA ILE B 1275 -21.06 -55.95 -21.25
C ILE B 1275 -21.55 -56.21 -22.67
N LEU B 1276 -21.04 -55.47 -23.65
CA LEU B 1276 -21.53 -55.57 -25.03
C LEU B 1276 -20.93 -56.73 -25.82
N TYR B 1277 -19.76 -57.23 -25.42
CA TYR B 1277 -19.07 -58.30 -26.13
C TYR B 1277 -18.62 -59.37 -25.15
N PRO B 1278 -19.51 -60.29 -24.74
CA PRO B 1278 -19.12 -61.29 -23.75
C PRO B 1278 -18.52 -62.58 -24.29
N HIS B 1279 -18.76 -62.93 -25.54
CA HIS B 1279 -18.45 -64.27 -26.04
C HIS B 1279 -17.10 -64.28 -26.75
N GLU B 1280 -16.16 -63.50 -26.24
CA GLU B 1280 -14.89 -63.26 -26.89
C GLU B 1280 -13.78 -64.11 -26.29
N GLU B 1281 -12.86 -64.52 -27.16
CA GLU B 1281 -11.63 -65.18 -26.78
C GLU B 1281 -10.53 -64.16 -26.55
N PRO B 1282 -9.40 -64.57 -25.98
CA PRO B 1282 -8.31 -63.62 -25.80
C PRO B 1282 -7.73 -63.16 -27.13
N SER B 1283 -7.37 -61.88 -27.18
CA SER B 1283 -6.77 -61.29 -28.37
C SER B 1283 -6.27 -59.89 -28.02
N TRP B 1284 -5.33 -59.41 -28.82
CA TRP B 1284 -4.82 -58.06 -28.67
C TRP B 1284 -5.79 -57.01 -29.18
N SER B 1285 -6.85 -57.41 -29.89
CA SER B 1285 -7.92 -56.49 -30.22
C SER B 1285 -8.67 -56.01 -28.99
N LEU B 1286 -8.67 -56.79 -27.91
CA LEU B 1286 -9.28 -56.34 -26.65
C LEU B 1286 -8.59 -55.11 -26.12
N ALA B 1287 -7.28 -54.98 -26.37
CA ALA B 1287 -6.54 -53.82 -25.87
C ALA B 1287 -6.87 -52.56 -26.66
N LYS B 1288 -7.23 -52.71 -27.93
CA LYS B 1288 -7.68 -51.57 -28.72
C LYS B 1288 -9.10 -51.17 -28.35
N ASP B 1289 -9.96 -52.14 -28.10
CA ASP B 1289 -11.38 -51.84 -27.99
C ASP B 1289 -11.72 -51.13 -26.68
N ILE B 1290 -10.95 -51.37 -25.62
CA ILE B 1290 -11.18 -50.70 -24.35
C ILE B 1290 -10.67 -49.28 -24.31
N VAL B 1291 -9.98 -48.84 -25.35
CA VAL B 1291 -9.27 -47.56 -25.34
C VAL B 1291 -9.64 -46.67 -26.52
N PHE B 1292 -10.19 -47.22 -27.59
CA PHE B 1292 -10.34 -46.54 -28.87
C PHE B 1292 -11.51 -45.56 -28.86
N HIS B 1293 -12.75 -46.06 -28.80
CA HIS B 1293 -13.90 -45.17 -28.80
C HIS B 1293 -13.93 -44.22 -27.60
N PRO B 1294 -13.59 -44.62 -26.38
CA PRO B 1294 -13.57 -43.65 -25.28
C PRO B 1294 -12.64 -42.48 -25.51
N TYR B 1295 -11.52 -42.67 -26.21
CA TYR B 1295 -10.63 -41.56 -26.52
C TYR B 1295 -11.29 -40.59 -27.49
N TRP B 1296 -11.94 -41.11 -28.52
CA TRP B 1296 -12.54 -40.28 -29.54
C TRP B 1296 -13.76 -39.53 -29.02
N MET B 1297 -14.37 -40.01 -27.94
CA MET B 1297 -15.44 -39.27 -27.27
C MET B 1297 -15.00 -37.93 -26.73
N ILE B 1298 -13.75 -37.80 -26.29
CA ILE B 1298 -13.24 -36.53 -25.78
C ILE B 1298 -13.25 -35.45 -26.86
N PHE B 1299 -13.26 -35.85 -28.13
CA PHE B 1299 -12.97 -34.95 -29.24
C PHE B 1299 -14.17 -34.67 -30.11
N GLY B 1300 -15.37 -34.76 -29.54
CA GLY B 1300 -16.59 -34.29 -30.17
C GLY B 1300 -17.44 -35.36 -30.81
N GLU B 1301 -17.06 -36.62 -30.70
CA GLU B 1301 -17.82 -37.72 -31.26
C GLU B 1301 -18.61 -38.38 -30.14
N VAL B 1302 -19.80 -38.89 -30.48
CA VAL B 1302 -20.72 -39.44 -29.49
C VAL B 1302 -21.08 -40.88 -29.79
N TYR B 1303 -20.91 -41.33 -31.02
CA TYR B 1303 -21.40 -42.63 -31.50
C TYR B 1303 -22.87 -42.79 -31.14
N ALA B 1304 -23.66 -41.88 -31.71
CA ALA B 1304 -25.06 -41.70 -31.31
C ALA B 1304 -25.89 -42.94 -31.55
N TYR B 1305 -25.74 -43.54 -32.72
CA TYR B 1305 -26.52 -44.71 -33.11
C TYR B 1305 -25.87 -46.02 -32.66
N GLU B 1306 -24.83 -45.96 -31.84
CA GLU B 1306 -24.29 -47.12 -31.14
C GLU B 1306 -24.68 -47.16 -29.67
N ILE B 1307 -25.11 -46.03 -29.11
CA ILE B 1307 -25.76 -46.01 -27.81
C ILE B 1307 -27.09 -46.72 -27.93
N ASP B 1308 -27.44 -47.50 -26.90
CA ASP B 1308 -28.72 -48.19 -26.88
C ASP B 1308 -28.84 -49.09 -28.09
N VAL B 1309 -27.97 -50.10 -28.16
CA VAL B 1309 -27.90 -51.01 -29.30
C VAL B 1309 -29.19 -51.77 -29.57
N CYS B 1310 -30.14 -51.77 -28.62
CA CYS B 1310 -31.41 -52.44 -28.81
C CYS B 1310 -32.48 -51.55 -29.42
N ALA B 1311 -32.16 -50.30 -29.73
CA ALA B 1311 -33.11 -49.39 -30.36
C ALA B 1311 -33.29 -49.73 -31.84
N ASN B 1312 -34.32 -49.12 -32.44
CA ASN B 1312 -34.66 -49.37 -33.82
C ASN B 1312 -33.74 -48.64 -34.79
N ASP B 1313 -33.25 -47.47 -34.42
CA ASP B 1313 -32.30 -46.73 -35.23
C ASP B 1313 -30.85 -47.16 -35.00
N SER B 1314 -30.63 -48.26 -34.29
CA SER B 1314 -29.28 -48.69 -33.95
C SER B 1314 -28.55 -49.26 -35.14
N THR B 1315 -27.24 -49.05 -35.18
CA THR B 1315 -26.36 -49.65 -36.15
C THR B 1315 -25.70 -50.94 -35.66
N LEU B 1316 -25.98 -51.36 -34.42
CA LEU B 1316 -25.45 -52.59 -33.85
C LEU B 1316 -26.58 -53.46 -33.31
N PRO B 1317 -27.49 -53.91 -34.17
CA PRO B 1317 -28.63 -54.72 -33.67
C PRO B 1317 -28.26 -56.14 -33.29
N THR B 1318 -27.18 -56.68 -33.85
CA THR B 1318 -26.69 -58.00 -33.45
C THR B 1318 -26.08 -57.99 -32.06
N ILE B 1319 -25.84 -56.83 -31.48
CA ILE B 1319 -25.17 -56.69 -30.19
C ILE B 1319 -26.16 -56.57 -29.04
N CYS B 1320 -27.44 -56.37 -29.33
CA CYS B 1320 -28.46 -56.33 -28.30
C CYS B 1320 -28.50 -57.65 -27.54
N GLY B 1321 -28.54 -57.56 -26.21
CA GLY B 1321 -28.52 -58.72 -25.36
C GLY B 1321 -28.78 -58.39 -23.92
N PRO B 1322 -28.56 -59.35 -23.03
CA PRO B 1322 -28.76 -59.09 -21.60
C PRO B 1322 -27.73 -58.13 -21.03
N GLY B 1323 -28.22 -57.05 -20.43
CA GLY B 1323 -27.42 -56.10 -19.71
C GLY B 1323 -26.89 -54.94 -20.51
N THR B 1324 -27.36 -54.76 -21.75
CA THR B 1324 -26.85 -53.71 -22.61
C THR B 1324 -27.49 -52.36 -22.34
N TRP B 1325 -28.66 -52.35 -21.72
CA TRP B 1325 -29.30 -51.13 -21.23
C TRP B 1325 -28.46 -50.36 -20.23
N LEU B 1326 -27.40 -50.95 -19.69
CA LEU B 1326 -26.50 -50.28 -18.77
C LEU B 1326 -25.55 -49.31 -19.45
N THR B 1327 -25.14 -49.57 -20.69
CA THR B 1327 -24.08 -48.80 -21.32
C THR B 1327 -24.44 -47.35 -21.63
N PRO B 1328 -25.72 -46.98 -21.84
CA PRO B 1328 -26.00 -45.54 -21.92
C PRO B 1328 -25.80 -44.80 -20.60
N PHE B 1329 -26.19 -45.41 -19.48
CA PHE B 1329 -25.93 -44.82 -18.18
C PHE B 1329 -24.43 -44.61 -17.95
N LEU B 1330 -23.62 -45.61 -18.28
CA LEU B 1330 -22.17 -45.52 -18.11
C LEU B 1330 -21.59 -44.36 -18.90
N GLN B 1331 -21.99 -44.25 -20.16
CA GLN B 1331 -21.43 -43.22 -21.03
C GLN B 1331 -21.89 -41.83 -20.63
N ALA B 1332 -23.08 -41.72 -20.05
CA ALA B 1332 -23.55 -40.43 -19.55
C ALA B 1332 -22.68 -39.95 -18.39
N VAL B 1333 -22.33 -40.87 -17.50
CA VAL B 1333 -21.43 -40.53 -16.40
C VAL B 1333 -20.04 -40.21 -16.94
N TYR B 1334 -19.56 -41.00 -17.89
CA TYR B 1334 -18.22 -40.81 -18.44
C TYR B 1334 -18.02 -39.41 -18.98
N LEU B 1335 -18.94 -38.94 -19.82
CA LEU B 1335 -18.75 -37.64 -20.44
C LEU B 1335 -19.03 -36.49 -19.49
N PHE B 1336 -19.89 -36.69 -18.51
CA PHE B 1336 -20.02 -35.71 -17.45
C PHE B 1336 -18.67 -35.49 -16.76
N VAL B 1337 -17.96 -36.57 -16.47
CA VAL B 1337 -16.70 -36.46 -15.76
C VAL B 1337 -15.64 -35.84 -16.66
N GLN B 1338 -15.52 -36.28 -17.90
CA GLN B 1338 -14.40 -35.83 -18.73
C GLN B 1338 -14.54 -34.35 -19.13
N TYR B 1339 -15.71 -33.94 -19.61
CA TYR B 1339 -15.85 -32.56 -20.04
C TYR B 1339 -16.19 -31.61 -18.89
N ILE B 1340 -17.28 -31.86 -18.18
CA ILE B 1340 -17.78 -30.87 -17.23
C ILE B 1340 -16.86 -30.71 -16.04
N ILE B 1341 -16.02 -31.71 -15.72
CA ILE B 1341 -15.06 -31.63 -14.63
C ILE B 1341 -13.64 -31.49 -15.16
N MET B 1342 -13.20 -32.40 -16.01
CA MET B 1342 -11.77 -32.56 -16.27
C MET B 1342 -11.27 -31.66 -17.40
N VAL B 1343 -12.06 -31.44 -18.45
CA VAL B 1343 -11.64 -30.50 -19.48
C VAL B 1343 -11.67 -29.08 -18.95
N ASN B 1344 -12.66 -28.75 -18.12
CA ASN B 1344 -12.79 -27.38 -17.64
C ASN B 1344 -11.78 -27.09 -16.52
N LEU B 1345 -11.42 -28.11 -15.74
CA LEU B 1345 -10.32 -27.98 -14.79
C LEU B 1345 -9.01 -27.70 -15.50
N LEU B 1346 -8.80 -28.34 -16.63
CA LEU B 1346 -7.62 -28.14 -17.44
C LEU B 1346 -7.59 -26.76 -18.07
N ILE B 1347 -8.73 -26.29 -18.56
CA ILE B 1347 -8.85 -24.89 -18.97
C ILE B 1347 -8.52 -23.97 -17.80
N ALA B 1348 -9.12 -24.23 -16.63
CA ALA B 1348 -8.87 -23.41 -15.46
C ALA B 1348 -7.41 -23.47 -15.02
N PHE B 1349 -6.76 -24.62 -15.14
CA PHE B 1349 -5.33 -24.72 -14.88
C PHE B 1349 -4.56 -23.70 -15.72
N PHE B 1350 -4.73 -23.73 -17.04
CA PHE B 1350 -3.96 -22.87 -17.94
C PHE B 1350 -4.23 -21.39 -17.69
N ASN B 1351 -5.51 -21.01 -17.55
CA ASN B 1351 -5.87 -19.62 -17.29
C ASN B 1351 -5.17 -19.06 -16.06
N ASN B 1352 -4.92 -19.88 -15.06
CA ASN B 1352 -4.35 -19.44 -13.80
C ASN B 1352 -2.84 -19.60 -13.70
N VAL B 1353 -2.21 -20.26 -14.67
CA VAL B 1353 -0.77 -20.48 -14.71
C VAL B 1353 -0.11 -19.80 -15.92
N TYR B 1354 -0.90 -19.24 -16.84
CA TYR B 1354 -0.40 -18.66 -18.08
C TYR B 1354 0.68 -17.61 -17.85
N LEU B 1355 0.42 -16.68 -16.93
CA LEU B 1355 1.27 -15.50 -16.80
C LEU B 1355 2.68 -15.84 -16.35
N GLN B 1356 2.81 -16.66 -15.30
CA GLN B 1356 4.12 -16.94 -14.74
C GLN B 1356 4.91 -17.89 -15.62
N VAL B 1357 4.23 -18.72 -16.40
CA VAL B 1357 4.91 -19.54 -17.40
C VAL B 1357 5.36 -18.68 -18.56
N LYS B 1358 4.49 -17.76 -18.99
CA LYS B 1358 4.85 -16.81 -20.03
C LYS B 1358 6.03 -15.95 -19.61
N ALA B 1359 6.06 -15.53 -18.35
CA ALA B 1359 7.16 -14.68 -17.88
C ALA B 1359 8.46 -15.45 -17.81
N ILE B 1360 8.42 -16.68 -17.32
CA ILE B 1360 9.61 -17.53 -17.31
C ILE B 1360 10.06 -17.81 -18.74
N SER B 1361 9.12 -18.00 -19.65
CA SER B 1361 9.47 -18.41 -21.01
C SER B 1361 10.10 -17.27 -21.79
N ASN B 1362 9.76 -16.03 -21.47
CA ASN B 1362 10.40 -14.89 -22.12
C ASN B 1362 11.84 -14.75 -21.69
N ILE B 1363 12.13 -14.97 -20.41
CA ILE B 1363 13.49 -14.87 -19.91
C ILE B 1363 14.33 -16.02 -20.44
N VAL B 1364 13.75 -17.22 -20.46
CA VAL B 1364 14.47 -18.37 -21.00
C VAL B 1364 14.73 -18.19 -22.48
N TRP B 1365 13.77 -17.62 -23.22
CA TRP B 1365 13.98 -17.42 -24.65
C TRP B 1365 15.14 -16.46 -24.90
N LYS B 1366 15.24 -15.42 -24.07
CA LYS B 1366 16.29 -14.42 -24.24
C LYS B 1366 17.67 -14.96 -23.89
N TYR B 1367 17.74 -15.77 -22.84
CA TYR B 1367 19.01 -16.39 -22.46
C TYR B 1367 19.55 -17.27 -23.57
N GLN B 1368 18.65 -17.94 -24.31
CA GLN B 1368 19.08 -18.90 -25.31
C GLN B 1368 19.38 -18.26 -26.66
N ARG B 1369 19.04 -16.99 -26.85
CA ARG B 1369 19.49 -16.27 -28.04
C ARG B 1369 21.01 -16.28 -28.14
N TYR B 1370 21.69 -16.15 -26.99
CA TYR B 1370 23.13 -16.20 -26.95
C TYR B 1370 23.69 -17.45 -27.62
N HIS B 1371 23.26 -18.62 -27.15
CA HIS B 1371 23.73 -19.87 -27.70
C HIS B 1371 23.37 -19.99 -29.18
N PHE B 1372 22.26 -19.37 -29.56
CA PHE B 1372 21.79 -19.40 -30.93
C PHE B 1372 22.63 -18.51 -31.83
N ILE B 1373 22.80 -17.25 -31.44
CA ILE B 1373 23.49 -16.28 -32.29
C ILE B 1373 24.98 -16.56 -32.33
N MET B 1374 25.55 -17.00 -31.22
CA MET B 1374 26.98 -17.26 -31.17
C MET B 1374 27.36 -18.49 -31.98
N ALA B 1375 26.39 -19.35 -32.29
CA ALA B 1375 26.67 -20.50 -33.14
C ALA B 1375 26.86 -20.08 -34.59
N TYR B 1376 26.07 -19.11 -35.05
CA TYR B 1376 26.12 -18.73 -36.45
C TYR B 1376 27.41 -18.01 -36.82
N HIS B 1377 28.10 -17.43 -35.84
CA HIS B 1377 29.44 -16.90 -36.11
C HIS B 1377 30.40 -18.01 -36.51
N GLU B 1378 30.21 -19.19 -35.96
CA GLU B 1378 31.06 -20.34 -36.24
C GLU B 1378 30.55 -21.18 -37.41
N LYS B 1379 29.29 -21.03 -37.81
CA LYS B 1379 28.82 -21.85 -38.91
C LYS B 1379 29.42 -21.39 -40.23
N PRO B 1380 29.52 -22.28 -41.23
CA PRO B 1380 30.02 -21.86 -42.53
C PRO B 1380 29.05 -20.95 -43.27
N VAL B 1381 29.48 -20.51 -44.44
CA VAL B 1381 28.69 -19.64 -45.29
C VAL B 1381 27.66 -20.40 -46.12
N LEU B 1382 27.92 -21.67 -46.52
CA LEU B 1382 27.01 -22.39 -47.44
C LEU B 1382 26.07 -23.31 -46.67
N PRO B 1383 24.88 -23.57 -47.21
CA PRO B 1383 23.92 -24.39 -46.51
C PRO B 1383 24.10 -25.87 -46.82
N PRO B 1384 23.36 -26.75 -46.15
CA PRO B 1384 23.79 -28.15 -46.05
C PRO B 1384 23.67 -28.98 -47.31
N PRO B 1385 23.25 -28.45 -48.48
CA PRO B 1385 23.56 -29.20 -49.72
C PRO B 1385 24.94 -28.90 -50.29
N LEU B 1386 25.33 -27.64 -50.23
CA LEU B 1386 26.55 -27.14 -50.85
C LEU B 1386 27.68 -26.95 -49.85
N ILE B 1387 27.39 -27.10 -48.56
CA ILE B 1387 28.35 -26.98 -47.46
C ILE B 1387 29.54 -27.91 -47.66
N ILE B 1388 29.34 -29.01 -48.37
CA ILE B 1388 30.34 -30.06 -48.56
C ILE B 1388 31.62 -29.47 -49.11
N LEU B 1389 31.49 -28.47 -49.98
CA LEU B 1389 32.68 -27.79 -50.50
C LEU B 1389 33.32 -26.92 -49.42
N SER B 1390 32.51 -26.31 -48.56
CA SER B 1390 33.06 -25.51 -47.47
C SER B 1390 33.77 -26.41 -46.45
N HIS B 1391 33.33 -27.66 -46.31
CA HIS B 1391 34.04 -28.59 -45.44
C HIS B 1391 35.40 -28.94 -46.03
N ILE B 1392 35.42 -29.36 -47.30
CA ILE B 1392 36.65 -29.85 -47.92
C ILE B 1392 37.70 -28.75 -47.95
N VAL B 1393 37.29 -27.54 -48.32
CA VAL B 1393 38.23 -26.41 -48.37
C VAL B 1393 38.74 -26.10 -46.97
N SER B 1394 37.87 -26.21 -45.97
CA SER B 1394 38.25 -25.94 -44.59
C SER B 1394 39.29 -26.93 -44.09
N LEU B 1395 39.26 -28.16 -44.61
CA LEU B 1395 40.21 -29.18 -44.19
C LEU B 1395 41.57 -28.92 -44.82
N GLY B 1411 37.21 -17.60 -31.07
CA GLY B 1411 36.00 -16.90 -31.42
C GLY B 1411 36.22 -15.42 -31.70
N PRO B 1412 35.15 -14.66 -31.89
CA PRO B 1412 35.30 -13.23 -32.14
C PRO B 1412 35.76 -12.50 -30.89
N LYS B 1413 36.52 -11.43 -31.11
CA LYS B 1413 37.16 -10.69 -30.04
C LYS B 1413 36.92 -9.20 -30.21
N LEU B 1414 36.77 -8.52 -29.06
CA LEU B 1414 36.61 -7.08 -29.02
C LEU B 1414 37.98 -6.41 -28.92
N PHE B 1415 38.29 -5.56 -29.89
CA PHE B 1415 39.60 -4.91 -30.01
C PHE B 1415 39.47 -3.46 -29.55
N LEU B 1416 40.38 -3.04 -28.68
CA LEU B 1416 40.46 -1.66 -28.22
C LEU B 1416 41.89 -1.15 -28.33
N THR B 1417 42.05 0.04 -28.91
CA THR B 1417 43.28 0.77 -28.74
C THR B 1417 43.40 1.25 -27.30
N GLU B 1418 44.59 1.71 -26.93
CA GLU B 1418 44.90 1.91 -25.52
C GLU B 1418 44.13 3.08 -24.92
N GLU B 1419 43.89 4.13 -25.71
CA GLU B 1419 43.09 5.24 -25.20
C GLU B 1419 41.63 4.83 -25.02
N ASP B 1420 41.18 3.84 -25.78
CA ASP B 1420 39.81 3.37 -25.63
C ASP B 1420 39.69 2.38 -24.46
N GLN B 1421 40.77 1.68 -24.14
CA GLN B 1421 40.79 0.91 -22.89
C GLN B 1421 40.79 1.84 -21.69
N LYS B 1422 41.45 2.98 -21.82
CA LYS B 1422 41.53 3.94 -20.72
C LYS B 1422 40.18 4.60 -20.48
N LYS B 1423 39.51 5.00 -21.55
CA LYS B 1423 38.18 5.60 -21.42
C LYS B 1423 37.18 4.62 -20.86
N LEU B 1424 37.41 3.32 -21.03
CA LEU B 1424 36.46 2.31 -20.59
C LEU B 1424 36.63 2.01 -19.10
N HIS B 1425 37.89 1.94 -18.65
CA HIS B 1425 38.14 1.74 -17.22
C HIS B 1425 37.72 2.95 -16.42
N ASP B 1426 37.65 4.13 -17.05
CA ASP B 1426 37.13 5.30 -16.37
C ASP B 1426 35.62 5.27 -16.31
N PHE B 1427 34.98 4.87 -17.41
CA PHE B 1427 33.53 4.69 -17.43
C PHE B 1427 33.08 3.72 -16.34
N GLU B 1428 33.84 2.65 -16.14
CA GLU B 1428 33.48 1.66 -15.14
C GLU B 1428 33.54 2.24 -13.74
N GLU B 1429 34.66 2.88 -13.39
CA GLU B 1429 34.84 3.47 -12.07
C GLU B 1429 33.76 4.48 -11.75
N GLN B 1430 33.45 5.36 -12.71
CA GLN B 1430 32.43 6.38 -12.49
C GLN B 1430 31.07 5.76 -12.20
N CYS B 1431 30.70 4.72 -12.95
CA CYS B 1431 29.36 4.15 -12.80
C CYS B 1431 29.23 3.35 -11.52
N VAL B 1432 30.35 2.86 -10.98
CA VAL B 1432 30.32 2.16 -9.70
C VAL B 1432 30.14 3.16 -8.56
N GLU B 1433 30.78 4.32 -8.68
CA GLU B 1433 30.59 5.40 -7.71
C GLU B 1433 29.15 5.86 -7.66
N MET B 1434 28.57 6.14 -8.83
CA MET B 1434 27.16 6.53 -8.92
C MET B 1434 26.26 5.49 -8.26
N TYR B 1435 26.63 4.22 -8.38
CA TYR B 1435 25.77 3.15 -7.87
C TYR B 1435 25.66 3.19 -6.35
N PHE B 1436 26.80 3.34 -5.67
CA PHE B 1436 26.77 3.38 -4.21
C PHE B 1436 26.13 4.67 -3.72
N ASP B 1437 26.41 5.79 -4.39
CA ASP B 1437 25.87 7.08 -3.99
C ASP B 1437 24.34 7.08 -4.03
N GLU B 1438 23.76 6.72 -5.17
CA GLU B 1438 22.31 6.71 -5.31
C GLU B 1438 21.66 5.71 -4.36
N LYS B 1439 22.40 4.67 -3.97
CA LYS B 1439 21.87 3.69 -3.03
C LYS B 1439 21.74 4.28 -1.63
N ASP B 1440 22.73 5.07 -1.23
CA ASP B 1440 22.68 5.72 0.08
C ASP B 1440 21.60 6.81 0.11
N ASP B 1441 21.48 7.56 -0.99
CA ASP B 1441 20.53 8.66 -1.04
C ASP B 1441 19.09 8.15 -0.93
N LYS B 1442 18.76 7.11 -1.69
CA LYS B 1442 17.43 6.52 -1.61
C LYS B 1442 17.15 5.99 -0.21
N PHE B 1443 18.16 5.41 0.42
CA PHE B 1443 18.01 4.93 1.79
C PHE B 1443 17.78 6.11 2.73
N ASN B 1444 18.68 7.08 2.70
CA ASN B 1444 18.54 8.25 3.56
C ASN B 1444 17.74 9.35 2.87
N SER B 1445 16.63 8.97 2.24
CA SER B 1445 15.60 9.90 1.82
C SER B 1445 14.20 9.31 1.97
N GLY B 1446 14.09 8.13 2.57
CA GLY B 1446 12.82 7.45 2.72
C GLY B 1446 12.14 7.78 4.04
N SER B 1447 10.84 7.56 4.07
CA SER B 1447 10.05 7.86 5.26
C SER B 1447 10.44 6.95 6.43
N GLU B 1448 10.63 5.66 6.16
CA GLU B 1448 11.00 4.73 7.22
C GLU B 1448 12.33 5.12 7.87
N GLU B 1449 13.20 5.78 7.12
CA GLU B 1449 14.49 6.23 7.64
C GLU B 1449 14.43 7.62 8.25
N ARG B 1450 13.55 8.50 7.74
CA ARG B 1450 13.42 9.83 8.32
C ARG B 1450 12.56 9.82 9.57
N ILE B 1451 11.55 8.95 9.63
CA ILE B 1451 10.73 8.82 10.83
C ILE B 1451 11.58 8.40 12.01
N ARG B 1452 12.56 7.53 11.79
CA ARG B 1452 13.31 6.95 12.88
C ARG B 1452 14.45 7.82 13.39
N VAL B 1453 15.14 8.53 12.52
CA VAL B 1453 16.17 9.46 12.99
C VAL B 1453 15.48 10.66 13.61
N THR B 1454 14.25 10.97 13.20
CA THR B 1454 13.41 11.90 13.94
C THR B 1454 13.03 11.31 15.29
N PHE B 1455 12.63 10.04 15.31
CA PHE B 1455 12.29 9.35 16.56
C PHE B 1455 13.45 9.41 17.56
N GLU B 1456 14.69 9.35 17.07
CA GLU B 1456 15.84 9.34 17.97
C GLU B 1456 16.15 10.73 18.50
N ARG B 1457 16.11 11.76 17.64
CA ARG B 1457 16.40 13.12 18.08
C ARG B 1457 15.36 13.60 19.09
N VAL B 1458 14.08 13.32 18.85
CA VAL B 1458 13.02 13.76 19.75
C VAL B 1458 13.21 13.13 21.13
N GLU B 1459 13.64 11.87 21.17
CA GLU B 1459 13.98 11.24 22.43
C GLU B 1459 15.11 11.97 23.14
N GLN B 1460 16.13 12.39 22.38
CA GLN B 1460 17.23 13.15 22.97
C GLN B 1460 16.76 14.50 23.46
N MET B 1461 16.06 15.25 22.61
CA MET B 1461 15.66 16.62 22.94
C MET B 1461 14.73 16.64 24.15
N SER B 1462 13.93 15.59 24.33
CA SER B 1462 13.12 15.46 25.54
C SER B 1462 14.00 15.45 26.78
N ILE B 1463 15.14 14.76 26.71
CA ILE B 1463 16.06 14.69 27.85
C ILE B 1463 16.69 16.06 28.10
N GLN B 1464 16.95 16.80 27.02
CA GLN B 1464 17.66 18.06 27.13
C GLN B 1464 16.80 19.17 27.75
N ILE B 1465 15.56 19.30 27.29
CA ILE B 1465 14.66 20.33 27.81
C ILE B 1465 14.41 20.06 29.28
N LYS B 1466 14.29 18.79 29.65
CA LYS B 1466 14.26 18.42 31.06
C LYS B 1466 15.56 18.83 31.74
N GLU B 1467 16.68 18.68 31.04
CA GLU B 1467 17.99 19.08 31.52
C GLU B 1467 18.14 20.60 31.44
N VAL B 1468 17.23 21.26 30.71
CA VAL B 1468 16.98 22.68 30.87
C VAL B 1468 15.93 22.95 31.94
N GLY B 1469 14.87 22.14 32.01
CA GLY B 1469 13.73 22.47 32.86
C GLY B 1469 14.10 22.46 34.33
N ASP B 1470 14.98 21.56 34.73
CA ASP B 1470 15.47 21.54 36.10
C ASP B 1470 16.39 22.73 36.37
N ARG B 1471 17.29 23.00 35.42
CA ARG B 1471 18.23 24.10 35.56
C ARG B 1471 17.57 25.46 35.50
N VAL B 1472 16.52 25.63 34.69
CA VAL B 1472 15.99 26.96 34.42
C VAL B 1472 15.17 27.42 35.62
N ASN B 1473 14.51 26.47 36.29
CA ASN B 1473 14.04 26.70 37.65
C ASN B 1473 15.16 27.28 38.50
N TYR B 1474 16.33 26.66 38.43
CA TYR B 1474 17.43 26.95 39.33
C TYR B 1474 18.13 28.28 39.02
N ILE B 1475 17.71 28.97 37.96
CA ILE B 1475 18.21 30.31 37.66
C ILE B 1475 17.40 31.34 38.44
N LYS B 1476 16.07 31.29 38.33
CA LYS B 1476 15.23 32.32 38.94
C LYS B 1476 15.30 32.30 40.46
N ARG B 1477 15.79 31.22 41.05
CA ARG B 1477 15.85 31.12 42.50
C ARG B 1477 16.82 32.14 43.09
N SER B 1478 17.72 32.70 42.26
CA SER B 1478 18.51 33.85 42.68
C SER B 1478 17.64 35.10 42.80
N LEU B 1479 16.90 35.43 41.74
CA LEU B 1479 16.12 36.66 41.76
C LEU B 1479 14.92 36.57 42.69
N GLN B 1480 14.63 35.37 43.23
CA GLN B 1480 13.85 35.26 44.45
C GLN B 1480 14.69 35.33 45.71
N SER B 1481 15.92 34.81 45.71
CA SER B 1481 16.78 34.79 46.88
C SER B 1481 17.82 35.90 46.88
N LEU B 1482 18.64 36.01 45.83
CA LEU B 1482 19.58 37.11 45.71
C LEU B 1482 18.90 38.47 45.78
N ASP B 1483 17.76 38.64 45.14
CA ASP B 1483 17.06 39.92 45.14
C ASP B 1483 16.59 40.28 46.54
N SER C 341 66.94 20.88 -17.31
CA SER C 341 67.03 19.56 -17.97
C SER C 341 65.62 18.98 -18.03
N PRO C 342 65.41 17.88 -18.80
CA PRO C 342 64.05 17.31 -18.93
C PRO C 342 63.41 17.00 -17.59
N THR C 343 62.10 17.21 -17.51
CA THR C 343 61.39 17.08 -16.25
C THR C 343 61.51 15.68 -15.66
N ASP C 344 61.56 14.64 -16.49
CA ASP C 344 61.94 13.25 -16.18
C ASP C 344 61.13 12.60 -15.07
N ALA C 345 60.06 13.24 -14.60
CA ALA C 345 59.16 12.65 -13.64
C ALA C 345 57.77 13.25 -13.84
N TYR C 346 56.96 12.58 -14.66
CA TYR C 346 55.61 13.03 -14.92
C TYR C 346 54.68 11.85 -15.21
N GLY C 347 53.56 11.79 -14.50
CA GLY C 347 52.65 10.68 -14.67
C GLY C 347 51.50 10.78 -13.69
N VAL C 348 51.20 9.63 -13.08
CA VAL C 348 50.10 9.49 -12.13
C VAL C 348 50.67 9.12 -10.76
N ILE C 349 50.37 9.92 -9.75
CA ILE C 349 50.89 9.77 -8.39
C ILE C 349 49.82 9.10 -7.53
N ASN C 350 49.02 8.22 -8.15
CA ASN C 350 47.87 7.62 -7.49
C ASN C 350 48.25 7.06 -6.12
N PHE C 351 47.69 7.69 -5.09
CA PHE C 351 47.89 7.27 -3.72
C PHE C 351 47.41 5.84 -3.59
N GLN C 352 47.97 5.11 -2.62
CA GLN C 352 47.51 3.77 -2.29
C GLN C 352 46.02 3.82 -1.96
N GLY C 353 45.58 4.91 -1.34
CA GLY C 353 44.17 5.12 -1.09
C GLY C 353 43.67 4.25 0.04
N GLY C 354 42.69 4.76 0.78
CA GLY C 354 42.06 4.02 1.85
C GLY C 354 40.75 3.43 1.39
N SER C 355 39.65 4.13 1.72
CA SER C 355 38.32 3.72 1.27
C SER C 355 38.26 3.61 -0.25
N HIS C 356 39.01 4.46 -0.95
CA HIS C 356 39.06 4.48 -2.41
C HIS C 356 40.51 4.42 -2.87
N SER C 357 40.76 4.68 -4.14
CA SER C 357 42.10 4.68 -4.73
C SER C 357 42.37 6.02 -5.39
N TYR C 358 42.15 7.10 -4.61
CA TYR C 358 42.23 8.48 -5.06
C TYR C 358 43.43 8.78 -5.94
N ARG C 359 43.17 9.19 -7.18
CA ARG C 359 44.20 9.40 -8.18
C ARG C 359 44.68 10.84 -8.16
N ALA C 360 45.73 11.09 -8.94
CA ALA C 360 46.38 12.39 -8.96
C ALA C 360 47.40 12.41 -10.09
N LYS C 361 48.07 13.54 -10.28
CA LYS C 361 48.95 13.72 -11.45
C LYS C 361 50.12 14.61 -11.04
N TYR C 362 51.29 14.36 -11.62
CA TYR C 362 52.52 15.10 -11.32
C TYR C 362 53.28 15.39 -12.61
N VAL C 363 54.05 16.49 -12.60
CA VAL C 363 54.88 16.85 -13.75
C VAL C 363 56.34 17.09 -13.37
N ARG C 364 56.60 17.54 -12.14
CA ARG C 364 57.95 17.91 -11.71
C ARG C 364 58.62 18.88 -12.67
N LEU C 365 58.16 20.13 -12.73
CA LEU C 365 58.75 21.13 -13.61
C LEU C 365 59.80 21.96 -12.85
N SER C 366 60.32 22.99 -13.52
CA SER C 366 61.47 23.76 -13.05
C SER C 366 61.04 24.77 -11.99
N TYR C 367 61.90 25.75 -11.71
CA TYR C 367 61.50 26.99 -11.05
C TYR C 367 61.51 28.18 -11.99
N ASP C 368 61.56 27.95 -13.30
CA ASP C 368 61.59 29.03 -14.29
C ASP C 368 60.61 28.82 -15.44
N THR C 369 59.74 27.81 -15.36
CA THR C 369 58.71 27.57 -16.36
C THR C 369 57.82 28.81 -16.49
N LYS C 370 57.38 29.10 -17.70
CA LYS C 370 56.67 30.34 -17.96
C LYS C 370 55.18 30.18 -17.65
N PRO C 371 54.48 31.23 -17.22
CA PRO C 371 53.06 31.06 -16.86
C PRO C 371 52.19 30.57 -18.00
N GLU C 372 52.56 30.86 -19.25
CA GLU C 372 51.78 30.44 -20.40
C GLU C 372 51.80 28.92 -20.53
N ILE C 373 52.94 28.30 -20.23
CA ILE C 373 53.09 26.86 -20.42
C ILE C 373 52.53 26.10 -19.22
N ILE C 374 52.49 26.74 -18.06
CA ILE C 374 51.92 26.12 -16.86
C ILE C 374 50.44 25.90 -17.11
N LEU C 375 49.74 26.96 -17.53
CA LEU C 375 48.31 26.84 -17.81
C LEU C 375 48.05 25.89 -18.98
N GLN C 376 48.86 26.00 -20.03
CA GLN C 376 48.76 25.17 -21.22
C GLN C 376 48.74 23.69 -20.86
N LEU C 377 49.53 23.32 -19.86
CA LEU C 377 49.57 21.94 -19.36
C LEU C 377 48.25 21.53 -18.72
N LEU C 378 47.67 22.44 -17.92
CA LEU C 378 46.53 22.10 -17.08
C LEU C 378 45.29 21.76 -17.90
N LEU C 379 45.06 22.48 -19.00
CA LEU C 379 43.80 22.37 -19.73
C LEU C 379 43.94 21.45 -20.93
N LYS C 380 45.10 21.47 -21.59
CA LYS C 380 45.33 20.63 -22.75
C LYS C 380 45.50 19.16 -22.36
N GLU C 381 46.55 18.87 -21.58
CA GLU C 381 46.90 17.50 -21.24
C GLU C 381 45.99 16.91 -20.19
N TRP C 382 45.89 17.56 -19.04
CA TRP C 382 45.07 17.05 -17.95
C TRP C 382 43.57 17.22 -18.19
N GLN C 383 43.17 17.85 -19.30
CA GLN C 383 41.77 17.90 -19.75
C GLN C 383 40.87 18.51 -18.67
N MET C 384 41.36 19.59 -18.08
CA MET C 384 40.61 20.35 -17.09
C MET C 384 39.81 21.46 -17.77
N GLU C 385 38.72 21.85 -17.13
CA GLU C 385 37.92 22.98 -17.60
C GLU C 385 38.35 24.25 -16.90
N LEU C 386 38.15 25.38 -17.57
CA LEU C 386 38.51 26.66 -16.99
C LEU C 386 37.63 26.95 -15.77
N PRO C 387 38.18 27.44 -14.66
CA PRO C 387 37.35 27.63 -13.47
C PRO C 387 36.71 29.02 -13.45
N LYS C 388 35.46 29.04 -13.00
CA LYS C 388 34.79 30.31 -12.75
C LYS C 388 35.19 30.92 -11.41
N LEU C 389 36.14 30.32 -10.69
CA LEU C 389 36.64 30.87 -9.44
C LEU C 389 37.89 30.13 -9.00
N VAL C 390 38.78 30.86 -8.34
CA VAL C 390 39.98 30.32 -7.72
C VAL C 390 39.94 30.67 -6.23
N ILE C 391 40.12 29.65 -5.38
CA ILE C 391 40.23 29.85 -3.94
C ILE C 391 41.64 29.40 -3.56
N SER C 392 42.51 30.37 -3.28
CA SER C 392 43.82 30.07 -2.71
C SER C 392 43.72 29.98 -1.19
N VAL C 393 44.34 28.95 -0.62
CA VAL C 393 44.31 28.71 0.81
C VAL C 393 45.71 28.93 1.38
N HIS C 394 45.89 30.06 2.07
CA HIS C 394 47.12 30.36 2.78
C HIS C 394 46.83 30.39 4.28
N GLY C 395 47.19 29.32 4.96
CA GLY C 395 47.31 29.36 6.40
C GLY C 395 48.77 29.17 6.74
N GLY C 396 49.06 28.11 7.48
CA GLY C 396 50.45 27.74 7.73
C GLY C 396 50.63 26.25 7.56
N MET C 397 51.87 25.81 7.74
CA MET C 397 52.14 24.39 7.94
C MET C 397 52.04 24.08 9.43
N GLN C 398 51.78 22.82 9.76
CA GLN C 398 51.72 22.31 11.15
C GLN C 398 50.67 23.04 12.01
N LYS C 399 49.37 22.87 11.70
CA LYS C 399 48.32 23.69 12.31
C LYS C 399 47.61 23.01 13.47
N PHE C 400 47.59 21.68 13.51
CA PHE C 400 47.55 20.97 14.79
C PHE C 400 46.35 21.28 15.69
N GLU C 401 45.23 20.54 15.47
CA GLU C 401 44.00 20.59 16.26
C GLU C 401 43.12 21.80 16.02
N LEU C 402 42.55 21.87 14.82
CA LEU C 402 41.38 22.66 14.51
C LEU C 402 40.20 22.18 15.37
N HIS C 403 39.35 23.12 15.78
CA HIS C 403 38.31 22.86 16.77
C HIS C 403 37.24 21.93 16.19
N PRO C 404 36.32 21.39 17.04
CA PRO C 404 35.29 20.49 16.49
C PRO C 404 34.26 21.19 15.61
N ARG C 405 33.64 22.27 16.12
CA ARG C 405 32.60 22.95 15.37
C ARG C 405 33.19 23.67 14.16
N ILE C 406 34.40 24.22 14.32
CA ILE C 406 35.05 24.95 13.23
C ILE C 406 35.27 24.03 12.03
N LYS C 407 35.51 22.75 12.30
CA LYS C 407 35.74 21.76 11.25
C LYS C 407 34.51 21.61 10.37
N GLN C 408 33.34 21.56 11.00
CA GLN C 408 32.08 21.34 10.31
C GLN C 408 31.76 22.48 9.34
N LEU C 409 31.76 23.71 9.86
CA LEU C 409 31.26 24.86 9.10
C LEU C 409 32.17 25.19 7.92
N LEU C 410 33.49 25.27 8.16
CA LEU C 410 34.42 25.59 7.10
C LEU C 410 34.36 24.58 5.96
N GLY C 411 34.27 23.30 6.31
CA GLY C 411 34.16 22.27 5.29
C GLY C 411 32.87 22.41 4.51
N LYS C 412 31.74 22.20 5.19
CA LYS C 412 30.41 22.36 4.60
C LYS C 412 30.26 23.65 3.80
N GLY C 413 30.89 24.73 4.29
CA GLY C 413 30.81 25.98 3.57
C GLY C 413 31.74 26.04 2.37
N LEU C 414 32.93 25.47 2.50
CA LEU C 414 33.93 25.59 1.45
C LEU C 414 33.59 24.71 0.25
N ILE C 415 33.07 23.51 0.52
CA ILE C 415 32.68 22.60 -0.56
C ILE C 415 31.62 23.26 -1.44
N LYS C 416 30.63 23.87 -0.80
CA LYS C 416 29.50 24.48 -1.50
C LYS C 416 29.95 25.58 -2.45
N ALA C 417 30.87 26.44 -2.01
CA ALA C 417 31.41 27.47 -2.89
C ALA C 417 32.15 26.86 -4.07
N ALA C 418 32.79 25.70 -3.86
CA ALA C 418 33.59 25.07 -4.89
C ALA C 418 32.72 24.32 -5.89
N VAL C 419 31.77 23.52 -5.40
CA VAL C 419 30.96 22.70 -6.29
C VAL C 419 29.95 23.56 -7.03
N THR C 420 29.42 24.59 -6.37
CA THR C 420 28.40 25.42 -7.00
C THR C 420 28.97 26.42 -7.98
N THR C 421 30.30 26.50 -8.11
CA THR C 421 30.96 27.47 -8.97
C THR C 421 32.04 26.84 -9.84
N GLY C 422 32.28 25.54 -9.75
CA GLY C 422 33.32 24.89 -10.52
C GLY C 422 34.67 25.53 -10.32
N ALA C 423 35.20 25.43 -9.10
CA ALA C 423 36.36 26.21 -8.68
C ALA C 423 37.61 25.34 -8.60
N TRP C 424 38.76 26.00 -8.64
CA TRP C 424 40.06 25.38 -8.37
C TRP C 424 40.52 25.86 -7.00
N ILE C 425 40.64 24.92 -6.06
CA ILE C 425 41.24 25.20 -4.76
C ILE C 425 42.74 24.99 -4.90
N LEU C 426 43.53 25.96 -4.42
CA LEU C 426 44.99 25.91 -4.47
C LEU C 426 45.52 25.78 -3.05
N THR C 427 46.13 24.65 -2.74
CA THR C 427 46.76 24.37 -1.47
C THR C 427 48.26 24.21 -1.66
N GLY C 428 48.95 23.88 -0.57
CA GLY C 428 50.37 23.61 -0.62
C GLY C 428 50.69 22.16 -0.94
N GLY C 429 49.73 21.26 -0.74
CA GLY C 429 49.91 19.86 -1.05
C GLY C 429 50.39 19.03 0.13
N VAL C 430 51.38 19.53 0.85
CA VAL C 430 51.99 18.81 1.97
C VAL C 430 50.94 18.57 3.05
N ASN C 431 50.94 17.35 3.63
CA ASN C 431 49.95 16.98 4.65
C ASN C 431 50.43 17.50 6.00
N THR C 432 50.49 18.83 6.09
CA THR C 432 50.73 19.49 7.37
C THR C 432 50.09 20.87 7.33
N GLY C 433 49.03 21.03 8.12
CA GLY C 433 48.35 22.31 8.24
C GLY C 433 47.04 22.40 7.47
N VAL C 434 46.90 23.43 6.65
CA VAL C 434 45.63 23.67 5.96
C VAL C 434 45.33 22.53 4.99
N ALA C 435 46.33 22.09 4.22
CA ALA C 435 46.13 21.04 3.24
C ALA C 435 45.63 19.75 3.89
N LYS C 436 45.96 19.56 5.17
CA LYS C 436 45.35 18.47 5.94
C LYS C 436 43.86 18.73 6.14
N HIS C 437 43.51 19.91 6.64
CA HIS C 437 42.13 20.18 7.02
C HIS C 437 41.24 20.38 5.79
N VAL C 438 41.82 20.90 4.69
CA VAL C 438 41.08 20.97 3.43
C VAL C 438 40.71 19.57 2.97
N GLY C 439 41.69 18.67 2.91
CA GLY C 439 41.40 17.29 2.56
C GLY C 439 40.45 16.62 3.54
N ASP C 440 40.54 17.00 4.81
CA ASP C 440 39.58 16.52 5.79
C ASP C 440 38.17 16.99 5.44
N ALA C 441 38.05 18.25 5.02
CA ALA C 441 36.75 18.80 4.67
C ALA C 441 36.15 18.10 3.46
N LEU C 442 36.99 17.76 2.49
CA LEU C 442 36.56 17.01 1.31
C LEU C 442 35.94 15.69 1.72
N LYS C 443 36.71 14.90 2.48
CA LYS C 443 36.29 13.57 2.90
C LYS C 443 34.95 13.58 3.62
N GLU C 444 34.71 14.59 4.45
CA GLU C 444 33.45 14.70 5.16
C GLU C 444 32.30 14.87 4.18
N HIS C 445 32.26 16.01 3.50
CA HIS C 445 31.22 16.31 2.51
C HIS C 445 31.72 16.02 1.09
N ALA C 446 32.14 14.78 0.86
CA ALA C 446 32.69 14.38 -0.42
C ALA C 446 31.66 14.47 -1.53
N SER C 447 30.61 13.64 -1.47
CA SER C 447 29.66 13.45 -2.56
C SER C 447 30.35 13.07 -3.86
N ARG C 448 31.54 12.46 -3.76
CA ARG C 448 32.50 12.27 -4.85
C ARG C 448 32.55 13.46 -5.81
N SER C 449 32.46 14.67 -5.24
CA SER C 449 32.41 15.90 -6.02
C SER C 449 33.79 16.37 -6.47
N SER C 450 34.80 15.51 -6.39
CA SER C 450 36.07 15.77 -7.05
C SER C 450 35.87 16.00 -8.55
N ARG C 451 34.83 15.38 -9.12
CA ARG C 451 34.38 15.66 -10.48
C ARG C 451 34.20 17.16 -10.69
N LYS C 452 33.66 17.85 -9.68
CA LYS C 452 33.41 19.28 -9.73
C LYS C 452 34.38 20.10 -8.90
N ILE C 453 35.28 19.46 -8.16
CA ILE C 453 36.27 20.15 -7.34
C ILE C 453 37.64 19.63 -7.72
N CYS C 454 38.49 20.51 -8.23
CA CYS C 454 39.84 20.15 -8.68
C CYS C 454 40.85 20.82 -7.78
N THR C 455 41.15 20.18 -6.66
CA THR C 455 42.18 20.67 -5.76
C THR C 455 43.55 20.39 -6.36
N ILE C 456 44.44 21.36 -6.29
CA ILE C 456 45.76 21.29 -6.89
C ILE C 456 46.78 21.51 -5.79
N GLY C 457 47.85 20.72 -5.83
CA GLY C 457 48.94 20.82 -4.88
C GLY C 457 50.15 21.48 -5.54
N ILE C 458 50.72 22.45 -4.85
CA ILE C 458 51.93 23.13 -5.30
C ILE C 458 52.90 23.15 -4.12
N ALA C 459 54.05 22.46 -4.29
CA ALA C 459 55.08 22.38 -3.27
C ALA C 459 56.45 22.35 -3.93
N PRO C 460 57.55 22.55 -3.19
CA PRO C 460 58.87 22.29 -3.76
C PRO C 460 59.17 20.80 -3.82
N TRP C 461 60.03 20.43 -4.75
CA TRP C 461 60.42 19.03 -4.96
C TRP C 461 61.67 18.73 -4.16
N GLY C 462 61.53 17.87 -3.15
CA GLY C 462 62.63 17.50 -2.28
C GLY C 462 62.19 17.44 -0.83
N VAL C 463 61.26 18.32 -0.45
CA VAL C 463 60.82 18.40 0.94
C VAL C 463 59.79 17.33 1.27
N ILE C 464 59.59 16.37 0.36
CA ILE C 464 58.47 15.44 0.41
C ILE C 464 59.01 14.04 0.69
N GLU C 465 58.42 13.36 1.66
CA GLU C 465 58.76 11.98 1.94
C GLU C 465 58.49 11.11 0.71
N ASN C 466 59.29 10.06 0.56
CA ASN C 466 59.24 9.17 -0.60
C ASN C 466 59.37 9.96 -1.90
N ARG C 467 60.28 10.94 -1.94
CA ARG C 467 60.53 11.70 -3.16
C ARG C 467 60.96 10.79 -4.30
N ASN C 468 61.78 9.79 -4.01
CA ASN C 468 62.49 9.06 -5.06
C ASN C 468 61.66 7.99 -5.75
N ASP C 469 60.49 7.63 -5.20
CA ASP C 469 59.71 6.55 -5.83
C ASP C 469 58.79 7.04 -6.97
N LEU C 470 59.01 8.26 -7.47
CA LEU C 470 58.18 8.86 -8.51
C LEU C 470 58.94 9.13 -9.80
N VAL C 471 60.26 9.05 -9.78
CA VAL C 471 61.09 9.39 -10.93
C VAL C 471 60.77 8.45 -12.08
N GLY C 472 60.38 9.01 -13.22
CA GLY C 472 60.21 8.25 -14.43
C GLY C 472 59.16 8.86 -15.35
N ARG C 473 59.14 8.34 -16.58
CA ARG C 473 58.36 8.93 -17.66
C ARG C 473 57.00 8.25 -17.78
N ASP C 474 55.94 9.01 -17.54
CA ASP C 474 54.56 8.54 -17.66
C ASP C 474 54.35 7.28 -16.81
N VAL C 475 54.74 7.38 -15.55
CA VAL C 475 54.84 6.24 -14.65
C VAL C 475 53.67 6.30 -13.67
N VAL C 476 52.78 5.31 -13.74
CA VAL C 476 51.88 5.06 -12.64
C VAL C 476 52.74 4.70 -11.43
N ALA C 477 52.49 5.38 -10.31
CA ALA C 477 53.33 5.29 -9.13
C ALA C 477 52.49 4.85 -7.94
N PRO C 478 53.05 3.99 -7.06
CA PRO C 478 52.44 3.85 -5.73
C PRO C 478 52.98 4.90 -4.77
N TYR C 479 52.33 5.05 -3.62
CA TYR C 479 52.76 6.04 -2.63
C TYR C 479 52.02 5.74 -1.33
N GLN C 480 52.77 5.68 -0.23
CA GLN C 480 52.23 5.27 1.06
C GLN C 480 52.04 6.51 1.93
N THR C 481 50.82 6.73 2.39
CA THR C 481 50.52 7.81 3.32
C THR C 481 50.72 7.40 4.78
N LEU C 482 51.47 6.31 5.00
CA LEU C 482 51.88 5.89 6.33
C LEU C 482 52.57 7.02 7.06
N LEU C 483 52.08 7.35 8.26
CA LEU C 483 52.68 8.40 9.08
C LEU C 483 53.99 7.84 9.65
N ASN C 484 55.01 7.84 8.80
CA ASN C 484 56.31 7.28 9.13
C ASN C 484 56.86 8.06 10.33
N PRO C 485 57.00 7.45 11.53
CA PRO C 485 57.22 8.25 12.73
C PRO C 485 58.52 9.04 12.73
N LEU C 486 59.61 8.40 12.34
CA LEU C 486 60.91 9.06 12.25
C LEU C 486 60.93 10.19 11.23
N SER C 487 59.99 10.19 10.29
CA SER C 487 59.99 11.14 9.19
C SER C 487 59.57 12.51 9.68
N LYS C 488 60.49 13.48 9.61
CA LYS C 488 60.16 14.89 9.70
C LYS C 488 59.72 15.44 8.35
N LEU C 489 59.78 14.64 7.29
CA LEU C 489 59.43 15.10 5.95
C LEU C 489 57.93 15.30 5.84
N ASN C 490 57.48 15.80 4.70
CA ASN C 490 56.06 16.01 4.44
C ASN C 490 55.56 14.83 3.63
N VAL C 491 54.26 14.57 3.68
CA VAL C 491 53.61 13.59 2.82
C VAL C 491 52.52 14.32 2.04
N LEU C 492 52.31 13.91 0.78
CA LEU C 492 51.26 14.51 -0.02
C LEU C 492 49.91 13.98 0.43
N ASN C 493 48.90 14.86 0.41
CA ASN C 493 47.60 14.52 0.95
C ASN C 493 46.83 13.66 -0.04
N ASN C 494 46.32 12.52 0.45
CA ASN C 494 45.60 11.60 -0.41
C ASN C 494 44.38 12.24 -1.06
N LEU C 495 43.68 13.13 -0.34
CA LEU C 495 42.47 13.73 -0.87
C LEU C 495 42.78 14.97 -1.73
N HIS C 496 43.72 14.84 -2.67
CA HIS C 496 43.94 15.86 -3.69
C HIS C 496 43.78 15.21 -5.06
N SER C 497 43.92 16.02 -6.12
CA SER C 497 43.58 15.58 -7.47
C SER C 497 44.68 15.86 -8.49
N HIS C 498 45.56 16.82 -8.18
CA HIS C 498 46.63 17.20 -9.10
C HIS C 498 47.80 17.72 -8.29
N PHE C 499 48.99 17.70 -8.88
CA PHE C 499 50.20 18.15 -8.20
C PHE C 499 51.15 18.76 -9.21
N ILE C 500 51.74 19.89 -8.84
CA ILE C 500 52.84 20.51 -9.57
C ILE C 500 53.93 20.72 -8.54
N LEU C 501 55.15 20.28 -8.85
CA LEU C 501 56.22 20.20 -7.86
C LEU C 501 57.46 20.85 -8.44
N VAL C 502 58.03 21.78 -7.66
CA VAL C 502 58.89 22.82 -8.17
C VAL C 502 60.31 22.54 -7.71
N ASP C 503 61.22 22.32 -8.67
CA ASP C 503 62.63 22.15 -8.35
C ASP C 503 63.16 23.46 -7.79
N ASP C 504 64.34 23.41 -7.19
CA ASP C 504 64.94 24.57 -6.54
C ASP C 504 66.42 24.26 -6.36
N GLY C 505 67.10 24.99 -5.47
CA GLY C 505 68.44 24.65 -5.06
C GLY C 505 68.65 23.17 -4.83
N THR C 506 67.98 22.60 -3.82
CA THR C 506 68.00 21.15 -3.62
C THR C 506 66.99 20.68 -2.58
N VAL C 507 67.10 19.42 -2.19
CA VAL C 507 66.33 18.82 -1.11
C VAL C 507 66.45 19.66 0.15
N GLY C 508 65.41 19.65 0.98
CA GLY C 508 65.44 20.38 2.24
C GLY C 508 65.05 21.84 2.10
N LYS C 509 65.62 22.51 1.10
CA LYS C 509 65.24 23.88 0.75
C LYS C 509 63.74 23.98 0.55
N TYR C 510 63.08 24.80 1.37
CA TYR C 510 61.63 24.97 1.36
C TYR C 510 61.32 26.45 1.22
N GLY C 511 60.45 26.77 0.26
CA GLY C 511 59.98 28.13 0.05
C GLY C 511 60.23 28.66 -1.34
N ALA C 512 60.36 27.75 -2.33
CA ALA C 512 60.55 28.15 -3.72
C ALA C 512 59.32 27.86 -4.57
N GLU C 513 58.12 27.92 -3.97
CA GLU C 513 56.87 27.69 -4.68
C GLU C 513 56.00 28.93 -4.78
N VAL C 514 56.37 30.03 -4.11
CA VAL C 514 55.47 31.17 -3.97
C VAL C 514 55.24 31.84 -5.31
N ARG C 515 56.28 31.86 -6.17
CA ARG C 515 56.17 32.55 -7.45
C ARG C 515 55.12 31.91 -8.34
N LEU C 516 55.16 30.58 -8.47
CA LEU C 516 54.34 29.91 -9.46
C LEU C 516 52.85 30.03 -9.13
N ARG C 517 52.51 29.90 -7.85
CA ARG C 517 51.14 30.12 -7.41
C ARG C 517 50.65 31.50 -7.83
N ARG C 518 51.47 32.52 -7.60
CA ARG C 518 51.05 33.88 -7.94
C ARG C 518 50.90 34.05 -9.45
N GLU C 519 51.96 33.73 -10.21
CA GLU C 519 51.92 33.90 -11.67
C GLU C 519 50.73 33.18 -12.28
N LEU C 520 50.36 32.03 -11.71
CA LEU C 520 49.15 31.34 -12.14
C LEU C 520 47.90 32.15 -11.77
N GLU C 521 47.89 32.75 -10.58
CA GLU C 521 46.75 33.56 -10.16
C GLU C 521 46.58 34.78 -11.04
N LYS C 522 47.70 35.40 -11.45
CA LYS C 522 47.64 36.48 -12.44
C LYS C 522 47.11 35.95 -13.76
N THR C 523 47.55 34.74 -14.14
CA THR C 523 47.23 34.21 -15.46
C THR C 523 45.74 33.89 -15.58
N ILE C 524 45.17 33.24 -14.56
CA ILE C 524 43.77 32.83 -14.63
C ILE C 524 42.88 34.06 -14.62
N ASN C 525 43.25 35.09 -13.86
CA ASN C 525 42.52 36.35 -13.84
C ASN C 525 42.62 37.10 -15.17
N GLN C 526 43.52 36.71 -16.07
CA GLN C 526 43.60 37.27 -17.41
C GLN C 526 42.98 36.31 -18.43
N GLN C 527 41.92 35.61 -18.04
CA GLN C 527 41.13 34.79 -18.92
C GLN C 527 39.67 35.14 -18.73
N ARG C 528 38.92 35.21 -19.83
CA ARG C 528 37.51 35.57 -19.73
C ARG C 528 36.71 34.40 -19.16
N ILE C 529 35.79 34.72 -18.25
CA ILE C 529 35.08 33.70 -17.49
C ILE C 529 34.04 32.96 -18.31
N HIS C 530 33.65 33.47 -19.48
CA HIS C 530 32.71 32.77 -20.34
C HIS C 530 32.82 33.36 -21.74
N ALA C 531 32.36 32.59 -22.73
CA ALA C 531 32.43 33.01 -24.13
C ALA C 531 31.69 34.33 -24.38
N ARG C 532 30.76 34.68 -23.49
CA ARG C 532 29.91 35.86 -23.62
C ARG C 532 30.27 36.98 -22.64
N ILE C 533 30.93 36.65 -21.55
CA ILE C 533 31.24 37.60 -20.48
C ILE C 533 32.69 38.02 -20.63
N GLY C 534 32.94 39.30 -20.38
CA GLY C 534 34.25 39.88 -20.61
C GLY C 534 35.11 39.95 -19.36
N GLN C 535 34.46 39.99 -18.19
CA GLN C 535 35.15 40.03 -16.91
C GLN C 535 36.11 38.85 -16.76
N GLY C 536 37.24 39.08 -16.10
CA GLY C 536 38.19 38.02 -15.84
C GLY C 536 37.79 37.13 -14.69
N VAL C 537 38.39 35.95 -14.63
CA VAL C 537 38.12 34.98 -13.57
C VAL C 537 38.45 35.62 -12.23
N PRO C 538 37.58 35.59 -11.23
CA PRO C 538 37.94 36.17 -9.93
C PRO C 538 38.91 35.27 -9.17
N VAL C 539 39.62 35.87 -8.23
CA VAL C 539 40.55 35.19 -7.34
C VAL C 539 40.26 35.68 -5.93
N VAL C 540 40.16 34.75 -4.99
CA VAL C 540 39.98 35.08 -3.58
C VAL C 540 40.88 34.18 -2.76
N ALA C 541 41.34 34.71 -1.64
CA ALA C 541 42.26 34.02 -0.74
C ALA C 541 41.58 33.81 0.60
N LEU C 542 41.64 32.58 1.10
CA LEU C 542 41.10 32.23 2.41
C LEU C 542 42.24 31.88 3.35
N ILE C 543 42.08 32.24 4.62
CA ILE C 543 43.15 32.18 5.61
C ILE C 543 42.65 31.38 6.81
N PHE C 544 43.39 30.32 7.14
CA PHE C 544 43.14 29.50 8.32
C PHE C 544 44.37 29.49 9.21
N GLU C 545 44.27 30.12 10.38
CA GLU C 545 45.36 30.16 11.35
C GLU C 545 46.62 30.70 10.70
N GLY C 546 46.59 31.97 10.30
CA GLY C 546 47.71 32.53 9.56
C GLY C 546 48.93 32.72 10.42
N GLY C 547 49.81 33.65 10.06
CA GLY C 547 51.16 33.64 10.58
C GLY C 547 51.95 34.87 10.17
N PRO C 548 53.12 35.04 10.80
CA PRO C 548 53.87 36.29 10.61
C PRO C 548 54.33 36.52 9.18
N ASN C 549 54.43 35.46 8.38
CA ASN C 549 54.71 35.63 6.95
C ASN C 549 53.41 35.70 6.15
N VAL C 550 52.35 35.07 6.64
CA VAL C 550 51.04 35.17 5.99
C VAL C 550 50.54 36.60 6.04
N ILE C 551 50.75 37.28 7.17
CA ILE C 551 50.29 38.66 7.32
C ILE C 551 51.07 39.58 6.39
N LEU C 552 52.20 39.11 5.85
CA LEU C 552 52.82 39.77 4.71
C LEU C 552 52.18 39.30 3.40
N THR C 553 51.74 38.04 3.35
CA THR C 553 51.01 37.54 2.18
C THR C 553 49.68 38.26 2.01
N VAL C 554 49.00 38.57 3.12
CA VAL C 554 47.74 39.30 3.05
C VAL C 554 47.98 40.68 2.43
N LEU C 555 48.98 41.39 2.95
CA LEU C 555 49.30 42.72 2.43
C LEU C 555 49.69 42.67 0.96
N GLU C 556 50.41 41.61 0.56
CA GLU C 556 50.91 41.51 -0.81
C GLU C 556 49.77 41.47 -1.81
N TYR C 557 48.59 41.04 -1.38
CA TYR C 557 47.42 41.00 -2.26
C TYR C 557 46.79 42.39 -2.37
N LEU C 558 46.51 43.00 -1.23
CA LEU C 558 45.87 44.32 -1.22
C LEU C 558 46.72 45.36 -1.93
N GLN C 559 48.04 45.15 -2.00
CA GLN C 559 48.92 45.98 -2.82
C GLN C 559 48.87 45.63 -4.30
N GLU C 560 48.27 44.49 -4.67
CA GLU C 560 48.36 44.00 -6.03
C GLU C 560 47.37 44.75 -6.92
N SER C 561 47.67 44.75 -8.23
CA SER C 561 46.86 45.39 -9.26
C SER C 561 46.36 44.31 -10.21
N PRO C 562 45.07 43.90 -10.12
CA PRO C 562 43.99 44.34 -9.23
C PRO C 562 44.17 43.84 -7.79
N PRO C 563 43.54 44.50 -6.81
CA PRO C 563 43.72 44.08 -5.41
C PRO C 563 42.86 42.88 -4.99
N VAL C 564 43.43 41.69 -5.19
CA VAL C 564 42.86 40.41 -4.77
C VAL C 564 42.30 40.52 -3.35
N PRO C 565 41.05 40.16 -3.07
CA PRO C 565 40.55 40.24 -1.70
C PRO C 565 41.04 39.06 -0.86
N VAL C 566 40.67 39.10 0.43
CA VAL C 566 41.08 38.11 1.41
C VAL C 566 39.90 37.83 2.34
N VAL C 567 39.76 36.58 2.75
CA VAL C 567 38.79 36.17 3.77
C VAL C 567 39.56 35.59 4.95
N VAL C 568 39.03 35.82 6.15
CA VAL C 568 39.57 35.23 7.37
C VAL C 568 38.40 34.65 8.15
N CYS C 569 38.73 33.83 9.15
CA CYS C 569 37.73 33.20 10.01
C CYS C 569 38.25 33.17 11.43
N GLU C 570 37.42 33.61 12.37
CA GLU C 570 37.80 33.53 13.77
C GLU C 570 37.54 32.12 14.29
N GLY C 571 38.03 31.85 15.49
CA GLY C 571 38.11 30.50 16.01
C GLY C 571 39.40 29.78 15.69
N THR C 572 40.32 30.42 14.97
CA THR C 572 41.63 29.85 14.69
C THR C 572 42.55 30.10 15.89
N GLY C 573 43.85 29.88 15.73
CA GLY C 573 44.80 29.96 16.84
C GLY C 573 46.09 30.70 16.54
N ARG C 574 46.12 31.45 15.45
CA ARG C 574 47.23 32.31 15.09
C ARG C 574 46.64 33.35 14.15
N ALA C 575 47.47 34.01 13.34
CA ALA C 575 47.27 35.38 12.88
C ALA C 575 45.87 35.72 12.37
N ALA C 576 45.14 34.73 11.85
CA ALA C 576 43.77 34.98 11.41
C ALA C 576 42.90 35.46 12.57
N ASP C 577 42.90 34.72 13.68
CA ASP C 577 42.19 35.17 14.88
C ASP C 577 42.75 36.50 15.39
N LEU C 578 44.04 36.75 15.19
CA LEU C 578 44.62 38.03 15.59
C LEU C 578 44.07 39.13 14.71
N LEU C 579 44.32 39.03 13.39
CA LEU C 579 43.80 40.03 12.47
C LEU C 579 42.27 40.07 12.50
N ALA C 580 41.62 38.99 12.95
CA ALA C 580 40.23 39.07 13.36
C ALA C 580 40.06 39.98 14.59
N TYR C 581 40.95 39.84 15.58
CA TYR C 581 40.84 40.74 16.73
C TYR C 581 41.17 42.17 16.32
N ILE C 582 42.10 42.32 15.36
CA ILE C 582 42.45 43.64 14.85
C ILE C 582 41.22 44.31 14.21
N HIS C 583 40.37 43.51 13.57
CA HIS C 583 39.18 43.98 12.88
C HIS C 583 38.29 44.82 13.79
N LYS C 584 37.86 44.28 14.92
CA LYS C 584 36.78 44.87 15.69
C LYS C 584 37.10 46.27 16.21
N GLN C 585 38.37 46.52 16.52
CA GLN C 585 38.83 47.82 17.04
C GLN C 585 39.60 48.52 15.93
N THR C 586 38.87 49.16 15.02
CA THR C 586 39.45 50.02 13.99
C THR C 586 38.30 50.70 13.27
N GLU C 587 38.55 51.93 12.81
CA GLU C 587 37.60 52.68 11.99
C GLU C 587 38.07 52.71 10.54
N GLU C 588 37.23 53.27 9.67
CA GLU C 588 37.46 53.16 8.23
C GLU C 588 38.73 53.88 7.83
N GLY C 589 39.80 53.12 7.60
CA GLY C 589 41.09 53.68 7.26
C GLY C 589 41.95 54.02 8.45
N GLY C 590 41.35 54.13 9.63
CA GLY C 590 42.05 54.55 10.83
C GLY C 590 43.10 53.57 11.30
N ASN C 591 44.13 54.09 11.97
CA ASN C 591 45.19 53.27 12.53
C ASN C 591 44.91 52.79 13.95
N LEU C 592 44.19 53.58 14.74
CA LEU C 592 43.87 53.17 16.10
C LEU C 592 42.74 54.02 16.69
N PRO C 593 41.81 53.43 17.48
CA PRO C 593 41.11 54.24 18.49
C PRO C 593 42.06 54.46 19.67
N ASP C 594 41.56 55.01 20.79
CA ASP C 594 42.38 55.40 21.94
C ASP C 594 43.48 54.39 22.25
N ALA C 595 44.72 54.90 22.35
CA ALA C 595 45.91 54.13 22.01
C ALA C 595 46.03 52.84 22.80
N ALA C 596 46.11 51.72 22.06
CA ALA C 596 46.42 50.42 22.64
C ALA C 596 47.53 49.72 21.87
N GLU C 597 48.26 50.43 21.01
CA GLU C 597 49.37 49.80 20.29
C GLU C 597 50.44 49.20 21.19
N PRO C 598 50.64 49.63 22.47
CA PRO C 598 51.44 48.78 23.37
C PRO C 598 50.79 47.42 23.59
N ASP C 599 49.48 47.42 23.86
CA ASP C 599 48.80 46.16 24.12
C ASP C 599 48.69 45.30 22.87
N ILE C 600 48.69 45.92 21.69
CA ILE C 600 48.63 45.17 20.44
C ILE C 600 50.01 44.55 20.23
N ILE C 601 51.06 45.37 20.33
CA ILE C 601 52.42 44.88 20.17
C ILE C 601 52.74 43.84 21.25
N SER C 602 52.11 43.95 22.41
CA SER C 602 52.21 42.90 23.43
C SER C 602 51.70 41.59 22.86
N THR C 603 50.55 41.65 22.19
CA THR C 603 49.94 40.43 21.65
C THR C 603 50.67 39.96 20.40
N ILE C 604 51.24 40.89 19.62
CA ILE C 604 51.99 40.52 18.42
C ILE C 604 53.15 39.63 18.83
N LYS C 605 53.92 40.05 19.84
CA LYS C 605 55.06 39.25 20.28
C LYS C 605 54.67 38.09 21.17
N LYS C 606 53.48 38.14 21.77
CA LYS C 606 53.01 37.01 22.57
C LYS C 606 52.96 35.73 21.74
N THR C 607 52.36 35.81 20.55
CA THR C 607 52.19 34.63 19.71
C THR C 607 53.52 34.16 19.14
N PHE C 608 54.17 35.02 18.35
CA PHE C 608 55.53 34.77 17.85
C PHE C 608 56.48 35.73 18.55
N ASN C 609 57.40 35.16 19.31
CA ASN C 609 58.26 35.93 20.20
C ASN C 609 59.22 36.84 19.43
N PHE C 610 58.98 38.15 19.50
CA PHE C 610 59.86 39.17 18.94
C PHE C 610 60.69 39.88 20.02
N GLY C 611 60.02 40.49 20.99
CA GLY C 611 60.66 41.35 21.97
C GLY C 611 60.95 42.73 21.42
N GLN C 612 60.03 43.24 20.59
CA GLN C 612 60.20 44.52 19.90
C GLN C 612 61.42 44.48 18.99
N SER C 613 61.83 43.29 18.55
CA SER C 613 62.82 43.21 17.49
C SER C 613 62.23 43.78 16.21
N GLU C 614 61.07 43.25 15.80
CA GLU C 614 60.28 43.89 14.76
C GLU C 614 58.78 43.79 15.05
N ALA C 615 58.37 43.54 16.30
CA ALA C 615 56.96 43.52 16.64
C ALA C 615 56.29 44.85 16.30
N VAL C 616 57.04 45.94 16.35
CA VAL C 616 56.54 47.22 15.85
C VAL C 616 56.22 47.10 14.36
N HIS C 617 57.16 46.53 13.58
CA HIS C 617 56.95 46.40 12.14
C HIS C 617 55.69 45.60 11.83
N LEU C 618 55.45 44.54 12.60
CA LEU C 618 54.25 43.73 12.40
C LEU C 618 52.98 44.54 12.68
N PHE C 619 53.09 45.58 13.51
CA PHE C 619 51.93 46.42 13.79
C PHE C 619 51.55 47.26 12.58
N GLN C 620 52.54 47.83 11.88
CA GLN C 620 52.23 48.63 10.71
C GLN C 620 51.75 47.77 9.55
N THR C 621 52.06 46.47 9.58
CA THR C 621 51.45 45.54 8.62
C THR C 621 49.99 45.31 8.96
N MET C 622 49.70 45.06 10.23
CA MET C 622 48.32 45.00 10.71
C MET C 622 47.61 46.34 10.51
N MET C 623 48.37 47.43 10.49
CA MET C 623 47.80 48.76 10.23
C MET C 623 47.29 48.85 8.80
N GLU C 624 48.10 48.42 7.84
CA GLU C 624 47.67 48.49 6.44
C GLU C 624 46.68 47.38 6.10
N CYS C 625 46.52 46.40 6.98
CA CYS C 625 45.52 45.35 6.77
C CYS C 625 44.19 45.73 7.41
N MET C 626 44.24 46.44 8.53
CA MET C 626 43.03 47.03 9.10
C MET C 626 42.62 48.28 8.32
N LYS C 627 43.43 48.72 7.36
CA LYS C 627 43.15 49.92 6.59
C LYS C 627 42.23 49.63 5.41
N LYS C 628 42.68 48.81 4.47
CA LYS C 628 41.90 48.50 3.29
C LYS C 628 40.83 47.47 3.63
N LYS C 629 39.84 47.90 4.41
CA LYS C 629 38.80 47.02 4.92
C LYS C 629 37.74 46.72 3.89
N GLU C 630 37.83 47.34 2.71
CA GLU C 630 36.91 47.06 1.62
C GLU C 630 37.24 45.74 0.91
N LEU C 631 38.21 44.97 1.40
CA LEU C 631 38.60 43.71 0.80
C LEU C 631 38.90 42.64 1.86
N ILE C 632 38.42 42.85 3.09
CA ILE C 632 38.67 41.93 4.20
C ILE C 632 37.33 41.51 4.79
N THR C 633 37.27 40.29 5.29
CA THR C 633 36.03 39.69 5.74
C THR C 633 36.34 38.61 6.76
N VAL C 634 35.72 38.75 7.94
CA VAL C 634 35.83 37.75 9.00
C VAL C 634 34.50 37.00 9.06
N PHE C 635 34.57 35.70 9.31
CA PHE C 635 33.38 34.88 9.48
C PHE C 635 33.18 34.62 10.98
N HIS C 636 32.28 35.41 11.59
CA HIS C 636 31.98 35.27 13.02
C HIS C 636 31.21 33.96 13.25
N ILE C 637 31.85 33.08 14.02
CA ILE C 637 31.30 31.75 14.30
C ILE C 637 30.65 31.78 15.67
N GLY C 638 29.32 31.83 15.70
CA GLY C 638 28.55 31.76 16.93
C GLY C 638 27.37 32.71 16.95
N SER C 639 27.51 33.86 16.28
CA SER C 639 26.46 34.87 16.25
C SER C 639 25.65 34.80 14.96
N GLU C 640 25.81 33.73 14.19
CA GLU C 640 25.28 33.55 12.82
C GLU C 640 25.41 34.81 11.98
N ASP C 641 26.44 35.61 12.22
CA ASP C 641 26.66 36.83 11.47
C ASP C 641 27.34 36.48 10.17
N HIS C 642 26.74 36.89 9.06
CA HIS C 642 27.31 36.61 7.74
C HIS C 642 27.42 35.10 7.54
N GLN C 643 26.28 34.44 7.37
CA GLN C 643 26.10 32.99 7.43
C GLN C 643 27.00 32.26 6.44
N ASP C 644 26.98 30.92 6.44
CA ASP C 644 28.01 29.98 6.00
C ASP C 644 28.95 30.44 4.89
N ILE C 645 30.20 29.97 5.02
CA ILE C 645 31.39 30.63 4.47
C ILE C 645 31.32 30.79 2.96
N ASP C 646 30.50 29.99 2.26
CA ASP C 646 30.39 30.15 0.82
C ASP C 646 29.89 31.55 0.46
N VAL C 647 28.86 32.02 1.17
CA VAL C 647 28.33 33.35 0.94
C VAL C 647 29.41 34.38 1.21
N ALA C 648 30.30 34.09 2.15
CA ALA C 648 31.38 34.99 2.49
C ALA C 648 32.46 35.01 1.41
N ILE C 649 32.87 33.83 0.95
CA ILE C 649 33.91 33.76 -0.08
C ILE C 649 33.46 34.47 -1.35
N LEU C 650 32.15 34.42 -1.64
CA LEU C 650 31.66 34.94 -2.90
C LEU C 650 31.24 36.40 -2.79
N THR C 651 30.47 36.73 -1.74
CA THR C 651 30.14 38.11 -1.44
C THR C 651 31.39 38.98 -1.30
N ALA C 652 32.50 38.41 -0.83
CA ALA C 652 33.75 39.15 -0.74
C ALA C 652 34.18 39.68 -2.09
N LEU C 653 33.91 38.93 -3.15
CA LEU C 653 34.27 39.35 -4.51
C LEU C 653 33.34 40.44 -5.03
N LEU C 654 32.21 40.66 -4.35
CA LEU C 654 31.24 41.66 -4.80
C LEU C 654 31.47 43.00 -4.10
N LYS C 655 31.69 42.97 -2.79
CA LYS C 655 32.03 44.16 -2.04
C LYS C 655 33.46 44.57 -2.41
N GLY C 656 33.82 45.80 -2.09
CA GLY C 656 35.01 46.41 -2.65
C GLY C 656 34.93 46.33 -4.16
N THR C 657 36.09 46.24 -4.82
CA THR C 657 36.23 45.81 -6.22
C THR C 657 35.17 46.40 -7.13
N ASN C 658 34.86 47.70 -6.96
CA ASN C 658 33.55 48.30 -7.23
C ASN C 658 32.82 47.72 -8.44
N ALA C 659 33.49 47.73 -9.59
CA ALA C 659 33.21 46.98 -10.81
C ALA C 659 31.92 47.30 -11.54
N SER C 660 30.81 47.51 -10.81
CA SER C 660 29.52 48.00 -11.30
C SER C 660 28.44 47.58 -10.33
N ALA C 661 27.18 47.90 -10.64
CA ALA C 661 26.06 47.05 -10.23
C ALA C 661 25.88 45.89 -11.22
N PHE C 662 26.15 46.16 -12.50
CA PHE C 662 25.93 45.21 -13.58
C PHE C 662 26.85 43.99 -13.47
N ASP C 663 28.16 44.21 -13.54
CA ASP C 663 29.14 43.13 -13.49
C ASP C 663 28.95 42.24 -12.27
N GLN C 664 28.46 42.79 -11.16
CA GLN C 664 28.06 41.96 -10.03
C GLN C 664 27.01 40.94 -10.45
N LEU C 665 26.02 41.39 -11.22
CA LEU C 665 24.95 40.50 -11.68
C LEU C 665 25.49 39.47 -12.66
N ILE C 666 26.38 39.89 -13.56
CA ILE C 666 26.91 39.00 -14.58
C ILE C 666 27.75 37.90 -13.95
N LEU C 667 28.41 38.18 -12.83
CA LEU C 667 29.29 37.20 -12.21
C LEU C 667 28.47 36.10 -11.54
N THR C 668 27.38 36.47 -10.88
CA THR C 668 26.48 35.48 -10.31
C THR C 668 25.89 34.59 -11.40
N LEU C 669 25.64 35.17 -12.57
CA LEU C 669 25.04 34.44 -13.68
C LEU C 669 25.94 33.30 -14.16
N ALA C 670 27.22 33.62 -14.41
CA ALA C 670 28.17 32.59 -14.79
C ALA C 670 28.26 31.49 -13.73
N TRP C 671 28.23 31.87 -12.46
CA TRP C 671 28.24 30.91 -11.37
C TRP C 671 26.92 30.16 -11.23
N ASP C 672 25.81 30.75 -11.67
CA ASP C 672 24.46 30.24 -11.41
C ASP C 672 24.21 30.19 -9.90
N ARG C 673 24.28 31.38 -9.30
CA ARG C 673 23.94 31.60 -7.88
C ARG C 673 22.93 32.75 -7.82
N VAL C 674 21.66 32.41 -7.65
CA VAL C 674 20.61 33.43 -7.64
C VAL C 674 20.43 33.99 -6.24
N ASP C 675 20.62 33.16 -5.23
CA ASP C 675 20.53 33.57 -3.83
C ASP C 675 21.46 34.74 -3.55
N ILE C 676 22.66 34.69 -4.13
CA ILE C 676 23.62 35.79 -4.02
C ILE C 676 23.03 37.01 -4.72
N ALA C 677 22.57 36.81 -5.95
CA ALA C 677 22.10 37.91 -6.79
C ALA C 677 20.88 38.60 -6.19
N LYS C 678 19.88 37.82 -5.81
CA LYS C 678 18.67 38.35 -5.19
C LYS C 678 18.99 39.18 -3.96
N ASN C 679 19.84 38.65 -3.08
CA ASN C 679 20.02 39.21 -1.75
C ASN C 679 21.13 40.25 -1.70
N HIS C 680 22.18 40.07 -2.50
CA HIS C 680 23.37 40.91 -2.41
C HIS C 680 23.62 41.77 -3.66
N VAL C 681 22.72 41.72 -4.65
CA VAL C 681 22.73 42.64 -5.76
C VAL C 681 21.40 43.38 -5.91
N PHE C 682 20.28 42.64 -5.85
CA PHE C 682 18.96 43.26 -5.88
C PHE C 682 18.56 43.69 -4.47
N VAL C 683 19.34 44.65 -3.97
CA VAL C 683 19.17 45.19 -2.63
C VAL C 683 18.30 46.43 -2.75
N TYR C 684 17.69 46.86 -1.64
CA TYR C 684 16.95 48.10 -1.67
C TYR C 684 17.89 49.26 -1.96
N GLY C 685 17.44 50.20 -2.80
CA GLY C 685 18.21 51.36 -3.14
C GLY C 685 19.28 51.14 -4.19
N GLN C 686 19.39 49.92 -4.73
CA GLN C 686 20.37 49.65 -5.76
C GLN C 686 20.04 50.45 -7.00
N GLN C 687 20.84 51.46 -7.30
CA GLN C 687 20.59 52.29 -8.47
C GLN C 687 20.93 51.53 -9.74
N TRP C 688 19.91 51.15 -10.50
CA TRP C 688 20.13 50.45 -11.76
C TRP C 688 20.26 51.43 -12.90
N LEU C 689 21.12 51.08 -13.85
CA LEU C 689 21.37 51.82 -15.08
C LEU C 689 20.20 51.52 -16.03
N VAL C 690 20.44 51.62 -17.33
CA VAL C 690 19.46 51.61 -18.39
C VAL C 690 19.52 50.17 -18.85
N GLY C 691 19.00 49.84 -20.03
CA GLY C 691 18.79 48.45 -20.40
C GLY C 691 19.97 47.48 -20.38
N SER C 692 21.06 47.84 -19.69
CA SER C 692 21.93 46.85 -19.07
C SER C 692 21.15 45.65 -18.53
N LEU C 693 20.07 45.89 -17.79
CA LEU C 693 19.24 44.78 -17.30
C LEU C 693 18.72 43.93 -18.45
N GLU C 694 18.35 44.56 -19.57
CA GLU C 694 17.94 43.78 -20.72
C GLU C 694 19.10 42.94 -21.24
N GLN C 695 20.28 43.52 -21.32
CA GLN C 695 21.46 42.79 -21.80
C GLN C 695 21.76 41.59 -20.90
N ALA C 696 21.37 41.66 -19.63
CA ALA C 696 21.50 40.49 -18.76
C ALA C 696 20.49 39.42 -19.15
N MET C 697 19.26 39.80 -19.49
CA MET C 697 18.26 38.83 -19.92
C MET C 697 18.72 38.10 -21.17
N LEU C 698 19.28 38.84 -22.13
CA LEU C 698 19.79 38.23 -23.35
C LEU C 698 20.87 37.20 -23.05
N ASP C 699 21.66 37.45 -22.00
CA ASP C 699 22.73 36.53 -21.65
C ASP C 699 22.18 35.32 -20.90
N ALA C 700 21.13 35.51 -20.12
CA ALA C 700 20.54 34.42 -19.36
C ALA C 700 19.74 33.47 -20.26
N LEU C 701 19.11 34.00 -21.30
CA LEU C 701 18.30 33.17 -22.19
C LEU C 701 19.19 32.24 -23.01
N VAL C 702 20.30 32.76 -23.55
CA VAL C 702 21.24 31.91 -24.27
C VAL C 702 21.80 30.83 -23.37
N MET C 703 22.34 31.23 -22.22
CA MET C 703 23.00 30.34 -21.29
C MET C 703 22.06 29.35 -20.60
N ASP C 704 20.75 29.45 -20.84
CA ASP C 704 19.76 28.55 -20.25
C ASP C 704 19.79 28.68 -18.73
N ARG C 705 19.75 29.93 -18.30
CA ARG C 705 19.78 30.33 -16.90
C ARG C 705 18.37 30.75 -16.52
N VAL C 706 17.54 29.77 -16.18
CA VAL C 706 16.10 30.00 -16.05
C VAL C 706 15.80 30.87 -14.84
N SER C 707 16.47 30.62 -13.72
CA SER C 707 16.11 31.32 -12.49
C SER C 707 16.51 32.79 -12.54
N PHE C 708 17.45 33.15 -13.43
CA PHE C 708 17.77 34.55 -13.64
C PHE C 708 16.78 35.23 -14.57
N VAL C 709 16.11 34.44 -15.42
CA VAL C 709 15.00 34.98 -16.22
C VAL C 709 13.83 35.33 -15.31
N LYS C 710 13.48 34.39 -14.43
CA LYS C 710 12.44 34.59 -13.44
C LYS C 710 12.71 35.84 -12.61
N LEU C 711 13.92 35.93 -12.04
CA LEU C 711 14.29 37.06 -11.20
C LEU C 711 14.16 38.39 -11.92
N LEU C 712 14.78 38.50 -13.10
CA LEU C 712 14.78 39.75 -13.83
C LEU C 712 13.38 40.18 -14.25
N ILE C 713 12.49 39.21 -14.51
CA ILE C 713 11.09 39.55 -14.77
C ILE C 713 10.46 40.17 -13.53
N GLU C 714 10.65 39.54 -12.37
CA GLU C 714 10.14 40.07 -11.12
C GLU C 714 10.64 41.47 -10.82
N ASN C 715 11.88 41.78 -11.20
CA ASN C 715 12.52 43.03 -10.85
C ASN C 715 12.57 44.03 -12.02
N GLY C 716 11.56 44.00 -12.89
CA GLY C 716 11.27 45.13 -13.75
C GLY C 716 11.39 44.94 -15.25
N VAL C 717 12.01 43.86 -15.70
CA VAL C 717 12.24 43.67 -17.12
C VAL C 717 10.92 43.38 -17.81
N SER C 718 10.78 43.88 -19.04
CA SER C 718 9.57 43.74 -19.85
C SER C 718 9.92 42.99 -21.12
N MET C 719 9.28 41.83 -21.34
CA MET C 719 9.49 41.10 -22.58
C MET C 719 8.95 41.87 -23.78
N HIS C 720 7.88 42.63 -23.59
CA HIS C 720 7.31 43.42 -24.68
C HIS C 720 8.30 44.46 -25.17
N LYS C 721 8.98 45.14 -24.24
CA LYS C 721 10.03 46.08 -24.61
C LYS C 721 11.32 45.37 -24.99
N PHE C 722 11.66 44.31 -24.25
CA PHE C 722 12.91 43.59 -24.50
C PHE C 722 12.94 43.01 -25.91
N LEU C 723 12.00 42.12 -26.21
CA LEU C 723 12.14 41.20 -27.33
C LEU C 723 11.86 41.85 -28.67
N THR C 724 12.92 42.15 -29.42
CA THR C 724 12.86 42.69 -30.76
C THR C 724 13.27 41.62 -31.76
N ILE C 725 13.16 41.96 -33.05
CA ILE C 725 13.55 41.02 -34.10
C ILE C 725 15.05 40.72 -34.05
N PRO C 726 15.96 41.72 -34.01
CA PRO C 726 17.40 41.38 -34.04
C PRO C 726 17.87 40.54 -32.87
N ARG C 727 17.33 40.77 -31.67
CA ARG C 727 17.63 39.90 -30.55
C ARG C 727 17.13 38.50 -30.82
N LEU C 728 15.85 38.37 -31.18
CA LEU C 728 15.25 37.06 -31.39
C LEU C 728 15.92 36.32 -32.55
N GLU C 729 16.53 37.04 -33.49
CA GLU C 729 17.46 36.41 -34.42
C GLU C 729 18.63 35.78 -33.68
N GLU C 730 19.30 36.56 -32.84
CA GLU C 730 20.51 36.11 -32.14
C GLU C 730 20.24 34.86 -31.32
N LEU C 731 19.05 34.77 -30.72
CA LEU C 731 18.71 33.63 -29.89
C LEU C 731 18.68 32.32 -30.69
N TYR C 732 18.24 32.37 -31.94
CA TYR C 732 18.34 31.20 -32.81
C TYR C 732 19.76 30.99 -33.31
N ASN C 733 20.46 32.08 -33.62
CA ASN C 733 21.81 32.03 -34.14
C ASN C 733 22.85 32.21 -33.02
N THR C 734 22.91 31.26 -32.10
CA THR C 734 23.93 31.28 -31.06
C THR C 734 24.35 29.85 -30.74
N LYS C 735 25.66 29.65 -30.59
CA LYS C 735 26.23 28.37 -30.22
C LYS C 735 26.75 28.36 -28.79
N GLN C 736 26.55 29.44 -28.04
CA GLN C 736 27.04 29.56 -26.68
C GLN C 736 26.02 29.02 -25.68
N GLY C 737 25.50 27.83 -25.92
CA GLY C 737 24.53 27.23 -25.04
C GLY C 737 24.10 25.86 -25.53
N PRO C 738 23.20 25.22 -24.78
CA PRO C 738 22.69 23.92 -25.23
C PRO C 738 21.79 24.06 -26.46
N THR C 739 22.28 23.60 -27.61
CA THR C 739 21.58 23.74 -28.88
C THR C 739 20.93 22.43 -29.28
N ASN C 740 19.99 22.52 -30.21
CA ASN C 740 19.45 21.33 -30.85
C ASN C 740 20.26 21.07 -32.11
N PRO C 741 20.94 19.93 -32.24
CA PRO C 741 21.76 19.74 -33.45
C PRO C 741 20.92 19.55 -34.70
N MET C 742 19.63 19.21 -34.55
CA MET C 742 18.78 18.91 -35.69
C MET C 742 17.93 20.07 -36.17
N LEU C 743 18.06 21.26 -35.60
CA LEU C 743 17.40 22.42 -36.20
C LEU C 743 17.99 22.72 -37.56
N PHE C 744 19.33 22.82 -37.64
CA PHE C 744 20.00 23.04 -38.92
C PHE C 744 19.66 21.96 -39.93
N HIS C 745 19.51 20.71 -39.47
CA HIS C 745 19.13 19.63 -40.38
C HIS C 745 17.71 19.83 -40.93
N LEU C 746 16.91 20.67 -40.26
CA LEU C 746 15.57 21.00 -40.77
C LEU C 746 15.59 22.24 -41.66
N ILE C 747 16.50 23.18 -41.40
CA ILE C 747 16.62 24.38 -42.23
C ILE C 747 16.92 23.99 -43.66
N ARG C 748 17.72 22.94 -43.85
CA ARG C 748 18.09 22.48 -45.18
C ARG C 748 16.88 22.04 -45.98
N ASP C 749 16.09 21.13 -45.41
CA ASP C 749 15.02 20.48 -46.16
C ASP C 749 13.96 21.47 -46.63
N VAL C 750 13.77 22.58 -45.89
CA VAL C 750 12.81 23.59 -46.30
C VAL C 750 13.36 24.51 -47.36
N LYS C 751 14.69 24.66 -47.44
CA LYS C 751 15.35 25.37 -48.53
C LYS C 751 15.81 24.44 -49.64
N GLN C 752 15.67 23.12 -49.45
CA GLN C 752 15.79 22.03 -50.43
C GLN C 752 17.22 21.68 -50.84
N GLY C 753 18.18 22.59 -50.74
CA GLY C 753 19.56 22.16 -50.70
C GLY C 753 20.57 23.16 -50.18
N ASN C 754 20.16 24.40 -49.92
CA ASN C 754 21.09 25.50 -49.91
C ASN C 754 21.45 25.92 -48.50
N LEU C 755 22.74 25.95 -48.21
CA LEU C 755 23.25 26.18 -46.86
C LEU C 755 24.71 26.64 -46.93
N PRO C 756 24.99 27.93 -47.09
CA PRO C 756 26.38 28.38 -47.00
C PRO C 756 26.91 28.19 -45.58
N PRO C 757 28.23 28.13 -45.40
CA PRO C 757 28.75 27.86 -44.06
C PRO C 757 28.59 29.03 -43.11
N GLY C 758 28.53 30.24 -43.65
CA GLY C 758 28.33 31.44 -42.86
C GLY C 758 26.87 31.83 -42.80
N TYR C 759 25.99 30.84 -42.68
CA TYR C 759 24.56 31.07 -42.74
C TYR C 759 24.03 31.54 -41.40
N LYS C 760 23.35 32.69 -41.41
CA LYS C 760 22.62 33.19 -40.25
C LYS C 760 21.14 32.87 -40.46
N ILE C 761 20.58 32.08 -39.53
CA ILE C 761 19.18 31.69 -39.63
C ILE C 761 18.31 32.95 -39.57
N THR C 762 17.25 32.94 -40.37
CA THR C 762 16.28 34.02 -40.44
C THR C 762 14.91 33.51 -40.03
N LEU C 763 14.04 34.44 -39.63
CA LEU C 763 12.72 34.05 -39.12
C LEU C 763 11.80 33.61 -40.26
N ILE C 764 12.09 34.02 -41.48
CA ILE C 764 11.39 33.45 -42.63
C ILE C 764 11.66 31.96 -42.71
N ASP C 765 12.89 31.56 -42.38
CA ASP C 765 13.26 30.16 -42.44
C ASP C 765 12.72 29.39 -41.24
N ILE C 766 12.60 30.06 -40.09
CA ILE C 766 11.97 29.44 -38.93
C ILE C 766 10.49 29.18 -39.22
N GLY C 767 9.82 30.15 -39.84
CA GLY C 767 8.42 29.98 -40.19
C GLY C 767 8.17 28.76 -41.05
N LEU C 768 9.07 28.49 -41.99
CA LEU C 768 8.88 27.35 -42.88
C LEU C 768 9.13 26.04 -42.15
N VAL C 769 10.00 26.04 -41.15
CA VAL C 769 10.16 24.87 -40.30
C VAL C 769 8.87 24.60 -39.53
N ILE C 770 8.29 25.66 -38.97
CA ILE C 770 7.08 25.53 -38.17
C ILE C 770 5.92 25.03 -39.02
N GLU C 771 5.73 25.65 -40.19
CA GLU C 771 4.66 25.22 -41.09
C GLU C 771 4.88 23.78 -41.54
N TYR C 772 6.14 23.38 -41.71
CA TYR C 772 6.44 22.00 -42.04
C TYR C 772 6.10 21.06 -40.89
N LEU C 773 6.54 21.41 -39.68
CA LEU C 773 6.32 20.54 -38.53
C LEU C 773 4.85 20.49 -38.15
N MET C 774 4.19 21.64 -38.06
CA MET C 774 2.78 21.68 -37.70
C MET C 774 1.90 21.08 -38.77
N GLY C 775 2.35 21.06 -40.02
CA GLY C 775 1.66 20.32 -41.06
C GLY C 775 0.33 20.91 -41.47
N GLY C 776 -0.32 20.19 -42.37
CA GLY C 776 -1.65 20.56 -42.81
C GLY C 776 -1.62 21.85 -43.60
N THR C 777 -2.41 22.82 -43.14
CA THR C 777 -2.50 24.14 -43.75
C THR C 777 -2.09 25.23 -42.77
N TYR C 778 -1.27 24.87 -41.78
CA TYR C 778 -0.83 25.83 -40.79
C TYR C 778 0.08 26.87 -41.45
N ARG C 779 -0.12 28.13 -41.10
CA ARG C 779 0.59 29.25 -41.68
C ARG C 779 1.07 30.16 -40.56
N CYS C 780 2.38 30.38 -40.51
CA CYS C 780 2.99 31.15 -39.42
C CYS C 780 3.01 32.63 -39.76
N THR C 781 3.01 33.46 -38.72
CA THR C 781 3.00 34.91 -38.93
C THR C 781 4.32 35.40 -39.50
N TYR C 782 5.37 34.59 -39.44
CA TYR C 782 6.65 34.97 -40.03
C TYR C 782 6.61 34.97 -41.54
N THR C 783 5.71 34.20 -42.15
CA THR C 783 5.69 34.00 -43.59
C THR C 783 4.60 34.82 -44.27
N ARG C 784 4.08 35.83 -43.59
CA ARG C 784 2.98 36.64 -44.10
C ARG C 784 3.49 37.94 -44.69
N LYS C 785 2.64 38.58 -45.49
CA LYS C 785 2.99 39.82 -46.17
C LYS C 785 3.41 40.90 -45.18
N ARG C 786 2.66 41.03 -44.09
CA ARG C 786 2.94 42.05 -43.08
C ARG C 786 4.34 41.92 -42.52
N PHE C 787 4.76 40.69 -42.21
CA PHE C 787 6.05 40.49 -41.56
C PHE C 787 7.20 40.57 -42.55
N ARG C 788 7.01 40.01 -43.75
CA ARG C 788 8.08 39.99 -44.75
C ARG C 788 8.51 41.40 -45.15
N LEU C 789 7.60 42.36 -45.06
CA LEU C 789 7.93 43.73 -45.45
C LEU C 789 8.68 44.45 -44.33
N ILE C 790 8.12 44.44 -43.12
CA ILE C 790 8.78 45.07 -41.98
C ILE C 790 10.11 44.42 -41.68
N TYR C 791 10.22 43.12 -41.96
CA TYR C 791 11.49 42.42 -41.78
C TYR C 791 12.54 42.93 -42.75
N ASN C 792 12.14 43.13 -44.02
CA ASN C 792 13.05 43.66 -45.00
C ASN C 792 13.35 45.14 -44.75
N SER C 793 12.37 45.88 -44.23
CA SER C 793 12.55 47.29 -43.91
C SER C 793 13.61 47.48 -42.84
N LEU C 794 13.37 46.93 -41.65
CA LEU C 794 14.27 47.10 -40.51
C LEU C 794 15.64 46.52 -40.80
N GLU C 868 5.79 50.11 -30.64
CA GLU C 868 6.63 50.24 -31.83
C GLU C 868 6.30 49.02 -32.70
N THR C 869 7.20 48.63 -33.59
CA THR C 869 6.88 47.82 -34.76
C THR C 869 7.79 46.62 -34.92
N LYS C 870 9.08 46.77 -34.59
CA LYS C 870 9.98 45.62 -34.46
C LYS C 870 9.63 44.75 -33.25
N ARG C 871 8.82 45.25 -32.32
CA ARG C 871 8.35 44.46 -31.20
C ARG C 871 7.32 43.45 -31.69
N PHE C 872 6.88 42.58 -30.77
CA PHE C 872 5.83 41.61 -31.01
C PHE C 872 4.75 41.88 -29.99
N PRO C 873 3.48 41.59 -30.31
CA PRO C 873 2.44 41.77 -29.28
C PRO C 873 2.40 40.66 -28.26
N TYR C 874 2.89 39.47 -28.59
CA TYR C 874 2.84 38.30 -27.72
C TYR C 874 4.20 37.62 -27.76
N PRO C 875 5.18 38.15 -27.00
CA PRO C 875 6.54 37.60 -27.11
C PRO C 875 6.73 36.28 -26.40
N LEU C 876 5.91 35.97 -25.40
CA LEU C 876 6.03 34.68 -24.71
C LEU C 876 5.65 33.52 -25.63
N ASN C 877 4.91 33.81 -26.71
CA ASN C 877 4.65 32.78 -27.72
C ASN C 877 5.88 32.55 -28.57
N GLU C 878 6.55 33.63 -28.98
CA GLU C 878 7.73 33.51 -29.82
C GLU C 878 8.86 32.81 -29.11
N LEU C 879 8.94 32.96 -27.79
CA LEU C 879 10.00 32.33 -27.02
C LEU C 879 9.68 30.87 -26.71
N LEU C 880 8.40 30.54 -26.55
CA LEU C 880 8.01 29.14 -26.33
C LEU C 880 8.39 28.28 -27.51
N ILE C 881 8.22 28.81 -28.73
CA ILE C 881 8.60 28.08 -29.93
C ILE C 881 10.12 27.94 -30.00
N TRP C 882 10.83 29.02 -29.69
CA TRP C 882 12.28 29.00 -29.64
C TRP C 882 12.79 27.92 -28.70
N ALA C 883 12.31 27.92 -27.45
CA ALA C 883 12.80 26.97 -26.46
C ALA C 883 12.52 25.53 -26.85
N CYS C 884 11.47 25.31 -27.65
CA CYS C 884 11.12 23.94 -28.04
C CYS C 884 11.92 23.50 -29.27
N LEU C 885 12.15 24.41 -30.21
CA LEU C 885 13.00 24.09 -31.34
C LEU C 885 14.45 23.89 -30.93
N MET C 886 14.90 24.60 -29.90
CA MET C 886 16.24 24.45 -29.37
C MET C 886 16.36 23.32 -28.36
N LYS C 887 15.30 22.54 -28.14
CA LYS C 887 15.30 21.44 -27.17
C LYS C 887 15.71 21.96 -25.79
N ARG C 888 14.96 22.95 -25.29
CA ARG C 888 15.16 23.52 -23.96
C ARG C 888 13.85 23.42 -23.18
N GLN C 889 13.69 22.26 -22.53
CA GLN C 889 12.42 21.93 -21.90
C GLN C 889 12.19 22.73 -20.62
N VAL C 890 13.24 22.88 -19.81
CA VAL C 890 13.09 23.57 -18.53
C VAL C 890 12.77 25.04 -18.77
N MET C 891 13.31 25.61 -19.86
CA MET C 891 12.95 26.97 -20.24
C MET C 891 11.55 27.01 -20.85
N ALA C 892 11.17 25.97 -21.59
CA ALA C 892 9.86 25.95 -22.23
C ALA C 892 8.75 25.86 -21.19
N ARG C 893 8.95 25.05 -20.15
CA ARG C 893 7.96 24.96 -19.08
C ARG C 893 7.79 26.29 -18.37
N PHE C 894 8.89 26.99 -18.10
CA PHE C 894 8.83 28.26 -17.43
C PHE C 894 8.05 29.28 -18.25
N LEU C 895 8.39 29.41 -19.53
CA LEU C 895 7.75 30.39 -20.38
C LEU C 895 6.30 30.04 -20.65
N TRP C 896 5.95 28.76 -20.61
CA TRP C 896 4.57 28.36 -20.80
C TRP C 896 3.68 28.90 -19.69
N GLN C 897 4.17 28.89 -18.44
CA GLN C 897 3.38 29.37 -17.32
C GLN C 897 3.13 30.87 -17.38
N HIS C 898 3.88 31.61 -18.17
CA HIS C 898 3.72 33.05 -18.34
C HIS C 898 3.08 33.35 -19.68
N GLY C 899 2.13 34.26 -19.67
CA GLY C 899 1.32 34.58 -20.83
C GLY C 899 -0.07 33.99 -20.73
N GLU C 900 -0.77 34.06 -21.85
CA GLU C 900 -2.16 33.61 -21.96
C GLU C 900 -2.25 32.49 -22.98
N GLU C 901 -3.43 31.85 -23.03
CA GLU C 901 -3.69 30.71 -23.89
C GLU C 901 -2.80 29.52 -23.52
N SER C 902 -2.85 29.09 -22.27
CA SER C 902 -1.93 28.06 -21.80
C SER C 902 -2.23 26.70 -22.40
N MET C 903 -3.50 26.33 -22.50
CA MET C 903 -3.86 25.03 -23.03
C MET C 903 -3.53 24.92 -24.52
N ALA C 904 -3.66 26.03 -25.24
CA ALA C 904 -3.32 26.03 -26.66
C ALA C 904 -1.82 25.85 -26.86
N LYS C 905 -1.02 26.60 -26.10
CA LYS C 905 0.44 26.53 -26.24
C LYS C 905 0.96 25.14 -25.92
N ALA C 906 0.30 24.43 -25.00
CA ALA C 906 0.75 23.09 -24.64
C ALA C 906 0.47 22.10 -25.76
N LEU C 907 -0.60 22.32 -26.53
CA LEU C 907 -0.92 21.42 -27.62
C LEU C 907 -0.06 21.71 -28.86
N VAL C 908 0.38 22.96 -29.00
CA VAL C 908 1.38 23.29 -30.02
C VAL C 908 2.69 22.59 -29.72
N ALA C 909 3.18 22.76 -28.49
CA ALA C 909 4.48 22.18 -28.11
C ALA C 909 4.48 20.66 -28.30
N CYS C 910 3.40 19.99 -27.90
CA CYS C 910 3.28 18.56 -28.12
C CYS C 910 3.43 18.21 -29.59
N LYS C 911 2.87 19.03 -30.47
CA LYS C 911 2.94 18.78 -31.90
C LYS C 911 4.36 18.96 -32.42
N ILE C 912 5.03 20.03 -32.00
CA ILE C 912 6.35 20.36 -32.52
C ILE C 912 7.37 19.29 -32.14
N TYR C 913 7.33 18.82 -30.89
CA TYR C 913 8.26 17.77 -30.48
C TYR C 913 7.96 16.45 -31.17
N ARG C 914 6.69 16.11 -31.31
CA ARG C 914 6.29 14.87 -31.97
C ARG C 914 6.80 14.82 -33.40
N SER C 915 6.79 15.95 -34.09
CA SER C 915 7.22 15.98 -35.49
C SER C 915 8.73 15.94 -35.59
N MET C 916 9.44 16.58 -34.66
CA MET C 916 10.89 16.45 -34.65
C MET C 916 11.33 15.05 -34.25
N ALA C 917 10.55 14.37 -33.41
CA ALA C 917 10.88 13.00 -33.06
C ALA C 917 10.80 12.09 -34.28
N TYR C 918 9.81 12.32 -35.14
CA TYR C 918 9.65 11.51 -36.35
C TYR C 918 10.81 11.71 -37.31
N GLU C 919 11.20 12.97 -37.54
CA GLU C 919 12.30 13.25 -38.45
C GLU C 919 13.61 12.66 -37.93
N ALA C 920 13.76 12.61 -36.62
CA ALA C 920 14.97 12.05 -36.02
C ALA C 920 15.05 10.55 -36.23
N LYS C 921 13.90 9.86 -36.22
CA LYS C 921 13.87 8.46 -36.59
C LYS C 921 14.31 8.31 -38.04
N GLN C 922 13.66 9.05 -38.93
CA GLN C 922 13.89 9.03 -40.36
C GLN C 922 15.22 9.63 -40.78
N SER C 923 16.07 10.13 -39.89
CA SER C 923 17.35 10.73 -40.25
C SER C 923 18.48 9.92 -39.66
N ASP C 924 19.67 10.10 -40.22
CA ASP C 924 20.83 9.27 -39.91
C ASP C 924 21.82 10.10 -39.10
N LEU C 925 21.61 10.11 -37.78
CA LEU C 925 22.45 10.87 -36.86
C LEU C 925 22.94 9.95 -35.75
N VAL C 926 23.91 10.44 -34.97
CA VAL C 926 24.61 9.62 -33.98
C VAL C 926 23.70 9.34 -32.80
N ASP C 927 23.07 10.39 -32.26
CA ASP C 927 22.10 10.23 -31.18
C ASP C 927 20.72 10.57 -31.71
N ASP C 928 19.79 9.62 -31.57
CA ASP C 928 18.46 9.81 -32.13
C ASP C 928 17.73 10.95 -31.42
N THR C 929 17.86 11.04 -30.09
CA THR C 929 17.20 12.07 -29.29
C THR C 929 15.67 11.99 -29.38
N SER C 930 15.12 10.92 -29.95
CA SER C 930 13.71 10.93 -30.31
C SER C 930 12.85 10.47 -29.13
N GLU C 931 13.36 9.56 -28.32
CA GLU C 931 12.67 9.20 -27.09
C GLU C 931 12.72 10.35 -26.08
N GLU C 932 13.72 11.23 -26.22
CA GLU C 932 13.75 12.45 -25.43
C GLU C 932 12.69 13.43 -25.89
N LEU C 933 12.55 13.61 -27.21
CA LEU C 933 11.55 14.51 -27.75
C LEU C 933 10.15 13.94 -27.57
N LYS C 934 10.00 12.63 -27.77
CA LYS C 934 8.73 11.96 -27.51
C LYS C 934 8.33 12.07 -26.05
N GLN C 935 9.31 12.19 -25.16
CA GLN C 935 9.02 12.38 -23.75
C GLN C 935 8.59 13.82 -23.48
N TYR C 936 9.16 14.75 -24.22
CA TYR C 936 8.80 16.16 -24.05
C TYR C 936 7.42 16.45 -24.63
N SER C 937 7.04 15.75 -25.69
CA SER C 937 5.71 15.92 -26.27
C SER C 937 4.63 15.44 -25.30
N ASN C 938 4.89 14.34 -24.61
CA ASN C 938 3.88 13.77 -23.72
C ASN C 938 3.80 14.54 -22.41
N ASP C 939 4.85 15.30 -22.08
CA ASP C 939 4.79 16.14 -20.90
C ASP C 939 3.80 17.29 -21.09
N PHE C 940 3.91 18.00 -22.22
CA PHE C 940 2.95 19.07 -22.49
C PHE C 940 1.56 18.51 -22.77
N GLY C 941 1.49 17.35 -23.40
CA GLY C 941 0.20 16.75 -23.67
C GLY C 941 -0.54 16.38 -22.40
N GLN C 942 0.19 15.98 -21.37
CA GLN C 942 -0.45 15.67 -20.09
C GLN C 942 -0.95 16.94 -19.41
N LEU C 943 -0.23 18.05 -19.59
CA LEU C 943 -0.67 19.32 -19.01
C LEU C 943 -1.99 19.77 -19.61
N ALA C 944 -2.13 19.67 -20.94
CA ALA C 944 -3.35 20.06 -21.61
C ALA C 944 -4.54 19.27 -21.11
N VAL C 945 -4.35 17.98 -20.85
CA VAL C 945 -5.43 17.14 -20.35
C VAL C 945 -5.80 17.55 -18.93
N GLU C 946 -4.79 17.85 -18.10
CA GLU C 946 -5.03 18.19 -16.72
C GLU C 946 -5.71 19.55 -16.59
N LEU C 947 -5.46 20.47 -17.53
CA LEU C 947 -6.16 21.74 -17.53
C LEU C 947 -7.61 21.58 -17.95
N LEU C 948 -7.87 20.68 -18.90
CA LEU C 948 -9.23 20.46 -19.37
C LEU C 948 -10.09 19.85 -18.26
N GLU C 949 -9.54 18.90 -17.52
CA GLU C 949 -10.24 18.33 -16.37
C GLU C 949 -10.54 19.40 -15.33
N GLN C 950 -9.59 20.33 -15.14
CA GLN C 950 -9.79 21.42 -14.20
C GLN C 950 -10.92 22.33 -14.64
N SER C 951 -10.95 22.67 -15.93
CA SER C 951 -12.02 23.52 -16.45
C SER C 951 -13.36 22.80 -16.43
N PHE C 952 -13.36 21.50 -16.72
CA PHE C 952 -14.59 20.72 -16.78
C PHE C 952 -15.25 20.61 -15.40
N ARG C 953 -14.44 20.50 -14.35
CA ARG C 953 -14.99 20.44 -13.00
C ARG C 953 -15.51 21.79 -12.52
N GLN C 954 -15.14 22.88 -13.19
CA GLN C 954 -15.62 24.22 -12.85
C GLN C 954 -16.91 24.56 -13.61
N ASP C 955 -16.90 24.44 -14.93
CA ASP C 955 -18.10 24.71 -15.73
C ASP C 955 -17.99 23.91 -17.02
N GLU C 956 -18.94 22.99 -17.22
CA GLU C 956 -18.88 22.09 -18.36
C GLU C 956 -19.10 22.83 -19.67
N THR C 957 -20.02 23.80 -19.68
CA THR C 957 -20.38 24.46 -20.92
C THR C 957 -19.26 25.36 -21.42
N MET C 958 -18.60 26.06 -20.50
CA MET C 958 -17.51 26.94 -20.88
C MET C 958 -16.27 26.15 -21.28
N ALA C 959 -16.07 24.98 -20.68
CA ALA C 959 -14.98 24.11 -21.08
C ALA C 959 -15.17 23.61 -22.52
N MET C 960 -16.40 23.31 -22.90
CA MET C 960 -16.65 22.89 -24.27
C MET C 960 -16.45 24.04 -25.25
N LYS C 961 -16.75 25.27 -24.83
CA LYS C 961 -16.41 26.43 -25.65
C LYS C 961 -14.91 26.54 -25.85
N LEU C 962 -14.13 26.16 -24.83
CA LEU C 962 -12.68 26.32 -24.93
C LEU C 962 -12.09 25.45 -26.02
N LEU C 963 -12.76 24.34 -26.35
CA LEU C 963 -12.22 23.39 -27.31
C LEU C 963 -12.37 23.89 -28.74
N THR C 964 -13.19 24.92 -28.97
CA THR C 964 -13.66 25.26 -30.31
C THR C 964 -13.47 26.72 -30.72
N TYR C 965 -13.09 27.63 -29.81
CA TYR C 965 -12.84 29.00 -30.23
C TYR C 965 -11.56 29.09 -31.06
N GLU C 966 -11.56 30.00 -32.03
CA GLU C 966 -10.35 30.25 -32.81
C GLU C 966 -9.35 31.02 -31.98
N LEU C 967 -8.08 30.90 -32.35
CA LEU C 967 -6.98 31.30 -31.49
C LEU C 967 -6.32 32.60 -31.96
N LYS C 968 -6.23 32.81 -33.28
CA LYS C 968 -5.83 34.07 -33.90
C LYS C 968 -4.34 34.39 -33.80
N ASN C 969 -3.60 33.61 -33.01
CA ASN C 969 -2.15 33.61 -33.02
C ASN C 969 -1.58 32.27 -33.44
N TRP C 970 -2.46 31.31 -33.75
CA TRP C 970 -2.08 29.93 -34.06
C TRP C 970 -2.78 29.51 -35.36
N SER C 971 -2.80 30.44 -36.31
CA SER C 971 -3.29 30.22 -37.66
C SER C 971 -4.77 29.88 -37.68
N ASN C 972 -5.54 30.57 -36.84
CA ASN C 972 -6.99 30.47 -36.82
C ASN C 972 -7.45 29.05 -36.53
N SER C 973 -6.64 28.33 -35.77
CA SER C 973 -6.85 26.93 -35.50
C SER C 973 -7.62 26.78 -34.19
N THR C 974 -7.68 25.56 -33.70
CA THR C 974 -8.57 25.16 -32.64
C THR C 974 -7.87 24.15 -31.76
N CYS C 975 -8.04 24.28 -30.44
CA CYS C 975 -7.33 23.42 -29.50
C CYS C 975 -7.69 21.97 -29.73
N LEU C 976 -8.95 21.70 -30.08
CA LEU C 976 -9.38 20.34 -30.32
C LEU C 976 -8.85 19.82 -31.64
N LYS C 977 -8.61 20.71 -32.61
CA LYS C 977 -7.97 20.31 -33.86
C LYS C 977 -6.49 20.03 -33.66
N LEU C 978 -5.83 20.80 -32.81
CA LEU C 978 -4.41 20.59 -32.57
C LEU C 978 -4.15 19.25 -31.91
N ALA C 979 -5.04 18.82 -31.02
CA ALA C 979 -4.87 17.56 -30.32
C ALA C 979 -5.07 16.37 -31.24
N VAL C 980 -6.00 16.48 -32.18
CA VAL C 980 -6.18 15.44 -33.19
C VAL C 980 -4.94 15.34 -34.07
N SER C 981 -4.35 16.49 -34.41
CA SER C 981 -3.18 16.50 -35.27
C SER C 981 -2.00 15.77 -34.63
N SER C 982 -1.91 15.82 -33.31
CA SER C 982 -0.88 15.11 -32.58
C SER C 982 -1.30 13.71 -32.16
N ARG C 983 -2.52 13.29 -32.45
CA ARG C 983 -3.06 12.01 -31.98
C ARG C 983 -2.96 11.91 -30.47
N LEU C 984 -3.41 12.96 -29.80
CA LEU C 984 -3.31 13.10 -28.35
C LEU C 984 -4.67 12.68 -27.79
N ARG C 985 -4.79 11.38 -27.58
CA ARG C 985 -6.04 10.66 -27.35
C ARG C 985 -6.70 10.85 -25.98
N PRO C 986 -5.96 10.98 -24.88
CA PRO C 986 -6.64 11.23 -23.60
C PRO C 986 -7.42 12.53 -23.58
N PHE C 987 -7.05 13.48 -24.43
CA PHE C 987 -7.75 14.74 -24.59
C PHE C 987 -9.02 14.58 -25.42
N VAL C 988 -8.96 13.77 -26.48
CA VAL C 988 -10.13 13.53 -27.31
C VAL C 988 -11.05 12.49 -26.66
N ALA C 989 -10.47 11.55 -25.91
CA ALA C 989 -11.24 10.57 -25.15
C ALA C 989 -11.76 11.12 -23.83
N HIS C 990 -11.63 12.42 -23.58
CA HIS C 990 -12.04 13.03 -22.32
C HIS C 990 -13.53 13.31 -22.31
N THR C 991 -14.11 13.24 -21.11
CA THR C 991 -15.57 13.35 -20.92
C THR C 991 -16.12 14.64 -21.52
N CYS C 992 -15.39 15.74 -21.37
CA CYS C 992 -15.83 17.04 -21.86
C CYS C 992 -16.06 17.02 -23.38
N THR C 993 -15.07 16.57 -24.14
CA THR C 993 -15.18 16.64 -25.60
C THR C 993 -16.00 15.49 -26.16
N GLN C 994 -16.15 14.39 -25.43
CA GLN C 994 -17.16 13.41 -25.79
C GLN C 994 -18.56 13.98 -25.64
N MET C 995 -18.79 14.75 -24.58
CA MET C 995 -20.04 15.46 -24.41
C MET C 995 -20.31 16.40 -25.57
N LEU C 996 -19.27 17.05 -26.08
CA LEU C 996 -19.44 17.98 -27.18
C LEU C 996 -19.77 17.26 -28.48
N LEU C 997 -19.08 16.15 -28.75
CA LEU C 997 -19.35 15.38 -29.96
C LEU C 997 -20.77 14.83 -29.95
N SER C 998 -21.31 14.55 -28.76
CA SER C 998 -22.68 14.07 -28.66
C SER C 998 -23.69 15.20 -28.88
N ASP C 999 -23.30 16.44 -28.59
CA ASP C 999 -24.18 17.57 -28.84
C ASP C 999 -24.13 18.00 -30.30
N MET C 1000 -22.96 17.85 -30.93
CA MET C 1000 -22.84 18.07 -32.37
C MET C 1000 -23.59 17.00 -33.16
N TRP C 1001 -23.68 15.80 -32.61
CA TRP C 1001 -24.41 14.71 -33.22
C TRP C 1001 -25.91 15.03 -33.29
N MET C 1002 -26.46 15.58 -32.22
CA MET C 1002 -27.87 15.96 -32.17
C MET C 1002 -28.20 17.03 -33.21
N GLY C 1003 -27.43 18.10 -33.25
CA GLY C 1003 -27.86 19.31 -33.92
C GLY C 1003 -28.84 20.07 -33.06
N ARG C 1004 -29.83 20.73 -33.68
CA ARG C 1004 -30.88 21.39 -32.92
C ARG C 1004 -31.77 20.42 -32.14
N LEU C 1005 -31.81 19.16 -32.54
CA LEU C 1005 -32.70 18.19 -31.91
C LEU C 1005 -32.34 18.02 -30.45
N ASN C 1006 -33.33 18.15 -29.58
CA ASN C 1006 -33.14 17.87 -28.16
C ASN C 1006 -33.42 16.38 -27.95
N MET C 1007 -32.37 15.59 -27.81
CA MET C 1007 -32.46 14.13 -27.83
C MET C 1007 -32.31 13.54 -26.43
N ARG C 1008 -32.74 14.28 -25.42
CA ARG C 1008 -33.08 13.70 -24.12
C ARG C 1008 -34.57 13.47 -24.00
N LYS C 1009 -35.36 14.36 -24.60
CA LYS C 1009 -36.80 14.21 -24.68
C LYS C 1009 -37.19 13.21 -25.76
N ASN C 1010 -36.58 13.34 -26.94
CA ASN C 1010 -36.89 12.49 -28.08
C ASN C 1010 -36.18 11.15 -27.95
N SER C 1011 -36.56 10.19 -28.78
CA SER C 1011 -35.93 8.89 -28.82
C SER C 1011 -35.76 8.48 -30.28
N TRP C 1012 -34.96 7.45 -30.48
CA TRP C 1012 -34.69 6.97 -31.84
C TRP C 1012 -35.92 6.32 -32.47
N TYR C 1013 -36.92 5.96 -31.66
CA TYR C 1013 -38.21 5.56 -32.21
C TYR C 1013 -38.77 6.64 -33.11
N LYS C 1014 -38.59 7.90 -32.71
CA LYS C 1014 -39.35 8.99 -33.31
C LYS C 1014 -38.54 9.70 -34.39
N VAL C 1015 -37.22 9.51 -34.41
CA VAL C 1015 -36.40 10.04 -35.50
C VAL C 1015 -36.60 9.19 -36.75
N ILE C 1016 -36.52 7.87 -36.60
CA ILE C 1016 -36.77 6.96 -37.71
C ILE C 1016 -38.17 7.15 -38.25
N LEU C 1017 -39.16 7.24 -37.35
CA LEU C 1017 -40.53 7.55 -37.73
C LEU C 1017 -40.61 8.82 -38.55
N SER C 1018 -39.95 9.89 -38.08
CA SER C 1018 -40.07 11.18 -38.73
C SER C 1018 -39.37 11.21 -40.09
N ILE C 1019 -38.41 10.32 -40.32
CA ILE C 1019 -37.81 10.18 -41.64
C ILE C 1019 -38.81 9.54 -42.59
N LEU C 1020 -39.55 8.54 -42.11
CA LEU C 1020 -40.54 7.86 -42.93
C LEU C 1020 -41.84 8.64 -42.99
N VAL C 1021 -42.17 9.35 -41.92
CA VAL C 1021 -43.36 10.20 -41.82
C VAL C 1021 -42.86 11.64 -41.71
N PRO C 1022 -42.69 12.37 -42.82
CA PRO C 1022 -42.14 13.73 -42.75
C PRO C 1022 -42.94 14.67 -41.86
N PRO C 1023 -44.31 14.67 -41.91
CA PRO C 1023 -45.01 15.69 -41.11
C PRO C 1023 -44.86 15.51 -39.61
N ALA C 1024 -44.36 14.35 -39.17
CA ALA C 1024 -44.04 14.13 -37.77
C ALA C 1024 -42.75 14.82 -37.34
N ILE C 1025 -42.05 15.48 -38.26
CA ILE C 1025 -40.93 16.33 -37.89
C ILE C 1025 -41.39 17.50 -37.02
N LEU C 1026 -42.65 17.91 -37.14
CA LEU C 1026 -43.15 19.09 -36.46
C LEU C 1026 -43.47 18.85 -34.99
N MET C 1027 -43.69 17.59 -34.58
CA MET C 1027 -44.01 17.25 -33.21
C MET C 1027 -42.79 16.79 -32.41
N LEU C 1028 -41.61 17.31 -32.72
CA LEU C 1028 -40.37 16.96 -32.04
C LEU C 1028 -39.81 18.14 -31.29
N GLU C 1029 -39.14 17.84 -30.17
CA GLU C 1029 -38.58 18.87 -29.31
C GLU C 1029 -37.19 19.27 -29.81
N TYR C 1030 -36.99 20.57 -30.03
CA TYR C 1030 -35.73 21.12 -30.48
C TYR C 1030 -35.14 22.03 -29.42
N LYS C 1031 -33.96 22.57 -29.72
CA LYS C 1031 -33.15 23.32 -28.79
C LYS C 1031 -33.20 24.80 -29.11
N THR C 1032 -32.98 25.60 -28.08
CA THR C 1032 -32.94 27.05 -28.20
C THR C 1032 -31.53 27.50 -28.52
N LYS C 1033 -31.43 28.69 -29.10
CA LYS C 1033 -30.15 29.29 -29.45
C LYS C 1033 -29.22 29.37 -28.26
N ALA C 1034 -29.77 29.60 -27.07
CA ALA C 1034 -28.99 29.59 -25.85
C ALA C 1034 -28.37 28.23 -25.56
N GLU C 1035 -29.10 27.16 -25.84
CA GLU C 1035 -28.60 25.80 -25.67
C GLU C 1035 -27.68 25.37 -26.81
N MET C 1036 -27.55 26.18 -27.86
CA MET C 1036 -26.73 25.88 -29.03
C MET C 1036 -25.51 26.79 -29.10
N SER C 1037 -25.10 27.36 -27.97
CA SER C 1037 -24.09 28.40 -27.94
C SER C 1037 -22.66 27.87 -27.85
N HIS C 1038 -22.46 26.74 -27.18
CA HIS C 1038 -21.15 26.09 -27.12
C HIS C 1038 -20.87 25.18 -28.30
N ILE C 1039 -21.81 25.03 -29.23
CA ILE C 1039 -21.72 24.08 -30.32
C ILE C 1039 -21.28 24.87 -31.56
N PRO C 1040 -20.23 24.46 -32.26
CA PRO C 1040 -19.87 25.18 -33.49
C PRO C 1040 -20.86 24.87 -34.61
N GLN C 1041 -21.11 25.88 -35.45
CA GLN C 1041 -22.14 25.82 -36.46
C GLN C 1041 -21.62 26.37 -37.78
N SER C 1042 -22.31 26.02 -38.86
CA SER C 1042 -22.04 26.57 -40.16
C SER C 1042 -22.60 27.98 -40.26
N GLN C 1043 -22.26 28.66 -41.36
CA GLN C 1043 -22.75 30.01 -41.60
C GLN C 1043 -24.27 30.01 -41.75
N ASP C 1044 -24.77 29.21 -42.69
CA ASP C 1044 -26.20 29.17 -42.97
C ASP C 1044 -26.99 28.72 -41.74
N ALA C 1045 -26.37 27.89 -40.89
CA ALA C 1045 -27.06 27.42 -39.69
C ALA C 1045 -27.31 28.57 -38.72
N HIS C 1046 -26.27 29.35 -38.39
CA HIS C 1046 -26.42 30.34 -37.34
C HIS C 1046 -27.44 31.41 -37.73
N GLN C 1047 -27.45 31.80 -39.01
CA GLN C 1047 -28.49 32.68 -39.54
C GLN C 1047 -29.86 32.17 -39.14
N MET C 1048 -30.15 30.91 -39.49
CA MET C 1048 -31.48 30.36 -39.26
C MET C 1048 -31.77 30.20 -37.77
N THR C 1049 -30.75 29.85 -36.97
CA THR C 1049 -30.94 29.83 -35.52
C THR C 1049 -31.18 31.24 -34.99
N MET C 1050 -30.55 32.24 -35.60
CA MET C 1050 -30.69 33.61 -35.15
C MET C 1050 -32.13 34.11 -35.29
N GLU C 1051 -32.75 33.85 -36.46
CA GLU C 1051 -34.16 34.17 -36.61
C GLU C 1051 -34.99 33.22 -35.76
N LEU C 1093 -41.05 28.24 -33.84
CA LEU C 1093 -40.13 28.29 -34.97
C LEU C 1093 -40.92 28.40 -36.28
N PRO C 1094 -40.35 29.03 -37.31
CA PRO C 1094 -40.98 28.93 -38.64
C PRO C 1094 -41.01 27.48 -39.11
N ILE C 1095 -41.91 27.20 -40.04
CA ILE C 1095 -42.11 25.83 -40.50
C ILE C 1095 -40.91 25.33 -41.28
N THR C 1096 -40.40 26.15 -42.21
CA THR C 1096 -39.30 25.71 -43.05
C THR C 1096 -38.00 25.59 -42.26
N ARG C 1097 -37.88 26.35 -41.17
CA ARG C 1097 -36.70 26.25 -40.32
C ARG C 1097 -36.69 24.91 -39.59
N LYS C 1098 -37.87 24.45 -39.20
CA LYS C 1098 -37.96 23.24 -38.38
C LYS C 1098 -37.64 22.00 -39.21
N PHE C 1099 -37.80 22.07 -40.53
CA PHE C 1099 -37.35 20.99 -41.40
C PHE C 1099 -35.84 21.04 -41.59
N TYR C 1100 -35.30 22.24 -41.79
CA TYR C 1100 -33.87 22.42 -42.00
C TYR C 1100 -33.07 21.89 -40.82
N ALA C 1101 -33.52 22.18 -39.61
CA ALA C 1101 -32.86 21.68 -38.42
C ALA C 1101 -32.81 20.16 -38.40
N PHE C 1102 -33.82 19.52 -39.01
CA PHE C 1102 -33.92 18.07 -38.95
C PHE C 1102 -33.00 17.39 -39.96
N TYR C 1103 -33.09 17.81 -41.22
CA TYR C 1103 -32.38 17.13 -42.30
C TYR C 1103 -30.91 17.47 -42.38
N HIS C 1104 -30.41 18.36 -41.53
CA HIS C 1104 -29.01 18.74 -41.48
C HIS C 1104 -28.35 18.35 -40.17
N ALA C 1105 -29.06 17.65 -39.28
CA ALA C 1105 -28.45 17.03 -38.11
C ALA C 1105 -27.68 15.78 -38.51
N PRO C 1106 -26.49 15.52 -37.95
CA PRO C 1106 -25.77 14.30 -38.33
C PRO C 1106 -26.47 13.01 -37.95
N ILE C 1107 -27.20 13.00 -36.83
CA ILE C 1107 -27.95 11.81 -36.43
C ILE C 1107 -28.97 11.43 -37.50
N VAL C 1108 -29.57 12.42 -38.14
CA VAL C 1108 -30.64 12.14 -39.09
C VAL C 1108 -30.04 11.61 -40.39
N LYS C 1109 -28.93 12.18 -40.83
CA LYS C 1109 -28.24 11.69 -42.01
C LYS C 1109 -27.82 10.24 -41.83
N PHE C 1110 -27.38 9.90 -40.62
CA PHE C 1110 -26.96 8.54 -40.32
C PHE C 1110 -28.06 7.52 -40.54
N TRP C 1111 -29.21 7.71 -39.90
CA TRP C 1111 -30.31 6.76 -40.01
C TRP C 1111 -30.91 6.80 -41.40
N PHE C 1112 -30.81 7.94 -42.07
CA PHE C 1112 -31.38 8.12 -43.41
C PHE C 1112 -30.49 7.46 -44.46
N ASN C 1113 -29.19 7.32 -44.16
CA ASN C 1113 -28.31 6.47 -44.95
C ASN C 1113 -28.42 5.00 -44.53
N THR C 1114 -28.50 4.76 -43.21
CA THR C 1114 -28.57 3.40 -42.68
C THR C 1114 -29.75 2.63 -43.26
N LEU C 1115 -30.92 3.26 -43.29
CA LEU C 1115 -32.11 2.59 -43.82
C LEU C 1115 -31.99 2.34 -45.31
N ALA C 1116 -31.37 3.26 -46.04
CA ALA C 1116 -31.15 3.05 -47.46
C ALA C 1116 -30.12 1.95 -47.70
N TYR C 1117 -29.14 1.86 -46.81
CA TYR C 1117 -28.14 0.80 -46.94
C TYR C 1117 -28.74 -0.57 -46.65
N LEU C 1118 -29.70 -0.65 -45.73
CA LEU C 1118 -30.34 -1.92 -45.45
C LEU C 1118 -31.30 -2.32 -46.56
N GLY C 1119 -32.05 -1.37 -47.10
CA GLY C 1119 -32.85 -1.64 -48.27
C GLY C 1119 -32.01 -2.06 -49.45
N PHE C 1120 -30.78 -1.56 -49.52
CA PHE C 1120 -29.84 -1.97 -50.56
C PHE C 1120 -29.48 -3.45 -50.43
N LEU C 1121 -29.10 -3.88 -49.23
CA LEU C 1121 -28.67 -5.26 -49.03
C LEU C 1121 -29.80 -6.25 -49.30
N MET C 1122 -31.01 -5.92 -48.84
CA MET C 1122 -32.18 -6.77 -49.07
C MET C 1122 -32.35 -7.09 -50.55
N LEU C 1123 -32.21 -6.09 -51.41
CA LEU C 1123 -32.35 -6.31 -52.85
C LEU C 1123 -31.19 -7.12 -53.40
N TYR C 1124 -29.96 -6.71 -53.07
CA TYR C 1124 -28.78 -7.40 -53.57
C TYR C 1124 -28.69 -8.81 -53.01
N THR C 1125 -29.35 -9.06 -51.87
CA THR C 1125 -29.56 -10.42 -51.40
C THR C 1125 -30.62 -11.14 -52.24
N PHE C 1126 -31.69 -10.43 -52.61
CA PHE C 1126 -32.71 -11.00 -53.48
C PHE C 1126 -32.13 -11.33 -54.87
N VAL C 1127 -31.30 -10.42 -55.39
CA VAL C 1127 -30.74 -10.60 -56.73
C VAL C 1127 -29.82 -11.80 -56.77
N VAL C 1128 -29.05 -12.01 -55.72
CA VAL C 1128 -27.98 -13.00 -55.75
C VAL C 1128 -28.52 -14.40 -55.45
N LEU C 1129 -29.66 -14.50 -54.76
CA LEU C 1129 -30.29 -15.77 -54.45
C LEU C 1129 -31.30 -16.22 -55.48
N VAL C 1130 -31.91 -15.30 -56.22
CA VAL C 1130 -32.92 -15.60 -57.21
C VAL C 1130 -32.24 -15.72 -58.56
N LYS C 1131 -32.79 -16.58 -59.41
CA LYS C 1131 -32.24 -16.83 -60.74
C LYS C 1131 -32.05 -15.55 -61.52
N MET C 1132 -30.93 -15.48 -62.24
CA MET C 1132 -30.55 -14.31 -63.03
C MET C 1132 -30.66 -14.63 -64.51
N GLU C 1133 -31.33 -13.75 -65.24
CA GLU C 1133 -31.62 -13.92 -66.65
C GLU C 1133 -30.63 -13.08 -67.47
N GLN C 1134 -30.84 -12.99 -68.79
CA GLN C 1134 -29.92 -12.24 -69.64
C GLN C 1134 -29.94 -10.76 -69.29
N LEU C 1135 -31.12 -10.18 -69.10
CA LEU C 1135 -31.28 -8.77 -68.83
C LEU C 1135 -31.44 -8.55 -67.32
N PRO C 1136 -30.82 -7.52 -66.72
CA PRO C 1136 -30.99 -7.30 -65.29
C PRO C 1136 -32.44 -6.99 -64.92
N SER C 1137 -32.81 -7.38 -63.71
CA SER C 1137 -34.12 -7.09 -63.16
C SER C 1137 -34.15 -5.68 -62.57
N VAL C 1138 -35.35 -5.21 -62.24
CA VAL C 1138 -35.51 -3.90 -61.62
C VAL C 1138 -34.77 -3.86 -60.29
N GLN C 1139 -34.72 -4.97 -59.58
CA GLN C 1139 -33.93 -5.04 -58.35
C GLN C 1139 -32.45 -4.83 -58.64
N GLU C 1140 -31.95 -5.48 -59.69
CA GLU C 1140 -30.52 -5.42 -59.99
C GLU C 1140 -30.11 -4.03 -60.46
N TRP C 1141 -30.96 -3.35 -61.22
CA TRP C 1141 -30.64 -1.99 -61.65
C TRP C 1141 -30.49 -1.05 -60.48
N ILE C 1142 -31.44 -1.11 -59.52
CA ILE C 1142 -31.36 -0.27 -58.33
C ILE C 1142 -30.06 -0.51 -57.58
N VAL C 1143 -29.58 -1.76 -57.60
CA VAL C 1143 -28.35 -2.11 -56.91
C VAL C 1143 -27.17 -1.48 -57.62
N ILE C 1144 -27.19 -1.49 -58.94
CA ILE C 1144 -26.11 -0.92 -59.74
C ILE C 1144 -26.07 0.59 -59.54
N ALA C 1145 -27.24 1.21 -59.39
CA ALA C 1145 -27.33 2.65 -59.19
C ALA C 1145 -26.72 3.08 -57.87
N TYR C 1146 -27.06 2.37 -56.80
CA TYR C 1146 -26.52 2.69 -55.49
C TYR C 1146 -25.00 2.62 -55.46
N ILE C 1147 -24.43 1.53 -56.00
CA ILE C 1147 -22.98 1.35 -55.92
C ILE C 1147 -22.28 2.38 -56.80
N PHE C 1148 -22.89 2.77 -57.92
CA PHE C 1148 -22.31 3.79 -58.77
C PHE C 1148 -22.29 5.14 -58.06
N THR C 1149 -23.43 5.52 -57.48
CA THR C 1149 -23.54 6.80 -56.80
C THR C 1149 -22.81 6.80 -55.47
N TYR C 1150 -22.85 5.68 -54.74
CA TYR C 1150 -22.02 5.50 -53.55
C TYR C 1150 -20.56 5.76 -53.87
N ALA C 1151 -20.09 5.24 -55.00
CA ALA C 1151 -18.69 5.42 -55.38
C ALA C 1151 -18.37 6.90 -55.60
N ILE C 1152 -19.27 7.62 -56.26
CA ILE C 1152 -19.08 9.05 -56.50
C ILE C 1152 -18.93 9.78 -55.17
N GLU C 1153 -19.76 9.44 -54.19
CA GLU C 1153 -19.70 10.12 -52.90
C GLU C 1153 -18.40 9.81 -52.17
N LYS C 1154 -17.77 8.67 -52.48
CA LYS C 1154 -16.49 8.37 -51.85
C LYS C 1154 -15.37 9.17 -52.49
N VAL C 1155 -15.49 9.50 -53.77
CA VAL C 1155 -14.45 10.28 -54.45
C VAL C 1155 -14.40 11.69 -53.88
N ARG C 1156 -15.56 12.31 -53.65
CA ARG C 1156 -15.58 13.68 -53.16
C ARG C 1156 -15.05 13.76 -51.74
N GLU C 1157 -15.33 12.75 -50.92
CA GLU C 1157 -14.76 12.69 -49.57
C GLU C 1157 -13.24 12.77 -49.61
N VAL C 1158 -12.63 12.12 -50.61
CA VAL C 1158 -11.19 12.18 -50.77
C VAL C 1158 -10.76 13.59 -51.13
N PHE C 1159 -11.35 14.15 -52.19
CA PHE C 1159 -10.94 15.44 -52.73
C PHE C 1159 -11.61 16.62 -52.02
N MET C 1160 -12.19 16.39 -50.85
CA MET C 1160 -12.70 17.49 -50.03
C MET C 1160 -12.39 17.26 -48.55
N SER C 1161 -11.21 16.74 -48.24
CA SER C 1161 -10.83 16.39 -46.87
C SER C 1161 -9.99 17.51 -46.26
N GLU C 1162 -9.69 17.38 -44.97
CA GLU C 1162 -8.96 18.42 -44.25
C GLU C 1162 -7.53 18.56 -44.74
N ALA C 1163 -6.89 17.45 -45.12
CA ALA C 1163 -5.58 17.54 -45.77
C ALA C 1163 -5.71 18.28 -47.10
N GLY C 1164 -4.74 19.14 -47.38
CA GLY C 1164 -4.76 19.97 -48.56
C GLY C 1164 -3.93 19.48 -49.73
N LYS C 1165 -3.10 18.45 -49.54
CA LYS C 1165 -2.32 17.85 -50.60
C LYS C 1165 -2.89 16.48 -50.92
N ILE C 1166 -2.94 16.15 -52.23
CA ILE C 1166 -3.56 14.92 -52.70
C ILE C 1166 -3.00 13.71 -51.98
N SER C 1167 -1.68 13.55 -51.99
CA SER C 1167 -1.05 12.37 -51.41
C SER C 1167 -1.40 12.21 -49.94
N GLN C 1168 -1.67 13.32 -49.25
CA GLN C 1168 -2.16 13.24 -47.87
C GLN C 1168 -3.64 12.92 -47.83
N LYS C 1169 -4.41 13.43 -48.79
CA LYS C 1169 -5.82 13.07 -48.89
C LYS C 1169 -5.97 11.57 -49.12
N ILE C 1170 -5.04 10.98 -49.86
CA ILE C 1170 -5.12 9.56 -50.20
C ILE C 1170 -4.77 8.71 -48.98
N LYS C 1171 -3.58 8.93 -48.39
CA LYS C 1171 -3.10 8.06 -47.33
C LYS C 1171 -4.03 8.04 -46.13
N VAL C 1172 -4.71 9.14 -45.87
CA VAL C 1172 -5.54 9.24 -44.68
C VAL C 1172 -6.86 8.51 -44.89
N TRP C 1173 -7.40 8.57 -46.11
CA TRP C 1173 -8.64 7.88 -46.40
C TRP C 1173 -8.43 6.36 -46.39
N PHE C 1174 -7.27 5.90 -46.86
CA PHE C 1174 -6.92 4.48 -46.80
C PHE C 1174 -6.39 4.06 -45.44
N SER C 1175 -6.49 4.92 -44.42
CA SER C 1175 -6.15 4.56 -43.05
C SER C 1175 -7.34 4.01 -42.28
N ASP C 1176 -8.41 3.64 -42.97
CA ASP C 1176 -9.62 3.11 -42.38
C ASP C 1176 -9.90 1.75 -43.01
N TYR C 1177 -10.14 0.74 -42.17
CA TYR C 1177 -10.35 -0.63 -42.63
C TYR C 1177 -11.42 -0.70 -43.71
N PHE C 1178 -12.53 -0.01 -43.49
CA PHE C 1178 -13.71 -0.22 -44.32
C PHE C 1178 -13.69 0.64 -45.58
N ASN C 1179 -12.86 1.69 -45.63
CA ASN C 1179 -12.70 2.43 -46.87
C ASN C 1179 -11.84 1.67 -47.86
N VAL C 1180 -10.87 0.91 -47.36
CA VAL C 1180 -10.09 0.00 -48.21
C VAL C 1180 -11.01 -1.08 -48.76
N SER C 1181 -11.90 -1.60 -47.91
CA SER C 1181 -12.80 -2.67 -48.33
C SER C 1181 -13.82 -2.19 -49.35
N ASP C 1182 -14.29 -0.95 -49.20
CA ASP C 1182 -15.23 -0.39 -50.17
C ASP C 1182 -14.56 -0.17 -51.52
N THR C 1183 -13.27 0.16 -51.52
CA THR C 1183 -12.54 0.34 -52.77
C THR C 1183 -12.50 -0.97 -53.55
N ILE C 1184 -12.19 -2.07 -52.87
CA ILE C 1184 -12.20 -3.38 -53.51
C ILE C 1184 -13.61 -3.76 -53.92
N ALA C 1185 -14.58 -3.53 -53.02
CA ALA C 1185 -15.97 -3.88 -53.28
C ALA C 1185 -16.52 -3.16 -54.50
N ILE C 1186 -16.20 -1.88 -54.64
CA ILE C 1186 -16.68 -1.10 -55.79
C ILE C 1186 -16.02 -1.58 -57.07
N ILE C 1187 -14.69 -1.71 -57.05
CA ILE C 1187 -13.96 -2.12 -58.25
C ILE C 1187 -14.37 -3.51 -58.67
N SER C 1188 -14.51 -4.43 -57.71
CA SER C 1188 -14.83 -5.81 -58.04
C SER C 1188 -16.24 -5.94 -58.60
N PHE C 1189 -17.16 -5.06 -58.18
CA PHE C 1189 -18.52 -5.13 -58.68
C PHE C 1189 -18.59 -4.86 -60.17
N PHE C 1190 -17.93 -3.79 -60.62
CA PHE C 1190 -18.11 -3.36 -62.00
C PHE C 1190 -17.34 -4.26 -62.97
N VAL C 1191 -16.30 -4.95 -62.48
CA VAL C 1191 -15.75 -6.08 -63.23
C VAL C 1191 -16.83 -7.14 -63.43
N GLY C 1192 -17.53 -7.48 -62.34
CA GLY C 1192 -18.58 -8.48 -62.45
C GLY C 1192 -19.74 -8.04 -63.29
N PHE C 1193 -20.13 -6.77 -63.17
CA PHE C 1193 -21.19 -6.25 -64.03
C PHE C 1193 -20.78 -6.30 -65.50
N GLY C 1194 -19.53 -5.98 -65.79
CA GLY C 1194 -19.03 -6.02 -67.15
C GLY C 1194 -19.17 -7.39 -67.78
N LEU C 1195 -18.75 -8.41 -67.05
CA LEU C 1195 -18.86 -9.79 -67.55
C LEU C 1195 -20.30 -10.25 -67.62
N ARG C 1196 -21.06 -10.00 -66.56
CA ARG C 1196 -22.48 -10.36 -66.53
C ARG C 1196 -23.26 -9.71 -67.66
N PHE C 1197 -22.95 -8.45 -67.95
CA PHE C 1197 -23.70 -7.64 -68.90
C PHE C 1197 -23.09 -7.66 -70.29
N GLY C 1198 -21.77 -7.66 -70.41
CA GLY C 1198 -21.11 -7.65 -71.69
C GLY C 1198 -20.83 -9.02 -72.27
N ALA C 1199 -21.55 -10.03 -71.80
CA ALA C 1199 -21.35 -11.40 -72.26
C ALA C 1199 -22.25 -11.68 -73.44
N LYS C 1200 -21.71 -12.38 -74.43
CA LYS C 1200 -22.49 -12.75 -75.61
C LYS C 1200 -23.37 -13.93 -75.22
N TRP C 1201 -24.67 -13.68 -75.15
CA TRP C 1201 -25.63 -14.68 -74.72
C TRP C 1201 -25.85 -15.72 -75.81
N ASN C 1202 -24.82 -16.49 -76.13
CA ASN C 1202 -25.04 -17.70 -76.90
C ASN C 1202 -25.89 -18.59 -76.00
N TYR C 1203 -27.13 -18.86 -76.43
CA TYR C 1203 -28.25 -19.19 -75.54
C TYR C 1203 -28.03 -20.32 -74.53
N ILE C 1204 -26.92 -21.03 -74.59
CA ILE C 1204 -26.77 -22.49 -74.57
C ILE C 1204 -27.56 -23.24 -73.47
N ASN C 1205 -28.40 -22.57 -72.65
CA ASN C 1205 -28.64 -22.87 -71.24
C ASN C 1205 -27.51 -22.34 -70.36
N ALA C 1206 -27.62 -21.04 -70.06
CA ALA C 1206 -26.73 -20.30 -69.19
C ALA C 1206 -26.19 -21.15 -68.05
N TYR C 1207 -24.91 -20.92 -67.77
CA TYR C 1207 -23.98 -21.81 -67.08
C TYR C 1207 -23.47 -22.85 -68.08
N ASP C 1208 -23.68 -22.57 -69.36
CA ASP C 1208 -22.77 -22.98 -70.40
C ASP C 1208 -22.00 -21.80 -70.97
N ASN C 1209 -22.42 -20.56 -70.68
CA ASN C 1209 -21.66 -19.36 -70.99
C ASN C 1209 -20.83 -19.00 -69.78
N HIS C 1210 -19.52 -19.24 -69.85
CA HIS C 1210 -18.68 -19.17 -68.66
C HIS C 1210 -18.21 -17.76 -68.36
N VAL C 1211 -18.47 -16.78 -69.23
CA VAL C 1211 -18.18 -15.39 -68.92
C VAL C 1211 -19.30 -14.82 -68.05
N PHE C 1212 -20.53 -15.25 -68.29
CA PHE C 1212 -21.65 -14.90 -67.43
C PHE C 1212 -21.45 -15.44 -66.03
N VAL C 1213 -20.94 -16.68 -65.92
CA VAL C 1213 -20.77 -17.33 -64.63
C VAL C 1213 -19.82 -16.53 -63.75
N ALA C 1214 -18.64 -16.20 -64.29
CA ALA C 1214 -17.64 -15.44 -63.55
C ALA C 1214 -18.23 -14.13 -63.05
N GLY C 1215 -19.04 -13.47 -63.87
CA GLY C 1215 -19.67 -12.23 -63.43
C GLY C 1215 -20.58 -12.43 -62.25
N ARG C 1216 -21.47 -13.43 -62.33
CA ARG C 1216 -22.38 -13.71 -61.23
C ARG C 1216 -21.63 -14.15 -59.98
N LEU C 1217 -20.59 -14.97 -60.13
CA LEU C 1217 -19.88 -15.47 -58.96
C LEU C 1217 -19.14 -14.37 -58.23
N ILE C 1218 -18.74 -13.32 -58.96
CA ILE C 1218 -18.10 -12.18 -58.32
C ILE C 1218 -19.12 -11.41 -57.48
N TYR C 1219 -20.36 -11.30 -57.97
CA TYR C 1219 -21.43 -10.73 -57.16
C TYR C 1219 -21.61 -11.52 -55.86
N CYS C 1220 -21.67 -12.84 -55.96
CA CYS C 1220 -21.95 -13.68 -54.81
C CYS C 1220 -20.85 -13.58 -53.77
N LEU C 1221 -19.62 -13.28 -54.20
CA LEU C 1221 -18.53 -13.06 -53.27
C LEU C 1221 -18.45 -11.60 -52.82
N ASN C 1222 -18.84 -10.68 -53.69
CA ASN C 1222 -18.71 -9.27 -53.36
C ASN C 1222 -19.69 -8.84 -52.27
N ILE C 1223 -20.83 -9.52 -52.18
CA ILE C 1223 -21.85 -9.16 -51.20
C ILE C 1223 -21.34 -9.35 -49.78
N ILE C 1224 -20.28 -10.14 -49.60
CA ILE C 1224 -19.68 -10.34 -48.27
C ILE C 1224 -19.14 -9.01 -47.76
N PHE C 1225 -18.49 -8.24 -48.63
CA PHE C 1225 -18.01 -6.90 -48.27
C PHE C 1225 -19.10 -6.02 -47.71
N TRP C 1226 -20.32 -6.16 -48.26
CA TRP C 1226 -21.38 -5.23 -47.93
C TRP C 1226 -22.13 -5.63 -46.66
N TYR C 1227 -22.04 -6.91 -46.26
CA TYR C 1227 -22.51 -7.28 -44.93
C TYR C 1227 -21.53 -6.83 -43.85
N VAL C 1228 -20.22 -6.93 -44.13
CA VAL C 1228 -19.22 -6.59 -43.13
C VAL C 1228 -19.15 -5.08 -42.90
N ARG C 1229 -19.59 -4.28 -43.87
CA ARG C 1229 -19.68 -2.83 -43.67
C ARG C 1229 -20.75 -2.47 -42.63
N LEU C 1230 -21.66 -3.40 -42.31
CA LEU C 1230 -22.63 -3.13 -41.26
C LEU C 1230 -21.98 -3.00 -39.89
N LEU C 1231 -20.79 -3.56 -39.74
CA LEU C 1231 -20.04 -3.40 -38.50
C LEU C 1231 -19.57 -1.96 -38.32
N ASP C 1232 -19.43 -1.23 -39.44
CA ASP C 1232 -19.09 0.17 -39.40
C ASP C 1232 -20.24 1.00 -38.83
N PHE C 1233 -21.47 0.65 -39.22
CA PHE C 1233 -22.65 1.32 -38.68
C PHE C 1233 -22.88 0.97 -37.22
N LEU C 1234 -22.69 -0.30 -36.87
CA LEU C 1234 -22.92 -0.78 -35.51
C LEU C 1234 -21.90 -0.25 -34.51
N ALA C 1235 -20.71 0.07 -34.96
CA ALA C 1235 -19.67 0.61 -34.09
C ALA C 1235 -19.94 2.01 -33.61
N VAL C 1236 -21.00 2.65 -34.10
CA VAL C 1236 -21.42 3.94 -33.59
C VAL C 1236 -21.91 3.85 -32.16
N ASN C 1237 -22.36 2.66 -31.74
CA ASN C 1237 -22.76 2.46 -30.35
C ASN C 1237 -21.56 2.29 -29.44
N GLN C 1238 -21.75 2.68 -28.19
CA GLN C 1238 -20.72 2.64 -27.15
C GLN C 1238 -20.33 1.23 -26.73
N GLN C 1239 -21.28 0.30 -26.70
CA GLN C 1239 -20.98 -1.06 -26.30
C GLN C 1239 -20.39 -1.87 -27.44
N ALA C 1240 -21.00 -1.81 -28.62
CA ALA C 1240 -20.56 -2.63 -29.74
C ALA C 1240 -19.23 -2.16 -30.33
N GLY C 1241 -19.03 -0.86 -30.44
CA GLY C 1241 -17.89 -0.30 -31.12
C GLY C 1241 -16.53 -0.74 -30.65
N PRO C 1242 -16.31 -0.75 -29.34
CA PRO C 1242 -15.03 -1.28 -28.85
C PRO C 1242 -14.81 -2.75 -29.17
N TYR C 1243 -15.85 -3.59 -29.14
CA TYR C 1243 -15.66 -5.00 -29.50
C TYR C 1243 -15.28 -5.14 -30.96
N VAL C 1244 -15.83 -4.30 -31.83
CA VAL C 1244 -15.45 -4.32 -33.24
C VAL C 1244 -13.98 -3.96 -33.38
N MET C 1245 -13.47 -3.09 -32.51
CA MET C 1245 -12.07 -2.72 -32.57
C MET C 1245 -11.18 -3.79 -31.96
N MET C 1246 -11.70 -4.52 -30.98
CA MET C 1246 -10.95 -5.63 -30.40
C MET C 1246 -10.69 -6.73 -31.43
N ILE C 1247 -11.69 -7.04 -32.26
CA ILE C 1247 -11.58 -8.15 -33.20
C ILE C 1247 -10.37 -7.96 -34.11
N GLY C 1248 -10.12 -6.72 -34.54
CA GLY C 1248 -8.95 -6.47 -35.35
C GLY C 1248 -7.66 -6.62 -34.56
N LYS C 1249 -7.67 -6.13 -33.33
CA LYS C 1249 -6.46 -6.16 -32.51
C LYS C 1249 -6.08 -7.58 -32.13
N MET C 1250 -7.06 -8.48 -32.01
CA MET C 1250 -6.79 -9.82 -31.52
C MET C 1250 -6.37 -10.75 -32.64
N VAL C 1251 -6.89 -10.54 -33.84
CA VAL C 1251 -6.38 -11.26 -35.01
C VAL C 1251 -4.90 -11.00 -35.18
N ALA C 1252 -4.47 -9.76 -34.98
CA ALA C 1252 -3.05 -9.44 -35.06
C ALA C 1252 -2.25 -10.12 -33.97
N ASN C 1253 -2.80 -10.23 -32.77
CA ASN C 1253 -2.05 -10.77 -31.65
C ASN C 1253 -2.03 -12.29 -31.59
N MET C 1254 -3.07 -12.96 -32.08
CA MET C 1254 -3.11 -14.42 -32.08
C MET C 1254 -2.40 -15.03 -33.28
N PHE C 1255 -1.62 -14.24 -34.02
CA PHE C 1255 -1.07 -14.69 -35.29
C PHE C 1255 -0.13 -15.88 -35.14
N TYR C 1256 0.82 -15.80 -34.22
CA TYR C 1256 1.86 -16.82 -34.14
C TYR C 1256 1.39 -18.10 -33.49
N ILE C 1257 0.39 -18.03 -32.62
CA ILE C 1257 -0.23 -19.24 -32.11
C ILE C 1257 -0.89 -19.99 -33.24
N VAL C 1258 -1.47 -19.26 -34.20
CA VAL C 1258 -2.17 -19.88 -35.33
C VAL C 1258 -1.17 -20.42 -36.35
N VAL C 1259 0.01 -19.83 -36.44
CA VAL C 1259 1.05 -20.35 -37.31
C VAL C 1259 1.55 -21.70 -36.79
N ILE C 1260 1.67 -21.84 -35.47
CA ILE C 1260 2.07 -23.11 -34.89
C ILE C 1260 1.01 -24.17 -35.15
N MET C 1261 -0.27 -23.81 -35.01
CA MET C 1261 -1.35 -24.75 -35.28
C MET C 1261 -1.34 -25.20 -36.74
N ALA C 1262 -1.00 -24.30 -37.66
CA ALA C 1262 -0.93 -24.67 -39.07
C ALA C 1262 0.24 -25.61 -39.35
N LEU C 1263 1.27 -25.56 -38.49
CA LEU C 1263 2.41 -26.47 -38.63
C LEU C 1263 2.06 -27.86 -38.13
N VAL C 1264 1.35 -27.94 -37.00
CA VAL C 1264 0.89 -29.21 -36.47
C VAL C 1264 -0.02 -29.90 -37.47
N LEU C 1265 -0.80 -29.10 -38.21
CA LEU C 1265 -1.71 -29.62 -39.22
C LEU C 1265 -0.97 -30.33 -40.35
N LEU C 1266 0.10 -29.71 -40.87
CA LEU C 1266 0.85 -30.31 -41.96
C LEU C 1266 1.68 -31.49 -41.49
N SER C 1267 2.21 -31.41 -40.28
CA SER C 1267 2.90 -32.51 -39.62
C SER C 1267 2.05 -33.78 -39.57
N PHE C 1268 0.72 -33.63 -39.53
CA PHE C 1268 -0.18 -34.77 -39.53
C PHE C 1268 -0.65 -35.12 -40.94
N GLY C 1269 -1.06 -34.12 -41.70
CA GLY C 1269 -1.65 -34.33 -42.99
C GLY C 1269 -0.80 -35.05 -44.01
N VAL C 1270 0.49 -34.75 -44.04
CA VAL C 1270 1.40 -35.29 -45.03
C VAL C 1270 1.62 -36.78 -44.78
N PRO C 1271 1.92 -37.24 -43.54
CA PRO C 1271 2.00 -38.68 -43.29
C PRO C 1271 0.71 -39.46 -43.49
N ARG C 1272 -0.43 -38.88 -43.06
CA ARG C 1272 -1.72 -39.53 -43.23
C ARG C 1272 -1.97 -39.86 -44.69
N LYS C 1273 -1.74 -38.89 -45.57
CA LYS C 1273 -1.98 -39.08 -46.99
C LYS C 1273 -0.99 -40.06 -47.60
N ALA C 1274 0.27 -39.96 -47.19
CA ALA C 1274 1.33 -40.77 -47.79
C ALA C 1274 1.17 -42.24 -47.45
N ILE C 1275 0.74 -42.54 -46.23
CA ILE C 1275 0.58 -43.91 -45.78
C ILE C 1275 -0.66 -44.54 -46.41
N LEU C 1276 -1.77 -43.80 -46.44
CA LEU C 1276 -3.04 -44.35 -46.91
C LEU C 1276 -3.18 -44.34 -48.42
N TYR C 1277 -2.45 -43.49 -49.13
CA TYR C 1277 -2.56 -43.36 -50.59
C TYR C 1277 -1.17 -43.36 -51.21
N PRO C 1278 -0.56 -44.54 -51.41
CA PRO C 1278 0.80 -44.56 -51.95
C PRO C 1278 0.93 -44.59 -53.46
N HIS C 1279 -0.09 -45.02 -54.20
CA HIS C 1279 0.05 -45.33 -55.61
C HIS C 1279 -0.40 -44.15 -56.46
N GLU C 1280 -0.11 -42.95 -56.00
CA GLU C 1280 -0.61 -41.73 -56.61
C GLU C 1280 0.44 -41.06 -57.48
N GLU C 1281 -0.04 -40.45 -58.55
CA GLU C 1281 0.75 -39.61 -59.43
C GLU C 1281 0.70 -38.17 -58.94
N PRO C 1282 1.54 -37.29 -59.48
CA PRO C 1282 1.48 -35.88 -59.08
C PRO C 1282 0.19 -35.23 -59.52
N SER C 1283 -0.33 -34.36 -58.65
CA SER C 1283 -1.56 -33.62 -58.93
C SER C 1283 -1.74 -32.56 -57.85
N TRP C 1284 -2.51 -31.54 -58.19
CA TRP C 1284 -2.85 -30.50 -57.23
C TRP C 1284 -3.88 -30.95 -56.22
N SER C 1285 -4.52 -32.10 -56.42
CA SER C 1285 -5.35 -32.70 -55.39
C SER C 1285 -4.55 -33.10 -54.17
N LEU C 1286 -3.25 -33.40 -54.32
CA LEU C 1286 -2.40 -33.69 -53.19
C LEU C 1286 -2.31 -32.51 -52.23
N ALA C 1287 -2.39 -31.29 -52.76
CA ALA C 1287 -2.31 -30.12 -51.92
C ALA C 1287 -3.58 -29.91 -51.11
N LYS C 1288 -4.71 -30.35 -51.63
CA LYS C 1288 -5.97 -30.31 -50.87
C LYS C 1288 -6.00 -31.40 -49.80
N ASP C 1289 -5.51 -32.59 -50.14
CA ASP C 1289 -5.73 -33.73 -49.27
C ASP C 1289 -4.90 -33.67 -48.00
N ILE C 1290 -3.73 -33.02 -48.06
CA ILE C 1290 -2.89 -32.91 -46.87
C ILE C 1290 -3.36 -31.83 -45.91
N VAL C 1291 -4.38 -31.06 -46.28
CA VAL C 1291 -4.79 -29.88 -45.54
C VAL C 1291 -6.26 -29.87 -45.18
N PHE C 1292 -7.09 -30.66 -45.85
CA PHE C 1292 -8.54 -30.57 -45.80
C PHE C 1292 -9.10 -31.21 -44.53
N HIS C 1293 -9.02 -32.54 -44.41
CA HIS C 1293 -9.55 -33.20 -43.22
C HIS C 1293 -8.87 -32.76 -41.93
N PRO C 1294 -7.55 -32.57 -41.87
CA PRO C 1294 -6.95 -32.08 -40.61
C PRO C 1294 -7.50 -30.75 -40.14
N TYR C 1295 -7.89 -29.86 -41.05
CA TYR C 1295 -8.49 -28.60 -40.65
C TYR C 1295 -9.86 -28.81 -40.02
N TRP C 1296 -10.67 -29.67 -40.62
CA TRP C 1296 -12.02 -29.92 -40.14
C TRP C 1296 -12.04 -30.67 -38.82
N MET C 1297 -10.96 -31.37 -38.50
CA MET C 1297 -10.81 -31.99 -37.19
C MET C 1297 -10.80 -31.00 -36.03
N ILE C 1298 -10.28 -29.79 -36.25
CA ILE C 1298 -10.26 -28.76 -35.22
C ILE C 1298 -11.66 -28.37 -34.81
N PHE C 1299 -12.66 -28.59 -35.67
CA PHE C 1299 -13.97 -28.00 -35.54
C PHE C 1299 -15.06 -29.02 -35.21
N GLY C 1300 -14.68 -30.11 -34.54
CA GLY C 1300 -15.63 -31.03 -33.95
C GLY C 1300 -15.88 -32.29 -34.74
N GLU C 1301 -15.22 -32.48 -35.87
CA GLU C 1301 -15.38 -33.67 -36.70
C GLU C 1301 -14.23 -34.61 -36.43
N VAL C 1302 -14.50 -35.91 -36.49
CA VAL C 1302 -13.52 -36.94 -36.14
C VAL C 1302 -13.24 -37.90 -37.29
N TYR C 1303 -14.15 -37.98 -38.26
CA TYR C 1303 -14.13 -39.00 -39.31
C TYR C 1303 -13.95 -40.38 -38.68
N ALA C 1304 -14.95 -40.74 -37.87
CA ALA C 1304 -14.87 -41.90 -37.00
C ALA C 1304 -14.70 -43.20 -37.77
N TYR C 1305 -15.49 -43.37 -38.82
CA TYR C 1305 -15.47 -44.58 -39.61
C TYR C 1305 -14.45 -44.55 -40.74
N GLU C 1306 -13.57 -43.54 -40.75
CA GLU C 1306 -12.39 -43.52 -41.61
C GLU C 1306 -11.12 -43.82 -40.85
N ILE C 1307 -11.14 -43.70 -39.52
CA ILE C 1307 -10.06 -44.21 -38.68
C ILE C 1307 -10.07 -45.73 -38.77
N ASP C 1308 -8.88 -46.33 -38.81
CA ASP C 1308 -8.77 -47.78 -38.84
C ASP C 1308 -9.51 -48.32 -40.05
N VAL C 1309 -9.04 -47.97 -41.24
CA VAL C 1309 -9.68 -48.35 -42.50
C VAL C 1309 -9.80 -49.86 -42.70
N CYS C 1310 -9.09 -50.67 -41.92
CA CYS C 1310 -9.16 -52.11 -42.02
C CYS C 1310 -10.24 -52.73 -41.13
N ALA C 1311 -10.98 -51.91 -40.38
CA ALA C 1311 -12.06 -52.40 -39.54
C ALA C 1311 -13.28 -52.78 -40.38
N ASN C 1312 -14.22 -53.48 -39.73
CA ASN C 1312 -15.41 -53.96 -40.39
C ASN C 1312 -16.46 -52.87 -40.59
N ASP C 1313 -16.52 -51.90 -39.69
CA ASP C 1313 -17.41 -50.76 -39.82
C ASP C 1313 -16.82 -49.63 -40.65
N SER C 1314 -15.69 -49.87 -41.33
CA SER C 1314 -15.02 -48.82 -42.06
C SER C 1314 -15.76 -48.47 -43.34
N THR C 1315 -15.69 -47.20 -43.71
CA THR C 1315 -16.19 -46.69 -44.98
C THR C 1315 -15.12 -46.63 -46.07
N LEU C 1316 -13.88 -47.00 -45.76
CA LEU C 1316 -12.78 -47.02 -46.72
C LEU C 1316 -12.10 -48.39 -46.73
N PRO C 1317 -12.83 -49.45 -47.10
CA PRO C 1317 -12.22 -50.79 -47.08
C PRO C 1317 -11.25 -51.05 -48.21
N THR C 1318 -11.36 -50.34 -49.33
CA THR C 1318 -10.40 -50.44 -50.41
C THR C 1318 -9.05 -49.82 -50.06
N ILE C 1319 -8.97 -49.09 -48.96
CA ILE C 1319 -7.77 -48.36 -48.56
C ILE C 1319 -6.93 -49.14 -47.57
N CYS C 1320 -7.46 -50.22 -47.01
CA CYS C 1320 -6.69 -51.08 -46.13
C CYS C 1320 -5.47 -51.65 -46.85
N GLY C 1321 -4.32 -51.59 -46.19
CA GLY C 1321 -3.08 -52.03 -46.78
C GLY C 1321 -1.96 -52.04 -45.77
N PRO C 1322 -0.73 -52.23 -46.26
CA PRO C 1322 0.43 -52.23 -45.34
C PRO C 1322 0.70 -50.86 -44.74
N GLY C 1323 0.72 -50.82 -43.42
CA GLY C 1323 1.11 -49.65 -42.67
C GLY C 1323 -0.02 -48.72 -42.29
N THR C 1324 -1.26 -49.12 -42.49
CA THR C 1324 -2.39 -48.24 -42.22
C THR C 1324 -2.80 -48.25 -40.76
N TRP C 1325 -2.41 -49.26 -40.00
CA TRP C 1325 -2.56 -49.30 -38.57
C TRP C 1325 -1.85 -48.16 -37.84
N LEU C 1326 -0.97 -47.43 -38.52
CA LEU C 1326 -0.28 -46.28 -37.94
C LEU C 1326 -1.15 -45.04 -37.83
N THR C 1327 -2.10 -44.85 -38.74
CA THR C 1327 -2.84 -43.60 -38.82
C THR C 1327 -3.76 -43.32 -37.63
N PRO C 1328 -4.29 -44.30 -36.91
CA PRO C 1328 -4.98 -43.95 -35.67
C PRO C 1328 -4.06 -43.40 -34.59
N PHE C 1329 -2.85 -43.96 -34.44
CA PHE C 1329 -1.88 -43.41 -33.51
C PHE C 1329 -1.54 -41.96 -33.85
N LEU C 1330 -1.32 -41.67 -35.13
CA LEU C 1330 -1.00 -40.32 -35.57
C LEU C 1330 -2.10 -39.33 -35.21
N GLN C 1331 -3.33 -39.70 -35.48
CA GLN C 1331 -4.44 -38.79 -35.27
C GLN C 1331 -4.72 -38.60 -33.78
N ALA C 1332 -4.42 -39.60 -32.96
CA ALA C 1332 -4.57 -39.45 -31.52
C ALA C 1332 -3.59 -38.42 -30.98
N VAL C 1333 -2.36 -38.44 -31.48
CA VAL C 1333 -1.37 -37.43 -31.10
C VAL C 1333 -1.78 -36.06 -31.62
N TYR C 1334 -2.25 -36.02 -32.88
CA TYR C 1334 -2.63 -34.76 -33.50
C TYR C 1334 -3.66 -34.00 -32.68
N LEU C 1335 -4.74 -34.66 -32.29
CA LEU C 1335 -5.80 -33.97 -31.59
C LEU C 1335 -5.46 -33.68 -30.13
N PHE C 1336 -4.61 -34.51 -29.53
CA PHE C 1336 -4.08 -34.15 -28.23
C PHE C 1336 -3.35 -32.81 -28.30
N VAL C 1337 -2.53 -32.62 -29.33
CA VAL C 1337 -1.77 -31.40 -29.44
C VAL C 1337 -2.66 -30.20 -29.76
N GLN C 1338 -3.60 -30.35 -30.70
CA GLN C 1338 -4.36 -29.19 -31.15
C GLN C 1338 -5.34 -28.71 -30.08
N TYR C 1339 -6.12 -29.60 -29.48
CA TYR C 1339 -7.09 -29.16 -28.48
C TYR C 1339 -6.49 -29.01 -27.10
N ILE C 1340 -5.90 -30.06 -26.54
CA ILE C 1340 -5.53 -30.05 -25.13
C ILE C 1340 -4.37 -29.09 -24.87
N ILE C 1341 -3.57 -28.75 -25.87
CA ILE C 1341 -2.47 -27.81 -25.73
C ILE C 1341 -2.80 -26.48 -26.41
N MET C 1342 -3.14 -26.52 -27.70
CA MET C 1342 -3.10 -25.30 -28.51
C MET C 1342 -4.39 -24.52 -28.48
N VAL C 1343 -5.55 -25.19 -28.42
CA VAL C 1343 -6.81 -24.45 -28.28
C VAL C 1343 -6.91 -23.84 -26.89
N ASN C 1344 -6.44 -24.57 -25.88
CA ASN C 1344 -6.58 -24.07 -24.51
C ASN C 1344 -5.55 -22.99 -24.20
N LEU C 1345 -4.37 -23.07 -24.83
CA LEU C 1345 -3.41 -21.98 -24.77
C LEU C 1345 -3.98 -20.70 -25.36
N LEU C 1346 -4.70 -20.83 -26.46
CA LEU C 1346 -5.33 -19.71 -27.13
C LEU C 1346 -6.46 -19.12 -26.30
N ILE C 1347 -7.26 -19.98 -25.66
CA ILE C 1347 -8.22 -19.52 -24.67
C ILE C 1347 -7.48 -18.77 -23.55
N ALA C 1348 -6.42 -19.37 -23.02
CA ALA C 1348 -5.66 -18.73 -21.95
C ALA C 1348 -5.03 -17.42 -22.40
N PHE C 1349 -4.57 -17.34 -23.64
CA PHE C 1349 -4.09 -16.08 -24.18
C PHE C 1349 -5.14 -14.97 -24.04
N PHE C 1350 -6.35 -15.21 -24.56
CA PHE C 1350 -7.40 -14.19 -24.56
C PHE C 1350 -7.82 -13.80 -23.15
N ASN C 1351 -8.02 -14.77 -22.27
CA ASN C 1351 -8.41 -14.49 -20.89
C ASN C 1351 -7.44 -13.56 -20.19
N ASN C 1352 -6.15 -13.64 -20.52
CA ASN C 1352 -5.11 -12.88 -19.85
C ASN C 1352 -4.74 -11.58 -20.56
N VAL C 1353 -5.26 -11.34 -21.77
CA VAL C 1353 -4.99 -10.12 -22.53
C VAL C 1353 -6.26 -9.30 -22.77
N TYR C 1354 -7.44 -9.82 -22.40
CA TYR C 1354 -8.71 -9.18 -22.67
C TYR C 1354 -8.78 -7.75 -22.15
N LEU C 1355 -8.36 -7.55 -20.90
CA LEU C 1355 -8.61 -6.26 -20.24
C LEU C 1355 -7.85 -5.11 -20.89
N GLN C 1356 -6.55 -5.30 -21.15
CA GLN C 1356 -5.74 -4.20 -21.66
C GLN C 1356 -6.02 -3.94 -23.13
N VAL C 1357 -6.50 -4.95 -23.87
CA VAL C 1357 -6.96 -4.73 -25.24
C VAL C 1357 -8.29 -4.02 -25.22
N LYS C 1358 -9.18 -4.41 -24.31
CA LYS C 1358 -10.45 -3.74 -24.13
C LYS C 1358 -10.26 -2.29 -23.72
N ALA C 1359 -9.28 -2.02 -22.87
CA ALA C 1359 -9.04 -0.65 -22.42
C ALA C 1359 -8.48 0.20 -23.54
N ILE C 1360 -7.54 -0.34 -24.31
CA ILE C 1360 -7.01 0.38 -25.47
C ILE C 1360 -8.12 0.60 -26.50
N SER C 1361 -9.01 -0.37 -26.66
CA SER C 1361 -10.02 -0.30 -27.70
C SER C 1361 -11.09 0.72 -27.38
N ASN C 1362 -11.36 0.96 -26.10
CA ASN C 1362 -12.31 1.99 -25.72
C ASN C 1362 -11.77 3.38 -26.01
N ILE C 1363 -10.48 3.60 -25.76
CA ILE C 1363 -9.87 4.90 -26.00
C ILE C 1363 -9.76 5.13 -27.51
N VAL C 1364 -9.37 4.11 -28.25
CA VAL C 1364 -9.28 4.22 -29.70
C VAL C 1364 -10.66 4.48 -30.30
N TRP C 1365 -11.69 3.83 -29.77
CA TRP C 1365 -13.04 4.03 -30.30
C TRP C 1365 -13.48 5.48 -30.10
N LYS C 1366 -13.14 6.05 -28.95
CA LYS C 1366 -13.54 7.41 -28.64
C LYS C 1366 -12.81 8.44 -29.48
N TYR C 1367 -11.52 8.22 -29.72
CA TYR C 1367 -10.74 9.12 -30.56
C TYR C 1367 -11.30 9.17 -31.97
N GLN C 1368 -11.83 8.05 -32.46
CA GLN C 1368 -12.28 7.98 -33.85
C GLN C 1368 -13.72 8.45 -34.03
N ARG C 1369 -14.46 8.68 -32.94
CA ARG C 1369 -15.75 9.34 -33.06
C ARG C 1369 -15.61 10.70 -33.72
N TYR C 1370 -14.53 11.42 -33.41
CA TYR C 1370 -14.26 12.71 -34.00
C TYR C 1370 -14.27 12.64 -35.53
N HIS C 1371 -13.43 11.78 -36.09
CA HIS C 1371 -13.36 11.65 -37.54
C HIS C 1371 -14.69 11.21 -38.12
N PHE C 1372 -15.45 10.44 -37.34
CA PHE C 1372 -16.74 9.94 -37.77
C PHE C 1372 -17.80 11.04 -37.78
N ILE C 1373 -17.93 11.75 -36.65
CA ILE C 1373 -19.00 12.74 -36.51
C ILE C 1373 -18.70 13.97 -37.36
N MET C 1374 -17.42 14.35 -37.47
CA MET C 1374 -17.07 15.54 -38.23
C MET C 1374 -17.24 15.32 -39.73
N ALA C 1375 -17.31 14.06 -40.17
CA ALA C 1375 -17.56 13.78 -41.57
C ALA C 1375 -19.03 14.06 -41.94
N TYR C 1376 -19.95 13.75 -41.03
CA TYR C 1376 -21.36 13.88 -41.34
C TYR C 1376 -21.80 15.34 -41.45
N HIS C 1377 -21.05 16.26 -40.84
CA HIS C 1377 -21.31 17.68 -41.06
C HIS C 1377 -21.08 18.05 -42.52
N GLU C 1378 -20.12 17.40 -43.16
CA GLU C 1378 -19.79 17.66 -44.55
C GLU C 1378 -20.57 16.80 -45.52
N LYS C 1379 -21.18 15.70 -45.07
CA LYS C 1379 -21.90 14.88 -46.01
C LYS C 1379 -23.19 15.56 -46.46
N PRO C 1380 -23.71 15.22 -47.64
CA PRO C 1380 -24.99 15.78 -48.06
C PRO C 1380 -26.16 15.27 -47.26
N VAL C 1381 -27.33 15.79 -47.58
CA VAL C 1381 -28.58 15.41 -46.92
C VAL C 1381 -29.16 14.11 -47.47
N LEU C 1382 -28.97 13.80 -48.78
CA LEU C 1382 -29.63 12.62 -49.39
C LEU C 1382 -28.71 11.41 -49.42
N PRO C 1383 -29.27 10.21 -49.38
CA PRO C 1383 -28.44 9.01 -49.36
C PRO C 1383 -28.09 8.53 -50.76
N PRO C 1384 -27.23 7.52 -50.88
CA PRO C 1384 -26.50 7.32 -52.14
C PRO C 1384 -27.32 6.79 -53.31
N PRO C 1385 -28.66 6.59 -53.21
CA PRO C 1385 -29.43 6.50 -54.48
C PRO C 1385 -29.86 7.84 -55.04
N LEU C 1386 -30.26 8.73 -54.14
CA LEU C 1386 -30.84 10.02 -54.52
C LEU C 1386 -29.85 11.16 -54.38
N ILE C 1387 -28.68 10.90 -53.82
CA ILE C 1387 -27.59 11.86 -53.65
C ILE C 1387 -27.22 12.54 -54.97
N ILE C 1388 -27.43 11.85 -56.08
CA ILE C 1388 -27.03 12.29 -57.41
C ILE C 1388 -27.59 13.68 -57.70
N LEU C 1389 -28.79 13.96 -57.20
CA LEU C 1389 -29.37 15.29 -57.36
C LEU C 1389 -28.66 16.29 -56.44
N SER C 1390 -28.24 15.85 -55.26
CA SER C 1390 -27.50 16.73 -54.37
C SER C 1390 -26.12 17.05 -54.94
N HIS C 1391 -25.55 16.12 -55.72
CA HIS C 1391 -24.28 16.40 -56.37
C HIS C 1391 -24.46 17.46 -57.47
N ILE C 1392 -25.44 17.24 -58.36
CA ILE C 1392 -25.62 18.11 -59.51
C ILE C 1392 -25.94 19.53 -59.06
N VAL C 1393 -26.83 19.66 -58.09
CA VAL C 1393 -27.19 20.99 -57.58
C VAL C 1393 -25.99 21.65 -56.93
N SER C 1394 -25.18 20.86 -56.23
CA SER C 1394 -23.98 21.38 -55.56
C SER C 1394 -22.97 21.92 -56.58
N LEU C 1395 -22.94 21.35 -57.78
CA LEU C 1395 -22.01 21.79 -58.81
C LEU C 1395 -22.49 23.10 -59.42
N GLY C 1411 -15.34 24.64 -42.60
CA GLY C 1411 -16.12 23.82 -41.69
C GLY C 1411 -16.94 24.64 -40.71
N PRO C 1412 -17.58 23.98 -39.75
CA PRO C 1412 -18.37 24.72 -38.76
C PRO C 1412 -17.47 25.50 -37.82
N LYS C 1413 -17.99 26.65 -37.37
CA LYS C 1413 -17.23 27.58 -36.56
C LYS C 1413 -18.03 28.00 -35.32
N LEU C 1414 -17.30 28.21 -34.23
CA LEU C 1414 -17.87 28.69 -32.98
C LEU C 1414 -17.84 30.20 -32.95
N PHE C 1415 -19.02 30.81 -32.81
CA PHE C 1415 -19.20 32.26 -32.86
C PHE C 1415 -19.40 32.78 -31.44
N LEU C 1416 -18.66 33.83 -31.09
CA LEU C 1416 -18.78 34.51 -29.81
C LEU C 1416 -18.89 36.01 -30.04
N THR C 1417 -19.87 36.64 -29.39
CA THR C 1417 -19.83 38.07 -29.23
C THR C 1417 -18.71 38.45 -28.27
N GLU C 1418 -18.39 39.74 -28.21
CA GLU C 1418 -17.16 40.17 -27.57
C GLU C 1418 -17.21 39.99 -26.05
N GLU C 1419 -18.38 40.20 -25.45
CA GLU C 1419 -18.50 39.97 -24.01
C GLU C 1419 -18.37 38.49 -23.67
N ASP C 1420 -18.72 37.61 -24.62
CA ASP C 1420 -18.60 36.18 -24.38
C ASP C 1420 -17.16 35.71 -24.63
N GLN C 1421 -16.42 36.40 -25.50
CA GLN C 1421 -14.99 36.16 -25.58
C GLN C 1421 -14.28 36.60 -24.32
N LYS C 1422 -14.77 37.69 -23.71
CA LYS C 1422 -14.15 38.21 -22.50
C LYS C 1422 -14.40 37.30 -21.32
N LYS C 1423 -15.64 36.80 -21.19
CA LYS C 1423 -15.96 35.87 -20.11
C LYS C 1423 -15.19 34.57 -20.25
N LEU C 1424 -14.79 34.22 -21.47
CA LEU C 1424 -14.12 32.95 -21.71
C LEU C 1424 -12.63 33.05 -21.39
N HIS C 1425 -12.01 34.17 -21.75
CA HIS C 1425 -10.61 34.38 -21.40
C HIS C 1425 -10.43 34.55 -19.90
N ASP C 1426 -11.49 34.97 -19.20
CA ASP C 1426 -11.44 35.04 -17.75
C ASP C 1426 -11.59 33.64 -17.14
N PHE C 1427 -12.51 32.85 -17.68
CA PHE C 1427 -12.67 31.46 -17.25
C PHE C 1427 -11.36 30.69 -17.38
N GLU C 1428 -10.63 30.94 -18.47
CA GLU C 1428 -9.37 30.23 -18.70
C GLU C 1428 -8.34 30.60 -17.64
N GLU C 1429 -8.12 31.90 -17.44
CA GLU C 1429 -7.14 32.37 -16.46
C GLU C 1429 -7.43 31.84 -15.06
N GLN C 1430 -8.70 31.90 -14.64
CA GLN C 1430 -9.07 31.42 -13.31
C GLN C 1430 -8.75 29.94 -13.14
N CYS C 1431 -9.05 29.13 -14.15
CA CYS C 1431 -8.89 27.69 -14.01
C CYS C 1431 -7.42 27.29 -14.05
N VAL C 1432 -6.58 28.11 -14.66
CA VAL C 1432 -5.14 27.85 -14.66
C VAL C 1432 -4.55 28.16 -13.29
N GLU C 1433 -5.04 29.23 -12.67
CA GLU C 1433 -4.62 29.56 -11.30
C GLU C 1433 -4.98 28.46 -10.33
N MET C 1434 -6.23 28.00 -10.38
CA MET C 1434 -6.68 26.89 -9.53
C MET C 1434 -5.80 25.67 -9.72
N TYR C 1435 -5.33 25.44 -10.94
CA TYR C 1435 -4.57 24.24 -11.24
C TYR C 1435 -3.23 24.23 -10.50
N PHE C 1436 -2.50 25.35 -10.55
CA PHE C 1436 -1.21 25.41 -9.88
C PHE C 1436 -1.38 25.41 -8.37
N ASP C 1437 -2.40 26.11 -7.88
CA ASP C 1437 -2.66 26.18 -6.44
C ASP C 1437 -2.90 24.81 -5.84
N GLU C 1438 -3.88 24.08 -6.39
CA GLU C 1438 -4.21 22.76 -5.86
C GLU C 1438 -3.05 21.79 -6.01
N LYS C 1439 -2.15 22.03 -6.98
CA LYS C 1439 -0.99 21.18 -7.15
C LYS C 1439 0.00 21.38 -6.01
N ASP C 1440 0.20 22.63 -5.60
CA ASP C 1440 1.10 22.92 -4.49
C ASP C 1440 0.53 22.41 -3.17
N ASP C 1441 -0.78 22.57 -2.99
CA ASP C 1441 -1.42 22.17 -1.74
C ASP C 1441 -1.32 20.67 -1.52
N LYS C 1442 -1.64 19.89 -2.56
CA LYS C 1442 -1.52 18.44 -2.45
C LYS C 1442 -0.08 18.03 -2.17
N PHE C 1443 0.88 18.72 -2.77
CA PHE C 1443 2.28 18.45 -2.51
C PHE C 1443 2.61 18.78 -1.07
N ASN C 1444 2.32 20.01 -0.64
CA ASN C 1444 2.61 20.42 0.72
C ASN C 1444 1.42 20.13 1.63
N SER C 1445 0.85 18.94 1.51
CA SER C 1445 -0.08 18.39 2.50
C SER C 1445 0.10 16.88 2.65
N GLY C 1446 1.12 16.31 1.99
CA GLY C 1446 1.33 14.87 2.02
C GLY C 1446 2.29 14.47 3.12
N SER C 1447 2.21 13.19 3.49
CA SER C 1447 3.05 12.68 4.56
C SER C 1447 4.52 12.69 4.17
N GLU C 1448 4.84 12.30 2.94
CA GLU C 1448 6.22 12.28 2.49
C GLU C 1448 6.85 13.67 2.56
N GLU C 1449 6.03 14.71 2.41
CA GLU C 1449 6.52 16.09 2.48
C GLU C 1449 6.49 16.66 3.89
N ARG C 1450 5.54 16.22 4.73
CA ARG C 1450 5.50 16.69 6.10
C ARG C 1450 6.51 15.97 6.99
N ILE C 1451 6.77 14.69 6.71
CA ILE C 1451 7.77 13.94 7.46
C ILE C 1451 9.14 14.59 7.29
N ARG C 1452 9.43 15.09 6.10
CA ARG C 1452 10.77 15.57 5.79
C ARG C 1452 11.04 17.00 6.26
N VAL C 1453 10.07 17.90 6.17
CA VAL C 1453 10.26 19.23 6.71
C VAL C 1453 10.24 19.16 8.23
N THR C 1454 9.55 18.17 8.80
CA THR C 1454 9.72 17.84 10.20
C THR C 1454 11.13 17.30 10.47
N PHE C 1455 11.60 16.39 9.60
CA PHE C 1455 12.96 15.85 9.73
C PHE C 1455 14.01 16.97 9.74
N GLU C 1456 13.77 18.04 8.98
CA GLU C 1456 14.75 19.11 8.89
C GLU C 1456 14.71 20.01 10.13
N ARG C 1457 13.51 20.38 10.59
CA ARG C 1457 13.40 21.23 11.76
C ARG C 1457 13.95 20.56 13.00
N VAL C 1458 13.66 19.27 13.19
CA VAL C 1458 14.15 18.55 14.37
C VAL C 1458 15.66 18.51 14.38
N GLU C 1459 16.28 18.36 13.20
CA GLU C 1459 17.72 18.45 13.09
C GLU C 1459 18.23 19.82 13.54
N GLN C 1460 17.53 20.88 13.13
CA GLN C 1460 17.90 22.23 13.56
C GLN C 1460 17.73 22.40 15.06
N MET C 1461 16.56 22.06 15.57
CA MET C 1461 16.24 22.29 16.98
C MET C 1461 17.20 21.52 17.89
N SER C 1462 17.66 20.35 17.45
CA SER C 1462 18.69 19.62 18.18
C SER C 1462 19.93 20.47 18.37
N ILE C 1463 20.32 21.21 17.32
CA ILE C 1463 21.50 22.05 17.38
C ILE C 1463 21.27 23.22 18.34
N GLN C 1464 20.03 23.72 18.37
CA GLN C 1464 19.73 24.92 19.15
C GLN C 1464 19.70 24.62 20.64
N ILE C 1465 19.06 23.54 21.06
CA ILE C 1465 18.97 23.20 22.47
C ILE C 1465 20.37 22.93 22.99
N LYS C 1466 21.21 22.30 22.17
CA LYS C 1466 22.62 22.17 22.50
C LYS C 1466 23.25 23.56 22.60
N GLU C 1467 22.84 24.46 21.72
CA GLU C 1467 23.31 25.85 21.72
C GLU C 1467 22.64 26.62 22.85
N VAL C 1468 21.58 26.06 23.44
CA VAL C 1468 21.11 26.45 24.75
C VAL C 1468 21.82 25.66 25.85
N GLY C 1469 22.05 24.36 25.66
CA GLY C 1469 22.51 23.51 26.75
C GLY C 1469 23.89 23.91 27.23
N ASP C 1470 24.75 24.34 26.32
CA ASP C 1470 26.07 24.83 26.70
C ASP C 1470 25.96 26.18 27.40
N ARG C 1471 25.12 27.07 26.85
CA ARG C 1471 24.95 28.39 27.42
C ARG C 1471 24.23 28.37 28.76
N VAL C 1472 23.29 27.46 28.96
CA VAL C 1472 22.43 27.55 30.14
C VAL C 1472 23.19 27.05 31.35
N ASN C 1473 24.09 26.08 31.14
CA ASN C 1473 25.16 25.82 32.12
C ASN C 1473 25.85 27.12 32.50
N TYR C 1474 26.20 27.91 31.48
CA TYR C 1474 27.07 29.06 31.65
C TYR C 1474 26.35 30.25 32.31
N ILE C 1475 25.04 30.11 32.59
CA ILE C 1475 24.30 31.12 33.34
C ILE C 1475 24.48 30.87 34.83
N LYS C 1476 24.20 29.65 35.28
CA LYS C 1476 24.20 29.36 36.72
C LYS C 1476 25.59 29.48 37.33
N ARG C 1477 26.64 29.49 36.51
CA ARG C 1477 27.99 29.57 37.04
C ARG C 1477 28.24 30.91 37.72
N SER C 1478 27.40 31.91 37.45
CA SER C 1478 27.43 33.14 38.24
C SER C 1478 26.91 32.89 39.64
N LEU C 1479 25.71 32.32 39.76
CA LEU C 1479 25.10 32.14 41.07
C LEU C 1479 25.81 31.06 41.89
N GLN C 1480 26.73 30.32 41.27
CA GLN C 1480 27.77 29.61 42.01
C GLN C 1480 29.00 30.46 42.28
N SER C 1481 29.38 31.36 41.36
CA SER C 1481 30.58 32.18 41.50
C SER C 1481 30.29 33.59 41.97
N LEU C 1482 29.41 34.33 41.29
CA LEU C 1482 28.98 35.64 41.74
C LEU C 1482 28.40 35.62 43.14
N ASP C 1483 27.59 34.62 43.46
CA ASP C 1483 26.95 34.54 44.77
C ASP C 1483 28.00 34.34 45.87
N SER D 341 -14.38 68.61 -17.51
CA SER D 341 -14.42 68.10 -18.90
C SER D 341 -14.46 66.57 -18.84
N PRO D 342 -14.73 65.89 -19.97
CA PRO D 342 -14.81 64.41 -19.94
C PRO D 342 -13.57 63.76 -19.36
N THR D 343 -13.77 62.66 -18.63
CA THR D 343 -12.68 62.02 -17.91
C THR D 343 -11.55 61.57 -18.83
N ASP D 344 -11.88 61.14 -20.05
CA ASP D 344 -10.99 60.91 -21.20
C ASP D 344 -9.83 59.94 -20.93
N ALA D 345 -9.83 59.27 -19.77
CA ALA D 345 -8.85 58.25 -19.47
C ALA D 345 -9.47 57.24 -18.52
N TYR D 346 -10.05 56.18 -19.08
CA TYR D 346 -10.67 55.14 -18.28
C TYR D 346 -10.58 53.80 -19.00
N GLY D 347 -10.09 52.79 -18.30
CA GLY D 347 -9.92 51.48 -18.89
C GLY D 347 -9.24 50.52 -17.92
N VAL D 348 -8.27 49.80 -18.47
CA VAL D 348 -7.52 48.80 -17.74
C VAL D 348 -6.05 49.21 -17.69
N ILE D 349 -5.50 49.32 -16.49
CA ILE D 349 -4.14 49.79 -16.24
C ILE D 349 -3.25 48.58 -15.98
N ASN D 350 -3.57 47.46 -16.63
CA ASN D 350 -2.89 46.19 -16.38
C ASN D 350 -1.37 46.36 -16.39
N PHE D 351 -0.78 46.17 -15.22
CA PHE D 351 0.66 46.24 -15.05
C PHE D 351 1.29 45.20 -15.96
N GLN D 352 2.55 45.45 -16.35
CA GLN D 352 3.32 44.47 -17.11
C GLN D 352 3.37 43.16 -16.34
N GLY D 353 3.42 43.25 -15.01
CA GLY D 353 3.37 42.09 -14.17
C GLY D 353 4.67 41.31 -14.19
N GLY D 354 4.98 40.68 -13.07
CA GLY D 354 6.16 39.85 -12.95
C GLY D 354 5.79 38.39 -13.09
N SER D 355 5.66 37.71 -11.95
CA SER D 355 5.21 36.31 -11.94
C SER D 355 3.88 36.14 -12.65
N HIS D 356 3.01 37.15 -12.57
CA HIS D 356 1.69 37.13 -13.19
C HIS D 356 1.52 38.40 -14.02
N SER D 357 0.29 38.67 -14.46
CA SER D 357 -0.03 39.86 -15.26
C SER D 357 -1.14 40.63 -14.55
N TYR D 358 -0.91 40.93 -13.27
CA TYR D 358 -1.86 41.57 -12.36
C TYR D 358 -2.61 42.74 -13.00
N ARG D 359 -3.93 42.62 -13.07
CA ARG D 359 -4.76 43.59 -13.75
C ARG D 359 -5.27 44.66 -12.78
N ALA D 360 -5.92 45.67 -13.33
CA ALA D 360 -6.37 46.81 -12.54
C ALA D 360 -7.25 47.68 -13.43
N LYS D 361 -7.79 48.76 -12.86
CA LYS D 361 -8.78 49.58 -13.56
C LYS D 361 -8.61 51.03 -13.14
N TYR D 362 -8.86 51.96 -14.07
CA TYR D 362 -8.71 53.39 -13.84
C TYR D 362 -9.88 54.15 -14.46
N VAL D 363 -10.20 55.32 -13.88
CA VAL D 363 -11.27 56.16 -14.40
C VAL D 363 -10.82 57.60 -14.64
N ARG D 364 -9.85 58.09 -13.84
CA ARG D 364 -9.42 59.48 -13.90
C ARG D 364 -10.58 60.45 -13.80
N LEU D 365 -11.21 60.56 -12.63
CA LEU D 365 -12.32 61.49 -12.43
C LEU D 365 -11.82 62.82 -11.85
N SER D 366 -12.77 63.70 -11.51
CA SER D 366 -12.50 65.08 -11.16
C SER D 366 -12.01 65.17 -9.72
N TYR D 367 -12.04 66.38 -9.15
CA TYR D 367 -12.00 66.57 -7.70
C TYR D 367 -13.33 67.06 -7.14
N ASP D 368 -14.42 66.94 -7.90
CA ASP D 368 -15.75 67.37 -7.49
C ASP D 368 -16.83 66.34 -7.74
N THR D 369 -16.47 65.13 -8.18
CA THR D 369 -17.43 64.06 -8.38
C THR D 369 -18.18 63.77 -7.09
N LYS D 370 -19.45 63.43 -7.18
CA LYS D 370 -20.29 63.31 -6.01
C LYS D 370 -20.16 61.90 -5.41
N PRO D 371 -20.30 61.74 -4.09
CA PRO D 371 -20.11 60.40 -3.50
C PRO D 371 -21.07 59.35 -4.04
N GLU D 372 -22.26 59.76 -4.49
CA GLU D 372 -23.23 58.81 -5.01
C GLU D 372 -22.73 58.19 -6.31
N ILE D 373 -22.05 58.97 -7.14
CA ILE D 373 -21.61 58.48 -8.44
C ILE D 373 -20.30 57.71 -8.31
N ILE D 374 -19.52 58.01 -7.28
CA ILE D 374 -18.27 57.28 -7.04
C ILE D 374 -18.62 55.83 -6.73
N LEU D 375 -19.53 55.63 -5.77
CA LEU D 375 -19.95 54.28 -5.42
C LEU D 375 -20.65 53.59 -6.58
N GLN D 376 -21.52 54.32 -7.27
CA GLN D 376 -22.28 53.81 -8.41
C GLN D 376 -21.36 53.19 -9.45
N LEU D 377 -20.18 53.78 -9.64
CA LEU D 377 -19.17 53.27 -10.55
C LEU D 377 -18.62 51.93 -10.07
N LEU D 378 -18.35 51.82 -8.78
CA LEU D 378 -17.62 50.68 -8.22
C LEU D 378 -18.40 49.38 -8.35
N LEU D 379 -19.71 49.44 -8.15
CA LEU D 379 -20.51 48.22 -8.04
C LEU D 379 -21.20 47.89 -9.36
N LYS D 380 -21.62 48.92 -10.10
CA LYS D 380 -22.30 48.71 -11.37
C LYS D 380 -21.33 48.26 -12.46
N GLU D 381 -20.36 49.12 -12.78
CA GLU D 381 -19.45 48.88 -13.89
C GLU D 381 -18.39 47.85 -13.55
N TRP D 382 -17.64 48.09 -12.48
CA TRP D 382 -16.56 47.18 -12.10
C TRP D 382 -17.07 45.88 -11.47
N GLN D 383 -18.38 45.74 -11.27
CA GLN D 383 -19.00 44.47 -10.85
C GLN D 383 -18.41 43.97 -9.54
N MET D 384 -18.25 44.89 -8.61
CA MET D 384 -17.77 44.59 -7.27
C MET D 384 -18.94 44.31 -6.34
N GLU D 385 -18.69 43.52 -5.31
CA GLU D 385 -19.68 43.25 -4.28
C GLU D 385 -19.50 44.21 -3.11
N LEU D 386 -20.60 44.47 -2.41
CA LEU D 386 -20.54 45.38 -1.28
C LEU D 386 -19.68 44.76 -0.17
N PRO D 387 -18.80 45.51 0.48
CA PRO D 387 -17.94 44.90 1.49
C PRO D 387 -18.57 44.90 2.87
N LYS D 388 -18.36 43.81 3.59
CA LYS D 388 -18.73 43.76 4.99
C LYS D 388 -17.72 44.44 5.90
N LEU D 389 -16.69 45.07 5.33
CA LEU D 389 -15.71 45.81 6.12
C LEU D 389 -14.84 46.66 5.21
N VAL D 390 -14.40 47.80 5.72
CA VAL D 390 -13.45 48.69 5.07
C VAL D 390 -12.26 48.87 6.00
N ILE D 391 -11.06 48.63 5.48
CA ILE D 391 -9.82 48.89 6.21
C ILE D 391 -9.09 49.99 5.44
N SER D 392 -9.10 51.20 6.00
CA SER D 392 -8.28 52.28 5.47
C SER D 392 -6.89 52.22 6.09
N VAL D 393 -5.87 52.38 5.25
CA VAL D 393 -4.48 52.32 5.68
C VAL D 393 -3.85 53.69 5.54
N HIS D 394 -3.66 54.37 6.68
CA HIS D 394 -2.96 55.65 6.74
C HIS D 394 -1.67 55.47 7.52
N GLY D 395 -0.56 55.37 6.80
CA GLY D 395 0.74 55.56 7.40
C GLY D 395 1.33 56.82 6.79
N GLY D 396 2.46 56.67 6.14
CA GLY D 396 3.05 57.76 5.40
C GLY D 396 3.52 57.30 4.04
N MET D 397 4.04 58.24 3.26
CA MET D 397 4.84 57.89 2.09
C MET D 397 6.30 57.74 2.53
N GLN D 398 7.07 56.98 1.75
CA GLN D 398 8.52 56.78 1.96
C GLN D 398 8.84 56.17 3.34
N LYS D 399 8.45 54.91 3.58
CA LYS D 399 8.50 54.34 4.93
C LYS D 399 9.74 53.47 5.16
N PHE D 400 10.31 52.89 4.11
CA PHE D 400 11.75 52.61 4.11
C PHE D 400 12.25 51.69 5.23
N GLU D 401 12.19 50.37 4.99
CA GLU D 401 12.72 49.30 5.85
C GLU D 401 11.88 49.01 7.09
N LEU D 402 10.69 48.47 6.85
CA LEU D 402 9.92 47.73 7.84
C LEU D 402 10.71 46.50 8.29
N HIS D 403 10.58 46.16 9.57
CA HIS D 403 11.42 45.15 10.20
C HIS D 403 11.14 43.76 9.63
N PRO D 404 11.99 42.73 9.92
CA PRO D 404 11.70 41.39 9.37
C PRO D 404 10.48 40.71 9.98
N ARG D 405 10.41 40.64 11.31
CA ARG D 405 9.30 39.95 11.97
C ARG D 405 8.01 40.74 11.80
N ILE D 406 8.10 42.07 11.81
CA ILE D 406 6.92 42.92 11.68
C ILE D 406 6.24 42.67 10.34
N LYS D 407 7.03 42.36 9.32
CA LYS D 407 6.53 42.11 7.97
C LYS D 407 5.62 40.89 7.98
N GLN D 408 6.03 39.83 8.67
CA GLN D 408 5.31 38.57 8.71
C GLN D 408 3.94 38.72 9.34
N LEU D 409 3.90 39.26 10.56
CA LEU D 409 2.68 39.27 11.36
C LEU D 409 1.62 40.18 10.76
N LEU D 410 1.99 41.40 10.39
CA LEU D 410 1.03 42.35 9.82
C LEU D 410 0.41 41.80 8.55
N GLY D 411 1.22 41.19 7.70
CA GLY D 411 0.71 40.61 6.48
C GLY D 411 -0.23 39.46 6.76
N LYS D 412 0.30 38.39 7.34
CA LYS D 412 -0.48 37.22 7.75
C LYS D 412 -1.75 37.60 8.51
N GLY D 413 -1.66 38.64 9.35
CA GLY D 413 -2.83 39.08 10.09
C GLY D 413 -3.80 39.88 9.24
N LEU D 414 -3.27 40.72 8.35
CA LEU D 414 -4.14 41.64 7.61
C LEU D 414 -4.90 40.89 6.52
N ILE D 415 -4.25 39.93 5.86
CA ILE D 415 -4.91 39.15 4.83
C ILE D 415 -6.12 38.43 5.40
N LYS D 416 -5.94 37.81 6.57
CA LYS D 416 -6.97 37.02 7.22
C LYS D 416 -8.22 37.85 7.52
N ALA D 417 -8.04 39.06 8.03
CA ALA D 417 -9.18 39.95 8.27
C ALA D 417 -9.89 40.31 6.97
N ALA D 418 -9.13 40.39 5.88
CA ALA D 418 -9.69 40.81 4.61
C ALA D 418 -10.42 39.66 3.91
N VAL D 419 -9.79 38.49 3.86
CA VAL D 419 -10.38 37.37 3.14
C VAL D 419 -11.54 36.78 3.92
N THR D 420 -11.44 36.77 5.25
CA THR D 420 -12.49 36.16 6.07
C THR D 420 -13.70 37.06 6.23
N THR D 421 -13.64 38.30 5.70
CA THR D 421 -14.72 39.27 5.85
C THR D 421 -15.10 39.94 4.54
N GLY D 422 -14.45 39.59 3.43
CA GLY D 422 -14.73 40.23 2.15
C GLY D 422 -14.62 41.74 2.20
N ALA D 423 -13.41 42.23 2.44
CA ALA D 423 -13.17 43.62 2.78
C ALA D 423 -12.57 44.38 1.61
N TRP D 424 -12.70 45.70 1.67
CA TRP D 424 -12.03 46.63 0.77
C TRP D 424 -10.92 47.31 1.55
N ILE D 425 -9.67 47.07 1.14
CA ILE D 425 -8.52 47.79 1.70
C ILE D 425 -8.35 49.05 0.86
N LEU D 426 -8.20 50.21 1.53
CA LEU D 426 -8.01 51.49 0.87
C LEU D 426 -6.60 51.98 1.18
N THR D 427 -5.77 52.07 0.14
CA THR D 427 -4.41 52.58 0.22
C THR D 427 -4.31 53.85 -0.61
N GLY D 428 -3.10 54.39 -0.69
CA GLY D 428 -2.83 55.57 -1.51
C GLY D 428 -2.48 55.22 -2.94
N GLY D 429 -2.07 53.98 -3.19
CA GLY D 429 -1.76 53.53 -4.53
C GLY D 429 -0.29 53.66 -4.89
N VAL D 430 0.31 54.81 -4.58
CA VAL D 430 1.70 55.10 -4.92
C VAL D 430 2.63 54.10 -4.23
N ASN D 431 3.63 53.61 -4.97
CA ASN D 431 4.56 52.61 -4.44
C ASN D 431 5.63 53.32 -3.62
N THR D 432 5.20 53.95 -2.53
CA THR D 432 6.11 54.51 -1.55
C THR D 432 5.42 54.50 -0.19
N GLY D 433 5.91 53.65 0.70
CA GLY D 433 5.41 53.58 2.06
C GLY D 433 4.49 52.41 2.32
N VAL D 434 3.31 52.68 2.88
CA VAL D 434 2.41 51.60 3.28
C VAL D 434 1.95 50.81 2.07
N ALA D 435 1.58 51.49 0.98
CA ALA D 435 1.09 50.81 -0.21
C ALA D 435 2.13 49.84 -0.77
N LYS D 436 3.42 50.13 -0.52
CA LYS D 436 4.46 49.14 -0.82
C LYS D 436 4.32 47.92 0.07
N HIS D 437 4.24 48.12 1.38
CA HIS D 437 4.27 47.00 2.31
C HIS D 437 2.95 46.24 2.31
N VAL D 438 1.84 46.92 2.02
CA VAL D 438 0.56 46.23 1.84
C VAL D 438 0.66 45.27 0.65
N GLY D 439 1.12 45.78 -0.49
CA GLY D 439 1.31 44.91 -1.64
C GLY D 439 2.34 43.82 -1.38
N ASP D 440 3.34 44.11 -0.57
CA ASP D 440 4.29 43.09 -0.14
C ASP D 440 3.57 42.00 0.65
N ALA D 441 2.66 42.41 1.53
CA ALA D 441 1.94 41.44 2.36
C ALA D 441 1.04 40.55 1.51
N LEU D 442 0.42 41.12 0.48
CA LEU D 442 -0.40 40.36 -0.45
C LEU D 442 0.42 39.26 -1.10
N LYS D 443 1.54 39.66 -1.73
CA LYS D 443 2.40 38.73 -2.46
C LYS D 443 2.85 37.56 -1.60
N GLU D 444 3.16 37.82 -0.33
CA GLU D 444 3.57 36.75 0.58
C GLU D 444 2.45 35.73 0.76
N HIS D 445 1.36 36.15 1.40
CA HIS D 445 0.20 35.29 1.63
C HIS D 445 -0.88 35.56 0.60
N ALA D 446 -0.53 35.39 -0.68
CA ALA D 446 -1.45 35.67 -1.78
C ALA D 446 -2.64 34.72 -1.76
N SER D 447 -2.39 33.43 -1.98
CA SER D 447 -3.43 32.43 -2.23
C SER D 447 -4.35 32.83 -3.37
N ARG D 448 -3.85 33.65 -4.29
CA ARG D 448 -4.62 34.40 -5.30
C ARG D 448 -5.96 34.91 -4.77
N SER D 449 -5.95 35.35 -3.51
CA SER D 449 -7.16 35.79 -2.84
C SER D 449 -7.56 37.22 -3.19
N SER D 450 -6.98 37.78 -4.27
CA SER D 450 -7.51 39.01 -4.84
C SER D 450 -8.98 38.85 -5.23
N ARG D 451 -9.40 37.63 -5.56
CA ARG D 451 -10.80 37.27 -5.73
C ARG D 451 -11.63 37.73 -4.52
N LYS D 452 -11.07 37.58 -3.32
CA LYS D 452 -11.74 37.96 -2.08
C LYS D 452 -11.18 39.23 -1.46
N ILE D 453 -10.11 39.81 -2.02
CA ILE D 453 -9.52 41.03 -1.50
C ILE D 453 -9.45 42.04 -2.65
N CYS D 454 -10.14 43.15 -2.50
CA CYS D 454 -10.21 44.19 -3.52
C CYS D 454 -9.53 45.44 -2.98
N THR D 455 -8.22 45.49 -3.15
CA THR D 455 -7.44 46.67 -2.79
C THR D 455 -7.68 47.76 -3.83
N ILE D 456 -7.88 48.98 -3.35
CA ILE D 456 -8.20 50.12 -4.21
C ILE D 456 -7.15 51.19 -3.96
N GLY D 457 -6.72 51.82 -5.05
CA GLY D 457 -5.74 52.89 -4.99
C GLY D 457 -6.43 54.23 -5.24
N ILE D 458 -6.11 55.20 -4.39
CA ILE D 458 -6.62 56.55 -4.51
C ILE D 458 -5.44 57.49 -4.39
N ALA D 459 -5.13 58.23 -5.47
CA ALA D 459 -4.04 59.18 -5.52
C ALA D 459 -4.43 60.38 -6.38
N PRO D 460 -3.68 61.49 -6.34
CA PRO D 460 -3.90 62.54 -7.32
C PRO D 460 -3.29 62.17 -8.67
N TRP D 461 -3.86 62.75 -9.72
CA TRP D 461 -3.43 62.50 -11.10
C TRP D 461 -2.40 63.55 -11.50
N GLY D 462 -1.17 63.09 -11.72
CA GLY D 462 -0.07 63.97 -12.07
C GLY D 462 1.20 63.63 -11.32
N VAL D 463 1.06 63.16 -10.09
CA VAL D 463 2.21 62.87 -9.24
C VAL D 463 2.80 61.50 -9.55
N ILE D 464 2.34 60.87 -10.63
CA ILE D 464 2.59 59.47 -10.92
C ILE D 464 3.49 59.37 -12.15
N GLU D 465 4.56 58.60 -12.05
CA GLU D 465 5.43 58.32 -13.18
C GLU D 465 4.62 57.66 -14.30
N ASN D 466 5.04 57.92 -15.54
CA ASN D 466 4.33 57.46 -16.73
C ASN D 466 2.86 57.84 -16.71
N ARG D 467 2.56 59.08 -16.30
CA ARG D 467 1.19 59.56 -16.31
C ARG D 467 0.59 59.52 -17.70
N ASN D 468 1.38 59.84 -18.72
CA ASN D 468 0.83 60.14 -20.04
C ASN D 468 0.53 58.90 -20.87
N ASP D 469 0.99 57.71 -20.46
CA ASP D 469 0.76 56.52 -21.28
C ASP D 469 -0.60 55.85 -21.00
N LEU D 470 -1.52 56.54 -20.33
CA LEU D 470 -2.82 56.00 -19.95
C LEU D 470 -3.99 56.73 -20.58
N VAL D 471 -3.74 57.90 -21.18
CA VAL D 471 -4.80 58.75 -21.73
C VAL D 471 -5.51 58.00 -22.85
N GLY D 472 -6.82 57.83 -22.72
CA GLY D 472 -7.63 57.30 -23.80
C GLY D 472 -8.84 56.57 -23.28
N ARG D 473 -9.74 56.27 -24.21
CA ARG D 473 -11.08 55.76 -23.88
C ARG D 473 -11.12 54.24 -23.94
N ASP D 474 -11.35 53.61 -22.79
CA ASP D 474 -11.47 52.15 -22.68
C ASP D 474 -10.23 51.47 -23.25
N VAL D 475 -9.07 51.93 -22.78
CA VAL D 475 -7.79 51.57 -23.35
C VAL D 475 -7.10 50.59 -22.42
N VAL D 476 -6.89 49.36 -22.90
CA VAL D 476 -5.92 48.49 -22.26
C VAL D 476 -4.55 49.17 -22.38
N ALA D 477 -3.85 49.29 -21.26
CA ALA D 477 -2.63 50.06 -21.15
C ALA D 477 -1.50 49.17 -20.67
N PRO D 478 -0.28 49.36 -21.20
CA PRO D 478 0.90 48.80 -20.50
C PRO D 478 1.41 49.79 -19.46
N TYR D 479 2.29 49.32 -18.59
CA TYR D 479 2.85 50.16 -17.53
C TYR D 479 4.03 49.44 -16.93
N GLN D 480 5.16 50.14 -16.80
CA GLN D 480 6.41 49.53 -16.36
C GLN D 480 6.66 49.93 -14.91
N THR D 481 6.82 48.93 -14.05
CA THR D 481 7.17 49.17 -12.64
C THR D 481 8.68 49.25 -12.44
N LEU D 482 9.43 49.47 -13.52
CA LEU D 482 10.86 49.72 -13.46
C LEU D 482 11.17 50.87 -12.51
N LEU D 483 12.04 50.61 -11.54
CA LEU D 483 12.45 51.65 -10.58
C LEU D 483 13.37 52.61 -11.31
N ASN D 484 12.75 53.50 -12.08
CA ASN D 484 13.47 54.46 -12.91
C ASN D 484 14.31 55.33 -11.98
N PRO D 485 15.66 55.26 -12.04
CA PRO D 485 16.46 55.86 -10.95
C PRO D 485 16.32 57.37 -10.83
N LEU D 486 16.38 58.07 -11.96
CA LEU D 486 16.23 59.51 -11.98
C LEU D 486 14.84 59.96 -11.53
N SER D 487 13.86 59.07 -11.55
CA SER D 487 12.48 59.42 -11.24
C SER D 487 12.30 59.65 -9.75
N LYS D 488 12.00 60.89 -9.38
CA LYS D 488 11.44 61.19 -8.06
C LYS D 488 9.94 60.96 -8.01
N LEU D 489 9.31 60.63 -9.15
CA LEU D 489 7.87 60.45 -9.21
C LEU D 489 7.48 59.16 -8.49
N ASN D 490 6.18 58.92 -8.38
CA ASN D 490 5.64 57.72 -7.76
C ASN D 490 5.33 56.72 -8.87
N VAL D 491 5.29 55.43 -8.52
CA VAL D 491 4.81 54.40 -9.43
C VAL D 491 3.66 53.68 -8.73
N LEU D 492 2.66 53.26 -9.52
CA LEU D 492 1.54 52.52 -8.96
C LEU D 492 1.97 51.10 -8.64
N ASN D 493 1.45 50.56 -7.54
CA ASN D 493 1.89 49.27 -7.06
C ASN D 493 1.24 48.17 -7.87
N ASN D 494 2.06 47.25 -8.38
CA ASN D 494 1.55 46.15 -9.21
C ASN D 494 0.54 45.30 -8.47
N LEU D 495 0.72 45.09 -7.17
CA LEU D 495 -0.18 44.21 -6.41
C LEU D 495 -1.40 44.97 -5.91
N HIS D 496 -2.07 45.73 -6.79
CA HIS D 496 -3.37 46.31 -6.50
C HIS D 496 -4.37 45.83 -7.54
N SER D 497 -5.63 46.25 -7.41
CA SER D 497 -6.72 45.70 -8.21
C SER D 497 -7.59 46.77 -8.84
N HIS D 498 -7.58 47.98 -8.30
CA HIS D 498 -8.41 49.06 -8.82
C HIS D 498 -7.72 50.38 -8.50
N PHE D 499 -8.07 51.41 -9.26
CA PHE D 499 -7.47 52.73 -9.10
C PHE D 499 -8.49 53.81 -9.43
N ILE D 500 -8.54 54.84 -8.57
CA ILE D 500 -9.28 56.06 -8.83
C ILE D 500 -8.28 57.19 -8.65
N LEU D 501 -8.20 58.09 -9.64
CA LEU D 501 -7.13 59.06 -9.71
C LEU D 501 -7.74 60.45 -9.92
N VAL D 502 -7.34 61.38 -9.07
CA VAL D 502 -8.09 62.59 -8.79
C VAL D 502 -7.35 63.77 -9.40
N ASP D 503 -8.00 64.45 -10.35
CA ASP D 503 -7.43 65.66 -10.91
C ASP D 503 -7.39 66.74 -9.83
N ASP D 504 -6.65 67.80 -10.08
CA ASP D 504 -6.45 68.87 -9.12
C ASP D 504 -5.94 70.08 -9.87
N GLY D 505 -5.34 71.04 -9.18
CA GLY D 505 -4.65 72.14 -9.82
C GLY D 505 -3.80 71.70 -11.00
N THR D 506 -2.75 70.91 -10.77
CA THR D 506 -1.99 70.32 -11.86
C THR D 506 -1.01 69.25 -11.38
N VAL D 507 -0.12 68.84 -12.28
CA VAL D 507 0.98 67.93 -12.00
C VAL D 507 1.81 68.46 -10.82
N GLY D 508 2.41 67.55 -10.06
CA GLY D 508 3.24 67.95 -8.93
C GLY D 508 2.47 68.22 -7.67
N LYS D 509 1.37 68.96 -7.78
CA LYS D 509 0.46 69.18 -6.67
C LYS D 509 0.01 67.86 -6.07
N TYR D 510 0.33 67.66 -4.79
CA TYR D 510 0.05 66.42 -4.08
C TYR D 510 -0.74 66.76 -2.81
N GLY D 511 -1.85 66.05 -2.61
CA GLY D 511 -2.66 66.20 -1.42
C GLY D 511 -4.10 66.59 -1.68
N ALA D 512 -4.60 66.27 -2.89
CA ALA D 512 -5.99 66.56 -3.25
C ALA D 512 -6.82 65.28 -3.35
N GLU D 513 -6.48 64.25 -2.56
CA GLU D 513 -7.20 62.98 -2.55
C GLU D 513 -7.92 62.71 -1.23
N VAL D 514 -7.71 63.55 -0.20
CA VAL D 514 -8.18 63.22 1.14
C VAL D 514 -9.69 63.25 1.20
N ARG D 515 -10.32 64.15 0.43
CA ARG D 515 -11.78 64.29 0.49
C ARG D 515 -12.47 63.02 0.01
N LEU D 516 -12.04 62.49 -1.15
CA LEU D 516 -12.79 61.41 -1.77
C LEU D 516 -12.75 60.13 -0.94
N ARG D 517 -11.59 59.83 -0.37
CA ARG D 517 -11.49 58.70 0.55
C ARG D 517 -12.49 58.82 1.69
N ARG D 518 -12.58 60.01 2.29
CA ARG D 518 -13.50 60.19 3.40
C ARG D 518 -14.95 60.07 2.95
N GLU D 519 -15.36 60.85 1.95
CA GLU D 519 -16.75 60.82 1.48
C GLU D 519 -17.18 59.41 1.10
N LEU D 520 -16.25 58.61 0.56
CA LEU D 520 -16.54 57.20 0.31
C LEU D 520 -16.71 56.44 1.63
N GLU D 521 -15.88 56.73 2.63
CA GLU D 521 -16.00 56.07 3.92
C GLU D 521 -17.32 56.40 4.60
N LYS D 522 -17.76 57.64 4.48
CA LYS D 522 -19.10 58.00 4.95
C LYS D 522 -20.16 57.25 4.16
N THR D 523 -19.94 57.10 2.86
CA THR D 523 -20.96 56.53 1.99
C THR D 523 -21.16 55.05 2.27
N ILE D 524 -20.06 54.30 2.41
CA ILE D 524 -20.16 52.86 2.62
C ILE D 524 -20.79 52.58 3.97
N ASN D 525 -20.46 53.38 4.98
CA ASN D 525 -21.06 53.26 6.30
C ASN D 525 -22.55 53.60 6.30
N GLN D 526 -23.07 54.21 5.24
CA GLN D 526 -24.50 54.46 5.08
C GLN D 526 -25.12 53.45 4.12
N GLN D 527 -24.63 52.21 4.16
CA GLN D 527 -25.21 51.10 3.42
C GLN D 527 -25.39 49.93 4.38
N ARG D 528 -26.51 49.24 4.27
CA ARG D 528 -26.78 48.12 5.15
C ARG D 528 -25.91 46.94 4.78
N ILE D 529 -25.35 46.27 5.81
CA ILE D 529 -24.35 45.24 5.59
C ILE D 529 -24.94 43.94 5.06
N HIS D 530 -26.26 43.76 5.12
CA HIS D 530 -26.88 42.57 4.56
C HIS D 530 -28.37 42.85 4.39
N ALA D 531 -29.02 42.06 3.53
CA ALA D 531 -30.45 42.23 3.25
C ALA D 531 -31.31 42.12 4.50
N ARG D 532 -30.79 41.47 5.56
CA ARG D 532 -31.51 41.19 6.79
C ARG D 532 -31.03 42.04 7.96
N ILE D 533 -29.81 42.55 7.90
CA ILE D 533 -29.20 43.28 9.00
C ILE D 533 -29.29 44.77 8.69
N GLY D 534 -29.54 45.54 9.74
CA GLY D 534 -29.79 46.97 9.59
C GLY D 534 -28.57 47.83 9.83
N GLN D 535 -27.62 47.32 10.62
CA GLN D 535 -26.38 48.03 10.93
C GLN D 535 -25.63 48.39 9.65
N GLY D 536 -24.96 49.55 9.67
CA GLY D 536 -24.17 49.96 8.53
C GLY D 536 -22.83 49.27 8.48
N VAL D 537 -22.21 49.32 7.30
CA VAL D 537 -20.90 48.71 7.08
C VAL D 537 -19.90 49.35 8.04
N PRO D 538 -19.11 48.58 8.80
CA PRO D 538 -18.12 49.22 9.67
C PRO D 538 -16.93 49.74 8.88
N VAL D 539 -16.23 50.70 9.49
CA VAL D 539 -15.01 51.28 8.94
C VAL D 539 -13.98 51.29 10.06
N VAL D 540 -12.77 50.85 9.75
CA VAL D 540 -11.66 50.88 10.69
C VAL D 540 -10.42 51.37 9.95
N ALA D 541 -9.56 52.07 10.69
CA ALA D 541 -8.33 52.65 10.15
C ALA D 541 -7.13 51.99 10.82
N LEU D 542 -6.16 51.56 10.02
CA LEU D 542 -4.93 50.97 10.51
C LEU D 542 -3.78 51.90 10.17
N ILE D 543 -2.79 51.97 11.07
CA ILE D 543 -1.73 52.96 11.02
C ILE D 543 -0.39 52.23 11.07
N PHE D 544 0.45 52.46 10.07
CA PHE D 544 1.81 51.93 10.01
C PHE D 544 2.79 53.09 9.89
N GLU D 545 3.57 53.33 10.94
CA GLU D 545 4.60 54.36 10.96
C GLU D 545 3.97 55.71 10.60
N GLY D 546 3.10 56.20 11.47
CA GLY D 546 2.36 57.41 11.16
C GLY D 546 3.24 58.64 11.20
N GLY D 547 2.65 59.81 11.44
CA GLY D 547 3.32 61.05 11.11
C GLY D 547 2.58 62.27 11.59
N PRO D 548 3.23 63.43 11.54
CA PRO D 548 2.67 64.64 12.18
C PRO D 548 1.36 65.08 11.57
N ASN D 549 1.07 64.69 10.32
CA ASN D 549 -0.24 64.94 9.73
C ASN D 549 -1.18 63.77 9.97
N VAL D 550 -0.64 62.56 10.10
CA VAL D 550 -1.46 61.39 10.42
C VAL D 550 -2.06 61.54 11.81
N ILE D 551 -1.28 62.07 12.76
CA ILE D 551 -1.79 62.24 14.12
C ILE D 551 -2.89 63.30 14.16
N LEU D 552 -3.02 64.09 13.09
CA LEU D 552 -4.23 64.88 12.88
C LEU D 552 -5.31 64.04 12.20
N THR D 553 -4.91 63.10 11.33
CA THR D 553 -5.86 62.19 10.72
C THR D 553 -6.50 61.28 11.77
N VAL D 554 -5.72 60.84 12.76
CA VAL D 554 -6.27 60.01 13.84
C VAL D 554 -7.35 60.78 14.59
N LEU D 555 -7.03 62.02 14.99
CA LEU D 555 -7.98 62.85 15.71
C LEU D 555 -9.24 63.11 14.88
N GLU D 556 -9.06 63.29 13.56
CA GLU D 556 -10.18 63.65 12.70
C GLU D 556 -11.24 62.55 12.68
N TYR D 557 -10.84 61.31 13.00
CA TYR D 557 -11.79 60.20 13.06
C TYR D 557 -12.55 60.22 14.38
N LEU D 558 -11.81 60.27 15.49
CA LEU D 558 -12.43 60.26 16.81
C LEU D 558 -13.37 61.44 17.01
N GLN D 559 -13.16 62.53 16.28
CA GLN D 559 -14.10 63.64 16.25
C GLN D 559 -15.31 63.38 15.35
N GLU D 560 -15.25 62.35 14.51
CA GLU D 560 -16.27 62.15 13.49
C GLU D 560 -17.53 61.53 14.11
N SER D 561 -18.66 61.75 13.44
CA SER D 561 -19.97 61.23 13.84
C SER D 561 -20.46 60.27 12.75
N PRO D 562 -20.41 58.95 12.99
CA PRO D 562 -19.93 58.19 14.15
C PRO D 562 -18.42 58.22 14.29
N PRO D 563 -17.89 57.97 15.50
CA PRO D 563 -16.42 58.02 15.69
C PRO D 563 -15.68 56.75 15.25
N VAL D 564 -15.29 56.74 13.98
CA VAL D 564 -14.48 55.71 13.34
C VAL D 564 -13.32 55.32 14.26
N PRO D 565 -13.12 54.04 14.59
CA PRO D 565 -11.97 53.69 15.44
C PRO D 565 -10.66 53.67 14.66
N VAL D 566 -9.57 53.42 15.39
CA VAL D 566 -8.23 53.41 14.84
C VAL D 566 -7.45 52.27 15.49
N VAL D 567 -6.58 51.62 14.71
CA VAL D 567 -5.64 50.63 15.20
C VAL D 567 -4.23 51.13 14.93
N VAL D 568 -3.31 50.81 15.85
CA VAL D 568 -1.89 51.10 15.68
C VAL D 568 -1.12 49.83 16.00
N CYS D 569 0.16 49.82 15.64
CA CYS D 569 1.04 48.69 15.90
C CYS D 569 2.42 49.21 16.27
N GLU D 570 2.97 48.71 17.38
CA GLU D 570 4.32 49.07 17.76
C GLU D 570 5.32 48.26 16.94
N GLY D 571 6.59 48.66 17.04
CA GLY D 571 7.61 48.18 16.14
C GLY D 571 7.80 49.01 14.90
N THR D 572 7.03 50.08 14.73
CA THR D 572 7.20 51.02 13.63
C THR D 572 8.31 52.01 13.98
N GLY D 573 8.45 53.10 13.21
CA GLY D 573 9.55 54.02 13.37
C GLY D 573 9.17 55.50 13.33
N ARG D 574 7.87 55.79 13.45
CA ARG D 574 7.37 57.15 13.54
C ARG D 574 6.01 57.01 14.22
N ALA D 575 5.13 58.00 14.07
CA ALA D 575 4.13 58.38 15.06
C ALA D 575 3.34 57.23 15.68
N ALA D 576 3.15 56.13 14.96
CA ALA D 576 2.46 54.98 15.51
C ALA D 576 3.19 54.45 16.75
N ASP D 577 4.50 54.19 16.63
CA ASP D 577 5.28 53.79 17.79
C ASP D 577 5.28 54.87 18.86
N LEU D 578 5.19 56.15 18.46
CA LEU D 578 5.12 57.23 19.42
C LEU D 578 3.79 57.15 20.16
N LEU D 579 2.68 57.28 19.43
CA LEU D 579 1.37 57.19 20.04
C LEU D 579 1.16 55.83 20.71
N ALA D 580 1.91 54.82 20.29
CA ALA D 580 2.05 53.60 21.09
C ALA D 580 2.76 53.90 22.41
N TYR D 581 3.85 54.67 22.37
CA TYR D 581 4.50 55.02 23.63
C TYR D 581 3.60 55.92 24.48
N ILE D 582 2.81 56.76 23.82
CA ILE D 582 1.86 57.62 24.53
C ILE D 582 0.83 56.77 25.29
N HIS D 583 0.46 55.63 24.70
CA HIS D 583 -0.54 54.71 25.27
C HIS D 583 -0.18 54.31 26.70
N LYS D 584 1.00 53.75 26.92
CA LYS D 584 1.29 53.05 28.17
C LYS D 584 1.24 53.96 29.38
N GLN D 585 1.60 55.24 29.22
CA GLN D 585 1.61 56.21 30.30
C GLN D 585 0.44 57.17 30.09
N THR D 586 -0.75 56.74 30.51
CA THR D 586 -1.94 57.57 30.52
C THR D 586 -3.04 56.79 31.24
N GLU D 587 -3.92 57.52 31.93
CA GLU D 587 -5.10 56.93 32.56
C GLU D 587 -6.36 57.31 31.78
N GLU D 588 -7.48 56.75 32.20
CA GLU D 588 -8.69 56.84 31.39
C GLU D 588 -9.17 58.29 31.30
N GLY D 589 -8.91 58.92 30.15
CA GLY D 589 -9.27 60.30 29.94
C GLY D 589 -8.20 61.29 30.39
N GLY D 590 -7.27 60.83 31.23
CA GLY D 590 -6.27 61.71 31.79
C GLY D 590 -5.29 62.26 30.79
N ASN D 591 -4.74 63.44 31.07
CA ASN D 591 -3.76 64.08 30.22
C ASN D 591 -2.32 63.68 30.55
N LEU D 592 -2.02 63.40 31.82
CA LEU D 592 -0.68 63.00 32.20
C LEU D 592 -0.65 62.38 33.59
N PRO D 593 0.16 61.32 33.84
CA PRO D 593 0.65 61.07 35.20
C PRO D 593 1.75 62.08 35.51
N ASP D 594 2.47 61.92 36.63
CA ASP D 594 3.47 62.87 37.12
C ASP D 594 4.32 63.46 35.99
N ALA D 595 4.38 64.79 35.94
CA ALA D 595 4.55 65.54 34.69
C ALA D 595 5.82 65.14 33.94
N ALA D 596 5.60 64.70 32.69
CA ALA D 596 6.71 64.45 31.76
C ALA D 596 6.45 65.12 30.42
N GLU D 597 5.50 66.04 30.32
CA GLU D 597 5.26 66.75 29.06
C GLU D 597 6.48 67.50 28.54
N PRO D 598 7.49 67.92 29.35
CA PRO D 598 8.75 68.33 28.73
C PRO D 598 9.41 67.17 27.98
N ASP D 599 9.48 66.01 28.61
CA ASP D 599 10.12 64.86 28.00
C ASP D 599 9.32 64.34 26.81
N ILE D 600 8.01 64.55 26.80
CA ILE D 600 7.18 64.12 25.68
C ILE D 600 7.43 65.09 24.54
N ILE D 601 7.34 66.39 24.82
CA ILE D 601 7.59 67.41 23.80
C ILE D 601 9.03 67.32 23.30
N SER D 602 9.95 66.84 24.14
CA SER D 602 11.30 66.53 23.69
C SER D 602 11.25 65.49 22.58
N THR D 603 10.46 64.44 22.80
CA THR D 603 10.37 63.35 21.84
C THR D 603 9.55 63.75 20.63
N ILE D 604 8.55 64.62 20.81
CA ILE D 604 7.72 65.09 19.70
C ILE D 604 8.62 65.78 18.68
N LYS D 605 9.48 66.70 19.16
CA LYS D 605 10.36 67.42 18.23
C LYS D 605 11.57 66.60 17.84
N LYS D 606 11.93 65.58 18.60
CA LYS D 606 13.05 64.72 18.23
C LYS D 606 12.80 64.08 16.86
N THR D 607 11.61 63.52 16.66
CA THR D 607 11.31 62.83 15.41
C THR D 607 11.17 63.80 14.25
N PHE D 608 10.21 64.73 14.34
CA PHE D 608 10.05 65.81 13.37
C PHE D 608 10.44 67.12 14.07
N ASN D 609 11.50 67.75 13.56
CA ASN D 609 12.10 68.89 14.23
C ASN D 609 11.17 70.11 14.25
N PHE D 610 10.67 70.45 15.44
CA PHE D 610 9.88 71.66 15.67
C PHE D 610 10.68 72.75 16.37
N GLY D 611 11.22 72.45 17.55
CA GLY D 611 11.84 73.45 18.41
C GLY D 611 10.82 74.27 19.17
N GLN D 612 9.73 73.62 19.60
CA GLN D 612 8.62 74.28 20.28
C GLN D 612 8.00 75.33 19.36
N SER D 613 8.13 75.17 18.04
CA SER D 613 7.36 75.98 17.12
C SER D 613 5.89 75.63 17.27
N GLU D 614 5.56 74.34 17.13
CA GLU D 614 4.25 73.84 17.53
C GLU D 614 4.33 72.45 18.17
N ALA D 615 5.50 72.05 18.67
CA ALA D 615 5.61 70.76 19.37
C ALA D 615 4.68 70.70 20.57
N VAL D 616 4.38 71.86 21.18
CA VAL D 616 3.33 71.93 22.19
C VAL D 616 1.99 71.52 21.58
N HIS D 617 1.66 72.09 20.41
CA HIS D 617 0.38 71.78 19.78
C HIS D 617 0.25 70.29 19.50
N LEU D 618 1.35 69.65 19.07
CA LEU D 618 1.31 68.21 18.81
C LEU D 618 1.06 67.42 20.09
N PHE D 619 1.39 68.01 21.25
CA PHE D 619 1.14 67.33 22.52
C PHE D 619 -0.35 67.27 22.83
N GLN D 620 -1.07 68.38 22.59
CA GLN D 620 -2.50 68.39 22.86
C GLN D 620 -3.27 67.54 21.84
N THR D 621 -2.66 67.27 20.69
CA THR D 621 -3.23 66.28 19.78
C THR D 621 -3.05 64.88 20.33
N MET D 622 -1.84 64.56 20.78
CA MET D 622 -1.59 63.31 21.49
C MET D 622 -2.41 63.23 22.77
N MET D 623 -2.77 64.38 23.35
CA MET D 623 -3.62 64.42 24.53
C MET D 623 -5.02 63.93 24.21
N GLU D 624 -5.60 64.42 23.11
CA GLU D 624 -6.94 64.01 22.76
C GLU D 624 -6.96 62.63 22.10
N CYS D 625 -5.77 62.10 21.74
CA CYS D 625 -5.68 60.75 21.22
C CYS D 625 -5.46 59.74 22.33
N MET D 626 -4.72 60.14 23.38
CA MET D 626 -4.63 59.32 24.58
C MET D 626 -5.89 59.44 25.42
N LYS D 627 -6.83 60.32 25.03
CA LYS D 627 -8.05 60.54 25.78
C LYS D 627 -9.12 59.52 25.43
N LYS D 628 -9.58 59.55 24.18
CA LYS D 628 -10.62 58.64 23.73
C LYS D 628 -10.05 57.27 23.47
N LYS D 629 -9.68 56.58 24.55
CA LYS D 629 -9.00 55.30 24.48
C LYS D 629 -9.97 54.16 24.21
N GLU D 630 -11.27 54.45 24.17
CA GLU D 630 -12.27 53.45 23.85
C GLU D 630 -12.33 53.15 22.35
N LEU D 631 -11.42 53.74 21.54
CA LEU D 631 -11.40 53.51 20.10
C LEU D 631 -9.97 53.37 19.58
N ILE D 632 -9.01 53.10 20.46
CA ILE D 632 -7.60 52.98 20.09
C ILE D 632 -7.09 51.62 20.56
N THR D 633 -6.16 51.08 19.80
CA THR D 633 -5.69 49.71 20.00
C THR D 633 -4.28 49.58 19.45
N VAL D 634 -3.36 49.14 20.30
CA VAL D 634 -1.98 48.86 19.92
C VAL D 634 -1.82 47.34 19.86
N PHE D 635 -1.06 46.87 18.89
CA PHE D 635 -0.74 45.45 18.77
C PHE D 635 0.69 45.22 19.30
N HIS D 636 0.80 44.78 20.55
CA HIS D 636 2.09 44.51 21.17
C HIS D 636 2.72 43.28 20.52
N ILE D 637 3.86 43.51 19.89
CA ILE D 637 4.58 42.46 19.16
C ILE D 637 5.72 41.95 20.02
N GLY D 638 5.52 40.77 20.61
CA GLY D 638 6.55 40.11 21.39
C GLY D 638 6.02 39.44 22.64
N SER D 639 4.97 40.02 23.22
CA SER D 639 4.37 39.50 24.46
C SER D 639 3.12 38.68 24.18
N GLU D 640 2.88 38.33 22.90
CA GLU D 640 1.65 37.72 22.39
C GLU D 640 0.38 38.33 23.00
N ASP D 641 0.43 39.62 23.33
CA ASP D 641 -0.70 40.29 23.92
C ASP D 641 -1.64 40.70 22.80
N HIS D 642 -2.90 40.28 22.89
CA HIS D 642 -3.89 40.62 21.88
C HIS D 642 -3.44 40.08 20.53
N GLN D 643 -3.49 38.75 20.37
CA GLN D 643 -2.87 37.97 19.31
C GLN D 643 -3.35 38.43 17.92
N ASP D 644 -2.80 37.84 16.85
CA ASP D 644 -2.67 38.35 15.49
C ASP D 644 -3.72 39.34 15.00
N ILE D 645 -3.24 40.28 14.17
CA ILE D 645 -3.82 41.61 14.00
C ILE D 645 -5.27 41.54 13.51
N ASP D 646 -5.68 40.44 12.88
CA ASP D 646 -7.07 40.33 12.44
C ASP D 646 -8.02 40.45 13.62
N VAL D 647 -7.72 39.76 14.72
CA VAL D 647 -8.56 39.83 15.91
C VAL D 647 -8.57 41.26 16.43
N ALA D 648 -7.48 41.99 16.25
CA ALA D 648 -7.38 43.37 16.68
C ALA D 648 -8.20 44.30 15.80
N ILE D 649 -8.09 44.15 14.48
CA ILE D 649 -8.83 45.02 13.56
C ILE D 649 -10.33 44.85 13.77
N LEU D 650 -10.77 43.63 14.14
CA LEU D 650 -12.19 43.35 14.21
C LEU D 650 -12.73 43.59 15.61
N THR D 651 -12.03 43.08 16.64
CA THR D 651 -12.37 43.39 18.02
C THR D 651 -12.42 44.89 18.28
N ALA D 652 -11.61 45.67 17.58
CA ALA D 652 -11.63 47.13 17.71
C ALA D 652 -13.02 47.69 17.38
N LEU D 653 -13.71 47.07 16.43
CA LEU D 653 -15.04 47.50 16.04
C LEU D 653 -16.10 47.11 17.08
N LEU D 654 -15.73 46.21 18.00
CA LEU D 654 -16.69 45.73 19.01
C LEU D 654 -16.56 46.54 20.29
N LYS D 655 -15.33 46.78 20.75
CA LYS D 655 -15.11 47.64 21.90
C LYS D 655 -15.40 49.09 21.49
N GLY D 656 -15.55 49.96 22.49
CA GLY D 656 -16.13 51.26 22.25
C GLY D 656 -17.47 51.08 21.58
N THR D 657 -17.87 52.06 20.74
CA THR D 657 -18.93 51.94 19.76
C THR D 657 -20.15 51.19 20.27
N ASN D 658 -20.57 51.47 21.52
CA ASN D 658 -21.24 50.53 22.41
C ASN D 658 -22.21 49.57 21.72
N ALA D 659 -23.15 50.12 20.97
CA ALA D 659 -23.99 49.50 19.94
C ALA D 659 -24.96 48.42 20.41
N SER D 660 -24.54 47.55 21.33
CA SER D 660 -25.38 46.58 22.04
C SER D 660 -24.48 45.45 22.56
N ALA D 661 -25.08 44.44 23.19
CA ALA D 661 -24.52 43.09 23.12
C ALA D 661 -24.98 42.38 21.84
N PHE D 662 -26.20 42.69 21.40
CA PHE D 662 -26.82 42.04 20.25
C PHE D 662 -26.10 42.35 18.94
N ASP D 663 -26.06 43.63 18.57
CA ASP D 663 -25.43 44.06 17.31
C ASP D 663 -23.99 43.56 17.19
N GLN D 664 -23.30 43.40 18.31
CA GLN D 664 -21.99 42.74 18.28
C GLN D 664 -22.11 41.35 17.71
N LEU D 665 -23.13 40.60 18.13
CA LEU D 665 -23.33 39.24 17.65
C LEU D 665 -23.71 39.24 16.18
N ILE D 666 -24.57 40.18 15.78
CA ILE D 666 -25.05 40.24 14.41
C ILE D 666 -23.93 40.56 13.45
N LEU D 667 -22.94 41.33 13.89
CA LEU D 667 -21.85 41.73 13.01
C LEU D 667 -20.91 40.56 12.72
N THR D 668 -20.63 39.75 13.75
CA THR D 668 -19.83 38.55 13.55
C THR D 668 -20.55 37.59 12.60
N LEU D 669 -21.87 37.54 12.68
CA LEU D 669 -22.66 36.64 11.85
C LEU D 669 -22.50 36.96 10.37
N ALA D 670 -22.68 38.23 10.00
CA ALA D 670 -22.46 38.64 8.61
C ALA D 670 -21.05 38.30 8.14
N TRP D 671 -20.06 38.49 9.01
CA TRP D 671 -18.68 38.14 8.70
C TRP D 671 -18.44 36.64 8.68
N ASP D 672 -19.24 35.87 9.41
CA ASP D 672 -18.99 34.46 9.67
C ASP D 672 -17.64 34.28 10.36
N ARG D 673 -17.57 34.88 11.57
CA ARG D 673 -16.44 34.72 12.48
C ARG D 673 -17.00 34.30 13.85
N VAL D 674 -16.89 33.01 14.15
CA VAL D 674 -17.44 32.49 15.40
C VAL D 674 -16.43 32.64 16.54
N ASP D 675 -15.15 32.50 16.21
CA ASP D 675 -14.08 32.66 17.19
C ASP D 675 -14.16 34.02 17.87
N ILE D 676 -14.49 35.05 17.11
CA ILE D 676 -14.70 36.39 17.66
C ILE D 676 -15.91 36.34 18.58
N ALA D 677 -17.01 35.78 18.08
CA ALA D 677 -18.28 35.78 18.79
C ALA D 677 -18.20 35.01 20.10
N LYS D 678 -17.67 33.78 20.04
CA LYS D 678 -17.50 32.94 21.21
C LYS D 678 -16.69 33.65 22.29
N ASN D 679 -15.56 34.23 21.89
CA ASN D 679 -14.57 34.69 22.84
C ASN D 679 -14.78 36.14 23.26
N HIS D 680 -15.28 36.98 22.35
CA HIS D 680 -15.37 38.41 22.59
C HIS D 680 -16.80 38.94 22.65
N VAL D 681 -17.80 38.06 22.54
CA VAL D 681 -19.19 38.41 22.81
C VAL D 681 -19.80 37.51 23.88
N PHE D 682 -19.62 36.20 23.75
CA PHE D 682 -20.09 35.26 24.78
C PHE D 682 -19.05 35.14 25.89
N VAL D 683 -18.86 36.27 26.57
CA VAL D 683 -17.90 36.41 27.65
C VAL D 683 -18.64 36.15 28.95
N TYR D 684 -17.90 35.84 30.01
CA TYR D 684 -18.54 35.69 31.31
C TYR D 684 -19.14 37.02 31.74
N GLY D 685 -20.35 36.97 32.32
CA GLY D 685 -21.01 38.15 32.81
C GLY D 685 -21.72 38.96 31.74
N GLN D 686 -21.69 38.52 30.49
CA GLN D 686 -22.37 39.25 29.43
C GLN D 686 -23.87 39.24 29.67
N GLN D 687 -24.43 40.38 30.05
CA GLN D 687 -25.85 40.44 30.32
C GLN D 687 -26.64 40.38 29.02
N TRP D 688 -27.32 39.25 28.80
CA TRP D 688 -28.13 39.09 27.61
C TRP D 688 -29.55 39.57 27.86
N LEU D 689 -30.14 40.16 26.83
CA LEU D 689 -31.52 40.64 26.80
C LEU D 689 -32.42 39.42 26.61
N VAL D 690 -33.59 39.62 26.04
CA VAL D 690 -34.70 38.67 25.97
C VAL D 690 -34.51 38.10 24.58
N GLY D 691 -35.52 37.43 24.01
CA GLY D 691 -35.32 36.63 22.82
C GLY D 691 -34.74 37.29 21.57
N SER D 692 -34.10 38.45 21.72
CA SER D 692 -33.02 38.85 20.83
C SER D 692 -32.16 37.67 20.40
N LEU D 693 -31.73 36.82 21.36
CA LEU D 693 -30.97 35.62 21.01
C LEU D 693 -31.74 34.73 20.03
N GLU D 694 -33.06 34.63 20.20
CA GLU D 694 -33.84 33.86 19.24
C GLU D 694 -33.80 34.53 17.88
N GLN D 695 -33.94 35.85 17.84
CA GLN D 695 -33.90 36.58 16.57
C GLN D 695 -32.56 36.37 15.86
N ALA D 696 -31.49 36.12 16.62
CA ALA D 696 -30.22 35.78 15.99
C ALA D 696 -30.27 34.40 15.36
N MET D 697 -30.91 33.44 16.02
CA MET D 697 -31.06 32.10 15.45
C MET D 697 -31.82 32.14 14.14
N LEU D 698 -32.90 32.92 14.11
CA LEU D 698 -33.69 33.05 12.88
C LEU D 698 -32.84 33.62 11.74
N ASP D 699 -31.88 34.48 12.08
CA ASP D 699 -31.04 35.08 11.06
C ASP D 699 -29.95 34.10 10.62
N ALA D 700 -29.48 33.27 11.54
CA ALA D 700 -28.43 32.31 11.20
C ALA D 700 -28.97 31.15 10.38
N LEU D 701 -30.22 30.75 10.62
CA LEU D 701 -30.80 29.63 9.88
C LEU D 701 -31.03 29.99 8.43
N VAL D 702 -31.57 31.19 8.17
CA VAL D 702 -31.75 31.65 6.78
C VAL D 702 -30.41 31.73 6.08
N MET D 703 -29.46 32.45 6.67
CA MET D 703 -28.15 32.71 6.09
C MET D 703 -27.28 31.47 5.96
N ASP D 704 -27.72 30.33 6.47
CA ASP D 704 -26.97 29.07 6.39
C ASP D 704 -25.64 29.22 7.13
N ARG D 705 -25.77 29.74 8.36
CA ARG D 705 -24.66 30.00 9.26
C ARG D 705 -24.70 28.92 10.33
N VAL D 706 -24.09 27.77 10.02
CA VAL D 706 -24.29 26.57 10.84
C VAL D 706 -23.61 26.73 12.18
N SER D 707 -22.39 27.28 12.19
CA SER D 707 -21.62 27.31 13.42
C SER D 707 -22.20 28.29 14.43
N PHE D 708 -23.00 29.25 13.96
CA PHE D 708 -23.72 30.13 14.88
C PHE D 708 -24.98 29.47 15.42
N VAL D 709 -25.52 28.48 14.70
CA VAL D 709 -26.62 27.68 15.24
C VAL D 709 -26.11 26.82 16.37
N LYS D 710 -24.98 26.14 16.13
CA LYS D 710 -24.33 25.33 17.15
C LYS D 710 -24.05 26.15 18.40
N LEU D 711 -23.39 27.29 18.24
CA LEU D 711 -23.04 28.16 19.35
C LEU D 711 -24.26 28.57 20.18
N LEU D 712 -25.27 29.12 19.51
CA LEU D 712 -26.44 29.63 20.21
C LEU D 712 -27.19 28.51 20.94
N ILE D 713 -27.16 27.29 20.41
CA ILE D 713 -27.74 26.15 21.12
C ILE D 713 -26.96 25.90 22.41
N GLU D 714 -25.63 25.86 22.32
CA GLU D 714 -24.80 25.67 23.49
C GLU D 714 -25.01 26.75 24.55
N ASN D 715 -25.31 27.98 24.14
CA ASN D 715 -25.41 29.11 25.04
C ASN D 715 -26.85 29.51 25.33
N GLY D 716 -27.78 28.56 25.35
CA GLY D 716 -29.06 28.74 26.01
C GLY D 716 -30.32 28.69 25.16
N VAL D 717 -30.19 28.78 23.84
CA VAL D 717 -31.37 28.84 22.99
C VAL D 717 -32.06 27.48 22.99
N SER D 718 -33.39 27.52 22.93
CA SER D 718 -34.24 26.32 22.94
C SER D 718 -35.05 26.26 21.66
N MET D 719 -34.85 25.19 20.89
CA MET D 719 -35.64 25.01 19.68
C MET D 719 -37.12 24.79 20.00
N HIS D 720 -37.41 24.14 21.12
CA HIS D 720 -38.79 23.92 21.53
C HIS D 720 -39.52 25.23 21.77
N LYS D 721 -38.86 26.18 22.43
CA LYS D 721 -39.42 27.51 22.62
C LYS D 721 -39.30 28.35 21.36
N PHE D 722 -38.15 28.25 20.67
CA PHE D 722 -37.91 29.05 19.49
C PHE D 722 -38.93 28.79 18.40
N LEU D 723 -38.97 27.54 17.94
CA LEU D 723 -39.59 27.23 16.65
C LEU D 723 -41.10 27.18 16.73
N THR D 724 -41.75 28.23 16.22
CA THR D 724 -43.19 28.35 16.10
C THR D 724 -43.59 28.22 14.64
N ILE D 725 -44.91 28.20 14.41
CA ILE D 725 -45.41 28.11 13.04
C ILE D 725 -45.05 29.34 12.22
N PRO D 726 -45.27 30.58 12.67
CA PRO D 726 -44.96 31.73 11.81
C PRO D 726 -43.49 31.86 11.45
N ARG D 727 -42.59 31.54 12.37
CA ARG D 727 -41.17 31.49 12.02
C ARG D 727 -40.92 30.42 10.97
N LEU D 728 -41.38 29.20 11.22
CA LEU D 728 -41.13 28.08 10.32
C LEU D 728 -41.77 28.32 8.95
N GLU D 729 -42.83 29.14 8.89
CA GLU D 729 -43.27 29.67 7.60
C GLU D 729 -42.18 30.48 6.94
N GLU D 730 -41.64 31.47 7.66
CA GLU D 730 -40.65 32.40 7.11
C GLU D 730 -39.44 31.67 6.57
N LEU D 731 -39.05 30.58 7.22
CA LEU D 731 -37.87 29.83 6.79
C LEU D 731 -38.07 29.21 5.40
N TYR D 732 -39.29 28.78 5.08
CA TYR D 732 -39.57 28.33 3.72
C TYR D 732 -39.74 29.49 2.77
N ASN D 733 -40.36 30.58 3.24
CA ASN D 733 -40.61 31.77 2.43
C ASN D 733 -39.53 32.82 2.63
N THR D 734 -38.30 32.52 2.23
CA THR D 734 -37.22 33.49 2.28
C THR D 734 -36.29 33.28 1.10
N LYS D 735 -35.89 34.39 0.48
CA LYS D 735 -34.96 34.38 -0.63
C LYS D 735 -33.59 34.91 -0.23
N GLN D 736 -33.38 35.22 1.05
CA GLN D 736 -32.11 35.78 1.52
C GLN D 736 -31.15 34.67 1.93
N GLY D 737 -30.95 33.69 1.07
CA GLY D 737 -30.05 32.61 1.35
C GLY D 737 -30.00 31.61 0.21
N PRO D 738 -29.20 30.55 0.36
CA PRO D 738 -29.16 29.51 -0.67
C PRO D 738 -30.45 28.72 -0.71
N THR D 739 -31.23 28.90 -1.79
CA THR D 739 -32.53 28.27 -1.93
C THR D 739 -32.45 27.11 -2.91
N ASN D 740 -33.46 26.25 -2.86
CA ASN D 740 -33.64 25.23 -3.87
C ASN D 740 -34.56 25.80 -4.94
N PRO D 741 -34.11 25.93 -6.20
CA PRO D 741 -35.01 26.53 -7.19
C PRO D 741 -36.18 25.63 -7.56
N MET D 742 -36.09 24.33 -7.25
CA MET D 742 -37.12 23.38 -7.64
C MET D 742 -38.15 23.08 -6.56
N LEU D 743 -38.09 23.72 -5.40
CA LEU D 743 -39.20 23.59 -4.46
C LEU D 743 -40.47 24.20 -5.04
N PHE D 744 -40.39 25.44 -5.52
CA PHE D 744 -41.54 26.09 -6.17
C PHE D 744 -42.06 25.26 -7.34
N HIS D 745 -41.17 24.62 -8.09
CA HIS D 745 -41.60 23.78 -9.20
C HIS D 745 -42.37 22.56 -8.71
N LEU D 746 -42.24 22.22 -7.41
CA LEU D 746 -43.02 21.13 -6.83
C LEU D 746 -44.32 21.63 -6.22
N ILE D 747 -44.34 22.86 -5.71
CA ILE D 747 -45.56 23.44 -5.14
C ILE D 747 -46.66 23.49 -6.20
N ARG D 748 -46.27 23.75 -7.45
CA ARG D 748 -47.24 23.84 -8.53
C ARG D 748 -47.95 22.51 -8.75
N ASP D 749 -47.19 21.43 -8.91
CA ASP D 749 -47.75 20.16 -9.34
C ASP D 749 -48.73 19.59 -8.30
N VAL D 750 -48.54 19.93 -7.03
CA VAL D 750 -49.46 19.47 -5.99
C VAL D 750 -50.71 20.31 -5.92
N LYS D 751 -50.66 21.57 -6.38
CA LYS D 751 -51.83 22.42 -6.53
C LYS D 751 -52.38 22.39 -7.96
N GLN D 752 -51.70 21.71 -8.87
CA GLN D 752 -52.13 21.32 -10.22
C GLN D 752 -52.15 22.43 -11.25
N GLY D 753 -52.29 23.70 -10.86
CA GLY D 753 -51.87 24.77 -11.75
C GLY D 753 -51.66 26.13 -11.12
N ASN D 754 -51.99 26.28 -9.85
CA ASN D 754 -52.30 27.61 -9.33
C ASN D 754 -51.13 28.17 -8.52
N LEU D 755 -50.71 29.37 -8.89
CA LEU D 755 -49.51 29.99 -8.34
C LEU D 755 -49.55 31.50 -8.58
N PRO D 756 -50.16 32.29 -7.72
CA PRO D 756 -50.07 33.74 -7.87
C PRO D 756 -48.64 34.21 -7.63
N PRO D 757 -48.26 35.38 -8.13
CA PRO D 757 -46.87 35.81 -7.99
C PRO D 757 -46.50 36.20 -6.56
N GLY D 758 -47.50 36.64 -5.79
CA GLY D 758 -47.29 37.00 -4.41
C GLY D 758 -47.61 35.85 -3.47
N TYR D 759 -47.23 34.64 -3.87
CA TYR D 759 -47.59 33.44 -3.14
C TYR D 759 -46.64 33.23 -1.97
N LYS D 760 -47.22 33.09 -0.77
CA LYS D 760 -46.48 32.70 0.43
C LYS D 760 -46.74 31.22 0.67
N ILE D 761 -45.68 30.41 0.65
CA ILE D 761 -45.81 28.98 0.87
C ILE D 761 -46.40 28.72 2.25
N THR D 762 -47.26 27.72 2.33
CA THR D 762 -47.91 27.31 3.57
C THR D 762 -47.52 25.86 3.87
N LEU D 763 -47.67 25.50 5.16
CA LEU D 763 -47.25 24.18 5.59
C LEU D 763 -48.21 23.10 5.12
N ILE D 764 -49.45 23.48 4.81
CA ILE D 764 -50.36 22.55 4.13
C ILE D 764 -49.78 22.16 2.78
N ASP D 765 -49.14 23.11 2.10
CA ASP D 765 -48.58 22.84 0.80
C ASP D 765 -47.26 22.09 0.91
N ILE D 766 -46.51 22.32 1.99
CA ILE D 766 -45.30 21.53 2.24
C ILE D 766 -45.67 20.08 2.51
N GLY D 767 -46.73 19.86 3.28
CA GLY D 767 -47.17 18.50 3.56
C GLY D 767 -47.49 17.71 2.31
N LEU D 768 -48.10 18.37 1.32
CA LEU D 768 -48.47 17.67 0.09
C LEU D 768 -47.24 17.37 -0.75
N VAL D 769 -46.21 18.21 -0.67
CA VAL D 769 -44.94 17.90 -1.33
C VAL D 769 -44.34 16.66 -0.69
N ILE D 770 -44.34 16.60 0.64
CA ILE D 770 -43.73 15.49 1.36
C ILE D 770 -44.47 14.20 1.06
N GLU D 771 -45.80 14.23 1.15
CA GLU D 771 -46.59 13.04 0.84
C GLU D 771 -46.38 12.60 -0.61
N TYR D 772 -46.19 13.56 -1.52
CA TYR D 772 -45.88 13.23 -2.90
C TYR D 772 -44.51 12.58 -3.02
N LEU D 773 -43.50 13.18 -2.40
CA LEU D 773 -42.14 12.67 -2.51
C LEU D 773 -41.99 11.34 -1.81
N MET D 774 -42.48 11.24 -0.57
CA MET D 774 -42.37 10.00 0.18
C MET D 774 -43.23 8.88 -0.40
N GLY D 775 -44.27 9.23 -1.15
CA GLY D 775 -45.01 8.25 -1.91
C GLY D 775 -45.81 7.28 -1.08
N GLY D 776 -46.42 6.34 -1.79
CA GLY D 776 -47.16 5.27 -1.13
C GLY D 776 -48.40 5.80 -0.45
N THR D 777 -48.49 5.54 0.85
CA THR D 777 -49.59 5.98 1.70
C THR D 777 -49.08 6.86 2.83
N TYR D 778 -47.94 7.49 2.64
CA TYR D 778 -47.38 8.35 3.67
C TYR D 778 -48.25 9.57 3.85
N ARG D 779 -48.48 9.94 5.10
CA ARG D 779 -49.35 11.04 5.48
C ARG D 779 -48.64 11.92 6.50
N CYS D 780 -48.49 13.19 6.18
CA CYS D 780 -47.74 14.12 7.02
C CYS D 780 -48.64 14.75 8.06
N THR D 781 -48.04 15.15 9.19
CA THR D 781 -48.83 15.75 10.27
C THR D 781 -49.35 17.13 9.89
N TYR D 782 -48.79 17.74 8.84
CA TYR D 782 -49.31 19.03 8.37
C TYR D 782 -50.68 18.92 7.74
N THR D 783 -51.05 17.75 7.22
CA THR D 783 -52.27 17.58 6.45
C THR D 783 -53.38 16.91 7.26
N ARG D 784 -53.25 16.90 8.58
CA ARG D 784 -54.19 16.23 9.46
C ARG D 784 -55.18 17.22 10.06
N LYS D 785 -56.29 16.67 10.57
CA LYS D 785 -57.36 17.49 11.14
C LYS D 785 -56.84 18.37 12.27
N ARG D 786 -56.01 17.80 13.15
CA ARG D 786 -55.48 18.52 14.29
C ARG D 786 -54.72 19.78 13.85
N PHE D 787 -53.88 19.64 12.83
CA PHE D 787 -53.02 20.75 12.43
C PHE D 787 -53.78 21.77 11.61
N ARG D 788 -54.67 21.31 10.72
CA ARG D 788 -55.40 22.23 9.85
C ARG D 788 -56.26 23.20 10.63
N LEU D 789 -56.72 22.79 11.82
CA LEU D 789 -57.58 23.65 12.63
C LEU D 789 -56.75 24.69 13.38
N ILE D 790 -55.74 24.23 14.13
CA ILE D 790 -54.87 25.14 14.87
C ILE D 790 -54.14 26.08 13.92
N TYR D 791 -53.85 25.63 12.71
CA TYR D 791 -53.21 26.48 11.72
C TYR D 791 -54.15 27.60 11.29
N ASN D 792 -55.42 27.26 11.07
CA ASN D 792 -56.41 28.27 10.71
C ASN D 792 -56.74 29.18 11.89
N SER D 793 -56.70 28.63 13.11
CA SER D 793 -56.96 29.41 14.31
C SER D 793 -55.92 30.50 14.50
N LEU D 794 -54.66 30.10 14.66
CA LEU D 794 -53.58 31.04 14.94
C LEU D 794 -53.40 32.03 13.78
N GLU D 868 -47.12 25.11 25.00
CA GLU D 868 -48.12 25.88 24.25
C GLU D 868 -48.46 25.00 23.03
N THR D 869 -48.97 25.62 21.97
CA THR D 869 -49.74 24.93 20.95
C THR D 869 -49.26 25.24 19.54
N LYS D 870 -48.84 26.48 19.28
CA LYS D 870 -48.13 26.82 18.06
C LYS D 870 -46.74 26.19 18.00
N ARG D 871 -46.22 25.71 19.12
CA ARG D 871 -44.96 25.00 19.16
C ARG D 871 -45.13 23.61 18.54
N PHE D 872 -44.02 22.90 18.41
CA PHE D 872 -43.99 21.53 17.94
C PHE D 872 -43.33 20.70 19.04
N PRO D 873 -43.68 19.41 19.18
CA PRO D 873 -42.99 18.59 20.18
C PRO D 873 -41.61 18.15 19.74
N TYR D 874 -41.37 18.06 18.43
CA TYR D 874 -40.11 17.57 17.89
C TYR D 874 -39.67 18.51 16.77
N PRO D 875 -39.05 19.64 17.12
CA PRO D 875 -38.74 20.64 16.08
C PRO D 875 -37.53 20.28 15.24
N LEU D 876 -36.62 19.46 15.75
CA LEU D 876 -35.46 19.05 14.96
C LEU D 876 -35.87 18.17 13.79
N ASN D 877 -37.07 17.57 13.85
CA ASN D 877 -37.60 16.86 12.70
C ASN D 877 -38.10 17.83 11.63
N GLU D 878 -38.80 18.87 12.08
CA GLU D 878 -39.36 19.86 11.15
C GLU D 878 -38.26 20.62 10.42
N LEU D 879 -37.12 20.81 11.08
CA LEU D 879 -36.02 21.53 10.47
C LEU D 879 -35.19 20.64 9.55
N LEU D 880 -35.09 19.35 9.87
CA LEU D 880 -34.38 18.42 9.00
C LEU D 880 -35.05 18.35 7.63
N ILE D 881 -36.38 18.36 7.61
CA ILE D 881 -37.11 18.33 6.34
C ILE D 881 -36.90 19.63 5.59
N TRP D 882 -36.97 20.75 6.32
CA TRP D 882 -36.69 22.06 5.74
C TRP D 882 -35.33 22.11 5.06
N ALA D 883 -34.29 21.73 5.79
CA ALA D 883 -32.93 21.82 5.25
C ALA D 883 -32.74 20.94 4.03
N CYS D 884 -33.52 19.86 3.92
CA CYS D 884 -33.37 18.94 2.79
C CYS D 884 -34.18 19.42 1.60
N LEU D 885 -35.37 19.97 1.83
CA LEU D 885 -36.14 20.55 0.74
C LEU D 885 -35.48 21.80 0.18
N MET D 886 -34.77 22.55 1.02
CA MET D 886 -34.03 23.72 0.59
C MET D 886 -32.65 23.40 0.05
N LYS D 887 -32.28 22.12 -0.06
CA LYS D 887 -30.96 21.70 -0.53
C LYS D 887 -29.87 22.35 0.31
N ARG D 888 -29.93 22.11 1.62
CA ARG D 888 -28.94 22.60 2.57
C ARG D 888 -28.37 21.41 3.35
N GLN D 889 -27.35 20.80 2.77
CA GLN D 889 -26.82 19.55 3.28
C GLN D 889 -26.03 19.74 4.55
N VAL D 890 -25.20 20.79 4.61
CA VAL D 890 -24.35 21.01 5.78
C VAL D 890 -25.21 21.33 7.00
N MET D 891 -26.34 22.01 6.77
CA MET D 891 -27.29 22.24 7.84
C MET D 891 -28.06 20.97 8.18
N ALA D 892 -28.37 20.15 7.18
CA ALA D 892 -29.12 18.93 7.42
C ALA D 892 -28.31 17.93 8.24
N ARG D 893 -27.01 17.82 7.95
CA ARG D 893 -26.15 16.93 8.74
C ARG D 893 -26.07 17.38 10.18
N PHE D 894 -25.97 18.68 10.41
CA PHE D 894 -25.88 19.19 11.77
C PHE D 894 -27.14 18.88 12.55
N LEU D 895 -28.30 19.20 11.96
CA LEU D 895 -29.57 18.99 12.65
C LEU D 895 -29.88 17.51 12.84
N TRP D 896 -29.36 16.66 11.95
CA TRP D 896 -29.57 15.22 12.11
C TRP D 896 -28.92 14.70 13.38
N GLN D 897 -27.73 15.20 13.70
CA GLN D 897 -27.01 14.75 14.89
C GLN D 897 -27.72 15.14 16.19
N HIS D 898 -28.63 16.11 16.14
CA HIS D 898 -29.37 16.57 17.30
C HIS D 898 -30.81 16.05 17.21
N GLY D 899 -31.31 15.57 18.36
CA GLY D 899 -32.59 14.93 18.43
C GLY D 899 -32.47 13.43 18.56
N GLU D 900 -33.61 12.76 18.42
CA GLU D 900 -33.73 11.32 18.56
C GLU D 900 -34.21 10.71 17.26
N GLU D 901 -34.16 9.38 17.19
CA GLU D 901 -34.51 8.61 16.00
C GLU D 901 -33.58 8.93 14.84
N SER D 902 -32.27 8.76 15.05
CA SER D 902 -31.29 9.18 14.06
C SER D 902 -31.33 8.31 12.81
N MET D 903 -31.45 7.00 12.99
CA MET D 903 -31.45 6.09 11.84
C MET D 903 -32.70 6.27 11.00
N ALA D 904 -33.83 6.60 11.62
CA ALA D 904 -35.06 6.84 10.89
C ALA D 904 -34.95 8.11 10.05
N LYS D 905 -34.46 9.19 10.66
CA LYS D 905 -34.34 10.47 9.96
C LYS D 905 -33.41 10.36 8.76
N ALA D 906 -32.39 9.52 8.84
CA ALA D 906 -31.46 9.36 7.73
C ALA D 906 -32.10 8.63 6.56
N LEU D 907 -33.04 7.73 6.84
CA LEU D 907 -33.71 6.99 5.77
C LEU D 907 -34.81 7.84 5.14
N VAL D 908 -35.39 8.76 5.90
CA VAL D 908 -36.30 9.76 5.33
C VAL D 908 -35.55 10.67 4.37
N ALA D 909 -34.44 11.24 4.82
CA ALA D 909 -33.67 12.18 4.01
C ALA D 909 -33.23 11.53 2.70
N CYS D 910 -32.76 10.29 2.76
CA CYS D 910 -32.38 9.56 1.56
C CYS D 910 -33.54 9.48 0.58
N LYS D 911 -34.75 9.28 1.10
CA LYS D 911 -35.93 9.18 0.25
C LYS D 911 -36.27 10.51 -0.40
N ILE D 912 -36.23 11.58 0.38
CA ILE D 912 -36.65 12.89 -0.10
C ILE D 912 -35.72 13.38 -1.22
N TYR D 913 -34.40 13.21 -1.05
CA TYR D 913 -33.47 13.62 -2.09
C TYR D 913 -33.61 12.77 -3.34
N ARG D 914 -33.78 11.46 -3.16
CA ARG D 914 -33.93 10.54 -4.29
C ARG D 914 -35.13 10.92 -5.15
N SER D 915 -36.21 11.35 -4.51
CA SER D 915 -37.42 11.69 -5.26
C SER D 915 -37.28 13.04 -5.95
N MET D 916 -36.60 13.99 -5.32
CA MET D 916 -36.31 15.25 -6.00
C MET D 916 -35.33 15.06 -7.14
N ALA D 917 -34.41 14.12 -7.02
CA ALA D 917 -33.49 13.84 -8.12
C ALA D 917 -34.23 13.33 -9.34
N TYR D 918 -35.25 12.49 -9.12
CA TYR D 918 -36.02 11.95 -10.22
C TYR D 918 -36.81 13.05 -10.94
N GLU D 919 -37.47 13.91 -10.18
CA GLU D 919 -38.25 14.99 -10.79
C GLU D 919 -37.36 15.94 -11.57
N ALA D 920 -36.12 16.12 -11.12
CA ALA D 920 -35.19 17.01 -11.79
C ALA D 920 -34.76 16.43 -13.14
N LYS D 921 -34.62 15.11 -13.22
CA LYS D 921 -34.40 14.45 -14.50
C LYS D 921 -35.57 14.73 -15.42
N GLN D 922 -36.77 14.41 -14.94
CA GLN D 922 -38.03 14.54 -15.66
C GLN D 922 -38.47 15.98 -15.89
N SER D 923 -37.73 17.00 -15.45
CA SER D 923 -38.12 18.39 -15.62
C SER D 923 -37.09 19.10 -16.49
N ASP D 924 -37.50 20.24 -17.06
CA ASP D 924 -36.72 20.95 -18.06
C ASP D 924 -36.17 22.22 -17.44
N LEU D 925 -35.02 22.10 -16.79
CA LEU D 925 -34.38 23.24 -16.12
C LEU D 925 -32.93 23.33 -16.58
N VAL D 926 -32.30 24.45 -16.23
CA VAL D 926 -30.97 24.78 -16.75
C VAL D 926 -29.92 23.89 -16.11
N ASP D 927 -29.94 23.79 -14.78
CA ASP D 927 -29.05 22.89 -14.06
C ASP D 927 -29.87 21.77 -13.45
N ASP D 928 -29.49 20.53 -13.79
CA ASP D 928 -30.26 19.39 -13.33
C ASP D 928 -30.19 19.25 -11.81
N THR D 929 -29.01 19.47 -11.23
CA THR D 929 -28.80 19.34 -9.79
C THR D 929 -29.07 17.92 -9.28
N SER D 930 -29.23 16.94 -10.16
CA SER D 930 -29.75 15.65 -9.75
C SER D 930 -28.64 14.74 -9.26
N GLU D 931 -27.45 14.85 -9.86
CA GLU D 931 -26.29 14.12 -9.34
C GLU D 931 -25.86 14.71 -8.01
N GLU D 932 -26.19 15.98 -7.75
CA GLU D 932 -25.97 16.57 -6.44
C GLU D 932 -26.94 15.99 -5.42
N LEU D 933 -28.22 15.89 -5.78
CA LEU D 933 -29.22 15.33 -4.88
C LEU D 933 -29.03 13.83 -4.70
N LYS D 934 -28.69 13.13 -5.79
CA LYS D 934 -28.38 11.72 -5.71
C LYS D 934 -27.16 11.46 -4.83
N GLN D 935 -26.25 12.45 -4.75
CA GLN D 935 -25.10 12.33 -3.87
C GLN D 935 -25.51 12.56 -2.43
N TYR D 936 -26.48 13.45 -2.21
CA TYR D 936 -26.94 13.72 -0.86
C TYR D 936 -27.78 12.57 -0.31
N SER D 937 -28.51 11.89 -1.19
CA SER D 937 -29.29 10.73 -0.76
C SER D 937 -28.38 9.59 -0.30
N ASN D 938 -27.27 9.38 -1.01
CA ASN D 938 -26.39 8.27 -0.67
C ASN D 938 -25.52 8.59 0.54
N ASP D 939 -25.37 9.87 0.87
CA ASP D 939 -24.66 10.23 2.10
C ASP D 939 -25.46 9.83 3.33
N PHE D 940 -26.75 10.17 3.38
CA PHE D 940 -27.56 9.74 4.52
C PHE D 940 -27.79 8.24 4.51
N GLY D 941 -27.91 7.65 3.32
CA GLY D 941 -28.09 6.21 3.23
C GLY D 941 -26.91 5.44 3.79
N GLN D 942 -25.70 5.98 3.60
CA GLN D 942 -24.52 5.34 4.16
C GLN D 942 -24.48 5.46 5.67
N LEU D 943 -24.99 6.57 6.21
CA LEU D 943 -25.05 6.74 7.66
C LEU D 943 -25.97 5.70 8.31
N ALA D 944 -27.14 5.48 7.70
CA ALA D 944 -28.09 4.51 8.22
C ALA D 944 -27.48 3.11 8.28
N VAL D 945 -26.70 2.76 7.27
CA VAL D 945 -26.05 1.45 7.24
C VAL D 945 -24.99 1.36 8.33
N GLU D 946 -24.23 2.43 8.52
CA GLU D 946 -23.15 2.42 9.49
C GLU D 946 -23.68 2.39 10.92
N LEU D 947 -24.87 2.97 11.15
CA LEU D 947 -25.49 2.87 12.46
C LEU D 947 -26.02 1.47 12.74
N LEU D 948 -26.54 0.80 11.71
CA LEU D 948 -27.06 -0.55 11.88
C LEU D 948 -25.95 -1.52 12.20
N GLU D 949 -24.81 -1.39 11.53
CA GLU D 949 -23.64 -2.22 11.85
C GLU D 949 -23.18 -1.97 13.27
N GLN D 950 -23.26 -0.73 13.72
CA GLN D 950 -22.88 -0.39 15.09
C GLN D 950 -23.81 -1.06 16.08
N SER D 951 -25.12 -0.99 15.83
CA SER D 951 -26.08 -1.63 16.72
C SER D 951 -25.96 -3.15 16.68
N PHE D 952 -25.69 -3.71 15.51
CA PHE D 952 -25.61 -5.16 15.35
C PHE D 952 -24.43 -5.73 16.12
N ARG D 953 -23.30 -5.01 16.15
CA ARG D 953 -22.14 -5.45 16.91
C ARG D 953 -22.34 -5.33 18.42
N GLN D 954 -23.33 -4.57 18.86
CA GLN D 954 -23.65 -4.42 20.28
C GLN D 954 -24.65 -5.46 20.76
N ASP D 955 -25.79 -5.58 20.09
CA ASP D 955 -26.79 -6.58 20.44
C ASP D 955 -27.62 -6.88 19.20
N GLU D 956 -27.56 -8.14 18.74
CA GLU D 956 -28.22 -8.52 17.50
C GLU D 956 -29.74 -8.47 17.62
N THR D 957 -30.26 -8.89 18.78
CA THR D 957 -31.71 -9.00 18.93
C THR D 957 -32.36 -7.63 19.00
N MET D 958 -31.71 -6.68 19.68
CA MET D 958 -32.26 -5.34 19.80
C MET D 958 -32.12 -4.58 18.49
N ALA D 959 -31.08 -4.87 17.72
CA ALA D 959 -30.94 -4.26 16.40
C ALA D 959 -32.05 -4.71 15.46
N MET D 960 -32.45 -5.98 15.55
CA MET D 960 -33.55 -6.45 14.72
C MET D 960 -34.88 -5.82 15.15
N LYS D 961 -35.04 -5.55 16.45
CA LYS D 961 -36.20 -4.78 16.89
C LYS D 961 -36.21 -3.39 16.29
N LEU D 962 -35.02 -2.80 16.11
CA LEU D 962 -34.96 -1.43 15.62
C LEU D 962 -35.51 -1.32 14.20
N LEU D 963 -35.45 -2.40 13.44
CA LEU D 963 -35.86 -2.37 12.05
C LEU D 963 -37.37 -2.35 11.90
N THR D 964 -38.11 -2.67 12.96
CA THR D 964 -39.53 -3.01 12.85
C THR D 964 -40.47 -2.25 13.78
N TYR D 965 -39.96 -1.48 14.75
CA TYR D 965 -40.87 -0.67 15.57
C TYR D 965 -41.46 0.48 14.79
N GLU D 966 -42.71 0.82 15.10
CA GLU D 966 -43.34 1.98 14.50
C GLU D 966 -42.75 3.26 15.06
N LEU D 967 -42.84 4.33 14.29
CA LEU D 967 -42.09 5.54 14.54
C LEU D 967 -42.94 6.66 15.12
N LYS D 968 -44.20 6.78 14.71
CA LYS D 968 -45.22 7.65 15.30
C LYS D 968 -45.04 9.13 14.99
N ASN D 969 -43.90 9.51 14.41
CA ASN D 969 -43.70 10.82 13.83
C ASN D 969 -43.46 10.73 12.33
N TRP D 970 -43.47 9.52 11.77
CA TRP D 970 -43.15 9.27 10.38
C TRP D 970 -44.24 8.40 9.76
N SER D 971 -45.48 8.74 10.11
CA SER D 971 -46.68 8.13 9.54
C SER D 971 -46.77 6.65 9.86
N ASN D 972 -46.40 6.29 11.08
CA ASN D 972 -46.56 4.92 11.60
C ASN D 972 -45.79 3.92 10.75
N SER D 973 -44.70 4.39 10.17
CA SER D 973 -43.91 3.60 9.24
C SER D 973 -42.78 2.92 9.99
N THR D 974 -41.85 2.37 9.23
CA THR D 974 -40.86 1.44 9.73
C THR D 974 -39.55 1.69 8.99
N CYS D 975 -38.44 1.64 9.74
CA CYS D 975 -37.14 1.96 9.17
C CYS D 975 -36.80 1.01 8.03
N LEU D 976 -37.20 -0.25 8.18
CA LEU D 976 -36.93 -1.23 7.14
C LEU D 976 -37.83 -1.03 5.94
N LYS D 977 -39.03 -0.50 6.16
CA LYS D 977 -39.90 -0.14 5.04
C LYS D 977 -39.40 1.09 4.30
N LEU D 978 -38.84 2.06 5.02
CA LEU D 978 -38.33 3.27 4.38
C LEU D 978 -37.15 2.97 3.48
N ALA D 979 -36.32 2.01 3.87
CA ALA D 979 -35.14 1.67 3.08
C ALA D 979 -35.53 0.94 1.80
N VAL D 980 -36.55 0.10 1.87
CA VAL D 980 -37.06 -0.55 0.67
C VAL D 980 -37.64 0.48 -0.30
N SER D 981 -38.33 1.48 0.25
CA SER D 981 -38.94 2.51 -0.58
C SER D 981 -37.90 3.30 -1.36
N SER D 982 -36.71 3.47 -0.80
CA SER D 982 -35.61 4.13 -1.48
C SER D 982 -34.72 3.18 -2.25
N ARG D 983 -34.99 1.88 -2.22
CA ARG D 983 -34.12 0.87 -2.85
C ARG D 983 -32.70 1.00 -2.32
N LEU D 984 -32.59 1.05 -1.01
CA LEU D 984 -31.33 1.27 -0.31
C LEU D 984 -30.85 -0.09 0.14
N ARG D 985 -30.14 -0.77 -0.77
CA ARG D 985 -29.83 -2.19 -0.76
C ARG D 985 -28.77 -2.64 0.25
N PRO D 986 -27.71 -1.86 0.53
CA PRO D 986 -26.77 -2.30 1.56
C PRO D 986 -27.38 -2.46 2.93
N PHE D 987 -28.49 -1.76 3.18
CA PHE D 987 -29.25 -1.88 4.42
C PHE D 987 -30.11 -3.13 4.44
N VAL D 988 -30.74 -3.45 3.30
CA VAL D 988 -31.55 -4.67 3.23
C VAL D 988 -30.67 -5.89 3.02
N ALA D 989 -29.53 -5.75 2.35
CA ALA D 989 -28.56 -6.83 2.21
C ALA D 989 -27.66 -7.00 3.43
N HIS D 990 -27.96 -6.32 4.53
CA HIS D 990 -27.13 -6.37 5.72
C HIS D 990 -27.44 -7.61 6.56
N THR D 991 -26.41 -8.10 7.25
CA THR D 991 -26.50 -9.35 8.00
C THR D 991 -27.64 -9.34 9.01
N CYS D 992 -27.85 -8.21 9.68
CA CYS D 992 -28.89 -8.08 10.69
C CYS D 992 -30.28 -8.36 10.13
N THR D 993 -30.64 -7.69 9.03
CA THR D 993 -31.99 -7.82 8.50
C THR D 993 -32.15 -9.09 7.67
N GLN D 994 -31.07 -9.65 7.15
CA GLN D 994 -31.15 -11.00 6.59
C GLN D 994 -31.44 -12.02 7.69
N MET D 995 -30.83 -11.85 8.86
CA MET D 995 -31.14 -12.68 10.01
C MET D 995 -32.62 -12.57 10.39
N LEU D 996 -33.19 -11.37 10.29
CA LEU D 996 -34.59 -11.18 10.62
C LEU D 996 -35.51 -11.85 9.61
N LEU D 997 -35.21 -11.71 8.32
CA LEU D 997 -36.03 -12.34 7.30
C LEU D 997 -35.99 -13.85 7.43
N SER D 998 -34.89 -14.41 7.92
CA SER D 998 -34.80 -15.84 8.13
C SER D 998 -35.60 -16.29 9.35
N ASP D 999 -35.79 -15.39 10.32
CA ASP D 999 -36.60 -15.72 11.49
C ASP D 999 -38.09 -15.56 11.18
N MET D 1000 -38.42 -14.60 10.32
CA MET D 1000 -39.80 -14.46 9.85
C MET D 1000 -40.18 -15.62 8.93
N TRP D 1001 -39.20 -16.19 8.23
CA TRP D 1001 -39.43 -17.36 7.39
C TRP D 1001 -39.84 -18.57 8.21
N MET D 1002 -39.16 -18.79 9.34
CA MET D 1002 -39.49 -19.89 10.23
C MET D 1002 -40.90 -19.80 10.78
N GLY D 1003 -41.27 -18.65 11.33
CA GLY D 1003 -42.43 -18.54 12.20
C GLY D 1003 -42.10 -19.07 13.58
N ARG D 1004 -43.06 -19.71 14.24
CA ARG D 1004 -42.80 -20.34 15.52
C ARG D 1004 -41.84 -21.52 15.43
N LEU D 1005 -41.69 -22.12 14.25
CA LEU D 1005 -40.86 -23.30 14.09
C LEU D 1005 -39.41 -22.98 14.44
N ASN D 1006 -38.83 -23.78 15.31
CA ASN D 1006 -37.41 -23.66 15.61
C ASN D 1006 -36.66 -24.54 14.62
N MET D 1007 -36.05 -23.91 13.61
CA MET D 1007 -35.49 -24.62 12.46
C MET D 1007 -33.97 -24.67 12.52
N ARG D 1008 -33.41 -24.70 13.73
CA ARG D 1008 -32.05 -25.19 13.97
C ARG D 1008 -32.07 -26.63 14.42
N LYS D 1009 -33.08 -26.99 15.20
CA LYS D 1009 -33.31 -28.37 15.63
C LYS D 1009 -33.93 -29.19 14.50
N ASN D 1010 -34.96 -28.64 13.87
CA ASN D 1010 -35.69 -29.33 12.81
C ASN D 1010 -34.92 -29.25 11.50
N SER D 1011 -35.35 -30.05 10.51
CA SER D 1011 -34.76 -30.02 9.19
C SER D 1011 -35.88 -30.12 8.17
N TRP D 1012 -35.52 -29.84 6.92
CA TRP D 1012 -36.52 -29.86 5.84
C TRP D 1012 -37.00 -31.27 5.54
N TYR D 1013 -36.27 -32.30 6.00
CA TYR D 1013 -36.79 -33.66 5.95
C TYR D 1013 -38.12 -33.74 6.67
N LYS D 1014 -38.25 -33.03 7.79
CA LYS D 1014 -39.35 -33.28 8.72
C LYS D 1014 -40.49 -32.30 8.51
N VAL D 1015 -40.24 -31.19 7.82
CA VAL D 1015 -41.32 -30.28 7.44
C VAL D 1015 -42.12 -30.87 6.30
N ILE D 1016 -41.44 -31.36 5.26
CA ILE D 1016 -42.12 -32.01 4.16
C ILE D 1016 -42.88 -33.23 4.64
N LEU D 1017 -42.25 -34.05 5.49
CA LEU D 1017 -42.92 -35.17 6.13
C LEU D 1017 -44.19 -34.74 6.85
N SER D 1018 -44.10 -33.67 7.64
CA SER D 1018 -45.23 -33.26 8.46
C SER D 1018 -46.36 -32.68 7.62
N ILE D 1019 -46.07 -32.20 6.41
CA ILE D 1019 -47.11 -31.78 5.50
C ILE D 1019 -47.87 -33.00 4.97
N LEU D 1020 -47.14 -34.07 4.67
CA LEU D 1020 -47.74 -35.29 4.16
C LEU D 1020 -48.30 -36.14 5.29
N VAL D 1021 -47.66 -36.09 6.46
CA VAL D 1021 -48.08 -36.79 7.66
C VAL D 1021 -48.50 -35.74 8.67
N PRO D 1022 -49.77 -35.31 8.71
CA PRO D 1022 -50.19 -34.24 9.63
C PRO D 1022 -49.88 -34.52 11.09
N PRO D 1023 -50.13 -35.76 11.62
CA PRO D 1023 -49.92 -35.93 13.07
C PRO D 1023 -48.46 -35.79 13.51
N ALA D 1024 -47.53 -35.82 12.57
CA ALA D 1024 -46.13 -35.55 12.86
C ALA D 1024 -45.83 -34.07 13.08
N ILE D 1025 -46.83 -33.19 12.94
CA ILE D 1025 -46.68 -31.81 13.33
C ILE D 1025 -46.44 -31.68 14.84
N LEU D 1026 -46.90 -32.66 15.63
CA LEU D 1026 -46.83 -32.58 17.07
C LEU D 1026 -45.45 -32.91 17.63
N MET D 1027 -44.61 -33.62 16.88
CA MET D 1027 -43.27 -33.99 17.33
C MET D 1027 -42.20 -33.05 16.80
N LEU D 1028 -42.52 -31.77 16.62
CA LEU D 1028 -41.58 -30.77 16.13
C LEU D 1028 -41.29 -29.72 17.19
N GLU D 1029 -40.08 -29.19 17.15
CA GLU D 1029 -39.64 -28.21 18.12
C GLU D 1029 -40.04 -26.81 17.67
N TYR D 1030 -40.74 -26.09 18.55
CA TYR D 1030 -41.20 -24.74 18.29
C TYR D 1030 -40.53 -23.76 19.25
N LYS D 1031 -40.84 -22.48 19.08
CA LYS D 1031 -40.19 -21.38 19.76
C LYS D 1031 -41.09 -20.82 20.85
N THR D 1032 -40.45 -20.24 21.84
CA THR D 1032 -41.13 -19.59 22.96
C THR D 1032 -41.41 -18.13 22.61
N LYS D 1033 -42.40 -17.57 23.29
CA LYS D 1033 -42.78 -16.17 23.10
C LYS D 1033 -41.59 -15.24 23.31
N ALA D 1034 -40.70 -15.59 24.23
CA ALA D 1034 -39.48 -14.83 24.43
C ALA D 1034 -38.58 -14.83 23.21
N GLU D 1035 -38.49 -15.96 22.51
CA GLU D 1035 -37.73 -16.08 21.28
C GLU D 1035 -38.44 -15.49 20.07
N MET D 1036 -39.70 -15.06 20.23
CA MET D 1036 -40.51 -14.51 19.16
C MET D 1036 -40.77 -13.02 19.37
N SER D 1037 -39.91 -12.35 20.14
CA SER D 1037 -40.18 -11.00 20.59
C SER D 1037 -39.67 -9.93 19.63
N HIS D 1038 -38.58 -10.19 18.93
CA HIS D 1038 -38.08 -9.28 17.90
C HIS D 1038 -38.73 -9.48 16.55
N ILE D 1039 -39.64 -10.43 16.41
CA ILE D 1039 -40.23 -10.80 15.13
C ILE D 1039 -41.61 -10.13 15.06
N PRO D 1040 -41.92 -9.38 14.00
CA PRO D 1040 -43.26 -8.81 13.91
C PRO D 1040 -44.30 -9.88 13.58
N GLN D 1041 -45.49 -9.72 14.14
CA GLN D 1041 -46.53 -10.73 14.06
C GLN D 1041 -47.87 -10.09 13.74
N SER D 1042 -48.80 -10.91 13.27
CA SER D 1042 -50.17 -10.48 13.06
C SER D 1042 -50.91 -10.40 14.38
N GLN D 1043 -52.12 -9.86 14.32
CA GLN D 1043 -52.96 -9.75 15.51
C GLN D 1043 -53.32 -11.12 16.06
N ASP D 1044 -53.91 -11.96 15.20
CA ASP D 1044 -54.35 -13.28 15.62
C ASP D 1044 -53.18 -14.13 16.10
N ALA D 1045 -51.98 -13.89 15.55
CA ALA D 1045 -50.81 -14.64 15.97
C ALA D 1045 -50.44 -14.34 17.41
N HIS D 1046 -50.30 -13.06 17.76
CA HIS D 1046 -49.78 -12.72 19.09
C HIS D 1046 -50.72 -13.20 20.19
N GLN D 1047 -52.04 -13.10 19.96
CA GLN D 1047 -53.02 -13.70 20.85
C GLN D 1047 -52.66 -15.14 21.17
N MET D 1048 -52.50 -15.94 20.12
CA MET D 1048 -52.25 -17.37 20.30
C MET D 1048 -50.88 -17.63 20.94
N THR D 1049 -49.87 -16.83 20.59
CA THR D 1049 -48.59 -16.95 21.26
C THR D 1049 -48.71 -16.54 22.73
N MET D 1050 -49.58 -15.57 23.02
CA MET D 1050 -49.75 -15.09 24.38
C MET D 1050 -50.29 -16.19 25.29
N GLU D 1051 -51.32 -16.91 24.83
CA GLU D 1051 -51.79 -18.06 25.60
C GLU D 1051 -50.76 -19.18 25.53
N LEU D 1093 -47.88 -26.68 24.75
CA LEU D 1093 -48.79 -25.88 23.94
C LEU D 1093 -50.13 -26.60 23.79
N PRO D 1094 -51.23 -25.87 23.62
CA PRO D 1094 -52.48 -26.54 23.22
C PRO D 1094 -52.32 -27.20 21.87
N ILE D 1095 -53.18 -28.18 21.60
CA ILE D 1095 -53.06 -28.97 20.38
C ILE D 1095 -53.39 -28.13 19.16
N THR D 1096 -54.49 -27.37 19.22
CA THR D 1096 -54.91 -26.59 18.05
C THR D 1096 -53.96 -25.43 17.78
N ARG D 1097 -53.27 -24.96 18.81
CA ARG D 1097 -52.29 -23.89 18.61
C ARG D 1097 -51.10 -24.41 17.85
N LYS D 1098 -50.72 -25.66 18.11
CA LYS D 1098 -49.51 -26.21 17.53
C LYS D 1098 -49.69 -26.50 16.04
N PHE D 1099 -50.94 -26.67 15.59
CA PHE D 1099 -51.23 -26.76 14.16
C PHE D 1099 -51.20 -25.38 13.52
N TYR D 1100 -51.79 -24.40 14.19
CA TYR D 1100 -51.86 -23.03 13.66
C TYR D 1100 -50.45 -22.48 13.42
N ALA D 1101 -49.54 -22.71 14.35
CA ALA D 1101 -48.17 -22.27 14.20
C ALA D 1101 -47.53 -22.87 12.95
N PHE D 1102 -47.96 -24.07 12.57
CA PHE D 1102 -47.33 -24.79 11.48
C PHE D 1102 -47.84 -24.29 10.13
N TYR D 1103 -49.16 -24.25 9.95
CA TYR D 1103 -49.75 -23.95 8.66
C TYR D 1103 -49.74 -22.47 8.31
N HIS D 1104 -49.26 -21.61 9.19
CA HIS D 1104 -49.18 -20.18 8.96
C HIS D 1104 -47.74 -19.68 8.95
N ALA D 1105 -46.76 -20.58 9.03
CA ALA D 1105 -45.36 -20.25 8.80
C ALA D 1105 -45.10 -20.09 7.30
N PRO D 1106 -44.32 -19.10 6.86
CA PRO D 1106 -44.07 -18.99 5.41
C PRO D 1106 -43.29 -20.15 4.81
N ILE D 1107 -42.40 -20.76 5.57
CA ILE D 1107 -41.66 -21.92 5.08
C ILE D 1107 -42.60 -23.06 4.73
N VAL D 1108 -43.68 -23.23 5.51
CA VAL D 1108 -44.58 -24.35 5.28
C VAL D 1108 -45.45 -24.10 4.07
N LYS D 1109 -45.92 -22.86 3.90
CA LYS D 1109 -46.68 -22.51 2.71
C LYS D 1109 -45.87 -22.72 1.44
N PHE D 1110 -44.57 -22.42 1.52
CA PHE D 1110 -43.69 -22.60 0.37
C PHE D 1110 -43.64 -24.04 -0.10
N TRP D 1111 -43.30 -24.97 0.79
CA TRP D 1111 -43.18 -26.36 0.40
C TRP D 1111 -44.54 -26.97 0.09
N PHE D 1112 -45.59 -26.42 0.68
CA PHE D 1112 -46.95 -26.91 0.49
C PHE D 1112 -47.50 -26.44 -0.86
N ASN D 1113 -46.98 -25.31 -1.37
CA ASN D 1113 -47.22 -24.92 -2.74
C ASN D 1113 -46.26 -25.62 -3.70
N THR D 1114 -44.99 -25.73 -3.30
CA THR D 1114 -43.97 -26.34 -4.14
C THR D 1114 -44.35 -27.77 -4.54
N LEU D 1115 -44.81 -28.56 -3.58
CA LEU D 1115 -45.18 -29.94 -3.86
C LEU D 1115 -46.40 -30.01 -4.76
N ALA D 1116 -47.35 -29.09 -4.58
CA ALA D 1116 -48.52 -29.05 -5.45
C ALA D 1116 -48.13 -28.59 -6.84
N TYR D 1117 -47.16 -27.71 -6.95
CA TYR D 1117 -46.69 -27.26 -8.25
C TYR D 1117 -45.96 -28.37 -8.99
N LEU D 1118 -45.24 -29.24 -8.28
CA LEU D 1118 -44.56 -30.34 -8.92
C LEU D 1118 -45.53 -31.42 -9.34
N GLY D 1119 -46.52 -31.72 -8.50
CA GLY D 1119 -47.58 -32.62 -8.91
C GLY D 1119 -48.36 -32.08 -10.09
N PHE D 1120 -48.45 -30.76 -10.20
CA PHE D 1120 -49.08 -30.14 -11.36
C PHE D 1120 -48.31 -30.43 -12.64
N LEU D 1121 -47.00 -30.22 -12.62
CA LEU D 1121 -46.20 -30.41 -13.83
C LEU D 1121 -46.20 -31.86 -14.30
N MET D 1122 -46.10 -32.80 -13.34
CA MET D 1122 -46.13 -34.22 -13.67
C MET D 1122 -47.36 -34.59 -14.49
N LEU D 1123 -48.52 -34.07 -14.10
CA LEU D 1123 -49.74 -34.36 -14.85
C LEU D 1123 -49.74 -33.67 -16.20
N TYR D 1124 -49.44 -32.39 -16.22
CA TYR D 1124 -49.43 -31.63 -17.47
C TYR D 1124 -48.34 -32.13 -18.40
N THR D 1125 -47.32 -32.76 -17.86
CA THR D 1125 -46.36 -33.51 -18.67
C THR D 1125 -46.98 -34.82 -19.19
N PHE D 1126 -47.76 -35.50 -18.35
CA PHE D 1126 -48.46 -36.70 -18.78
C PHE D 1126 -49.49 -36.39 -19.85
N VAL D 1127 -50.21 -35.27 -19.69
CA VAL D 1127 -51.28 -34.91 -20.62
C VAL D 1127 -50.69 -34.58 -21.99
N VAL D 1128 -49.54 -33.93 -22.01
CA VAL D 1128 -49.01 -33.39 -23.26
C VAL D 1128 -48.25 -34.45 -24.05
N LEU D 1129 -47.76 -35.49 -23.37
CA LEU D 1129 -47.05 -36.59 -24.01
C LEU D 1129 -47.94 -37.74 -24.42
N VAL D 1130 -49.06 -37.93 -23.75
CA VAL D 1130 -49.99 -39.03 -24.00
C VAL D 1130 -51.06 -38.52 -24.96
N LYS D 1131 -51.57 -39.42 -25.79
CA LYS D 1131 -52.57 -39.09 -26.79
C LYS D 1131 -53.78 -38.41 -26.16
N MET D 1132 -54.29 -37.40 -26.85
CA MET D 1132 -55.43 -36.60 -26.40
C MET D 1132 -56.64 -36.90 -27.26
N GLU D 1133 -57.76 -37.17 -26.60
CA GLU D 1133 -59.01 -37.56 -27.22
C GLU D 1133 -59.94 -36.35 -27.28
N GLN D 1134 -61.19 -36.57 -27.70
CA GLN D 1134 -62.13 -35.46 -27.81
C GLN D 1134 -62.42 -34.83 -26.46
N LEU D 1135 -62.67 -35.65 -25.44
CA LEU D 1135 -63.01 -35.18 -24.11
C LEU D 1135 -61.76 -35.16 -23.22
N PRO D 1136 -61.55 -34.13 -22.40
CA PRO D 1136 -60.38 -34.14 -21.52
C PRO D 1136 -60.38 -35.29 -20.54
N SER D 1137 -59.17 -35.73 -20.18
CA SER D 1137 -58.99 -36.76 -19.18
C SER D 1137 -59.03 -36.17 -17.78
N VAL D 1138 -59.10 -37.05 -16.78
CA VAL D 1138 -59.09 -36.61 -15.39
C VAL D 1138 -57.81 -35.85 -15.07
N GLN D 1139 -56.70 -36.24 -15.70
CA GLN D 1139 -55.46 -35.51 -15.54
C GLN D 1139 -55.58 -34.10 -16.09
N GLU D 1140 -56.20 -33.96 -17.28
CA GLU D 1140 -56.29 -32.66 -17.92
C GLU D 1140 -57.22 -31.72 -17.16
N TRP D 1141 -58.31 -32.24 -16.59
CA TRP D 1141 -59.20 -31.39 -15.81
C TRP D 1141 -58.50 -30.80 -14.60
N ILE D 1142 -57.75 -31.63 -13.87
CA ILE D 1142 -57.01 -31.16 -12.70
C ILE D 1142 -56.04 -30.06 -13.10
N VAL D 1143 -55.49 -30.15 -14.31
CA VAL D 1143 -54.54 -29.15 -14.78
C VAL D 1143 -55.26 -27.84 -15.07
N ILE D 1144 -56.45 -27.93 -15.64
CA ILE D 1144 -57.25 -26.75 -15.94
C ILE D 1144 -57.68 -26.06 -14.65
N ALA D 1145 -57.97 -26.85 -13.62
CA ALA D 1145 -58.39 -26.31 -12.33
C ALA D 1145 -57.27 -25.51 -11.67
N TYR D 1146 -56.07 -26.07 -11.64
CA TYR D 1146 -54.93 -25.39 -11.03
C TYR D 1146 -54.67 -24.05 -11.70
N ILE D 1147 -54.63 -24.02 -13.03
CA ILE D 1147 -54.28 -22.79 -13.73
C ILE D 1147 -55.39 -21.75 -13.55
N PHE D 1148 -56.64 -22.19 -13.47
CA PHE D 1148 -57.74 -21.27 -13.24
C PHE D 1148 -57.65 -20.64 -11.86
N THR D 1149 -57.44 -21.48 -10.84
CA THR D 1149 -57.37 -21.00 -9.47
C THR D 1149 -56.06 -20.28 -9.20
N TYR D 1150 -54.95 -20.77 -9.78
CA TYR D 1150 -53.69 -20.04 -9.74
C TYR D 1150 -53.86 -18.63 -10.26
N ALA D 1151 -54.61 -18.46 -11.34
CA ALA D 1151 -54.82 -17.15 -11.92
C ALA D 1151 -55.57 -16.23 -10.96
N ILE D 1152 -56.60 -16.78 -10.29
CA ILE D 1152 -57.36 -16.00 -9.31
C ILE D 1152 -56.44 -15.50 -8.21
N GLU D 1153 -55.54 -16.35 -7.73
CA GLU D 1153 -54.64 -15.95 -6.66
C GLU D 1153 -53.66 -14.87 -7.12
N LYS D 1154 -53.39 -14.80 -8.42
CA LYS D 1154 -52.51 -13.74 -8.91
C LYS D 1154 -53.25 -12.42 -8.99
N VAL D 1155 -54.56 -12.45 -9.22
CA VAL D 1155 -55.34 -11.21 -9.30
C VAL D 1155 -55.39 -10.53 -7.93
N ARG D 1156 -55.61 -11.32 -6.87
CA ARG D 1156 -55.72 -10.73 -5.55
C ARG D 1156 -54.40 -10.14 -5.07
N GLU D 1157 -53.28 -10.79 -5.44
CA GLU D 1157 -51.96 -10.24 -5.14
C GLU D 1157 -51.82 -8.83 -5.71
N VAL D 1158 -52.37 -8.60 -6.89
CA VAL D 1158 -52.32 -7.28 -7.50
C VAL D 1158 -53.17 -6.31 -6.68
N PHE D 1159 -54.43 -6.66 -6.45
CA PHE D 1159 -55.38 -5.77 -5.80
C PHE D 1159 -55.32 -5.84 -4.27
N MET D 1160 -54.25 -6.40 -3.70
CA MET D 1160 -54.02 -6.36 -2.26
C MET D 1160 -52.55 -6.11 -1.95
N SER D 1161 -51.89 -5.25 -2.72
CA SER D 1161 -50.47 -4.99 -2.56
C SER D 1161 -50.25 -3.72 -1.73
N GLU D 1162 -48.98 -3.45 -1.41
CA GLU D 1162 -48.65 -2.31 -0.55
C GLU D 1162 -48.94 -0.98 -1.23
N ALA D 1163 -48.75 -0.89 -2.54
CA ALA D 1163 -49.18 0.30 -3.28
C ALA D 1163 -50.69 0.43 -3.19
N GLY D 1164 -51.16 1.66 -3.01
CA GLY D 1164 -52.58 1.95 -2.84
C GLY D 1164 -53.30 2.43 -4.06
N LYS D 1165 -52.59 2.75 -5.14
CA LYS D 1165 -53.20 3.16 -6.41
C LYS D 1165 -53.01 2.04 -7.43
N ILE D 1166 -54.06 1.80 -8.22
CA ILE D 1166 -54.08 0.69 -9.17
C ILE D 1166 -52.85 0.72 -10.06
N SER D 1167 -52.60 1.85 -10.73
CA SER D 1167 -51.51 1.94 -11.69
C SER D 1167 -50.17 1.63 -11.05
N GLN D 1168 -50.04 1.88 -9.74
CA GLN D 1168 -48.83 1.48 -9.03
C GLN D 1168 -48.88 -0.01 -8.67
N LYS D 1169 -50.07 -0.52 -8.35
CA LYS D 1169 -50.22 -1.96 -8.13
C LYS D 1169 -49.83 -2.74 -9.38
N ILE D 1170 -50.13 -2.19 -10.55
CA ILE D 1170 -49.87 -2.88 -11.80
C ILE D 1170 -48.37 -2.87 -12.12
N LYS D 1171 -47.76 -1.68 -12.16
CA LYS D 1171 -46.38 -1.54 -12.61
C LYS D 1171 -45.41 -2.35 -11.74
N VAL D 1172 -45.73 -2.49 -10.45
CA VAL D 1172 -44.82 -3.14 -9.53
C VAL D 1172 -44.91 -4.66 -9.68
N TRP D 1173 -46.11 -5.17 -9.93
CA TRP D 1173 -46.26 -6.60 -10.13
C TRP D 1173 -45.61 -7.05 -11.44
N PHE D 1174 -45.68 -6.22 -12.48
CA PHE D 1174 -45.00 -6.51 -13.74
C PHE D 1174 -43.52 -6.14 -13.71
N SER D 1175 -42.96 -5.82 -12.54
CA SER D 1175 -41.54 -5.59 -12.38
C SER D 1175 -40.79 -6.87 -12.02
N ASP D 1176 -41.42 -8.04 -12.19
CA ASP D 1176 -40.85 -9.33 -11.87
C ASP D 1176 -40.90 -10.18 -13.13
N TYR D 1177 -39.76 -10.79 -13.49
CA TYR D 1177 -39.65 -11.58 -14.71
C TYR D 1177 -40.75 -12.63 -14.80
N PHE D 1178 -41.00 -13.33 -13.71
CA PHE D 1178 -41.83 -14.53 -13.76
C PHE D 1178 -43.32 -14.21 -13.61
N ASN D 1179 -43.67 -13.01 -13.12
CA ASN D 1179 -45.07 -12.61 -13.10
C ASN D 1179 -45.53 -12.18 -14.50
N VAL D 1180 -44.62 -11.61 -15.28
CA VAL D 1180 -44.90 -11.34 -16.69
C VAL D 1180 -45.09 -12.65 -17.44
N SER D 1181 -44.25 -13.64 -17.14
CA SER D 1181 -44.32 -14.92 -17.82
C SER D 1181 -45.59 -15.69 -17.45
N ASP D 1182 -46.03 -15.58 -16.20
CA ASP D 1182 -47.27 -16.23 -15.79
C ASP D 1182 -48.47 -15.62 -16.46
N THR D 1183 -48.43 -14.30 -16.70
CA THR D 1183 -49.51 -13.62 -17.39
C THR D 1183 -49.68 -14.17 -18.80
N ILE D 1184 -48.58 -14.33 -19.53
CA ILE D 1184 -48.62 -14.93 -20.86
C ILE D 1184 -49.05 -16.39 -20.76
N ALA D 1185 -48.46 -17.12 -19.82
CA ALA D 1185 -48.76 -18.54 -19.65
C ALA D 1185 -50.23 -18.78 -19.37
N ILE D 1186 -50.83 -17.95 -18.51
CA ILE D 1186 -52.25 -18.12 -18.18
C ILE D 1186 -53.11 -17.78 -19.39
N ILE D 1187 -52.85 -16.64 -20.02
CA ILE D 1187 -53.66 -16.19 -21.15
C ILE D 1187 -53.54 -17.18 -22.31
N SER D 1188 -52.32 -17.64 -22.58
CA SER D 1188 -52.11 -18.54 -23.72
C SER D 1188 -52.76 -19.90 -23.48
N PHE D 1189 -52.87 -20.33 -22.23
CA PHE D 1189 -53.49 -21.62 -21.94
C PHE D 1189 -54.95 -21.63 -22.35
N PHE D 1190 -55.70 -20.61 -21.93
CA PHE D 1190 -57.14 -20.65 -22.11
C PHE D 1190 -57.54 -20.38 -23.55
N VAL D 1191 -56.67 -19.72 -24.32
CA VAL D 1191 -56.80 -19.74 -25.77
C VAL D 1191 -56.71 -21.16 -26.28
N GLY D 1192 -55.70 -21.90 -25.81
CA GLY D 1192 -55.53 -23.27 -26.25
C GLY D 1192 -56.65 -24.18 -25.78
N PHE D 1193 -57.11 -23.99 -24.55
CA PHE D 1193 -58.25 -24.76 -24.08
C PHE D 1193 -59.49 -24.48 -24.91
N GLY D 1194 -59.70 -23.22 -25.28
CA GLY D 1194 -60.85 -22.85 -26.10
C GLY D 1194 -60.88 -23.59 -27.41
N LEU D 1195 -59.74 -23.62 -28.10
CA LEU D 1195 -59.64 -24.31 -29.38
C LEU D 1195 -59.75 -25.82 -29.20
N ARG D 1196 -58.98 -26.36 -28.24
CA ARG D 1196 -59.01 -27.79 -27.95
C ARG D 1196 -60.42 -28.27 -27.60
N PHE D 1197 -61.15 -27.47 -26.82
CA PHE D 1197 -62.44 -27.85 -26.28
C PHE D 1197 -63.60 -27.37 -27.14
N GLY D 1198 -63.51 -26.18 -27.71
CA GLY D 1198 -64.58 -25.63 -28.52
C GLY D 1198 -64.50 -25.99 -29.98
N ALA D 1199 -63.78 -27.05 -30.32
CA ALA D 1199 -63.60 -27.47 -31.70
C ALA D 1199 -64.68 -28.47 -32.08
N LYS D 1200 -65.22 -28.32 -33.28
CA LYS D 1200 -66.24 -29.24 -33.77
C LYS D 1200 -65.55 -30.51 -34.21
N TRP D 1201 -65.77 -31.57 -33.46
CA TRP D 1201 -65.11 -32.86 -33.69
C TRP D 1201 -65.71 -33.54 -34.91
N ASN D 1202 -65.52 -32.95 -36.10
CA ASN D 1202 -65.76 -33.69 -37.31
C ASN D 1202 -64.72 -34.80 -37.30
N TYR D 1203 -65.17 -36.06 -37.21
CA TYR D 1203 -64.40 -37.17 -36.64
C TYR D 1203 -63.00 -37.40 -37.21
N ILE D 1204 -62.61 -36.69 -38.26
CA ILE D 1204 -61.97 -37.19 -39.48
C ILE D 1204 -60.78 -38.17 -39.31
N ASN D 1205 -60.44 -38.61 -38.08
CA ASN D 1205 -59.08 -38.88 -37.62
C ASN D 1205 -58.34 -37.61 -37.27
N ALA D 1206 -58.61 -37.14 -36.05
CA ALA D 1206 -57.99 -35.97 -35.43
C ALA D 1206 -56.54 -35.80 -35.84
N TYR D 1207 -56.20 -34.53 -36.05
CA TYR D 1207 -55.09 -34.03 -36.86
C TYR D 1207 -55.48 -34.05 -38.32
N ASP D 1208 -56.79 -34.18 -38.56
CA ASP D 1208 -57.42 -33.58 -39.71
C ASP D 1208 -58.32 -32.41 -39.31
N ASN D 1209 -58.61 -32.26 -38.02
CA ASN D 1209 -59.27 -31.08 -37.47
C ASN D 1209 -58.21 -30.11 -37.00
N HIS D 1210 -57.98 -29.04 -37.75
CA HIS D 1210 -56.81 -28.18 -37.53
C HIS D 1210 -57.04 -27.14 -36.43
N VAL D 1211 -58.27 -27.02 -35.92
CA VAL D 1211 -58.51 -26.16 -34.77
C VAL D 1211 -58.12 -26.88 -33.49
N PHE D 1212 -58.35 -28.18 -33.45
CA PHE D 1212 -57.87 -29.00 -32.35
C PHE D 1212 -56.35 -28.99 -32.26
N VAL D 1213 -55.68 -29.05 -33.42
CA VAL D 1213 -54.23 -29.11 -33.46
C VAL D 1213 -53.62 -27.86 -32.83
N ALA D 1214 -54.07 -26.69 -33.27
CA ALA D 1214 -53.57 -25.43 -32.72
C ALA D 1214 -53.74 -25.37 -31.22
N GLY D 1215 -54.87 -25.87 -30.70
CA GLY D 1215 -55.07 -25.90 -29.27
C GLY D 1215 -54.04 -26.76 -28.56
N ARG D 1216 -53.84 -27.98 -29.05
CA ARG D 1216 -52.86 -28.87 -28.43
C ARG D 1216 -51.45 -28.33 -28.55
N LEU D 1217 -51.10 -27.73 -29.70
CA LEU D 1217 -49.74 -27.26 -29.89
C LEU D 1217 -49.42 -26.08 -28.97
N ILE D 1218 -50.44 -25.31 -28.61
CA ILE D 1218 -50.24 -24.22 -27.67
C ILE D 1218 -49.94 -24.77 -26.28
N TYR D 1219 -50.61 -25.86 -25.90
CA TYR D 1219 -50.26 -26.57 -24.65
C TYR D 1219 -48.80 -26.99 -24.66
N CYS D 1220 -48.36 -27.61 -25.76
CA CYS D 1220 -47.02 -28.18 -25.84
C CYS D 1220 -45.96 -27.09 -25.74
N LEU D 1221 -46.30 -25.88 -26.17
CA LEU D 1221 -45.39 -24.75 -26.04
C LEU D 1221 -45.56 -24.04 -24.71
N ASN D 1222 -46.77 -24.03 -24.17
CA ASN D 1222 -47.03 -23.31 -22.93
C ASN D 1222 -46.37 -23.96 -21.74
N ILE D 1223 -46.18 -25.28 -21.79
CA ILE D 1223 -45.58 -26.00 -20.67
C ILE D 1223 -44.15 -25.55 -20.41
N ILE D 1224 -43.51 -24.92 -21.40
CA ILE D 1224 -42.15 -24.40 -21.24
C ILE D 1224 -42.14 -23.33 -20.14
N PHE D 1225 -43.15 -22.45 -20.16
CA PHE D 1225 -43.31 -21.43 -19.13
C PHE D 1225 -43.31 -22.03 -17.73
N TRP D 1226 -43.93 -23.21 -17.59
CA TRP D 1226 -44.16 -23.76 -16.26
C TRP D 1226 -42.96 -24.54 -15.75
N TYR D 1227 -42.06 -24.99 -16.64
CA TYR D 1227 -40.78 -25.50 -16.19
C TYR D 1227 -39.86 -24.37 -15.76
N VAL D 1228 -39.88 -23.25 -16.48
CA VAL D 1228 -38.97 -22.15 -16.18
C VAL D 1228 -39.36 -21.44 -14.89
N ARG D 1229 -40.63 -21.55 -14.48
CA ARG D 1229 -41.05 -21.00 -13.19
C ARG D 1229 -40.41 -21.76 -12.02
N LEU D 1230 -39.88 -22.96 -12.27
CA LEU D 1230 -39.19 -23.70 -11.21
C LEU D 1230 -37.90 -22.98 -10.79
N LEU D 1231 -37.35 -22.13 -11.65
CA LEU D 1231 -36.20 -21.32 -11.27
C LEU D 1231 -36.57 -20.28 -10.24
N ASP D 1232 -37.84 -19.90 -10.19
CA ASP D 1232 -38.33 -18.98 -9.17
C ASP D 1232 -38.32 -19.66 -7.80
N PHE D 1233 -38.71 -20.93 -7.74
CA PHE D 1233 -38.66 -21.69 -6.50
C PHE D 1233 -37.23 -21.98 -6.07
N LEU D 1234 -36.37 -22.33 -7.02
CA LEU D 1234 -34.98 -22.68 -6.73
C LEU D 1234 -34.16 -21.49 -6.29
N ALA D 1235 -34.51 -20.29 -6.69
CA ALA D 1235 -33.79 -19.08 -6.30
C ALA D 1235 -33.97 -18.70 -4.85
N VAL D 1236 -34.82 -19.42 -4.12
CA VAL D 1236 -34.96 -19.24 -2.69
C VAL D 1236 -33.69 -19.65 -1.96
N ASN D 1237 -32.90 -20.54 -2.55
CA ASN D 1237 -31.62 -20.93 -1.96
C ASN D 1237 -30.56 -19.86 -2.20
N GLN D 1238 -29.61 -19.81 -1.27
CA GLN D 1238 -28.51 -18.85 -1.27
C GLN D 1238 -27.51 -19.08 -2.37
N GLN D 1239 -27.24 -20.33 -2.74
CA GLN D 1239 -26.28 -20.62 -3.79
C GLN D 1239 -26.89 -20.48 -5.17
N ALA D 1240 -28.07 -21.06 -5.39
CA ALA D 1240 -28.69 -21.06 -6.70
C ALA D 1240 -29.22 -19.70 -7.11
N GLY D 1241 -29.81 -18.96 -6.17
CA GLY D 1241 -30.51 -17.73 -6.48
C GLY D 1241 -29.69 -16.66 -7.18
N PRO D 1242 -28.47 -16.41 -6.72
CA PRO D 1242 -27.63 -15.45 -7.45
C PRO D 1242 -27.30 -15.89 -8.86
N TYR D 1243 -27.06 -17.18 -9.11
CA TYR D 1243 -26.80 -17.63 -10.48
C TYR D 1243 -28.00 -17.41 -11.38
N VAL D 1244 -29.22 -17.60 -10.85
CA VAL D 1244 -30.42 -17.32 -11.62
C VAL D 1244 -30.48 -15.85 -11.99
N MET D 1245 -29.98 -14.98 -11.12
CA MET D 1245 -29.98 -13.56 -11.40
C MET D 1245 -28.86 -13.18 -12.36
N MET D 1246 -27.75 -13.91 -12.33
CA MET D 1246 -26.68 -13.68 -13.28
C MET D 1246 -27.12 -13.95 -14.70
N ILE D 1247 -27.87 -15.03 -14.92
CA ILE D 1247 -28.28 -15.45 -16.25
C ILE D 1247 -28.99 -14.32 -16.98
N GLY D 1248 -29.84 -13.59 -16.26
CA GLY D 1248 -30.51 -12.45 -16.88
C GLY D 1248 -29.55 -11.32 -17.18
N LYS D 1249 -28.64 -11.05 -16.25
CA LYS D 1249 -27.71 -9.94 -16.41
C LYS D 1249 -26.74 -10.18 -17.56
N MET D 1250 -26.41 -11.44 -17.83
CA MET D 1250 -25.38 -11.75 -18.80
C MET D 1250 -25.95 -11.81 -20.22
N VAL D 1251 -27.20 -12.24 -20.36
CA VAL D 1251 -27.88 -12.16 -21.63
C VAL D 1251 -27.92 -10.70 -22.11
N ALA D 1252 -28.20 -9.78 -21.19
CA ALA D 1252 -28.20 -8.36 -21.53
C ALA D 1252 -26.82 -7.88 -21.93
N ASN D 1253 -25.77 -8.38 -21.28
CA ASN D 1253 -24.42 -7.88 -21.54
C ASN D 1253 -23.76 -8.50 -22.76
N MET D 1254 -24.08 -9.75 -23.10
CA MET D 1254 -23.49 -10.40 -24.25
C MET D 1254 -24.22 -10.07 -25.55
N PHE D 1255 -25.09 -9.06 -25.54
CA PHE D 1255 -25.98 -8.82 -26.67
C PHE D 1255 -25.23 -8.47 -27.94
N TYR D 1256 -24.28 -7.53 -27.87
CA TYR D 1256 -23.66 -7.02 -29.08
C TYR D 1256 -22.63 -7.96 -29.65
N ILE D 1257 -22.00 -8.79 -28.81
CA ILE D 1257 -21.14 -9.84 -29.32
C ILE D 1257 -21.95 -10.82 -30.16
N VAL D 1258 -23.19 -11.08 -29.75
CA VAL D 1258 -24.06 -12.02 -30.45
C VAL D 1258 -24.62 -11.39 -31.72
N VAL D 1259 -24.78 -10.08 -31.75
CA VAL D 1259 -25.20 -9.39 -32.98
C VAL D 1259 -24.11 -9.50 -34.03
N ILE D 1260 -22.85 -9.38 -33.63
CA ILE D 1260 -21.74 -9.53 -34.57
C ILE D 1260 -21.70 -10.95 -35.12
N MET D 1261 -21.91 -11.94 -34.26
CA MET D 1261 -21.93 -13.34 -34.69
C MET D 1261 -23.06 -13.59 -35.69
N ALA D 1262 -24.21 -12.95 -35.49
CA ALA D 1262 -25.32 -13.10 -36.42
C ALA D 1262 -25.01 -12.46 -37.77
N LEU D 1263 -24.12 -11.47 -37.79
CA LEU D 1263 -23.71 -10.83 -39.03
C LEU D 1263 -22.74 -11.71 -39.81
N VAL D 1264 -21.80 -12.33 -39.11
CA VAL D 1264 -20.87 -13.26 -39.72
C VAL D 1264 -21.63 -14.43 -40.34
N LEU D 1265 -22.73 -14.83 -39.70
CA LEU D 1265 -23.56 -15.92 -40.18
C LEU D 1265 -24.18 -15.60 -41.53
N LEU D 1266 -24.74 -14.40 -41.69
CA LEU D 1266 -25.38 -14.03 -42.95
C LEU D 1266 -24.35 -13.76 -44.03
N SER D 1267 -23.21 -13.18 -43.65
CA SER D 1267 -22.08 -13.00 -44.55
C SER D 1267 -21.64 -14.30 -45.21
N PHE D 1268 -21.85 -15.44 -44.53
CA PHE D 1268 -21.52 -16.73 -45.10
C PHE D 1268 -22.71 -17.37 -45.79
N GLY D 1269 -23.87 -17.35 -45.14
CA GLY D 1269 -25.05 -18.04 -45.63
C GLY D 1269 -25.54 -17.63 -46.99
N VAL D 1270 -25.50 -16.33 -47.27
CA VAL D 1270 -26.05 -15.78 -48.51
C VAL D 1270 -25.17 -16.20 -49.70
N PRO D 1271 -23.83 -16.07 -49.65
CA PRO D 1271 -23.01 -16.60 -50.75
C PRO D 1271 -23.07 -18.10 -50.94
N ARG D 1272 -23.06 -18.86 -49.84
CA ARG D 1272 -23.15 -20.32 -49.92
C ARG D 1272 -24.38 -20.76 -50.71
N LYS D 1273 -25.52 -20.17 -50.39
CA LYS D 1273 -26.77 -20.53 -51.05
C LYS D 1273 -26.77 -20.08 -52.51
N ALA D 1274 -26.26 -18.88 -52.76
CA ALA D 1274 -26.32 -18.30 -54.10
C ALA D 1274 -25.44 -19.06 -55.08
N ILE D 1275 -24.28 -19.51 -54.62
CA ILE D 1275 -23.34 -20.21 -55.48
C ILE D 1275 -23.83 -21.63 -55.75
N LEU D 1276 -24.32 -22.32 -54.72
CA LEU D 1276 -24.70 -23.72 -54.86
C LEU D 1276 -26.09 -23.92 -55.44
N TYR D 1277 -26.97 -22.93 -55.35
CA TYR D 1277 -28.35 -23.04 -55.83
C TYR D 1277 -28.71 -21.82 -56.65
N PRO D 1278 -28.34 -21.77 -57.94
CA PRO D 1278 -28.61 -20.58 -58.74
C PRO D 1278 -29.95 -20.55 -59.45
N HIS D 1279 -30.58 -21.69 -59.71
CA HIS D 1279 -31.71 -21.76 -60.62
C HIS D 1279 -33.02 -21.71 -59.86
N GLU D 1280 -33.05 -20.91 -58.80
CA GLU D 1280 -34.16 -20.87 -57.88
C GLU D 1280 -35.07 -19.68 -58.12
N GLU D 1281 -36.36 -19.90 -57.90
CA GLU D 1281 -37.37 -18.87 -57.91
C GLU D 1281 -37.53 -18.28 -56.51
N PRO D 1282 -38.25 -17.17 -56.38
CA PRO D 1282 -38.47 -16.61 -55.05
C PRO D 1282 -39.31 -17.53 -54.18
N SER D 1283 -38.97 -17.59 -52.90
CA SER D 1283 -39.70 -18.39 -51.93
C SER D 1283 -39.18 -18.06 -50.54
N TRP D 1284 -40.01 -18.34 -49.54
CA TRP D 1284 -39.62 -18.16 -48.15
C TRP D 1284 -38.67 -19.24 -47.67
N SER D 1285 -38.48 -20.30 -48.44
CA SER D 1285 -37.42 -21.27 -48.14
C SER D 1285 -36.03 -20.65 -48.27
N LEU D 1286 -35.87 -19.62 -49.10
CA LEU D 1286 -34.60 -18.91 -49.18
C LEU D 1286 -34.21 -18.29 -47.86
N ALA D 1287 -35.19 -17.87 -47.06
CA ALA D 1287 -34.90 -17.26 -45.78
C ALA D 1287 -34.43 -18.28 -44.75
N LYS D 1288 -34.88 -19.52 -44.88
CA LYS D 1288 -34.40 -20.60 -44.02
C LYS D 1288 -33.01 -21.04 -44.43
N ASP D 1289 -32.75 -21.13 -45.73
CA ASP D 1289 -31.54 -21.78 -46.20
C ASP D 1289 -30.30 -20.93 -45.95
N ILE D 1290 -30.43 -19.60 -45.92
CA ILE D 1290 -29.29 -18.73 -45.64
C ILE D 1290 -28.94 -18.66 -44.16
N VAL D 1291 -29.73 -19.28 -43.30
CA VAL D 1291 -29.59 -19.10 -41.86
C VAL D 1291 -29.48 -20.42 -41.11
N PHE D 1292 -29.89 -21.54 -41.70
CA PHE D 1292 -30.09 -22.80 -41.02
C PHE D 1292 -28.78 -23.52 -40.78
N HIS D 1293 -28.11 -24.01 -41.83
CA HIS D 1293 -26.84 -24.71 -41.64
C HIS D 1293 -25.76 -23.85 -41.01
N PRO D 1294 -25.58 -22.58 -41.36
CA PRO D 1294 -24.57 -21.77 -40.66
C PRO D 1294 -24.76 -21.68 -39.16
N TYR D 1295 -26.01 -21.70 -38.68
CA TYR D 1295 -26.24 -21.68 -37.23
C TYR D 1295 -25.77 -22.98 -36.59
N TRP D 1296 -26.09 -24.11 -37.22
CA TRP D 1296 -25.75 -25.40 -36.67
C TRP D 1296 -24.26 -25.68 -36.70
N MET D 1297 -23.52 -24.99 -37.56
CA MET D 1297 -22.07 -25.06 -37.57
C MET D 1297 -21.43 -24.57 -36.28
N ILE D 1298 -22.05 -23.60 -35.60
CA ILE D 1298 -21.53 -23.09 -34.34
C ILE D 1298 -21.52 -24.18 -33.27
N PHE D 1299 -22.35 -25.22 -33.43
CA PHE D 1299 -22.66 -26.15 -32.36
C PHE D 1299 -22.10 -27.55 -32.61
N GLY D 1300 -21.02 -27.64 -33.36
CA GLY D 1300 -20.24 -28.86 -33.47
C GLY D 1300 -20.47 -29.66 -34.72
N GLU D 1301 -21.31 -29.19 -35.63
CA GLU D 1301 -21.61 -29.88 -36.88
C GLU D 1301 -20.81 -29.23 -37.99
N VAL D 1302 -20.39 -30.03 -38.97
CA VAL D 1302 -19.51 -29.56 -40.03
C VAL D 1302 -20.12 -29.77 -41.41
N TYR D 1303 -21.08 -30.67 -41.54
CA TYR D 1303 -21.62 -31.13 -42.82
C TYR D 1303 -20.47 -31.53 -43.74
N ALA D 1304 -19.74 -32.56 -43.28
CA ALA D 1304 -18.46 -32.92 -43.87
C ALA D 1304 -18.60 -33.37 -45.32
N TYR D 1305 -19.60 -34.19 -45.59
CA TYR D 1305 -19.82 -34.73 -46.93
C TYR D 1305 -20.69 -33.85 -47.79
N GLU D 1306 -21.00 -32.63 -47.34
CA GLU D 1306 -21.61 -31.59 -48.16
C GLU D 1306 -20.62 -30.52 -48.59
N ILE D 1307 -19.47 -30.43 -47.92
CA ILE D 1307 -18.35 -29.64 -48.40
C ILE D 1307 -17.81 -30.29 -49.66
N ASP D 1308 -17.44 -29.48 -50.65
CA ASP D 1308 -16.85 -30.00 -51.88
C ASP D 1308 -17.83 -30.96 -52.54
N VAL D 1309 -18.99 -30.43 -52.96
CA VAL D 1309 -20.05 -31.23 -53.54
C VAL D 1309 -19.64 -31.99 -54.79
N CYS D 1310 -18.51 -31.66 -55.40
CA CYS D 1310 -18.02 -32.34 -56.59
C CYS D 1310 -17.12 -33.53 -56.27
N ALA D 1311 -16.89 -33.82 -55.00
CA ALA D 1311 -16.08 -34.97 -54.60
C ALA D 1311 -16.86 -36.27 -54.77
N ASN D 1312 -16.12 -37.38 -54.68
CA ASN D 1312 -16.71 -38.70 -54.87
C ASN D 1312 -17.48 -39.19 -53.65
N ASP D 1313 -17.06 -38.79 -52.45
CA ASP D 1313 -17.78 -39.12 -51.23
C ASP D 1313 -18.90 -38.14 -50.92
N SER D 1314 -19.25 -37.26 -51.84
CA SER D 1314 -20.25 -36.24 -51.59
C SER D 1314 -21.65 -36.81 -51.56
N THR D 1315 -22.49 -36.22 -50.71
CA THR D 1315 -23.91 -36.52 -50.65
C THR D 1315 -24.76 -35.59 -51.49
N LEU D 1316 -24.15 -34.60 -52.15
CA LEU D 1316 -24.85 -33.66 -53.03
C LEU D 1316 -24.21 -33.63 -54.41
N PRO D 1317 -24.22 -34.75 -55.13
CA PRO D 1317 -23.56 -34.77 -56.46
C PRO D 1317 -24.34 -34.05 -57.54
N THR D 1318 -25.66 -33.91 -57.40
CA THR D 1318 -26.45 -33.12 -58.33
C THR D 1318 -26.19 -31.63 -58.22
N ILE D 1319 -25.48 -31.20 -57.19
CA ILE D 1319 -25.25 -29.78 -56.92
C ILE D 1319 -23.91 -29.31 -57.46
N CYS D 1320 -23.05 -30.23 -57.88
CA CYS D 1320 -21.79 -29.85 -58.51
C CYS D 1320 -22.04 -29.03 -59.76
N GLY D 1321 -21.31 -27.93 -59.89
CA GLY D 1321 -21.47 -27.03 -61.00
C GLY D 1321 -20.40 -25.96 -61.04
N PRO D 1322 -20.58 -24.95 -61.88
CA PRO D 1322 -19.59 -23.87 -61.96
C PRO D 1322 -19.57 -23.01 -60.70
N GLY D 1323 -18.39 -22.91 -60.11
CA GLY D 1323 -18.13 -22.03 -59.00
C GLY D 1323 -18.33 -22.64 -57.63
N THR D 1324 -18.52 -23.94 -57.54
CA THR D 1324 -18.80 -24.58 -56.26
C THR D 1324 -17.54 -24.89 -55.47
N TRP D 1325 -16.38 -24.93 -56.13
CA TRP D 1325 -15.09 -25.02 -55.48
C TRP D 1325 -14.79 -23.85 -54.54
N LEU D 1326 -15.58 -22.78 -54.59
CA LEU D 1326 -15.43 -21.64 -53.68
C LEU D 1326 -15.96 -21.89 -52.29
N THR D 1327 -16.98 -22.71 -52.14
CA THR D 1327 -17.68 -22.85 -50.87
C THR D 1327 -16.86 -23.51 -49.76
N PRO D 1328 -15.87 -24.37 -50.04
CA PRO D 1328 -15.00 -24.79 -48.94
C PRO D 1328 -14.12 -23.68 -48.40
N PHE D 1329 -13.59 -22.83 -49.28
CA PHE D 1329 -12.82 -21.66 -48.81
C PHE D 1329 -13.66 -20.76 -47.93
N LEU D 1330 -14.91 -20.50 -48.34
CA LEU D 1330 -15.81 -19.64 -47.56
C LEU D 1330 -16.04 -20.21 -46.17
N GLN D 1331 -16.33 -21.49 -46.08
CA GLN D 1331 -16.65 -22.11 -44.80
C GLN D 1331 -15.43 -22.20 -43.91
N ALA D 1332 -14.24 -22.32 -44.49
CA ALA D 1332 -13.03 -22.31 -43.69
C ALA D 1332 -12.82 -20.97 -43.01
N VAL D 1333 -13.08 -19.88 -43.74
CA VAL D 1333 -13.00 -18.55 -43.15
C VAL D 1333 -14.09 -18.37 -42.11
N TYR D 1334 -15.31 -18.83 -42.42
CA TYR D 1334 -16.44 -18.67 -41.52
C TYR D 1334 -16.16 -19.23 -40.14
N LEU D 1335 -15.70 -20.48 -40.07
CA LEU D 1335 -15.50 -21.11 -38.78
C LEU D 1335 -14.25 -20.60 -38.07
N PHE D 1336 -13.25 -20.16 -38.81
CA PHE D 1336 -12.14 -19.47 -38.18
C PHE D 1336 -12.65 -18.25 -37.42
N VAL D 1337 -13.53 -17.48 -38.04
CA VAL D 1337 -14.03 -16.27 -37.40
C VAL D 1337 -14.92 -16.59 -36.22
N GLN D 1338 -15.84 -17.54 -36.36
CA GLN D 1338 -16.83 -17.76 -35.30
C GLN D 1338 -16.20 -18.39 -34.06
N TYR D 1339 -15.41 -19.44 -34.22
CA TYR D 1339 -14.83 -20.09 -33.05
C TYR D 1339 -13.55 -19.42 -32.56
N ILE D 1340 -12.54 -19.31 -33.43
CA ILE D 1340 -11.22 -18.90 -32.95
C ILE D 1340 -11.20 -17.44 -32.53
N ILE D 1341 -12.13 -16.61 -33.01
CA ILE D 1341 -12.23 -15.21 -32.62
C ILE D 1341 -13.43 -14.97 -31.72
N MET D 1342 -14.62 -15.36 -32.16
CA MET D 1342 -15.85 -14.84 -31.54
C MET D 1342 -16.32 -15.68 -30.37
N VAL D 1343 -16.17 -17.01 -30.42
CA VAL D 1343 -16.52 -17.83 -29.26
C VAL D 1343 -15.52 -17.59 -28.14
N ASN D 1344 -14.25 -17.43 -28.47
CA ASN D 1344 -13.23 -17.28 -27.43
C ASN D 1344 -13.25 -15.88 -26.83
N LEU D 1345 -13.62 -14.88 -27.64
CA LEU D 1345 -13.86 -13.55 -27.12
C LEU D 1345 -15.00 -13.54 -26.11
N LEU D 1346 -16.04 -14.30 -26.40
CA LEU D 1346 -17.19 -14.42 -25.53
C LEU D 1346 -16.84 -15.16 -24.24
N ILE D 1347 -16.04 -16.22 -24.34
CA ILE D 1347 -15.47 -16.84 -23.15
C ILE D 1347 -14.66 -15.81 -22.37
N ALA D 1348 -13.78 -15.08 -23.05
CA ALA D 1348 -12.96 -14.07 -22.37
C ALA D 1348 -13.81 -12.96 -21.76
N PHE D 1349 -14.90 -12.57 -22.42
CA PHE D 1349 -15.84 -11.63 -21.82
C PHE D 1349 -16.30 -12.10 -20.45
N PHE D 1350 -16.85 -13.32 -20.37
CA PHE D 1350 -17.42 -13.82 -19.13
C PHE D 1350 -16.37 -13.98 -18.03
N ASN D 1351 -15.20 -14.54 -18.36
CA ASN D 1351 -14.13 -14.71 -17.39
C ASN D 1351 -13.73 -13.39 -16.73
N ASN D 1352 -13.82 -12.29 -17.45
CA ASN D 1352 -13.37 -10.99 -16.96
C ASN D 1352 -14.48 -10.15 -16.37
N VAL D 1353 -15.74 -10.56 -16.48
CA VAL D 1353 -16.88 -9.84 -15.93
C VAL D 1353 -17.62 -10.64 -14.87
N TYR D 1354 -17.25 -11.90 -14.65
CA TYR D 1354 -17.94 -12.81 -13.73
C TYR D 1354 -18.06 -12.23 -12.33
N LEU D 1355 -16.96 -11.71 -11.79
CA LEU D 1355 -16.91 -11.35 -10.38
C LEU D 1355 -17.86 -10.21 -10.03
N GLN D 1356 -17.82 -9.14 -10.81
CA GLN D 1356 -18.62 -7.96 -10.47
C GLN D 1356 -20.09 -8.18 -10.77
N VAL D 1357 -20.41 -9.05 -11.71
CA VAL D 1357 -21.80 -9.45 -11.93
C VAL D 1357 -22.27 -10.36 -10.82
N LYS D 1358 -21.41 -11.28 -10.39
CA LYS D 1358 -21.71 -12.14 -9.26
C LYS D 1358 -21.91 -11.33 -7.98
N ALA D 1359 -21.10 -10.29 -7.79
CA ALA D 1359 -21.22 -9.48 -6.59
C ALA D 1359 -22.51 -8.66 -6.61
N ILE D 1360 -22.84 -8.06 -7.75
CA ILE D 1360 -24.10 -7.34 -7.89
C ILE D 1360 -25.27 -8.29 -7.69
N SER D 1361 -25.15 -9.52 -8.19
CA SER D 1361 -26.27 -10.44 -8.19
C SER D 1361 -26.56 -10.97 -6.78
N ASN D 1362 -25.52 -11.05 -5.93
CA ASN D 1362 -25.75 -11.46 -4.56
C ASN D 1362 -26.50 -10.39 -3.78
N ILE D 1363 -26.16 -9.12 -4.01
CA ILE D 1363 -26.83 -8.03 -3.31
C ILE D 1363 -28.27 -7.90 -3.80
N VAL D 1364 -28.46 -8.02 -5.10
CA VAL D 1364 -29.81 -7.96 -5.67
C VAL D 1364 -30.65 -9.12 -5.17
N TRP D 1365 -30.05 -10.30 -5.05
CA TRP D 1365 -30.80 -11.46 -4.58
C TRP D 1365 -31.27 -11.24 -3.15
N LYS D 1366 -30.43 -10.63 -2.32
CA LYS D 1366 -30.76 -10.41 -0.92
C LYS D 1366 -31.83 -9.34 -0.75
N TYR D 1367 -31.76 -8.28 -1.55
CA TYR D 1367 -32.77 -7.24 -1.50
C TYR D 1367 -34.16 -7.78 -1.83
N GLN D 1368 -34.22 -8.77 -2.74
CA GLN D 1368 -35.50 -9.26 -3.21
C GLN D 1368 -36.07 -10.37 -2.33
N ARG D 1369 -35.29 -10.89 -1.38
CA ARG D 1369 -35.85 -11.79 -0.37
C ARG D 1369 -36.98 -11.12 0.40
N TYR D 1370 -36.83 -9.82 0.67
CA TYR D 1370 -37.85 -9.05 1.35
C TYR D 1370 -39.20 -9.16 0.65
N HIS D 1371 -39.24 -8.79 -0.63
CA HIS D 1371 -40.48 -8.85 -1.39
C HIS D 1371 -41.02 -10.27 -1.46
N PHE D 1372 -40.12 -11.25 -1.44
CA PHE D 1372 -40.49 -12.65 -1.51
C PHE D 1372 -41.09 -13.14 -0.20
N ILE D 1373 -40.38 -12.90 0.91
CA ILE D 1373 -40.81 -13.43 2.21
C ILE D 1373 -42.04 -12.68 2.71
N MET D 1374 -42.10 -11.38 2.47
CA MET D 1374 -43.22 -10.59 2.95
C MET D 1374 -44.51 -10.91 2.20
N ALA D 1375 -44.40 -11.53 1.03
CA ALA D 1375 -45.59 -11.94 0.30
C ALA D 1375 -46.25 -13.16 0.96
N TYR D 1376 -45.44 -14.09 1.46
CA TYR D 1376 -45.97 -15.32 2.01
C TYR D 1376 -46.73 -15.09 3.32
N HIS D 1377 -46.44 -14.00 4.02
CA HIS D 1377 -47.26 -13.64 5.18
C HIS D 1377 -48.69 -13.35 4.77
N GLU D 1378 -48.87 -12.79 3.58
CA GLU D 1378 -50.18 -12.44 3.07
C GLU D 1378 -50.82 -13.56 2.26
N LYS D 1379 -50.05 -14.55 1.81
CA LYS D 1379 -50.68 -15.60 1.02
C LYS D 1379 -51.54 -16.50 1.92
N PRO D 1380 -52.55 -17.17 1.34
CA PRO D 1380 -53.34 -18.10 2.13
C PRO D 1380 -52.58 -19.35 2.53
N VAL D 1381 -53.24 -20.20 3.28
CA VAL D 1381 -52.68 -21.45 3.75
C VAL D 1381 -52.73 -22.56 2.70
N LEU D 1382 -53.75 -22.58 1.81
CA LEU D 1382 -53.92 -23.71 0.86
C LEU D 1382 -53.33 -23.38 -0.51
N PRO D 1383 -52.88 -24.40 -1.24
CA PRO D 1383 -52.26 -24.15 -2.52
C PRO D 1383 -53.27 -24.11 -3.65
N PRO D 1384 -52.85 -23.77 -4.87
CA PRO D 1384 -53.80 -23.25 -5.86
C PRO D 1384 -54.76 -24.28 -6.46
N PRO D 1385 -54.78 -25.57 -6.05
CA PRO D 1385 -55.99 -26.35 -6.36
C PRO D 1385 -57.10 -26.20 -5.34
N LEU D 1386 -56.73 -26.15 -4.07
CA LEU D 1386 -57.67 -26.14 -2.95
C LEU D 1386 -57.86 -24.76 -2.36
N ILE D 1387 -57.09 -23.78 -2.81
CA ILE D 1387 -57.17 -22.38 -2.39
C ILE D 1387 -58.57 -21.82 -2.56
N ILE D 1388 -59.33 -22.36 -3.51
CA ILE D 1388 -60.65 -21.86 -3.88
C ILE D 1388 -61.55 -21.80 -2.66
N LEU D 1389 -61.39 -22.75 -1.74
CA LEU D 1389 -62.15 -22.70 -0.50
C LEU D 1389 -61.64 -21.59 0.42
N SER D 1390 -60.33 -21.35 0.41
CA SER D 1390 -59.78 -20.27 1.20
C SER D 1390 -60.22 -18.91 0.66
N HIS D 1391 -60.46 -18.82 -0.65
CA HIS D 1391 -60.99 -17.58 -1.22
C HIS D 1391 -62.43 -17.36 -0.76
N ILE D 1392 -63.28 -18.36 -0.93
CA ILE D 1392 -64.70 -18.22 -0.65
C ILE D 1392 -64.92 -17.88 0.82
N VAL D 1393 -64.22 -18.57 1.71
CA VAL D 1393 -64.36 -18.33 3.15
C VAL D 1393 -63.86 -16.93 3.47
N SER D 1394 -62.79 -16.49 2.81
CA SER D 1394 -62.24 -15.16 3.03
C SER D 1394 -63.22 -14.07 2.63
N LEU D 1395 -64.07 -14.33 1.64
CA LEU D 1395 -65.04 -13.35 1.19
C LEU D 1395 -66.20 -13.26 2.18
N GLY D 1411 -50.61 -5.37 7.75
CA GLY D 1411 -49.57 -6.37 7.79
C GLY D 1411 -49.14 -6.72 9.21
N PRO D 1412 -48.09 -7.53 9.35
CA PRO D 1412 -47.62 -7.89 10.68
C PRO D 1412 -46.95 -6.70 11.36
N LYS D 1413 -47.09 -6.67 12.69
CA LYS D 1413 -46.63 -5.54 13.49
C LYS D 1413 -45.81 -6.03 14.67
N LEU D 1414 -44.79 -5.22 15.02
CA LEU D 1414 -43.94 -5.50 16.17
C LEU D 1414 -44.53 -4.82 17.40
N PHE D 1415 -44.80 -5.62 18.43
CA PHE D 1415 -45.48 -5.17 19.65
C PHE D 1415 -44.44 -5.06 20.76
N LEU D 1416 -44.45 -3.93 21.46
CA LEU D 1416 -43.58 -3.70 22.60
C LEU D 1416 -44.40 -3.16 23.77
N THR D 1417 -44.22 -3.76 24.94
CA THR D 1417 -44.65 -3.10 26.17
C THR D 1417 -43.77 -1.88 26.43
N GLU D 1418 -44.21 -1.04 27.37
CA GLU D 1418 -43.62 0.29 27.49
C GLU D 1418 -42.19 0.23 28.02
N GLU D 1419 -41.89 -0.72 28.92
CA GLU D 1419 -40.52 -0.85 29.40
C GLU D 1419 -39.60 -1.35 28.30
N ASP D 1420 -40.15 -2.08 27.32
CA ASP D 1420 -39.33 -2.55 26.21
C ASP D 1420 -39.16 -1.48 25.15
N GLN D 1421 -40.11 -0.56 25.04
CA GLN D 1421 -39.88 0.63 24.22
C GLN D 1421 -38.82 1.52 24.85
N LYS D 1422 -38.79 1.57 26.18
CA LYS D 1422 -37.82 2.41 26.88
C LYS D 1422 -36.42 1.84 26.74
N LYS D 1423 -36.27 0.53 26.89
CA LYS D 1423 -34.97 -0.11 26.73
C LYS D 1423 -34.46 0.02 25.30
N LEU D 1424 -35.37 0.19 24.34
CA LEU D 1424 -34.96 0.24 22.94
C LEU D 1424 -34.50 1.63 22.56
N HIS D 1425 -35.19 2.66 23.06
CA HIS D 1425 -34.76 4.03 22.82
C HIS D 1425 -33.45 4.34 23.52
N ASP D 1426 -33.14 3.59 24.58
CA ASP D 1426 -31.84 3.73 25.25
C ASP D 1426 -30.75 3.03 24.44
N PHE D 1427 -31.05 1.84 23.94
CA PHE D 1427 -30.13 1.12 23.07
C PHE D 1427 -29.74 1.97 21.86
N GLU D 1428 -30.71 2.69 21.30
CA GLU D 1428 -30.45 3.51 20.13
C GLU D 1428 -29.50 4.66 20.46
N GLU D 1429 -29.81 5.42 21.52
CA GLU D 1429 -28.98 6.54 21.92
C GLU D 1429 -27.55 6.12 22.20
N GLN D 1430 -27.38 5.02 22.94
CA GLN D 1430 -26.04 4.54 23.27
C GLN D 1430 -25.24 4.21 22.03
N CYS D 1431 -25.86 3.54 21.06
CA CYS D 1431 -25.12 3.08 19.88
C CYS D 1431 -24.78 4.25 18.95
N VAL D 1432 -25.55 5.32 19.02
CA VAL D 1432 -25.23 6.51 18.23
C VAL D 1432 -24.04 7.25 18.83
N GLU D 1433 -23.98 7.29 20.16
CA GLU D 1433 -22.82 7.87 20.84
C GLU D 1433 -21.55 7.12 20.52
N MET D 1434 -21.58 5.79 20.63
CA MET D 1434 -20.43 4.96 20.26
C MET D 1434 -19.98 5.23 18.85
N TYR D 1435 -20.92 5.49 17.95
CA TYR D 1435 -20.60 5.67 16.54
C TYR D 1435 -19.74 6.91 16.32
N PHE D 1436 -20.12 8.03 16.90
CA PHE D 1436 -19.36 9.25 16.72
C PHE D 1436 -18.01 9.17 17.44
N ASP D 1437 -18.00 8.57 18.63
CA ASP D 1437 -16.77 8.43 19.41
C ASP D 1437 -15.72 7.65 18.64
N GLU D 1438 -16.05 6.44 18.21
CA GLU D 1438 -15.10 5.60 17.50
C GLU D 1438 -14.66 6.25 16.19
N LYS D 1439 -15.49 7.10 15.61
CA LYS D 1439 -15.14 7.78 14.38
C LYS D 1439 -14.06 8.82 14.63
N ASP D 1440 -14.16 9.55 15.74
CA ASP D 1440 -13.15 10.53 16.08
C ASP D 1440 -11.84 9.87 16.47
N ASP D 1441 -11.92 8.76 17.21
CA ASP D 1441 -10.72 8.07 17.67
C ASP D 1441 -9.91 7.53 16.52
N LYS D 1442 -10.57 6.87 15.56
CA LYS D 1442 -9.87 6.36 14.39
C LYS D 1442 -9.24 7.50 13.60
N PHE D 1443 -9.93 8.63 13.51
CA PHE D 1443 -9.38 9.79 12.84
C PHE D 1443 -8.16 10.31 13.60
N ASN D 1444 -8.32 10.59 14.89
CA ASN D 1444 -7.22 11.08 15.70
C ASN D 1444 -6.45 9.92 16.33
N SER D 1445 -6.16 8.90 15.54
CA SER D 1445 -5.18 7.88 15.89
C SER D 1445 -4.40 7.40 14.67
N GLY D 1446 -4.61 8.04 13.51
CA GLY D 1446 -3.97 7.63 12.28
C GLY D 1446 -2.67 8.37 12.04
N SER D 1447 -1.83 7.78 11.19
CA SER D 1447 -0.53 8.38 10.90
C SER D 1447 -0.68 9.69 10.15
N GLU D 1448 -1.60 9.75 9.17
CA GLU D 1448 -1.79 10.98 8.41
C GLU D 1448 -2.20 12.14 9.32
N GLU D 1449 -2.88 11.84 10.43
CA GLU D 1449 -3.31 12.86 11.37
C GLU D 1449 -2.27 13.14 12.45
N ARG D 1450 -1.47 12.14 12.83
CA ARG D 1450 -0.43 12.37 13.83
C ARG D 1450 0.81 13.01 13.21
N ILE D 1451 1.12 12.68 11.95
CA ILE D 1451 2.25 13.31 11.27
C ILE D 1451 2.02 14.82 11.17
N ARG D 1452 0.78 15.24 10.95
CA ARG D 1452 0.50 16.64 10.66
C ARG D 1452 0.39 17.51 11.91
N VAL D 1453 -0.19 17.01 12.99
CA VAL D 1453 -0.22 17.78 14.23
C VAL D 1453 1.18 17.79 14.83
N THR D 1454 1.99 16.78 14.53
CA THR D 1454 3.42 16.86 14.81
C THR D 1454 4.07 17.91 13.92
N PHE D 1455 3.74 17.91 12.63
CA PHE D 1455 4.27 18.92 11.70
C PHE D 1455 3.97 20.34 12.18
N GLU D 1456 2.82 20.54 12.82
CA GLU D 1456 2.45 21.88 13.26
C GLU D 1456 3.19 22.29 14.53
N ARG D 1457 3.28 21.38 15.51
CA ARG D 1457 3.97 21.70 16.75
C ARG D 1457 5.45 21.96 16.51
N VAL D 1458 6.10 21.16 15.67
CA VAL D 1458 7.52 21.35 15.40
C VAL D 1458 7.77 22.71 14.75
N GLU D 1459 6.85 23.14 13.88
CA GLU D 1459 6.93 24.49 13.32
C GLU D 1459 6.85 25.55 14.42
N GLN D 1460 5.95 25.35 15.39
CA GLN D 1460 5.84 26.28 16.51
C GLN D 1460 7.10 26.26 17.37
N MET D 1461 7.53 25.08 17.79
CA MET D 1461 8.66 24.96 18.70
C MET D 1461 9.94 25.53 18.09
N SER D 1462 10.08 25.44 16.76
CA SER D 1462 11.18 26.09 16.08
C SER D 1462 11.19 27.59 16.33
N ILE D 1463 10.00 28.20 16.33
CA ILE D 1463 9.88 29.64 16.56
C ILE D 1463 10.23 29.95 18.00
N GLN D 1464 9.88 29.06 18.93
CA GLN D 1464 10.05 29.33 20.35
C GLN D 1464 11.52 29.25 20.77
N ILE D 1465 12.24 28.22 20.33
CA ILE D 1465 13.65 28.06 20.69
C ILE D 1465 14.42 29.24 20.14
N LYS D 1466 14.06 29.68 18.93
CA LYS D 1466 14.61 30.93 18.41
C LYS D 1466 14.23 32.10 19.32
N GLU D 1467 13.01 32.07 19.84
CA GLU D 1467 12.52 33.08 20.77
C GLU D 1467 13.13 32.85 22.14
N VAL D 1468 13.72 31.68 22.36
CA VAL D 1468 14.69 31.48 23.43
C VAL D 1468 16.11 31.84 22.99
N GLY D 1469 16.49 31.50 21.75
CA GLY D 1469 17.89 31.61 21.35
C GLY D 1469 18.37 33.04 21.33
N ASP D 1470 17.48 33.96 20.94
CA ASP D 1470 17.83 35.37 20.97
C ASP D 1470 17.89 35.88 22.40
N ARG D 1471 16.91 35.48 23.23
CA ARG D 1471 16.87 35.90 24.62
C ARG D 1471 17.98 35.31 25.46
N VAL D 1472 18.40 34.08 25.19
CA VAL D 1472 19.29 33.39 26.11
C VAL D 1472 20.71 33.93 25.91
N ASN D 1473 21.04 34.33 24.68
CA ASN D 1473 22.17 35.21 24.46
C ASN D 1473 22.09 36.41 25.40
N TYR D 1474 20.91 37.02 25.46
CA TYR D 1474 20.73 38.30 26.12
C TYR D 1474 20.74 38.18 27.65
N ILE D 1475 20.84 36.96 28.18
CA ILE D 1475 20.99 36.75 29.62
C ILE D 1475 22.48 36.87 29.99
N LYS D 1476 23.34 36.12 29.30
CA LYS D 1476 24.75 36.07 29.68
C LYS D 1476 25.46 37.40 29.48
N ARG D 1477 24.86 38.32 28.72
CA ARG D 1477 25.50 39.60 28.46
C ARG D 1477 25.62 40.43 29.73
N SER D 1478 24.83 40.09 30.78
CA SER D 1478 25.06 40.67 32.08
C SER D 1478 26.35 40.16 32.71
N LEU D 1479 26.51 38.83 32.77
CA LEU D 1479 27.68 38.26 33.44
C LEU D 1479 28.96 38.49 32.62
N GLN D 1480 28.83 38.97 31.39
CA GLN D 1480 29.94 39.66 30.72
C GLN D 1480 30.01 41.14 31.02
N SER D 1481 28.88 41.82 31.20
CA SER D 1481 28.85 43.26 31.44
C SER D 1481 28.66 43.61 32.91
N LEU D 1482 27.61 43.10 33.56
CA LEU D 1482 27.42 43.30 34.99
C LEU D 1482 28.61 42.82 35.81
N ASP D 1483 29.19 41.68 35.46
CA ASP D 1483 30.32 41.13 36.21
C ASP D 1483 31.53 42.05 36.10
N POV E . -16.60 -27.62 -0.58
P POV E . -14.78 -31.72 1.50
C1 POV E . -13.80 -33.89 0.33
C2 POV E . -14.55 -34.88 -0.51
C3 POV E . -13.72 -36.06 -0.96
C210 POV E . -19.85 -39.10 -10.48
C310 POV E . -15.34 -41.59 -11.87
C11 POV E . -16.51 -29.98 0.55
O11 POV E . -14.75 -33.29 1.24
C211 POV E . -20.76 -37.96 -10.83
C311 POV E . -15.02 -41.87 -13.31
C12 POV E . -16.35 -29.13 -0.69
O12 POV E . -15.80 -31.23 0.37
C212 POV E . -21.51 -38.24 -12.14
C312 POV E . -15.91 -42.91 -13.91
C13 POV E . -17.95 -27.33 -1.15
O13 POV E . -13.43 -31.15 1.28
C213 POV E . -22.78 -37.45 -12.31
C313 POV E . -16.56 -42.50 -15.21
C14 POV E . -16.54 -27.05 0.81
O14 POV E . -15.47 -31.46 2.78
C214 POV E . -23.48 -37.73 -13.62
C314 POV E . -17.02 -43.67 -16.06
C15 POV E . -15.56 -26.95 -1.41
C215 POV E . -24.73 -36.90 -13.81
C315 POV E . -17.98 -44.57 -15.36
C216 POV E . -25.11 -36.65 -15.26
C316 POV E . -18.51 -45.60 -16.27
C217 POV E . -26.03 -37.69 -15.86
C218 POV E . -25.43 -39.05 -15.88
C21 POV E . -16.38 -34.06 -1.93
O21 POV E . -15.06 -34.14 -1.67
C22 POV E . -17.08 -35.39 -1.93
O22 POV E . -16.95 -33.02 -2.09
C23 POV E . -17.95 -35.59 -3.17
C24 POV E . -17.25 -36.33 -4.29
C25 POV E . -18.20 -36.87 -5.34
C26 POV E . -17.52 -37.37 -6.59
C27 POV E . -18.46 -38.12 -7.50
C28 POV E . -18.21 -37.89 -8.99
C29 POV E . -18.74 -39.05 -9.77
C31 POV E . -11.89 -36.27 -2.63
O31 POV E . -12.49 -35.63 -1.59
C32 POV E . -12.74 -37.24 -3.38
O32 POV E . -10.74 -36.13 -2.89
C33 POV E . -12.10 -37.69 -4.68
C34 POV E . -13.00 -38.62 -5.44
C35 POV E . -12.89 -38.53 -6.94
C36 POV E . -13.86 -39.44 -7.62
C37 POV E . -13.90 -39.32 -9.12
C38 POV E . -14.65 -40.45 -9.76
C39 POV E . -14.45 -40.54 -11.24
N POV F . -36.84 -50.02 -28.53
P POV F . -38.88 -50.07 -24.07
C1 POV F . -36.82 -48.45 -23.99
C2 POV F . -36.36 -48.20 -22.59
C3 POV F . -35.05 -48.88 -22.26
C210 POV F . -32.76 -41.04 -15.20
C310 POV F . -29.62 -39.43 -18.58
C11 POV F . -38.51 -49.56 -26.63
O11 POV F . -38.25 -48.60 -23.98
C211 POV F . -32.74 -39.56 -15.19
C311 POV F . -28.72 -38.27 -18.24
C12 POV F . -38.19 -50.31 -27.90
O12 POV F . -38.31 -50.45 -25.50
C212 POV F . -31.48 -39.08 -14.47
C312 POV F . -29.42 -36.93 -18.24
C13 POV F . -35.73 -50.16 -27.55
O13 POV F . -38.29 -50.94 -23.04
C213 POV F . -31.60 -39.06 -12.95
C313 POV F . -30.35 -36.71 -17.06
C14 POV F . -36.65 -51.01 -29.64
O14 POV F . -40.35 -49.95 -24.17
C214 POV F . -31.16 -37.74 -12.33
C314 POV F . -30.99 -35.33 -16.98
C15 POV F . -36.83 -48.63 -29.12
C215 POV F . -29.65 -37.59 -12.19
C315 POV F . -31.84 -35.12 -15.75
C216 POV F . -29.12 -37.94 -10.80
C316 POV F . -32.96 -34.17 -15.99
C217 POV F . -27.71 -37.47 -10.54
C218 POV F . -27.37 -37.48 -9.06
C21 POV F . -37.63 -48.34 -20.43
O21 POV F . -37.42 -48.74 -21.72
C22 POV F . -36.78 -47.17 -19.99
O22 POV F . -38.45 -48.85 -19.72
C23 POV F . -36.94 -46.84 -18.50
C24 POV F . -36.64 -45.38 -18.19
C25 POV F . -35.30 -44.95 -18.68
C26 POV F . -34.54 -44.01 -17.77
C27 POV F . -35.28 -42.75 -17.38
C28 POV F . -34.34 -41.56 -17.11
C29 POV F . -33.29 -41.86 -16.08
C31 POV F . -32.92 -48.10 -21.55
O31 POV F . -34.01 -47.87 -22.28
C32 POV F . -31.95 -46.97 -21.64
O32 POV F . -32.77 -49.09 -20.87
C33 POV F . -32.22 -45.99 -20.51
C34 POV F . -31.88 -44.54 -20.82
C35 POV F . -30.53 -44.10 -20.32
C36 POV F . -30.41 -42.59 -20.21
C37 POV F . -28.99 -42.08 -20.16
C38 POV F . -28.83 -40.66 -20.69
C39 POV F . -29.78 -39.64 -20.08
N POV G . -34.64 -68.55 -20.61
P POV G . -34.16 -67.92 -15.48
C1 POV G . -35.61 -65.87 -14.58
C2 POV G . -35.23 -65.62 -13.14
C3 POV G . -33.91 -64.87 -12.99
C210 POV G . -31.01 -61.26 -4.61
C310 POV G . -27.78 -55.56 -6.56
C11 POV G . -34.18 -68.76 -18.02
O11 POV G . -34.50 -66.37 -15.34
C211 POV G . -29.80 -61.24 -3.73
C311 POV G . -26.45 -55.27 -5.93
C12 POV G . -34.59 -67.91 -19.20
O12 POV G . -33.71 -67.84 -17.02
C212 POV G . -29.60 -59.85 -3.09
C312 POV G . -26.52 -54.88 -4.47
C13 POV G . -36.07 -68.60 -21.05
O13 POV G . -32.99 -68.26 -14.64
C213 POV G . -29.22 -59.88 -1.63
C313 POV G . -25.20 -54.47 -3.87
C14 POV G . -33.89 -67.64 -21.53
O14 POV G . -35.41 -68.71 -15.34
C214 POV G . -28.14 -58.91 -1.23
C314 POV G . -25.33 -53.58 -2.64
C15 POV G . -34.07 -69.92 -20.72
C215 POV G . -27.60 -59.19 0.16
C315 POV G . -24.02 -53.34 -1.91
C216 POV G . -26.63 -58.14 0.71
C316 POV G . -24.11 -52.26 -0.87
C217 POV G . -27.18 -56.73 0.77
C218 POV G . -26.41 -55.86 1.73
C21 POV G . -35.05 -67.14 -11.16
O21 POV G . -35.12 -66.95 -12.51
C22 POV G . -35.54 -65.97 -10.33
O22 POV G . -34.61 -68.15 -10.66
C23 POV G . -35.26 -66.16 -8.83
C24 POV G . -33.90 -65.62 -8.42
C25 POV G . -33.26 -66.36 -7.25
C26 POV G . -31.98 -65.73 -6.68
C27 POV G . -32.17 -64.27 -6.31
C28 POV G . -31.34 -63.72 -5.14
C29 POV G . -31.73 -62.28 -5.01
C31 POV G . -33.43 -62.50 -12.36
O31 POV G . -34.13 -63.44 -13.06
C32 POV G . -32.54 -62.99 -11.25
O32 POV G . -33.53 -61.33 -12.62
C33 POV G . -31.40 -62.04 -10.90
C34 POV G . -31.81 -60.77 -10.18
C35 POV G . -30.93 -60.46 -8.98
C36 POV G . -30.67 -59.00 -8.75
C37 POV G . -29.75 -58.74 -7.57
C38 POV G . -29.47 -57.28 -7.33
C39 POV G . -28.14 -57.03 -6.64
C1 CLR H . -19.46 -43.46 -8.82
C2 CLR H . -18.12 -43.01 -8.23
C3 CLR H . -17.40 -44.18 -7.59
C4 CLR H . -17.19 -45.28 -8.60
C5 CLR H . -18.47 -45.70 -9.29
C6 CLR H . -18.80 -46.97 -9.40
C7 CLR H . -20.04 -47.49 -10.04
C8 CLR H . -20.72 -46.47 -10.94
C9 CLR H . -20.74 -45.10 -10.24
C10 CLR H . -19.32 -44.57 -9.87
C11 CLR H . -21.59 -44.07 -11.00
C12 CLR H . -22.99 -44.58 -11.33
C13 CLR H . -22.96 -45.89 -12.11
C14 CLR H . -22.16 -46.90 -11.26
C15 CLR H . -22.42 -48.24 -11.94
C16 CLR H . -23.89 -48.13 -12.38
C17 CLR H . -24.31 -46.66 -12.21
C18 CLR H . -22.34 -45.69 -13.50
C19 CLR H . -18.59 -44.00 -11.11
C20 CLR H . -25.35 -46.23 -13.26
C21 CLR H . -25.58 -44.72 -13.32
C22 CLR H . -26.70 -46.93 -13.00
C23 CLR H . -26.94 -48.23 -13.73
C24 CLR H . -28.44 -48.58 -13.83
C25 CLR H . -29.27 -48.39 -12.57
C26 CLR H . -29.94 -47.02 -12.49
C27 CLR H . -30.28 -49.48 -12.43
O1 CLR H . -16.15 -43.75 -7.06
N POV I . -25.48 -27.70 2.34
P POV I . -28.86 -29.47 1.28
C1 POV I . -30.65 -30.51 -0.41
C2 POV I . -30.10 -30.02 -1.73
C3 POV I . -31.04 -30.17 -2.93
C210 POV I . -22.93 -33.86 -6.15
C310 POV I . -29.07 -33.75 -12.89
C11 POV I . -27.07 -27.84 0.21
O11 POV I . -30.30 -29.53 0.60
C211 POV I . -23.60 -35.20 -6.07
C311 POV I . -27.81 -34.23 -13.58
C12 POV I . -25.81 -28.30 0.95
O12 POV I . -27.99 -28.93 0.05
C212 POV I . -24.44 -35.55 -7.31
C312 POV I . -27.89 -34.08 -15.09
C13 POV I . -25.73 -28.75 3.37
O13 POV I . -28.89 -28.46 2.36
C213 POV I . -23.60 -35.78 -8.57
C313 POV I . -27.12 -32.90 -15.62
C14 POV I . -24.01 -27.38 2.35
O14 POV I . -28.43 -30.86 1.58
C214 POV I . -24.26 -35.46 -9.92
C314 POV I . -27.54 -32.46 -17.01
C15 POV I . -26.22 -26.46 2.74
C215 POV I . -25.02 -34.14 -10.04
C315 POV I . -26.78 -31.27 -17.55
C216 POV I . -24.29 -32.94 -9.48
C316 POV I . -25.32 -31.54 -17.77
C217 POV I . -22.88 -32.80 -9.98
C218 POV I . -22.35 -31.40 -9.92
C21 POV I . -28.67 -31.95 -2.15
O21 POV I . -28.78 -30.62 -1.96
C22 POV I . -27.24 -32.38 -2.11
O22 POV I . -29.62 -32.68 -2.32
C23 POV I . -26.34 -31.38 -1.38
C24 POV I . -25.80 -30.28 -2.28
C25 POV I . -24.31 -30.01 -2.10
C26 POV I . -23.36 -30.93 -2.87
C27 POV I . -23.83 -32.38 -3.06
C28 POV I . -22.79 -33.29 -3.70
C29 POV I . -22.65 -33.03 -5.17
C31 POV I . -32.29 -28.49 -4.22
O31 POV I . -31.41 -28.80 -3.25
C32 POV I . -32.89 -29.64 -4.99
O32 POV I . -32.59 -27.34 -4.47
C33 POV I . -32.05 -30.14 -6.14
C34 POV I . -32.75 -31.24 -6.93
C35 POV I . -31.84 -32.37 -7.40
C36 POV I . -31.78 -32.53 -8.91
C37 POV I . -30.52 -33.21 -9.42
C38 POV I . -30.21 -32.83 -10.85
C39 POV I . -28.94 -33.45 -11.41
N POV J . -14.47 -32.44 6.45
P POV J . -16.32 -36.34 6.01
C1 POV J . -16.91 -37.73 3.83
C2 POV J . -18.38 -37.84 3.53
C3 POV J . -19.03 -39.08 4.09
C210 POV J . -22.69 -45.08 -5.93
C310 POV J . -24.72 -45.32 -1.04
C11 POV J . -16.50 -33.75 5.41
O11 POV J . -16.67 -36.44 4.45
C211 POV J . -23.64 -46.18 -6.27
C311 POV J . -24.92 -46.81 -0.74
C12 POV J . -15.02 -33.37 5.37
O12 POV J . -16.73 -34.84 6.35
C212 POV J . -23.03 -47.48 -6.76
C312 POV J . -25.85 -47.52 -1.73
C13 POV J . -13.63 -31.40 5.77
O13 POV J . -14.85 -36.52 6.20
C213 POV J . -24.02 -48.25 -7.61
C313 POV J . -25.14 -48.15 -2.93
C14 POV J . -15.48 -31.74 7.31
O14 POV J . -17.25 -37.23 6.73
C214 POV J . -23.54 -49.58 -8.16
C314 POV J . -25.45 -49.62 -3.16
C15 POV J . -13.56 -33.24 7.34
C215 POV J . -23.37 -50.69 -7.12
C315 POV J . -26.32 -49.90 -4.38
C216 POV J . -23.47 -52.11 -7.70
C316 POV J . -27.70 -49.28 -4.29
C217 POV J . -22.51 -52.45 -8.82
C218 POV J . -21.34 -53.23 -8.35
C21 POV J . -18.27 -38.98 1.36
O21 POV J . -18.70 -37.93 2.09
C22 POV J . -18.98 -39.08 0.05
O22 POV J . -17.39 -39.73 1.72
C23 POV J . -19.56 -40.48 -0.22
C24 POV J . -18.55 -41.42 -0.84
C25 POV J . -19.08 -42.76 -1.33
C26 POV J . -19.90 -42.64 -2.62
C27 POV J . -20.15 -43.98 -3.33
C28 POV J . -21.04 -43.81 -4.55
C29 POV J . -21.89 -44.99 -4.88
C31 POV J . -19.94 -40.16 6.09
O31 POV J . -19.26 -39.13 5.52
C32 POV J . -20.56 -41.12 5.09
O32 POV J . -20.06 -40.30 7.27
C33 POV J . -21.40 -42.28 5.57
C34 POV J . -21.81 -43.26 4.43
C35 POV J . -21.91 -42.74 2.98
C36 POV J . -23.33 -42.41 2.50
C37 POV J . -23.92 -43.51 1.64
C38 POV J . -23.51 -43.42 0.18
C39 POV J . -23.40 -44.77 -0.53
N POV K . -30.75 -71.23 -8.42
P POV K . -28.30 -68.34 -6.00
C1 POV K . -27.86 -66.92 -3.82
C2 POV K . -26.39 -67.08 -3.50
C3 POV K . -26.02 -68.53 -3.24
C210 POV K . -19.23 -59.27 1.78
C310 POV K . -18.89 -63.94 2.79
C11 POV K . -30.53 -68.88 -7.35
O11 POV K . -28.02 -66.96 -5.25
C211 POV K . -18.56 -59.39 3.11
C311 POV K . -17.56 -63.86 2.06
C12 POV K . -30.00 -70.28 -7.48
O12 POV K . -29.85 -68.11 -6.33
C212 POV K . -18.58 -58.06 3.84
C312 POV K . -16.79 -62.59 2.32
C13 POV K . -32.21 -71.30 -8.10
O13 POV K . -27.52 -68.37 -7.27
C213 POV K . -17.32 -57.74 4.64
C313 POV K . -16.43 -62.39 3.77
C14 POV K . -30.59 -70.77 -9.84
O14 POV K . -28.20 -69.47 -5.06
C214 POV K . -17.22 -56.28 5.07
C314 POV K . -15.31 -61.39 4.00
C15 POV K . -30.16 -72.59 -8.26
C215 POV K . -15.88 -55.63 4.78
C315 POV K . -14.75 -61.40 5.40
C216 POV K . -15.94 -54.11 4.70
C316 POV K . -14.62 -60.03 5.97
C217 POV K . -16.08 -53.42 6.04
C218 POV K . -14.80 -53.39 6.81
C21 POV K . -25.98 -64.90 -2.58
O21 POV K . -26.05 -66.23 -2.36
C22 POV K . -25.59 -64.15 -1.34
O22 POV K . -26.23 -64.39 -3.64
C23 POV K . -24.10 -63.93 -1.25
C24 POV K . -23.66 -63.18 -0.02
C25 POV K . -24.20 -61.77 0.06
C26 POV K . -23.15 -60.72 0.35
C27 POV K . -22.81 -60.53 1.82
C28 POV K . -21.33 -60.64 2.19
C29 POV K . -20.42 -59.73 1.41
C31 POV K . -23.91 -69.61 -2.85
O31 POV K . -24.79 -68.67 -2.48
C32 POV K . -22.73 -69.69 -1.92
O32 POV K . -24.03 -70.31 -3.83
C33 POV K . -21.61 -68.73 -2.26
C34 POV K . -21.62 -67.47 -1.41
C35 POV K . -20.63 -67.49 -0.25
C36 POV K . -19.46 -66.56 -0.44
C37 POV K . -19.81 -65.07 -0.37
C38 POV K . -20.51 -64.60 0.91
C39 POV K . -19.85 -64.98 2.25
N POV L . -11.98 -78.96 -11.10
P POV L . -13.62 -76.13 -7.85
C1 POV L . -11.01 -75.87 -8.42
C2 POV L . -10.17 -74.87 -7.67
C3 POV L . -8.81 -74.74 -8.31
C210 POV L . -11.62 -66.88 -1.13
C310 POV L . -2.47 -67.15 -1.56
C11 POV L . -13.87 -78.16 -9.55
O11 POV L . -12.06 -76.37 -7.57
C211 POV L . -12.75 -67.39 -0.28
C311 POV L . -3.32 -67.36 -0.31
C12 POV L . -12.54 -78.87 -9.69
O12 POV L . -14.02 -77.63 -8.20
C212 POV L . -14.11 -66.95 -0.81
C312 POV L . -4.36 -68.47 -0.38
C13 POV L . -13.06 -79.27 -12.09
O13 POV L . -14.27 -75.73 -6.58
C213 POV L . -15.22 -67.96 -0.60
C313 POV L . -5.80 -67.99 -0.33
C14 POV L . -11.33 -77.67 -11.49
O14 POV L . -13.79 -75.27 -9.04
C214 POV L . -15.08 -69.22 -1.47
C314 POV L . -6.16 -67.31 0.99
C15 POV L . -10.96 -80.05 -11.16
C215 POV L . -16.18 -70.22 -1.23
C315 POV L . -7.61 -67.48 1.41
C216 POV L . -16.38 -71.17 -2.39
C316 POV L . -8.58 -66.76 0.52
C217 POV L . -17.54 -72.13 -2.17
C218 POV L . -17.15 -73.57 -2.39
C21 POV L . -10.81 -74.91 -5.30
O21 POV L . -10.04 -75.38 -6.30
C22 POV L . -10.61 -73.46 -4.98
O22 POV L . -11.61 -75.60 -4.72
C23 POV L . -9.16 -72.99 -5.10
C24 POV L . -8.69 -72.04 -4.02
C25 POV L . -8.95 -70.58 -4.35
C26 POV L . -8.56 -69.60 -3.26
C27 POV L . -9.46 -69.63 -2.04
C28 POV L . -10.84 -69.02 -2.26
C29 POV L . -10.86 -67.56 -1.97
C31 POV L . -7.13 -73.05 -8.51
O31 POV L . -8.24 -73.47 -7.92
C32 POV L . -6.71 -71.73 -7.94
O32 POV L . -6.56 -73.65 -9.38
C33 POV L . -5.22 -71.58 -7.73
C34 POV L . -4.89 -70.71 -6.52
C35 POV L . -5.65 -69.39 -6.49
C36 POV L . -5.03 -68.31 -5.58
C37 POV L . -4.70 -68.74 -4.16
C38 POV L . -3.30 -68.32 -3.68
C39 POV L . -3.26 -67.03 -2.86
N POV M . -3.05 -74.47 -15.44
P POV M . -2.75 -74.12 -10.85
C1 POV M . -0.98 -72.48 -11.91
C2 POV M . 0.17 -71.78 -11.24
C210 POV M . 1.32 -63.79 -6.03
C11 POV M . -3.26 -75.50 -13.04
O11 POV M . -2.05 -72.70 -10.96
C211 POV M . 1.93 -62.42 -6.04
C12 POV M . -2.49 -75.38 -14.34
O12 POV M . -3.30 -74.23 -12.35
C212 POV M . 2.75 -62.12 -4.79
C13 POV M . -2.57 -75.00 -16.75
O13 POV M . -1.75 -75.16 -10.57
C213 POV M . 2.49 -60.74 -4.21
C14 POV M . -4.55 -74.40 -15.47
O14 POV M . -3.93 -73.98 -9.94
C214 POV M . 2.76 -59.58 -5.16
C15 POV M . -2.52 -73.08 -15.25
C215 POV M . 4.15 -59.55 -5.75
C216 POV M . 4.49 -58.27 -6.49
C217 POV M . 4.36 -58.34 -8.01
C218 POV M . 3.06 -58.91 -8.49
C21 POV M . -0.48 -69.52 -10.51
O21 POV M . 0.01 -70.34 -11.48
C22 POV M . -0.84 -70.24 -9.23
O22 POV M . -0.62 -68.35 -10.67
C23 POV M . -1.57 -69.36 -8.23
C24 POV M . -0.70 -68.79 -7.13
C25 POV M . 0.16 -67.60 -7.58
C26 POV M . -0.57 -66.27 -7.63
C27 POV M . -1.18 -65.78 -6.31
C28 POV M . -0.20 -65.59 -5.15
C29 POV M . 0.44 -64.24 -5.17
N POV N . -8.99 -71.04 -22.20
P POV N . -5.43 -68.65 -20.94
C1 POV N . -2.95 -68.86 -21.78
C2 POV N . -2.26 -68.86 -20.43
C3 POV N . -1.29 -67.72 -20.23
C210 POV N . 0.83 -64.11 -12.36
C310 POV N . 1.24 -59.82 -13.42
C11 POV N . -7.94 -68.71 -21.65
O11 POV N . -4.16 -68.08 -21.72
C211 POV N . 0.11 -63.63 -11.14
C311 POV N . 2.02 -58.55 -13.67
C12 POV N . -8.08 -69.87 -22.61
O12 POV N . -6.63 -68.12 -21.85
C212 POV N . 0.22 -62.11 -11.01
C312 POV N . 2.37 -57.82 -12.41
C13 POV N . -9.93 -70.77 -21.06
O13 POV N . -5.41 -70.13 -20.95
C213 POV N . -0.60 -61.54 -9.88
C313 POV N . 3.46 -56.79 -12.60
C14 POV N . -9.81 -71.44 -23.39
O14 POV N . -5.52 -67.94 -19.64
C214 POV N . 0.21 -60.78 -8.86
C314 POV N . 3.37 -55.65 -11.62
C15 POV N . -8.12 -72.20 -21.82
C215 POV N . -0.60 -60.13 -7.75
C315 POV N . 2.40 -54.58 -12.05
C216 POV N . -1.39 -61.09 -6.89
C316 POV N . 3.00 -53.66 -13.08
C217 POV N . -2.83 -60.71 -6.70
C218 POV N . -3.62 -60.81 -7.96
C21 POV N . -2.12 -71.20 -19.62
O21 POV N . -1.56 -70.15 -20.28
C22 POV N . -2.82 -70.85 -18.33
O22 POV N . -2.07 -72.33 -20.04
C23 POV N . -1.90 -70.15 -17.34
C24 POV N . -2.63 -69.24 -16.35
C25 POV N . -1.70 -68.59 -15.33
C26 POV N . -2.29 -67.37 -14.62
C27 POV N . -1.36 -66.17 -14.53
C28 POV N . -0.78 -65.93 -13.14
C29 POV N . 0.46 -65.07 -13.19
C31 POV N . -2.87 -65.98 -19.87
O31 POV N . -2.00 -66.84 -19.34
C32 POV N . -3.61 -65.24 -18.80
O32 POV N . -3.01 -65.80 -21.05
C33 POV N . -3.46 -63.74 -18.87
C34 POV N . -2.22 -63.24 -18.18
C35 POV N . -2.47 -61.95 -17.46
C36 POV N . -1.31 -61.46 -16.66
C37 POV N . -1.58 -60.15 -15.98
C38 POV N . -0.95 -60.03 -14.62
C39 POV N . 0.53 -60.32 -14.65
C210 POV O . -43.95 -40.84 -10.83
C211 POV O . -42.51 -40.61 -10.40
C212 POV O . -41.57 -40.31 -11.56
C213 POV O . -40.29 -39.58 -11.17
C214 POV O . -40.51 -38.20 -10.56
C215 POV O . -39.24 -37.41 -10.35
C216 POV O . -39.44 -36.32 -9.31
C22 POV O . -48.56 -47.78 -13.87
C23 POV O . -48.21 -46.67 -12.88
C24 POV O . -46.72 -46.60 -12.59
C25 POV O . -46.33 -45.66 -11.46
C26 POV O . -46.76 -44.21 -11.65
C27 POV O . -46.42 -43.31 -10.47
C28 POV O . -44.93 -43.12 -10.22
C29 POV O . -44.23 -42.27 -11.27
N1 M05 P . -9.97 -38.19 1.69
C8 M05 P . -9.95 -39.39 0.84
C4 M05 P . -6.32 -38.93 -0.43
C5 M05 P . -7.43 -39.14 0.61
N6 M05 P . -7.09 -40.40 1.36
C2 M05 P . -8.76 -38.09 2.51
C9 M05 P . -4.88 -39.00 0.01
C10 M05 P . -4.31 -37.98 0.75
C11 M05 P . -2.99 -38.02 1.14
C12 M05 P . -2.22 -39.10 0.79
CL1 M05 P . -0.55 -39.15 1.26
C14 M05 P . -2.76 -40.14 0.06
C15 M05 P . -4.09 -40.09 -0.32
C16 M05 P . -11.19 -37.73 2.14
N17 M05 P . -12.24 -38.50 1.84
C18 M05 P . -13.45 -38.03 2.21
N19 M05 P . -13.75 -36.90 2.86
C20 M05 P . -12.66 -36.16 3.14
N21 M05 P . -12.66 -34.97 3.81
C22 M05 P . -11.37 -34.54 3.92
C23 M05 P . -10.53 -35.44 3.33
C3 M05 P . -8.76 -39.33 -0.11
C17 M05 P . -7.54 -37.99 1.60
C24 M05 P . -11.33 -36.49 2.82
N POV Q . 9.57 -40.36 -2.44
P POV Q . 6.55 -37.30 -3.92
C1 POV Q . 5.69 -39.77 -4.46
C2 POV Q . 5.74 -39.98 -5.95
C3 POV Q . 4.68 -40.87 -6.49
C210 POV Q . 4.10 -48.12 -11.87
C310 POV Q . -2.04 -45.07 -13.38
C11 POV Q . 9.04 -37.92 -3.28
O11 POV Q . 6.76 -38.87 -4.15
C211 POV Q . 5.21 -48.87 -11.19
C311 POV Q . -3.44 -44.61 -13.74
C12 POV Q . 8.90 -38.99 -2.21
O12 POV Q . 7.91 -37.01 -3.15
C212 POV Q . 6.06 -49.70 -12.15
C312 POV Q . -3.61 -44.24 -15.19
C13 POV Q . 10.49 -40.62 -1.29
O13 POV Q . 6.58 -36.59 -5.22
C213 POV Q . 5.38 -50.99 -12.61
C313 POV Q . -3.28 -45.37 -16.16
C14 POV Q . 10.36 -40.49 -3.71
O14 POV Q . 5.42 -37.10 -3.00
C214 POV Q . 6.15 -51.77 -13.67
C314 POV Q . -3.48 -44.99 -17.60
C15 POV Q . 8.51 -41.42 -2.44
C215 POV Q . 7.46 -52.41 -13.16
C315 POV Q . -2.29 -45.30 -18.49
C216 POV Q . 7.45 -53.94 -12.99
C316 POV Q . -1.95 -46.77 -18.54
C217 POV Q . 6.95 -54.74 -14.20
C218 POV Q . 7.40 -56.20 -14.17
C21 POV Q . 7.94 -40.02 -6.87
O21 POV Q . 6.93 -40.71 -6.36
C22 POV Q . 8.85 -40.92 -7.64
O22 POV Q . 8.11 -38.84 -6.71
C23 POV Q . 8.15 -41.38 -8.91
C24 POV Q . 7.37 -42.69 -8.77
C25 POV Q . 6.32 -42.94 -9.85
C26 POV Q . 6.48 -44.25 -10.63
C27 POV Q . 5.14 -44.88 -11.04
C28 POV Q . 5.26 -45.88 -12.19
C29 POV Q . 4.12 -46.85 -12.25
C31 POV Q . 3.02 -42.49 -5.76
O31 POV Q . 3.99 -41.61 -5.46
C32 POV Q . 2.66 -42.56 -7.22
O32 POV Q . 2.48 -43.16 -4.93
C33 POV Q . 1.48 -43.48 -7.52
C34 POV Q . 1.84 -44.93 -7.69
C35 POV Q . 1.33 -45.55 -8.98
C36 POV Q . -0.14 -45.34 -9.22
C37 POV Q . -0.76 -46.31 -10.20
C38 POV Q . -1.96 -45.74 -10.92
C39 POV Q . -1.59 -44.73 -11.98
C13 DU0 R . -3.95 -51.23 -15.33
C15 DU0 R . -5.41 -53.76 -17.14
C17 DU0 R . -4.18 -59.15 -21.39
C20 DU0 R . -3.61 -61.41 -23.11
C21 DU0 R . -3.52 -62.69 -23.91
C22 DU0 R . -3.17 -62.42 -25.37
C24 DU0 R . -2.77 -63.73 -27.41
C26 DU0 R . -3.74 -64.26 -29.80
C01 DU0 R . -6.33 -57.02 -20.61
C02 DU0 R . -4.91 -56.67 -21.09
C03 DU0 R . -3.90 -57.79 -20.74
C04 DU0 R . -3.71 -57.64 -19.23
C05 DU0 R . -3.51 -56.13 -19.12
C06 DU0 R . -4.28 -55.48 -20.30
C07 DU0 R . -5.14 -54.39 -19.63
C08 DU0 R . -5.26 -53.10 -20.43
C09 DU0 R . -4.50 -54.24 -18.25
C11 DU0 R . -3.05 -52.63 -17.20
C12 DU0 R . -4.11 -51.64 -16.79
C14 DU0 R . -5.48 -52.24 -17.06
C18 DU0 R . -3.11 -60.16 -20.99
C19 DU0 R . -2.97 -61.30 -21.95
C25 DU0 R . -3.86 -64.35 -28.27
C27 DU0 R . -3.59 -62.83 -30.27
C51 DU0 R . -2.60 -65.13 -30.32
C75 DU0 R . -4.09 -61.40 -25.97
C76 DU0 R . -4.07 -60.10 -25.16
C77 DU0 R . -4.47 -60.30 -23.69
C78 DU0 R . -5.94 -60.73 -23.61
C79 DU0 R . -4.22 -58.97 -22.92
C80 DU0 R . -5.15 -57.83 -23.34
C81 DU0 R . -4.88 -56.51 -22.62
O10 DU0 R . -3.40 -53.35 -18.40
O16 DU0 R . -4.04 -55.54 -17.93
O23 DU0 R . -3.28 -63.68 -26.07
O28 DU0 R . -4.25 -62.63 -31.51
O52 DU0 R . -2.83 -66.50 -30.06
N POV S . -49.86 -33.68 -43.18
P POV S . -49.11 -28.63 -42.25
C1 POV S . -48.43 -27.25 -40.11
C2 POV S . -49.54 -26.25 -39.97
C3 POV S . -50.65 -26.81 -39.13
C210 POV S . -48.06 -16.82 -36.06
C310 POV S . -47.65 -19.33 -31.29
C11 POV S . -49.54 -31.13 -42.94
O11 POV S . -48.97 -28.45 -40.67
C211 POV S . -46.71 -16.14 -36.14
C311 POV S . -46.73 -18.36 -30.55
C12 POV S . -49.01 -32.52 -42.69
O12 POV S . -48.70 -30.16 -42.27
C212 POV S . -45.91 -16.18 -37.47
C312 POV S . -45.70 -17.67 -31.43
C13 POV S . -51.22 -33.64 -42.55
O13 POV S . -50.53 -28.46 -42.66
C213 POV S . -46.16 -14.99 -38.39
C313 POV S . -45.12 -16.40 -30.81
C14 POV S . -50.00 -33.64 -44.66
O14 POV S . -48.06 -27.83 -42.92
C214 POV S . -44.96 -14.06 -38.70
C314 POV S . -43.61 -16.34 -30.84
C15 POV S . -49.20 -34.96 -42.79
C215 POV S . -44.00 -13.73 -37.57
C315 POV S . -43.05 -14.93 -30.73
C216 POV S . -44.62 -13.09 -36.33
C316 POV S . -41.54 -14.92 -30.67
C217 POV S . -43.62 -12.85 -35.20
C218 POV S . -43.24 -14.13 -34.47
C21 POV S . -49.46 -25.12 -42.20
O21 POV S . -50.10 -25.89 -41.28
C22 POV S . -48.23 -24.36 -41.71
O22 POV S . -49.83 -25.02 -43.34
C23 POV S . -48.44 -22.86 -41.59
C24 POV S . -49.33 -22.44 -40.43
C25 POV S . -48.69 -21.43 -39.49
C26 POV S . -49.65 -20.78 -38.52
C27 POV S . -49.00 -20.09 -37.34
C28 POV S . -48.16 -18.84 -37.65
C29 POV S . -48.67 -17.68 -36.84
C31 POV S . -51.94 -25.68 -37.48
O31 POV S . -50.77 -25.84 -38.07
C32 POV S . -51.85 -24.56 -36.48
O32 POV S . -52.91 -26.33 -37.71
C33 POV S . -50.42 -24.06 -36.28
C34 POV S . -50.32 -22.82 -35.42
C35 POV S . -50.77 -23.00 -34.00
C36 POV S . -49.64 -22.91 -33.00
C37 POV S . -49.05 -21.52 -32.86
C38 POV S . -47.59 -21.54 -32.51
C39 POV S . -46.94 -20.19 -32.32
N POV T . -45.63 -30.13 -45.12
P POV T . -42.92 -27.58 -43.43
C1 POV T . -44.73 -25.66 -43.62
C2 POV T . -44.63 -24.16 -43.47
C3 POV T . -44.67 -23.70 -42.03
C210 POV T . -40.39 -14.77 -42.46
C310 POV T . -38.91 -15.99 -35.77
C11 POV T . -43.44 -28.78 -45.75
O11 POV T . -43.47 -26.21 -44.04
C211 POV T . -39.21 -14.12 -41.83
C311 POV T . -38.66 -15.45 -34.37
C12 POV T . -44.10 -30.09 -45.30
O12 POV T . -42.47 -28.34 -44.76
C212 POV T . -38.32 -13.46 -42.88
C312 POV T . -38.05 -16.43 -33.38
C13 POV T . -45.90 -30.76 -43.79
O13 POV T . -41.72 -27.30 -42.60
C213 POV T . -36.98 -12.97 -42.37
C313 POV T . -36.64 -16.88 -33.74
C14 POV T . -46.35 -28.82 -45.17
O14 POV T . -44.05 -28.33 -42.83
C214 POV T . -36.03 -14.10 -41.97
C314 POV T . -35.82 -17.40 -32.57
C15 POV T . -46.21 -31.03 -46.18
C215 POV T . -34.69 -14.14 -42.69
C315 POV T . -35.42 -16.33 -31.56
C216 POV T . -33.49 -14.07 -41.77
C316 POV T . -36.21 -16.36 -30.27
C217 POV T . -33.29 -12.71 -41.14
C218 POV T . -32.41 -12.77 -39.94
C21 POV T . -45.75 -22.75 -45.14
O21 POV T . -45.82 -23.68 -44.17
C22 POV T . -44.94 -21.55 -44.75
O22 POV T . -46.28 -22.88 -46.21
C23 POV T . -45.03 -20.40 -45.75
C24 POV T . -45.13 -19.04 -45.11
C25 POV T . -43.92 -18.63 -44.28
C26 POV T . -43.95 -17.17 -43.91
C27 POV T . -42.69 -16.65 -43.25
C28 POV T . -42.85 -15.19 -42.81
C29 POV T . -41.65 -14.58 -42.15
C31 POV T . -44.15 -21.76 -40.75
O31 POV T . -43.82 -22.55 -41.78
C32 POV T . -43.20 -20.62 -40.57
O32 POV T . -45.13 -21.92 -40.07
C33 POV T . -43.68 -19.62 -39.53
C34 POV T . -42.94 -18.29 -39.54
C35 POV T . -41.47 -18.40 -39.21
C36 POV T . -40.99 -17.45 -38.12
C37 POV T . -40.80 -16.00 -38.58
C38 POV T . -39.45 -15.40 -38.22
C39 POV T . -39.32 -14.93 -36.78
CA CA U . -18.94 -32.45 -32.70
N POV V . -32.24 -61.49 -25.83
P POV V . -33.31 -58.70 -21.59
C1 POV V . -31.94 -57.30 -19.82
C2 POV V . -32.41 -57.88 -18.52
C3 POV V . -31.61 -59.08 -18.15
C210 POV V . -32.52 -52.33 -9.81
C310 POV V . -27.15 -52.76 -9.94
C11 POV V . -32.94 -60.20 -23.71
O11 POV V . -31.96 -58.34 -20.82
C211 POV V . -32.62 -50.83 -9.86
C311 POV V . -26.74 -51.50 -9.23
C12 POV V . -32.10 -60.26 -24.96
O12 POV V . -32.61 -59.01 -22.98
C212 POV V . -33.68 -50.16 -10.78
C312 POV V . -27.65 -50.30 -9.44
C13 POV V . -31.96 -62.74 -25.05
O13 POV V . -33.91 -59.93 -21.02
C213 POV V . -35.04 -49.91 -10.11
C313 POV V . -27.50 -49.22 -8.39
C14 POV V . -33.64 -61.59 -26.39
O14 POV V . -34.12 -57.48 -21.72
C214 POV V . -35.50 -48.44 -10.01
C314 POV V . -27.34 -47.82 -8.96
C15 POV V . -31.28 -61.40 -26.97
C215 POV V . -34.46 -47.38 -9.63
C315 POV V . -27.73 -46.72 -7.99
C216 POV V . -33.72 -47.62 -8.32
C316 POV V . -27.46 -45.34 -8.55
C217 POV V . -32.66 -46.57 -8.03
C218 POV V . -31.41 -46.72 -8.88
C21 POV V . -34.86 -57.39 -18.61
O21 POV V . -33.82 -58.27 -18.58
C22 POV V . -34.54 -55.94 -18.29
O22 POV V . -35.99 -57.73 -18.87
C23 POV V . -35.06 -55.48 -16.93
C24 POV V . -34.33 -56.07 -15.73
C25 POV V . -33.81 -55.00 -14.77
C26 POV V . -33.34 -55.57 -13.44
C27 POV V . -32.47 -54.62 -12.62
C28 POV V . -33.14 -53.35 -12.10
C29 POV V . -32.97 -53.29 -10.61
C31 POV V . -30.78 -59.65 -15.98
O31 POV V . -31.07 -58.71 -16.87
C32 POV V . -30.33 -59.02 -14.69
O32 POV V . -30.87 -60.83 -16.20
C33 POV V . -30.11 -57.52 -14.82
C34 POV V . -29.80 -56.83 -13.53
C35 POV V . -28.52 -57.28 -12.85
C36 POV V . -27.50 -56.18 -12.74
C37 POV V . -27.88 -55.06 -11.80
C38 POV V . -27.37 -53.72 -12.28
C39 POV V . -27.65 -52.55 -11.35
N POV W . -34.94 -56.29 -25.33
P POV W . -33.98 -52.61 -23.81
C1 POV W . -35.20 -53.37 -21.59
C2 POV W . -35.71 -52.64 -20.38
C3 POV W . -34.63 -52.45 -19.32
C210 POV W . -37.99 -44.77 -14.02
C310 POV W . -31.21 -43.65 -12.73
C11 POV W . -35.66 -53.75 -25.54
O11 POV W . -35.15 -52.48 -22.73
C211 POV W . -37.51 -43.40 -13.68
C311 POV W . -30.13 -43.17 -11.77
C12 POV W . -34.79 -54.91 -26.02
O12 POV W . -34.83 -52.63 -25.16
C212 POV W . -38.59 -42.36 -13.96
C312 POV W . -28.75 -42.98 -12.38
C13 POV W . -33.56 -56.82 -25.10
O13 POV W . -33.15 -51.38 -23.77
C213 POV W . -38.13 -40.91 -13.88
C313 POV W . -28.69 -41.88 -13.45
C14 POV W . -35.66 -56.31 -24.02
O14 POV W . -33.32 -53.93 -23.64
C214 POV W . -37.17 -40.51 -15.01
C314 POV W . -27.31 -41.29 -13.66
C15 POV W . -35.64 -57.22 -26.28
C215 POV W . -37.63 -39.34 -15.88
C315 POV W . -26.79 -40.44 -12.51
C216 POV W . -36.65 -38.21 -15.93
C316 POV W . -25.74 -41.12 -11.65
C217 POV W . -36.59 -37.40 -14.66
C218 POV W . -35.35 -36.57 -14.56
C21 POV W . -37.97 -53.11 -19.54
O21 POV W . -36.74 -53.55 -19.86
C22 POV W . -37.95 -51.87 -18.68
O22 POV W . -38.98 -53.65 -19.91
C23 POV W . -39.33 -51.52 -18.13
C24 POV W . -39.30 -50.99 -16.71
C25 POV W . -38.58 -49.68 -16.53
C26 POV W . -38.80 -49.08 -15.16
C27 POV W . -38.24 -47.70 -14.96
C28 POV W . -38.48 -47.19 -13.53
C29 POV W . -37.96 -45.83 -13.23
C31 POV W . -34.21 -51.10 -17.40
O31 POV W . -34.75 -51.18 -18.63
C32 POV W . -34.35 -49.74 -16.81
O32 POV W . -33.70 -52.03 -16.85
C33 POV W . -33.80 -49.68 -15.38
C34 POV W . -34.26 -48.47 -14.58
C35 POV W . -33.77 -47.14 -15.12
C36 POV W . -33.07 -46.26 -14.08
C37 POV W . -34.01 -45.51 -13.15
C38 POV W . -33.74 -44.01 -13.06
C39 POV W . -32.60 -43.62 -12.12
N POV X . 8.32 -26.80 -15.92
P POV X . 12.11 -26.78 -19.10
C1 POV X . 12.14 -26.90 -21.75
C2 POV X . 11.70 -28.03 -22.62
C3 POV X . 11.90 -27.79 -24.11
C210 POV X . 3.63 -35.13 -28.13
C310 POV X . 4.07 -32.14 -32.63
C11 POV X . 10.32 -27.65 -17.38
O11 POV X . 12.52 -27.47 -20.48
C211 POV X . 2.72 -35.48 -27.00
C311 POV X . 2.91 -32.05 -33.58
C12 POV X . 8.87 -27.22 -17.29
O12 POV X . 10.75 -27.56 -18.77
C212 POV X . 1.52 -36.29 -27.47
C312 POV X . 2.66 -33.34 -34.31
C13 POV X . 7.48 -27.91 -15.38
O13 POV X . 11.87 -25.34 -19.30
C213 POV X . 0.87 -37.13 -26.40
C313 POV X . 1.25 -33.84 -34.26
C14 POV X . 9.35 -26.44 -14.89
O14 POV X . 13.08 -27.21 -18.05
C214 POV X . -0.29 -37.95 -26.92
C314 POV X . 0.90 -34.77 -35.39
C15 POV X . 7.45 -25.61 -16.14
C215 POV X . -0.99 -38.74 -25.83
C315 POV X . 1.79 -35.96 -35.47
C216 POV X . -2.45 -39.06 -26.13
C316 POV X . 1.28 -36.97 -36.41
C217 POV X . -2.68 -40.35 -26.86
C218 POV X . -2.04 -40.38 -28.20
C21 POV X . 9.80 -29.41 -21.86
O21 POV X . 10.27 -28.23 -22.33
C22 POV X . 10.25 -30.59 -22.67
O22 POV X . 9.13 -29.50 -20.88
C23 POV X . 9.08 -31.53 -23.00
C24 POV X . 8.47 -31.27 -24.37
C25 POV X . 7.61 -32.41 -24.86
C26 POV X . 6.77 -32.07 -26.07
C27 POV X . 6.13 -33.29 -26.69
C28 POV X . 4.72 -33.05 -27.22
C29 POV X . 4.40 -34.08 -28.26
C31 POV X . 10.69 -26.34 -25.71
O31 POV X . 11.30 -26.54 -24.51
C32 POV X . 10.30 -27.56 -26.48
O32 POV X . 10.49 -25.24 -26.15
C33 POV X . 9.41 -27.24 -27.67
C34 POV X . 8.99 -28.48 -28.39
C35 POV X . 7.61 -28.41 -29.00
C36 POV X . 7.23 -29.70 -29.66
C37 POV X . 5.81 -29.75 -30.18
C38 POV X . 5.60 -30.93 -31.09
C39 POV X . 4.33 -30.87 -31.87
N POV Y . -10.59 -56.02 -37.86
P POV Y . -6.83 -57.70 -35.11
C1 POV Y . -7.13 -55.14 -34.65
C2 POV Y . -5.90 -54.53 -34.03
C3 POV Y . -5.14 -53.63 -34.98
C210 POV Y . -1.71 -47.79 -26.59
C310 POV Y . -4.90 -44.39 -27.98
C11 POV Y . -9.27 -57.26 -36.02
O11 POV Y . -7.27 -56.48 -34.18
C211 POV Y . -2.29 -47.20 -25.36
C311 POV Y . -4.99 -43.12 -27.20
C12 POV Y . -10.03 -57.33 -37.32
O12 POV Y . -7.86 -57.42 -36.30
C212 POV Y . -1.66 -45.83 -25.13
C312 POV Y . -5.65 -43.27 -25.84
C13 POV Y . -9.50 -54.99 -37.97
O13 POV Y . -5.45 -57.50 -35.60
C213 POV Y . -0.31 -45.87 -24.42
C313 POV Y . -4.77 -43.93 -24.80
C14 POV Y . -11.15 -56.28 -39.21
O14 POV Y . -7.21 -58.96 -34.44
C214 POV Y . -0.19 -44.87 -23.27
C314 POV Y . -5.35 -43.94 -23.41
C15 POV Y . -11.68 -55.50 -36.97
C215 POV Y . 0.10 -43.44 -23.70
C315 POV Y . -4.42 -44.50 -22.35
C216 POV Y . 1.56 -43.04 -23.60
C316 POV Y . -5.18 -45.12 -21.20
C217 POV Y . 1.81 -41.55 -23.69
C218 POV Y . 3.21 -41.18 -23.21
C21 POV Y . -4.07 -55.63 -32.70
O21 POV Y . -5.04 -55.67 -33.67
C22 POV Y . -4.02 -54.34 -31.93
O22 POV Y . -3.33 -56.55 -32.48
C23 POV Y . -2.85 -54.30 -30.94
C24 POV Y . -3.09 -53.35 -29.78
C25 POV Y . -3.51 -51.98 -30.21
C26 POV Y . -2.99 -50.84 -29.36
C27 POV Y . -3.25 -50.95 -27.87
C28 POV Y . -3.40 -49.59 -27.17
C29 POV Y . -2.25 -48.66 -27.41
C31 POV Y . -4.49 -51.35 -34.83
O31 POV Y . -5.44 -52.26 -34.63
C32 POV Y . -4.93 -49.98 -34.39
O32 POV Y . -3.40 -51.60 -35.27
C33 POV Y . -4.38 -49.72 -33.00
C34 POV Y . -5.21 -48.83 -32.12
C35 POV Y . -4.78 -47.38 -32.11
C36 POV Y . -5.22 -46.62 -30.89
C37 POV Y . -5.17 -45.12 -31.04
C38 POV Y . -6.19 -44.38 -30.20
C39 POV Y . -6.19 -44.72 -28.72
N POV Z . 4.48 -61.59 -50.27
P POV Z . 8.91 -60.56 -47.76
C1 POV Z . 8.69 -60.96 -45.13
C2 POV Z . 9.96 -60.44 -44.48
C3 POV Z . 9.98 -58.91 -44.35
C210 POV Z . 16.40 -54.27 -39.03
C310 POV Z . 12.78 -49.06 -36.58
C11 POV Z . 6.96 -61.14 -49.51
O11 POV Z . 8.36 -60.20 -46.32
C211 POV Z . 17.35 -53.12 -39.13
C311 POV Z . 13.42 -47.68 -36.62
C12 POV Z . 5.48 -61.20 -49.16
O12 POV Z . 7.54 -60.25 -48.51
C212 POV Z . 17.40 -52.32 -37.82
C312 POV Z . 14.56 -47.53 -35.64
C13 POV Z . 3.89 -62.91 -49.93
O13 POV Z . 9.94 -59.57 -48.17
C213 POV Z . 18.78 -51.93 -37.37
C313 POV Z . 15.13 -46.12 -35.58
C14 POV Z . 3.39 -60.56 -50.25
O14 POV Z . 9.22 -62.01 -47.84
C214 POV Z . 18.90 -50.51 -36.86
C314 POV Z . 15.85 -45.80 -34.29
C15 POV Z . 5.03 -61.67 -51.66
C215 POV Z . 20.35 -50.08 -36.67
C315 POV Z . 16.59 -44.48 -34.30
C216 POV Z . 20.55 -48.73 -36.00
C316 POV Z . 17.09 -44.06 -32.95
C217 POV Z . 19.96 -48.63 -34.61
C218 POV Z . 20.57 -47.51 -33.81
C21 POV Z . 12.39 -60.80 -44.94
O21 POV Z . 11.08 -60.87 -45.33
C22 POV Z . 12.60 -60.71 -43.44
O22 POV Z . 13.29 -60.81 -45.72
C23 POV Z . 14.06 -60.44 -43.08
C24 POV Z . 14.36 -58.95 -43.03
C25 POV Z . 15.81 -58.60 -43.38
C26 POV Z . 16.22 -57.14 -43.15
C27 POV Z . 15.94 -56.69 -41.73
C28 POV Z . 16.88 -55.65 -41.11
C29 POV Z . 16.35 -55.36 -39.74
C31 POV Z . 9.56 -57.41 -42.39
O31 POV Z . 9.26 -58.50 -43.15
C32 POV Z . 10.87 -56.71 -42.71
O32 POV Z . 8.83 -57.01 -41.53
C33 POV Z . 10.94 -55.27 -42.23
C34 POV Z . 11.04 -55.08 -40.73
C35 POV Z . 12.13 -54.10 -40.32
C36 POV Z . 11.78 -53.22 -39.14
C37 POV Z . 12.88 -52.24 -38.81
C38 POV Z . 12.54 -51.34 -37.64
C39 POV Z . 13.25 -50.01 -37.66
C1 CLR AA . 6.99 -36.51 -31.14
C2 CLR AA . 7.54 -35.09 -31.07
C3 CLR AA . 8.69 -34.91 -32.03
C4 CLR AA . 8.25 -35.23 -33.45
C5 CLR AA . 7.62 -36.60 -33.55
C6 CLR AA . 7.99 -37.45 -34.50
C7 CLR AA . 7.45 -38.83 -34.68
C8 CLR AA . 6.13 -39.04 -33.96
C9 CLR AA . 6.20 -38.44 -32.55
C10 CLR AA . 6.51 -36.91 -32.55
C11 CLR AA . 4.98 -38.80 -31.70
C12 CLR AA . 4.69 -40.30 -31.68
C13 CLR AA . 4.52 -40.89 -33.08
C14 CLR AA . 5.81 -40.54 -33.86
C15 CLR AA . 5.68 -41.38 -35.13
C16 CLR AA . 5.06 -42.69 -34.64
C17 CLR AA . 4.55 -42.43 -33.20
C18 CLR AA . 3.26 -40.31 -33.75
C19 CLR AA . 5.27 -36.08 -32.92
C20 CLR AA . 3.28 -43.24 -32.87
C21 CLR AA . 2.58 -42.80 -31.60
C22 CLR AA . 3.61 -44.74 -32.77
C23 CLR AA . 3.46 -45.56 -34.05
C24 CLR AA . 3.29 -47.04 -33.78
C25 CLR AA . 4.22 -47.67 -32.74
C26 CLR AA . 3.64 -47.69 -31.34
C27 CLR AA . 4.63 -49.05 -33.16
O1 CLR AA . 9.16 -33.56 -31.98
N POV BA . 9.75 -34.70 -11.16
P POV BA . 9.09 -38.57 -11.68
C1 POV BA . 7.75 -40.70 -12.57
C2 POV BA . 6.41 -40.06 -12.93
C3 POV BA . 5.28 -41.04 -13.17
C210 POV BA . 4.97 -35.46 -20.82
C310 POV BA . -2.01 -41.30 -21.13
C11 POV BA . 7.69 -36.31 -11.54
O11 POV BA . 8.30 -39.95 -11.47
C211 POV BA . 5.50 -36.63 -21.60
C311 POV BA . -2.24 -40.39 -22.31
C12 POV BA . 8.69 -35.32 -12.10
O12 POV BA . 7.87 -37.62 -12.13
C212 POV BA . 4.42 -37.61 -22.07
C312 POV BA . -3.68 -40.48 -22.82
C13 POV BA . 11.07 -35.33 -11.47
O13 POV BA . 9.62 -38.11 -10.37
C213 POV BA . 3.50 -37.01 -23.13
C313 POV BA . -4.52 -39.27 -22.45
C14 POV BA . 9.83 -33.24 -11.48
O14 POV BA . 10.00 -38.72 -12.83
C214 POV BA . 2.06 -37.53 -23.19
C314 POV BA . -6.01 -39.53 -22.51
C15 POV BA . 9.51 -34.83 -9.68
C215 POV BA . 1.31 -37.67 -21.86
C315 POV BA . -6.87 -38.36 -22.08
C216 POV BA . 1.42 -36.47 -20.95
C316 POV BA . -6.75 -37.16 -22.97
C217 POV BA . 1.12 -35.16 -21.63
C218 POV BA . 0.68 -34.10 -20.68
C21 POV BA . 6.98 -39.61 -15.25
O21 POV BA . 6.61 -39.14 -14.05
C22 POV BA . 7.40 -38.49 -16.16
O22 POV BA . 6.99 -40.78 -15.54
C23 POV BA . 7.79 -37.23 -15.40
C24 POV BA . 6.60 -36.31 -15.10
C25 POV BA . 6.88 -34.84 -15.42
C26 POV BA . 6.68 -34.42 -16.88
C27 POV BA . 7.03 -35.46 -17.93
C28 POV BA . 6.96 -34.96 -19.36
C29 POV BA . 5.56 -34.81 -19.84
C31 POV BA . 3.23 -41.49 -11.86
O31 POV BA . 4.37 -40.81 -12.05
C32 POV BA . 2.91 -42.56 -12.88
O32 POV BA . 2.49 -41.26 -10.93
C33 POV BA . 2.17 -42.06 -14.11
C34 POV BA . 1.79 -43.21 -15.03
C35 POV BA . 1.97 -42.92 -16.52
C36 POV BA . 0.70 -43.04 -17.33
C37 POV BA . 0.70 -42.23 -18.62
C38 POV BA . -0.70 -41.88 -19.07
C39 POV BA . -0.78 -40.99 -20.30
N POV CA . 16.90 -26.50 -17.68
P POV CA . 17.83 -29.90 -20.26
C1 POV CA . 16.36 -31.12 -22.08
C2 POV CA . 15.93 -32.52 -21.72
C3 POV CA . 16.86 -33.60 -22.23
C210 POV CA . 9.78 -40.00 -29.85
C310 POV CA . 14.01 -41.67 -27.17
C11 POV CA . 16.21 -28.95 -18.36
O11 POV CA . 16.42 -30.33 -20.87
C211 POV CA . 9.77 -41.33 -30.52
C311 POV CA . 14.85 -42.47 -28.16
C12 POV CA . 16.23 -27.47 -18.68
O12 POV CA . 17.46 -29.59 -18.73
C212 POV CA . 9.95 -41.34 -32.03
C312 POV CA . 14.11 -43.66 -28.77
C13 POV CA . 15.96 -25.36 -17.47
O13 POV CA . 18.29 -28.65 -20.91
C213 POV CA . 9.38 -42.61 -32.63
C313 POV CA . 13.39 -43.34 -30.09
C14 POV CA . 17.24 -27.08 -16.34
O14 POV CA . 18.71 -31.09 -20.27
C214 POV CA . 9.49 -42.75 -34.15
C314 POV CA . 13.74 -44.26 -31.26
C15 POV CA . 18.15 -25.98 -18.30
C215 POV CA . 10.90 -43.02 -34.65
C315 POV CA . 12.65 -45.23 -31.64
C216 POV CA . 10.95 -43.74 -36.00
C316 POV CA . 12.29 -46.20 -30.54
C217 POV CA . 10.20 -43.10 -37.16
C218 POV CA . 11.09 -42.34 -38.07
C21 POV CA . 14.48 -33.01 -23.64
O21 POV CA . 14.63 -32.92 -22.29
C22 POV CA . 13.24 -33.78 -24.00
O22 POV CA . 15.23 -32.51 -24.44
C23 POV CA . 13.51 -34.91 -25.00
C24 POV CA . 13.48 -34.44 -26.44
C25 POV CA . 13.50 -35.52 -27.51
C26 POV CA . 12.17 -36.25 -27.65
C27 POV CA . 12.04 -37.10 -28.91
C28 POV CA . 10.73 -37.89 -28.93
C29 POV CA . 10.78 -39.17 -29.70
C31 POV CA . 18.97 -34.78 -21.85
O31 POV CA . 18.14 -33.75 -21.54
C32 POV CA . 18.39 -35.78 -22.81
O32 POV CA . 20.08 -34.87 -21.41
C33 POV CA . 19.18 -37.03 -23.19
C34 POV CA . 18.50 -37.87 -24.31
C35 POV CA . 16.95 -37.82 -24.47
C36 POV CA . 16.20 -38.99 -23.85
C37 POV CA . 15.79 -40.04 -24.87
C38 POV CA . 14.50 -39.70 -25.60
C39 POV CA . 14.42 -40.21 -27.03
N POV DA . 17.11 -58.49 -48.80
P POV DA . 18.41 -54.90 -46.45
C1 POV DA . 19.87 -53.79 -44.55
C2 POV DA . 20.45 -52.51 -45.13
C3 POV DA . 21.34 -52.79 -46.33
C210 POV DA . 23.03 -42.48 -39.45
C310 POV DA . 25.88 -44.09 -42.92
C11 POV DA . 17.15 -57.24 -46.54
O11 POV DA . 18.58 -54.01 -45.14
C211 POV DA . 24.37 -41.85 -39.25
C311 POV DA . 25.38 -42.89 -43.71
C12 POV DA . 17.66 -57.35 -47.96
O12 POV DA . 17.82 -56.21 -45.76
C212 POV DA . 24.47 -41.27 -37.85
C312 POV DA . 25.20 -41.65 -42.87
C13 POV DA . 17.25 -59.82 -48.13
O13 POV DA . 17.39 -54.29 -47.33
C213 POV DA . 25.24 -39.95 -37.76
C313 POV DA . 26.49 -41.17 -42.23
C14 POV DA . 15.67 -58.24 -49.10
O14 POV DA . 19.73 -55.24 -47.01
C214 POV DA . 25.04 -39.23 -36.43
C314 POV DA . 26.44 -39.72 -41.78
C15 POV DA . 17.87 -58.52 -50.09
C215 POV DA . 24.70 -37.75 -36.55
C315 POV DA . 27.79 -39.16 -41.43
C216 POV DA . 24.01 -37.17 -35.33
C316 POV DA . 27.78 -38.42 -40.12
C217 POV DA . 24.93 -36.92 -34.15
C218 POV DA . 25.76 -35.68 -34.33
C21 POV DA . 20.44 -51.18 -43.15
O21 POV DA . 21.18 -51.79 -44.09
C22 POV DA . 21.30 -50.46 -42.16
O22 POV DA . 19.24 -51.22 -43.10
C23 POV DA . 21.50 -49.00 -42.56
C24 POV DA . 22.37 -48.23 -41.58
C25 POV DA . 21.79 -48.12 -40.18
C26 POV DA . 21.77 -46.70 -39.63
C27 POV DA . 23.07 -46.25 -38.99
C28 POV DA . 23.66 -44.93 -39.54
C29 POV DA . 22.71 -43.76 -39.50
C31 POV DA . 22.41 -51.32 -47.91
O31 POV DA . 22.24 -51.69 -46.63
C32 POV DA . 23.44 -50.24 -48.06
O32 POV DA . 21.81 -51.80 -48.84
C33 POV DA . 22.89 -48.84 -47.85
C34 POV DA . 23.15 -48.28 -46.47
C35 POV DA . 24.34 -47.33 -46.38
C36 POV DA . 23.95 -45.88 -46.19
C37 POV DA . 23.36 -45.57 -44.82
C38 POV DA . 24.24 -45.94 -43.62
C39 POV DA . 25.67 -45.44 -43.61
N POV EA . 20.40 -44.96 -63.81
P POV EA . 21.98 -45.05 -59.47
C1 POV EA . 21.70 -42.62 -60.57
C2 POV EA . 22.11 -41.40 -59.78
C3 POV EA . 21.67 -40.15 -60.52
C210 POV EA . 24.57 -38.97 -49.94
C310 POV EA . 25.52 -30.84 -54.05
C11 POV EA . 21.24 -46.24 -61.73
O11 POV EA . 22.54 -43.74 -60.19
C211 POV EA . 25.39 -40.15 -49.53
C311 POV EA . 26.58 -31.63 -53.30
C12 POV EA . 21.55 -45.35 -62.91
O12 POV EA . 22.22 -46.08 -60.68
C212 POV EA . 24.54 -41.22 -48.84
C312 POV EA . 26.84 -33.04 -53.83
C13 POV EA . 19.49 -46.12 -64.04
O13 POV EA . 22.88 -45.41 -58.36
C213 POV EA . 24.98 -42.64 -49.12
C313 POV EA . 26.55 -34.14 -52.82
C14 POV EA . 19.61 -43.85 -63.18
O14 POV EA . 20.52 -44.92 -59.21
C214 POV EA . 24.72 -43.10 -50.54
C314 POV EA . 27.42 -34.10 -51.58
C15 POV EA . 20.93 -44.48 -65.13
C215 POV EA . 25.19 -44.51 -50.83
C315 POV EA . 27.69 -35.45 -50.94
C216 POV EA . 24.51 -45.16 -52.01
C316 POV EA . 26.48 -36.09 -50.34
C217 POV EA . 24.93 -46.60 -52.21
C218 POV EA . 25.36 -46.87 -53.63
C21 POV EA . 24.18 -41.87 -58.54
O21 POV EA . 23.56 -41.44 -59.66
C22 POV EA . 23.85 -41.05 -57.32
O22 POV EA . 24.90 -42.82 -58.50
C23 POV EA . 23.81 -39.56 -57.57
C24 POV EA . 24.48 -38.70 -56.52
C25 POV EA . 23.55 -38.29 -55.39
C26 POV EA . 24.20 -37.46 -54.29
C27 POV EA . 25.19 -38.23 -53.43
C28 POV EA . 24.54 -39.23 -52.47
C29 POV EA . 24.21 -38.59 -51.16
C31 POV EA . 21.07 -37.91 -59.93
O31 POV EA . 21.60 -39.07 -59.56
C32 POV EA . 21.11 -36.94 -58.79
O32 POV EA . 20.61 -37.69 -61.03
C33 POV EA . 21.44 -35.51 -59.18
C34 POV EA . 22.20 -34.79 -58.08
C35 POV EA . 21.57 -34.92 -56.69
C36 POV EA . 22.01 -33.88 -55.67
C37 POV EA . 23.51 -33.67 -55.53
C38 POV EA . 23.97 -32.21 -55.57
C39 POV EA . 24.18 -31.55 -54.21
N POV FA . 15.88 -35.19 -65.62
P POV FA . 19.95 -34.52 -63.54
C1 POV FA . 18.58 -32.26 -63.39
C2 POV FA . 19.07 -30.89 -63.00
C210 POV FA . 20.68 -26.20 -54.76
C11 POV FA . 18.43 -35.68 -65.36
O11 POV FA . 19.37 -33.26 -62.73
C211 POV FA . 20.19 -25.08 -53.89
C12 POV FA . 17.32 -35.00 -66.12
O12 POV FA . 18.56 -35.14 -64.02
C212 POV FA . 21.30 -24.15 -53.43
C13 POV FA . 14.97 -35.04 -66.79
O13 POV FA . 20.75 -34.04 -64.68
C213 POV FA . 21.21 -23.77 -51.96
C14 POV FA . 15.62 -36.53 -64.99
O14 POV FA . 20.55 -35.45 -62.55
C214 POV FA . 19.91 -23.09 -51.55
C15 POV FA . 15.56 -34.11 -64.63
C215 POV FA . 19.58 -21.84 -52.35
C216 POV FA . 18.43 -21.04 -51.78
C217 POV FA . 17.08 -21.27 -52.44
C218 POV FA . 16.70 -22.72 -52.56
C21 POV FA . 18.71 -30.51 -60.59
O21 POV FA . 18.25 -30.45 -61.86
C22 POV FA . 20.12 -31.04 -60.50
O22 POV FA . 18.06 -30.17 -59.64
C23 POV FA . 20.58 -31.30 -59.07
C24 POV FA . 21.44 -30.19 -58.48
C25 POV FA . 20.66 -28.96 -58.05
C26 POV FA . 19.98 -29.05 -56.69
C27 POV FA . 20.90 -29.31 -55.49
C28 POV FA . 22.00 -28.28 -55.25
C29 POV FA . 21.53 -27.13 -54.41
N POV GA . 7.56 -39.53 -63.38
P POV GA . 8.25 -35.21 -62.34
C1 POV GA . 7.88 -33.09 -63.87
C2 POV GA . 9.21 -32.41 -63.61
C3 POV GA . 9.08 -31.02 -63.01
C210 POV GA . 15.01 -27.12 -57.58
C310 POV GA . 12.38 -24.98 -54.64
C11 POV GA . 7.29 -37.55 -61.68
O11 POV GA . 7.48 -33.86 -62.73
C211 POV GA . 15.84 -27.49 -56.39
C311 POV GA . 11.74 -23.78 -54.02
C12 POV GA . 6.87 -38.22 -62.98
O12 POV GA . 7.05 -36.13 -61.82
C212 POV GA . 15.39 -26.73 -55.15
C312 POV GA . 12.64 -23.06 -53.05
C13 POV GA . 8.34 -40.19 -62.29
O13 POV GA . 8.83 -35.81 -63.56
C213 POV GA . 16.05 -27.20 -53.88
C313 POV GA . 12.19 -21.66 -52.74
C14 POV GA . 6.51 -40.48 -63.86
O14 POV GA . 9.12 -34.93 -61.19
C214 POV GA . 16.74 -26.09 -53.12
C314 POV GA . 12.61 -21.20 -51.36
C15 POV GA . 8.49 -39.24 -64.52
C215 POV GA . 17.35 -26.52 -51.79
C315 POV GA . 11.66 -21.64 -50.28
C216 POV GA . 18.41 -27.61 -51.89
C316 POV GA . 10.44 -20.78 -50.22
C217 POV GA . 18.24 -28.74 -50.90
C218 POV GA . 16.99 -29.53 -51.15
C21 POV GA . 10.93 -33.23 -65.20
O21 POV GA . 9.96 -32.33 -64.87
C22 POV GA . 11.85 -33.61 -64.06
O22 POV GA . 11.06 -33.68 -66.30
C23 POV GA . 12.57 -32.42 -63.43
C24 POV GA . 13.04 -32.66 -62.00
C25 POV GA . 13.86 -31.49 -61.44
C26 POV GA . 13.95 -31.46 -59.92
C27 POV GA . 13.65 -30.10 -59.28
C28 POV GA . 14.88 -29.38 -58.75
C29 POV GA . 14.61 -27.91 -58.56
C31 POV GA . 8.53 -31.66 -60.77
O31 POV GA . 9.46 -31.21 -61.63
C32 POV GA . 9.14 -31.94 -59.44
O32 POV GA . 7.37 -31.80 -61.06
C33 POV GA . 8.47 -31.16 -58.33
C34 POV GA . 9.04 -29.79 -58.10
C35 POV GA . 9.17 -29.48 -56.64
C36 POV GA . 9.83 -28.17 -56.37
C37 POV GA . 9.85 -27.85 -54.89
C38 POV GA . 11.10 -27.13 -54.45
C39 POV GA . 11.40 -25.90 -55.29
C210 POV HA . 0.67 -57.67 -19.96
C211 POV HA . 1.16 -56.25 -20.16
C212 POV HA . 0.13 -55.33 -20.83
C213 POV HA . 0.34 -53.85 -20.60
C214 POV HA . 0.28 -53.42 -19.14
C215 POV HA . 0.33 -51.93 -18.91
C216 POV HA . 0.79 -51.62 -17.51
C22 POV HA . 0.01 -64.91 -25.00
C23 POV HA . 0.53 -64.06 -23.83
C24 POV HA . 0.96 -62.68 -24.25
C25 POV HA . 1.67 -61.87 -23.17
C26 POV HA . 0.87 -61.67 -21.89
C27 POV HA . 1.63 -60.93 -20.80
C28 POV HA . 2.00 -59.50 -21.14
C29 POV HA . 0.82 -58.54 -21.19
N1 M05 IA . 15.68 -25.19 -26.19
C8 M05 IA . 15.36 -25.73 -27.52
C4 M05 IA . 14.60 -22.34 -29.19
C5 M05 IA . 15.46 -23.37 -28.46
N6 M05 IA . 16.67 -23.61 -29.31
C2 M05 IA . 16.57 -24.03 -26.26
C9 M05 IA . 15.24 -21.05 -29.62
C10 M05 IA . 15.48 -20.03 -28.70
C11 M05 IA . 16.04 -18.84 -29.08
C12 M05 IA . 16.36 -18.64 -30.41
CL1 M05 IA . 17.01 -17.10 -30.91
C14 M05 IA . 16.13 -19.61 -31.34
C15 M05 IA . 15.57 -20.81 -30.95
C16 M05 IA . 15.72 -26.07 -25.13
N17 M05 IA . 15.63 -27.37 -25.43
C18 M05 IA . 15.62 -28.23 -24.40
N19 M05 IA . 15.69 -27.96 -23.09
C20 M05 IA . 15.77 -26.66 -22.82
N21 M05 IA . 15.87 -26.09 -21.58
C22 M05 IA . 15.96 -24.74 -21.73
C23 M05 IA . 15.92 -24.40 -23.05
C3 M05 IA . 14.67 -24.67 -28.35
C17 M05 IA . 15.91 -22.93 -27.07
C24 M05 IA . 15.80 -25.62 -23.78
N POV JA . 15.64 -8.62 -37.49
P POV JA . 12.72 -10.22 -34.43
C1 POV JA . 13.08 -12.06 -36.33
C2 POV JA . 11.85 -12.12 -37.18
C3 POV JA . 11.51 -13.46 -37.72
C210 POV JA . 9.56 -17.34 -45.60
C310 POV JA . 6.06 -21.67 -41.37
C11 POV JA . 13.76 -8.15 -35.71
O11 POV JA . 13.22 -10.71 -35.87
C211 POV JA . 10.63 -16.62 -46.38
C311 POV JA . 5.34 -22.75 -40.58
C12 POV JA . 15.18 -8.58 -36.01
O12 POV JA . 13.37 -8.75 -34.45
C212 POV JA . 10.21 -16.26 -47.80
C312 POV JA . 3.86 -22.81 -40.84
C13 POV JA . 16.94 -7.90 -37.57
O13 POV JA . 11.24 -10.10 -34.42
C213 POV JA . 10.20 -17.44 -48.76
C313 POV JA . 3.49 -23.05 -42.29
C14 POV JA . 14.68 -8.00 -38.46
O14 POV JA . 13.40 -11.02 -33.40
C214 POV JA . 9.69 -17.12 -50.16
C314 POV JA . 2.00 -23.14 -42.53
C15 POV JA . 15.85 -10.04 -37.88
C215 POV JA . 10.61 -16.21 -50.98
C315 POV JA . 1.50 -22.25 -43.65
C216 POV JA . 11.38 -16.89 -52.13
C316 POV JA . 2.12 -22.57 -44.99
C217 POV JA . 10.55 -17.70 -53.11
C218 POV JA . 11.23 -17.92 -54.45
C21 POV JA . 11.40 -10.17 -38.52
O21 POV JA . 11.99 -11.36 -38.43
C22 POV JA . 11.21 -9.79 -39.94
O22 POV JA . 11.10 -9.50 -37.57
C23 POV JA . 10.13 -10.68 -40.55
C24 POV JA . 10.63 -11.93 -41.25
C25 POV JA . 9.57 -13.02 -41.46
C26 POV JA . 9.30 -13.44 -42.91
C27 POV JA . 9.15 -14.94 -43.10
C28 POV JA . 8.51 -15.35 -44.43
C29 POV JA . 8.70 -16.80 -44.75
C31 POV JA . 12.52 -15.65 -38.04
O31 POV JA . 12.62 -14.38 -37.59
C32 POV JA . 11.19 -16.02 -38.61
O32 POV JA . 13.44 -16.41 -37.98
C33 POV JA . 11.10 -17.49 -39.01
C34 POV JA . 11.68 -17.82 -40.36
C35 POV JA . 10.73 -18.62 -41.24
C36 POV JA . 10.20 -19.88 -40.60
C37 POV JA . 9.62 -20.89 -41.55
C38 POV JA . 8.56 -21.77 -40.91
C39 POV JA . 7.25 -21.05 -40.66
C13 DU0 KA . 6.51 -26.18 -46.42
C15 DU0 KA . 5.58 -28.67 -48.57
C17 DU0 KA . 4.21 -29.97 -55.29
C20 DU0 KA . 3.69 -30.47 -58.10
C21 DU0 KA . 3.51 -30.96 -59.52
C22 DU0 KA . 2.15 -30.61 -60.08
C24 DU0 KA . 0.88 -30.94 -62.16
C26 DU0 KA . -1.18 -32.18 -63.20
C01 DU0 KA . 3.72 -31.00 -52.39
C02 DU0 KA . 3.35 -29.58 -52.87
C03 DU0 KA . 4.27 -29.10 -54.02
C04 DU0 KA . 5.59 -28.80 -53.31
C05 DU0 KA . 5.09 -28.00 -52.11
C06 DU0 KA . 3.65 -28.48 -51.81
C07 DU0 KA . 3.66 -28.78 -50.30
C08 DU0 KA . 2.38 -28.37 -49.57
C09 DU0 KA . 4.94 -28.09 -49.82
C11 DU0 KA . 5.48 -26.04 -48.70
C12 DU0 KA . 5.30 -26.53 -47.28
C14 DU0 KA . 5.04 -28.02 -47.30
C18 DU0 KA . 5.13 -29.38 -56.36
C19 DU0 KA . 4.77 -29.78 -57.75
C25 DU0 KA . 0.22 -32.23 -62.57
C27 DU0 KA . -2.18 -31.46 -62.31
C51 DU0 KA . -1.15 -31.56 -64.58
C75 DU0 KA . 1.04 -31.07 -59.14
C76 DU0 KA . 1.24 -30.46 -57.76
C77 DU0 KA . 2.59 -30.82 -57.11
C78 DU0 KA . 2.64 -32.34 -56.85
C79 DU0 KA . 2.76 -30.00 -55.80
C80 DU0 KA . 1.78 -30.40 -54.70
C81 DU0 KA . 1.92 -29.57 -53.43
O10 DU0 KA . 4.63 -26.71 -49.63
O16 DU0 KA . 5.84 -28.25 -50.91
O23 DU0 KA . 2.01 -31.27 -61.35
O28 DU0 KA . -3.50 -31.91 -62.54
O52 DU0 KA . -0.39 -32.35 -65.48
N POV LA . -2.79 -56.59 -47.76
P POV LA . -0.31 -56.17 -43.21
C1 POV LA . 0.91 -54.24 -41.91
C2 POV LA . 2.27 -54.81 -41.65
C3 POV LA . 3.19 -54.56 -42.81
C210 POV LA . 7.88 -52.16 -33.40
C310 POV LA . 8.67 -47.46 -36.02
C11 POV LA . -1.53 -56.57 -45.52
O11 POV LA . 0.43 -54.76 -43.15
C211 POV LA . 7.17 -51.59 -32.20
C311 POV LA . 8.87 -46.51 -34.85
C12 POV LA . -2.51 -55.90 -46.45
O12 POV LA . -1.34 -55.74 -44.35
C212 POV LA . 5.94 -52.33 -31.63
C312 POV LA . 8.06 -46.85 -33.62
C13 POV LA . -1.51 -56.79 -48.54
O13 POV LA . 0.62 -57.22 -43.72
C213 POV LA . 6.26 -53.41 -30.60
C313 POV LA . 8.58 -46.22 -32.34
C14 POV LA . -3.43 -57.93 -47.54
O14 POV LA . -1.04 -56.38 -41.95
C214 POV LA . 5.68 -53.22 -29.18
C314 POV LA . 7.51 -45.50 -31.52
C15 POV LA . -3.72 -55.74 -48.58
C215 POV LA . 5.73 -51.81 -28.57
C315 POV LA . 7.88 -45.34 -30.05
C216 POV LA . 7.11 -51.17 -28.49
C316 POV LA . 6.85 -44.53 -29.30
C217 POV LA . 7.07 -49.75 -27.95
C218 POV LA . 6.56 -48.74 -28.94
C21 POV LA . 1.66 -56.84 -40.32
O21 POV LA . 2.21 -56.26 -41.43
C22 POV LA . 1.41 -55.93 -39.14
O22 POV LA . 1.38 -58.01 -40.26
C23 POV LA . 2.38 -56.15 -37.98
C24 POV LA . 3.79 -55.66 -38.22
C25 POV LA . 4.28 -54.66 -37.18
C26 POV LA . 5.78 -54.39 -37.25
C27 POV LA . 6.23 -53.14 -36.51
C28 POV LA . 6.13 -53.20 -34.98
C29 POV LA . 7.49 -52.97 -34.38
C31 POV LA . 5.49 -53.95 -42.71
O31 POV LA . 4.28 -53.85 -42.19
C32 POV LA . 6.47 -53.20 -41.86
O32 POV LA . 5.75 -54.54 -43.73
C33 POV LA . 5.80 -52.40 -40.76
C34 POV LA . 6.76 -51.78 -39.77
C35 POV LA . 7.70 -50.75 -40.35
C36 POV LA . 7.45 -49.36 -39.85
C37 POV LA . 7.80 -49.16 -38.39
C38 POV LA . 6.91 -48.15 -37.71
C39 POV LA . 7.23 -47.86 -36.26
N POV MA . -4.91 -56.77 -42.30
P POV MA . -4.84 -54.31 -39.04
C1 POV MA . -2.67 -55.60 -38.25
C2 POV MA . -1.93 -55.65 -36.94
C3 POV MA . -0.96 -54.51 -36.76
C210 POV MA . 0.20 -54.07 -26.95
C310 POV MA . 1.89 -47.43 -28.19
C11 POV MA . -6.23 -56.37 -40.04
O11 POV MA . -4.06 -55.29 -38.04
C211 POV MA . 0.00 -53.05 -25.88
C311 POV MA . 2.70 -46.20 -27.80
C12 POV MA . -6.06 -56.09 -41.52
O12 POV MA . -6.19 -55.14 -39.27
C212 POV MA . -0.83 -53.61 -24.73
C312 POV MA . 2.26 -44.90 -28.48
C13 POV MA . -4.30 -55.73 -43.18
O13 POV MA . -5.16 -53.05 -38.33
C213 POV MA . -1.28 -52.59 -23.71
C313 POV MA . 0.86 -44.43 -28.10
C14 POV MA . -3.82 -57.38 -41.47
O14 POV MA . -4.10 -54.25 -40.31
C214 POV MA . -2.32 -51.61 -24.24
C314 POV MA . 0.62 -42.95 -28.29
C15 POV MA . -5.49 -57.85 -43.17
C215 POV MA . -3.65 -51.55 -23.49
C315 POV MA . 1.37 -42.05 -27.31
C216 POV MA . -4.00 -50.18 -22.98
C316 POV MA . 2.56 -41.34 -27.92
C217 POV MA . -3.16 -49.73 -21.81
C218 POV MA . -3.22 -48.25 -21.61
C21 POV MA . -1.28 -57.85 -36.05
O21 POV MA . -1.21 -56.92 -37.02
C22 POV MA . -1.07 -57.29 -34.68
O22 POV MA . -1.50 -59.00 -36.27
C23 POV MA . -0.94 -58.36 -33.59
C24 POV MA . 0.13 -58.06 -32.57
C25 POV MA . -0.12 -56.82 -31.74
C26 POV MA . 0.82 -56.73 -30.56
C27 POV MA . 0.50 -55.62 -29.57
C28 POV MA . 1.56 -55.54 -28.48
C29 POV MA . 1.35 -54.47 -27.44
C31 POV MA . 0.27 -53.46 -35.02
O31 POV MA . -0.86 -54.05 -35.39
C32 POV MA . 0.23 -52.98 -33.60
O32 POV MA . 1.22 -53.32 -35.74
C33 POV MA . 1.58 -52.45 -33.13
C34 POV MA . 1.72 -52.31 -31.63
C35 POV MA . 0.77 -51.30 -31.01
C36 POV MA . 1.47 -50.26 -30.12
C37 POV MA . 1.83 -50.76 -28.74
C38 POV MA . 1.35 -49.88 -27.59
C39 POV MA . 2.21 -48.65 -27.33
N POV NA . -2.17 -4.68 -31.83
P POV NA . -4.48 -1.38 -34.72
C1 POV NA . -6.80 -1.50 -36.02
C2 POV NA . -7.20 -2.42 -37.13
C3 POV NA . -8.61 -2.20 -37.63
C210 POV NA . -10.45 -12.99 -42.01
C310 POV NA . -15.66 -11.52 -41.68
C11 POV NA . -2.85 -3.30 -33.95
O11 POV NA . -5.36 -1.37 -36.05
C211 POV NA . -9.41 -13.92 -41.43
C311 POV NA . -16.73 -12.57 -41.55
C12 POV NA . -3.16 -4.42 -32.99
O12 POV NA . -4.06 -2.93 -34.65
C212 POV NA . -9.67 -15.36 -41.85
C312 POV NA . -16.91 -13.37 -42.81
C13 POV NA . -1.37 -5.90 -32.15
O13 POV NA . -5.31 -1.01 -33.55
C213 POV NA . -8.47 -16.26 -41.77
C313 POV NA . -16.90 -14.86 -42.61
C14 POV NA . -1.22 -3.54 -31.52
O14 POV NA . -3.23 -0.65 -34.99
C214 POV NA . -8.75 -17.68 -42.19
C314 POV NA . -17.57 -15.62 -43.72
C15 POV NA . -2.99 -4.95 -30.61
C215 POV NA . -7.55 -18.59 -42.06
C315 POV NA . -17.00 -15.35 -45.07
C216 POV NA . -7.89 -20.05 -41.84
C316 POV NA . -17.54 -16.26 -46.09
C217 POV NA . -8.09 -20.86 -43.10
C218 POV NA . -9.20 -20.38 -43.95
C21 POV NA . -6.25 -4.69 -37.15
O21 POV NA . -7.07 -3.78 -36.59
C22 POV NA . -6.44 -4.82 -38.65
O22 POV NA . -5.42 -5.30 -36.54
C23 POV NA . -6.53 -6.29 -39.07
C24 POV NA . -7.95 -6.81 -39.18
C25 POV NA . -8.06 -8.08 -39.97
C26 POV NA . -9.40 -8.76 -39.88
C27 POV NA . -9.55 -9.88 -40.89
C28 POV NA . -10.32 -11.09 -40.36
C29 POV NA . -10.88 -11.86 -41.51
C31 POV NA . -10.81 -2.78 -36.64
O31 POV NA . -9.57 -2.25 -36.55
C32 POV NA . -11.08 -3.65 -37.83
O32 POV NA . -11.68 -2.54 -35.86
C33 POV NA . -12.41 -4.38 -37.72
C34 POV NA . -12.63 -5.32 -38.87
C35 POV NA . -13.38 -6.57 -38.52
C36 POV NA . -13.51 -7.49 -39.70
C37 POV NA . -14.17 -8.81 -39.40
C38 POV NA . -14.54 -9.55 -40.66
C39 POV NA . -15.46 -10.71 -40.44
N POV OA . -12.81 -35.21 -57.25
P POV OA . -9.11 -32.44 -58.93
C1 POV OA . -9.77 -31.56 -56.54
C2 POV OA . -9.26 -30.16 -56.30
C3 POV OA . -10.37 -29.13 -56.25
C210 POV OA . -4.66 -23.15 -49.38
C310 POV OA . -7.80 -24.63 -45.97
C11 POV OA . -10.43 -34.50 -57.94
O11 POV OA . -8.80 -32.24 -57.36
C211 POV OA . -3.89 -23.35 -48.14
C311 POV OA . -7.62 -24.12 -44.57
C12 POV OA . -11.66 -35.31 -58.24
O12 POV OA . -10.44 -33.31 -58.75
C212 POV OA . -4.17 -22.19 -47.19
C312 POV OA . -6.44 -24.72 -43.83
C13 POV OA . -13.15 -33.78 -56.93
O13 POV OA . -9.45 -31.13 -59.54
C213 POV OA . -3.30 -20.95 -47.44
C313 POV OA . -5.10 -24.16 -44.28
C14 POV OA . -14.00 -35.88 -57.85
O14 POV OA . -8.06 -33.28 -59.51
C214 POV OA . -2.66 -20.40 -46.18
C314 POV OA . -3.92 -24.63 -43.44
C15 POV OA . -12.45 -35.92 -55.97
C215 POV OA . -3.59 -19.56 -45.32
C315 POV OA . -2.60 -24.00 -43.83
C216 POV OA . -3.47 -18.06 -45.55
C316 POV OA . -1.44 -24.91 -43.54
C217 POV OA . -4.12 -17.20 -44.47
C218 POV OA . -3.65 -15.77 -44.54
C21 POV OA . -7.38 -28.91 -57.37
O21 POV OA . -8.36 -29.85 -57.42
C22 POV OA . -7.18 -28.27 -56.02
O22 POV OA . -6.71 -28.61 -58.32
C23 POV OA . -6.16 -27.15 -56.02
C24 POV OA . -5.50 -26.91 -54.67
C25 POV OA . -6.51 -26.74 -53.56
C26 POV OA . -6.14 -25.76 -52.48
C27 POV OA . -4.77 -25.95 -51.86
C28 POV OA . -4.70 -25.46 -50.40
C29 POV OA . -5.13 -24.04 -50.22
C31 POV OA . -11.21 -27.60 -54.65
O31 POV OA . -10.62 -28.77 -54.87
C32 POV OA . -11.38 -27.34 -53.19
O32 POV OA . -11.52 -26.84 -55.53
C33 POV OA . -10.15 -26.63 -52.65
C34 POV OA . -9.79 -26.94 -51.20
C35 POV OA . -10.26 -25.90 -50.21
C36 POV OA . -9.57 -25.99 -48.87
C37 POV OA . -10.31 -25.34 -47.73
C38 POV OA . -9.97 -25.92 -46.36
C39 POV OA . -8.48 -25.98 -46.04
N POV PA . -19.51 -24.62 -73.13
P POV PA . -17.05 -20.05 -73.05
C1 POV PA . -14.54 -20.28 -72.15
C2 POV PA . -13.98 -18.89 -71.95
C3 POV PA . -14.48 -18.21 -70.68
C210 POV PA . -10.61 -10.16 -67.27
C310 POV PA . -11.08 -11.10 -60.52
C11 POV PA . -18.66 -22.15 -73.46
O11 POV PA . -15.96 -20.31 -71.90
C211 POV PA . -11.03 -8.82 -66.77
C311 POV PA . -11.57 -9.93 -59.69
C12 POV PA . -18.52 -23.49 -72.77
O12 POV PA . -18.04 -21.20 -72.55
C212 POV PA . -10.20 -8.39 -65.55
C312 POV PA . -10.59 -8.78 -59.62
C13 POV PA . -18.76 -25.72 -73.82
O13 POV PA . -17.69 -18.73 -72.85
C213 POV PA . -9.73 -6.95 -65.59
C313 POV PA . -11.03 -7.66 -58.70
C14 POV PA . -20.07 -25.16 -71.84
O14 POV PA . -16.47 -20.40 -74.36
C214 POV PA . -9.74 -6.23 -64.25
C314 POV PA . -9.89 -6.81 -58.17
C15 POV PA . -20.66 -24.23 -74.01
C215 POV PA . -9.60 -4.73 -64.40
C315 POV PA . -10.34 -5.61 -57.37
C216 POV PA . -9.51 -3.96 -63.10
C316 POV PA . -9.21 -4.90 -56.68
C217 POV PA . -8.38 -4.37 -62.19
C218 POV PA . -8.01 -3.29 -61.20
C21 POV PA . -13.87 -16.87 -73.43
O21 POV PA . -14.39 -18.10 -73.12
C22 POV PA . -12.52 -16.57 -72.79
O22 POV PA . -14.43 -16.08 -74.14
C23 POV PA . -12.09 -15.13 -73.00
C24 POV PA . -12.61 -14.20 -71.91
C25 POV PA . -12.86 -12.77 -72.38
C26 POV PA . -13.18 -11.76 -71.28
C27 POV PA . -12.13 -11.74 -70.18
C28 POV PA . -11.87 -10.41 -69.47
C29 POV PA . -10.81 -10.70 -68.45
C31 POV PA . -13.39 -17.82 -68.47
O31 POV PA . -13.69 -18.61 -69.54
C32 POV PA . -13.74 -16.35 -68.58
O32 POV PA . -12.89 -18.26 -67.46
C33 POV PA . -13.89 -15.63 -67.26
C34 POV PA . -12.59 -15.39 -66.50
C35 POV PA . -12.48 -13.97 -65.94
C36 POV PA . -11.81 -13.87 -64.60
C37 POV PA . -11.76 -12.44 -64.09
C38 POV PA . -11.12 -12.31 -62.73
C39 POV PA . -11.59 -11.11 -61.94
C1 CLR QA . -12.12 -10.67 -45.75
C2 CLR QA . -12.56 -9.58 -44.78
C3 CLR QA . -13.32 -8.50 -45.52
C4 CLR QA . -14.53 -9.09 -46.22
C5 CLR QA . -14.16 -10.25 -47.11
C6 CLR QA . -14.61 -10.32 -48.35
C7 CLR QA . -14.29 -11.41 -49.33
C8 CLR QA . -13.76 -12.66 -48.66
C9 CLR QA . -12.72 -12.28 -47.59
C10 CLR QA . -13.29 -11.34 -46.48
C11 CLR QA . -11.99 -13.50 -47.03
C12 CLR QA . -11.40 -14.40 -48.11
C13 CLR QA . -12.46 -14.87 -49.12
C14 CLR QA . -13.10 -13.59 -49.70
C15 CLR QA . -13.92 -14.11 -50.88
C16 CLR QA . -13.03 -15.22 -51.47
C17 CLR QA . -11.93 -15.50 -50.43
C18 CLR QA . -13.49 -15.78 -48.44
C19 CLR QA . -14.16 -12.12 -45.47
C20 CLR QA . -11.49 -16.98 -50.44
C21 CLR QA . -10.62 -17.36 -49.23
C22 CLR QA . -10.74 -17.32 -51.74
C23 CLR QA . -11.58 -17.86 -52.89
C24 CLR QA . -10.75 -18.65 -53.89
C25 CLR QA . -9.42 -18.02 -54.32
C26 CLR QA . -8.24 -18.49 -53.51
C27 CLR QA . -9.18 -18.24 -55.78
O1 CLR QA . -13.75 -7.49 -44.60
N POV RA . 5.57 -6.54 -36.73
P POV RA . 6.61 -8.79 -39.81
C1 POV RA . 6.48 -10.94 -41.40
C2 POV RA . 5.68 -11.90 -40.51
C3 POV RA . 5.70 -13.35 -40.96
C210 POV RA . -3.54 -11.58 -39.64
C310 POV RA . -2.45 -20.44 -41.65
C11 POV RA . 5.61 -9.11 -37.38
O11 POV RA . 7.24 -10.08 -40.51
C211 POV RA . -3.70 -11.64 -41.13
C311 POV RA . -3.93 -20.32 -41.33
C12 POV RA . 4.83 -7.81 -37.18
O12 POV RA . 5.63 -9.50 -38.78
C212 POV RA . -3.89 -13.06 -41.66
C312 POV RA . -4.56 -21.67 -41.04
C13 POV RA . 5.74 -5.64 -37.91
O13 POV RA . 7.68 -8.07 -39.09
C213 POV RA . -5.22 -13.69 -41.25
C313 POV RA . -4.84 -21.90 -39.57
C14 POV RA . 4.69 -5.84 -35.73
O14 POV RA . 5.79 -8.08 -40.81
C214 POV RA . -5.26 -15.23 -41.11
C314 POV RA . -5.01 -23.34 -39.19
C15 POV RA . 6.91 -6.73 -36.08
C215 POV RA . -4.11 -15.89 -40.35
C315 POV RA . -5.23 -23.58 -37.71
C216 POV RA . -3.76 -15.22 -39.04
C316 POV RA . -6.51 -22.99 -37.19
C217 POV RA . -4.93 -14.95 -38.14
C218 POV RA . -4.58 -14.89 -36.69
C21 POV RA . 3.49 -11.27 -41.37
O21 POV RA . 4.33 -11.37 -40.32
C22 POV RA . 2.28 -10.47 -41.02
O22 POV RA . 3.72 -11.76 -42.45
C23 POV RA . 2.50 -9.54 -39.83
C24 POV RA . 2.21 -10.19 -38.48
C25 POV RA . 1.35 -9.33 -37.56
C26 POV RA . -0.16 -9.40 -37.79
C27 POV RA . -0.62 -9.58 -39.23
C28 POV RA . -2.12 -9.50 -39.43
C29 POV RA . -2.82 -10.72 -38.94
C31 POV RA . 6.76 -15.34 -39.97
O31 POV RA . 6.48 -14.03 -39.94
C32 POV RA . 6.23 -16.11 -41.15
O32 POV RA . 7.40 -15.88 -39.10
C33 POV RA . 4.80 -16.60 -41.00
C34 POV RA . 4.37 -17.48 -42.17
C35 POV RA . 2.93 -17.28 -42.62
C36 POV RA . 2.07 -18.51 -42.51
C37 POV RA . 0.57 -18.25 -42.42
C38 POV RA . -0.18 -19.38 -41.76
C39 POV RA . -1.67 -19.14 -41.58
N POV SA . -2.62 3.11 -35.80
P POV SA . -3.42 2.38 -40.03
C1 POV SA . -4.79 0.45 -41.22
C2 POV SA . -3.97 -0.52 -42.03
C3 POV SA . -3.84 -0.16 -43.48
C210 POV SA . -9.08 -9.61 -49.13
C310 POV SA . -5.41 -6.38 -51.01
C11 POV SA . -2.35 1.39 -37.79
O11 POV SA . -4.00 0.89 -40.09
C211 POV SA . -9.17 -10.21 -50.49
C311 POV SA . -5.87 -6.01 -52.41
C12 POV SA . -3.23 2.05 -36.75
O12 POV SA . -2.22 2.24 -38.97
C212 POV SA . -10.51 -10.13 -51.21
C312 POV SA . -6.04 -7.20 -53.35
C13 POV SA . -3.04 2.76 -34.40
O13 POV SA . -4.45 3.30 -39.51
C213 POV SA . -10.62 -11.20 -52.27
C313 POV SA . -7.45 -7.78 -53.38
C14 POV SA . -1.13 3.22 -35.84
O14 POV SA . -2.81 2.66 -41.35
C214 POV SA . -11.91 -11.22 -53.06
C314 POV SA . -8.07 -7.91 -54.78
C15 POV SA . -3.21 4.43 -36.15
C215 POV SA . -12.06 -10.09 -54.08
C315 POV SA . -8.18 -9.34 -55.28
C216 POV SA . -12.98 -10.41 -55.25
C316 POV SA . -6.85 -10.04 -55.42
C217 POV SA . -14.39 -10.88 -54.92
C218 POV SA . -15.38 -9.79 -55.05
C21 POV SA . -5.72 -2.11 -42.66
O21 POV SA . -4.51 -1.89 -42.07
C22 POV SA . -5.92 -3.57 -42.95
O22 POV SA . -6.52 -1.25 -42.90
C23 POV SA . -6.32 -3.85 -44.41
C24 POV SA . -7.80 -3.72 -44.67
C25 POV SA . -8.31 -4.24 -46.00
C26 POV SA . -8.35 -5.75 -46.09
C27 POV SA . -9.11 -6.29 -47.29
C28 POV SA . -8.98 -7.80 -47.42
C29 POV SA . -9.17 -8.34 -48.80
C31 POV SA . -2.71 1.26 -45.12
O31 POV SA . -2.98 0.96 -43.82
C32 POV SA . -3.26 0.26 -46.12
O32 POV SA . -2.10 2.25 -45.45
C33 POV SA . -2.96 0.42 -47.61
C34 POV SA . -3.75 -0.59 -48.48
C35 POV SA . -4.12 -1.98 -47.90
C36 POV SA . -3.20 -3.13 -48.29
C37 POV SA . -3.76 -3.98 -49.40
C38 POV SA . -4.74 -5.04 -48.92
C39 POV SA . -5.84 -5.39 -49.93
N POV TA . -17.61 -11.81 -75.12
P POV TA . -16.75 -8.96 -71.76
C1 POV TA . -15.27 -7.06 -70.66
C2 POV TA . -16.24 -6.04 -70.09
C3 POV TA . -17.12 -5.43 -71.17
C210 POV TA . -14.83 0.85 -60.59
C310 POV TA . -16.90 2.57 -64.53
C11 POV TA . -16.06 -11.11 -73.16
O11 POV TA . -15.89 -8.37 -70.56
C211 POV TA . -14.72 2.33 -60.53
C311 POV TA . -18.17 2.59 -63.71
C12 POV TA . -17.22 -10.78 -74.07
O12 POV TA . -15.68 -10.00 -72.31
C212 POV TA . -13.68 2.74 -59.50
C312 POV TA . -17.96 3.00 -62.27
C13 POV TA . -16.43 -12.24 -75.96
O13 POV TA . -17.93 -9.66 -71.23
C213 POV TA . -14.02 4.00 -58.70
C313 POV TA . -17.37 4.40 -62.12
C14 POV TA . -18.20 -13.03 -74.47
O14 POV TA . -16.94 -7.92 -72.81
C214 POV TA . -13.15 4.19 -57.46
C314 POV TA . -17.57 4.99 -60.74
C15 POV TA . -18.63 -11.20 -76.02
C215 POV TA . -13.91 4.54 -56.19
C315 POV TA . -17.27 6.47 -60.68
C216 POV TA . -13.15 4.22 -54.91
C316 POV TA . -16.42 6.83 -59.50
C217 POV TA . -12.05 5.21 -54.58
C218 POV TA . -12.58 6.47 -53.97
C21 POV TA . -14.99 -5.37 -68.17
O21 POV TA . -15.50 -5.02 -69.36
C22 POV TA . -14.28 -4.23 -67.52
O22 POV TA . -15.08 -6.47 -67.70
C23 POV TA . -15.18 -3.45 -66.59
C24 POV TA . -14.50 -2.28 -65.89
C25 POV TA . -13.37 -2.70 -64.97
C26 POV TA . -13.45 -2.09 -63.57
C27 POV TA . -12.88 -0.69 -63.46
C28 POV TA . -13.82 0.37 -62.87
C29 POV TA . -14.39 0.03 -61.52
C31 POV TA . -18.95 -3.87 -71.13
O31 POV TA . -17.68 -4.15 -70.78
C32 POV TA . -19.35 -2.48 -70.73
O32 POV TA . -19.69 -4.65 -71.67
C33 POV TA . -19.83 -2.36 -69.29
C34 POV TA . -18.78 -1.82 -68.35
C35 POV TA . -18.92 -0.35 -68.01
C36 POV TA . -19.39 -0.10 -66.58
C37 POV TA . -18.36 -0.43 -65.52
C38 POV TA . -17.00 0.26 -65.65
C39 POV TA . -17.00 1.78 -65.83
N POV UA . -36.18 -3.76 -71.97
P POV UA . -32.01 -2.14 -70.84
C1 POV UA . -34.03 -1.41 -69.23
C2 POV UA . -33.77 -0.47 -68.07
C3 POV UA . -35.01 -0.35 -67.21
C210 POV UA . -25.51 3.29 -62.88
C310 POV UA . -32.38 7.36 -58.46
C11 POV UA . -33.68 -3.44 -72.46
O11 POV UA . -33.11 -1.11 -70.31
C211 POV UA . -24.54 3.54 -63.99
C311 POV UA . -31.20 7.98 -59.20
C12 POV UA . -35.05 -2.83 -72.37
O12 POV UA . -32.65 -2.43 -72.28
C212 POV UA . -23.61 2.35 -64.21
C312 POV UA . -31.09 7.62 -60.67
C13 POV UA . -36.04 -5.09 -72.66
O13 POV UA . -30.74 -1.40 -71.02
C213 POV UA . -23.21 2.11 -65.66
C313 POV UA . -29.77 6.96 -61.04
C14 POV UA . -36.18 -3.98 -70.49
O14 POV UA . -32.03 -3.37 -70.03
C214 POV UA . -24.35 1.62 -66.54
C314 POV UA . -28.55 7.84 -60.81
C15 POV UA . -37.49 -3.16 -72.36
C215 POV UA . -23.95 1.43 -67.99
C315 POV UA . -27.38 7.54 -61.73
C216 POV UA . -24.85 0.47 -68.74
C316 POV UA . -26.75 6.19 -61.50
C217 POV UA . -24.39 0.22 -70.16
C218 POV UA . -25.50 0.46 -71.17
C21 POV UA . -32.14 1.24 -68.75
O21 POV UA . -33.41 0.82 -68.66
C22 POV UA . -31.44 1.32 -67.43
O22 POV UA . -31.61 1.52 -69.79
C23 POV UA . -32.26 1.95 -66.33
C24 POV UA . -31.55 2.99 -65.47
C25 POV UA . -30.85 2.39 -64.27
C26 POV UA . -30.11 3.39 -63.39
C27 POV UA . -28.87 3.99 -64.04
C28 POV UA . -27.69 3.03 -64.17
C29 POV UA . -26.82 3.06 -62.95
C31 POV UA . -35.48 0.09 -64.92
O31 POV UA . -34.59 0.10 -65.92
C32 POV UA . -34.84 0.60 -63.66
O32 POV UA . -36.62 -0.27 -65.03
C33 POV UA . -35.73 1.48 -62.80
C34 POV UA . -34.92 2.53 -62.04
C35 POV UA . -33.70 1.96 -61.31
C36 POV UA . -33.14 2.84 -60.20
C37 POV UA . -32.88 4.30 -60.57
C38 POV UA . -33.44 5.32 -59.58
C39 POV UA . -32.45 5.84 -58.54
N POV VA . -42.44 -3.75 -63.02
P POV VA . -40.26 0.34 -63.24
C1 POV VA . -41.27 0.08 -60.82
C2 POV VA . -41.40 1.13 -59.72
C210 POV VA . -35.62 4.95 -53.06
C11 POV VA . -41.64 -1.64 -64.34
O11 POV VA . -40.14 0.39 -61.66
C211 POV VA . -35.36 5.03 -51.58
C12 POV VA . -42.77 -2.39 -63.67
O12 POV VA . -40.65 -1.20 -63.38
C212 POV VA . -35.16 6.45 -51.08
C13 POV VA . -43.70 -4.55 -63.03
O13 POV VA . -41.38 1.21 -63.69
C213 POV VA . -34.02 6.61 -50.10
C14 POV VA . -41.38 -4.52 -63.73
O14 POV VA . -38.92 0.54 -63.81
C214 POV VA . -34.11 5.75 -48.86
C15 POV VA . -42.02 -3.52 -61.60
C215 POV VA . -35.38 5.94 -48.05
C216 POV VA . -35.37 5.25 -46.69
C217 POV VA . -36.06 3.91 -46.63
C218 POV VA . -35.65 2.96 -47.70
C21 POV VA . -39.43 1.07 -58.26
O21 POV VA . -40.66 0.61 -58.57
C22 POV VA . -38.93 2.13 -59.22
O22 POV VA . -38.79 0.67 -57.32
C23 POV VA . -37.47 2.51 -58.99
C24 POV VA . -37.26 3.78 -58.19
C25 POV VA . -37.49 3.62 -56.69
C26 POV VA . -36.31 3.02 -55.91
C27 POV VA . -34.99 3.80 -55.99
C28 POV VA . -35.04 5.25 -55.48
C29 POV VA . -34.81 5.35 -54.01
N POV WA . -39.89 -13.01 -62.23
P POV WA . -40.61 -10.49 -58.58
C1 POV WA . -42.91 -9.99 -57.37
C2 POV WA . -42.76 -8.48 -57.24
C3 POV WA . -42.80 -7.98 -55.81
C210 POV WA . -38.63 -0.68 -52.74
C310 POV WA . -37.21 -2.01 -48.68
C11 POV WA . -39.20 -12.31 -59.81
O11 POV WA . -41.61 -10.63 -57.33
C211 POV WA . -37.29 -0.04 -52.85
C311 POV WA . -37.23 -2.05 -47.17
C12 POV WA . -40.16 -13.05 -60.72
O12 POV WA . -39.93 -11.93 -58.61
C212 POV WA . -36.55 -0.07 -51.52
C312 POV WA . -36.52 -0.89 -46.54
C13 POV WA . -38.52 -12.55 -62.63
O13 POV WA . -41.39 -10.28 -59.82
C213 POV WA . -35.12 0.39 -51.64
C313 POV WA . -36.87 -0.69 -45.09
C14 POV WA . -40.08 -14.39 -62.77
O14 POV WA . -39.57 -9.51 -58.21
C214 POV WA . -34.77 1.53 -50.70
C314 POV WA . -35.76 -0.05 -44.29
C15 POV WA . -40.90 -12.10 -62.87
C215 POV WA . -33.32 1.96 -50.72
C315 POV WA . -34.74 -1.06 -43.81
C216 POV WA . -32.80 2.43 -52.07
C316 POV WA . -35.21 -1.80 -42.60
C217 POV WA . -31.48 1.84 -52.48
C218 POV WA . -31.55 0.35 -52.71
C21 POV WA . -43.60 -7.34 -59.28
O21 POV WA . -43.82 -7.83 -58.04
C22 POV WA . -42.29 -6.63 -59.47
O22 POV WA . -44.40 -7.46 -60.18
C23 POV WA . -42.09 -5.45 -58.51
C24 POV WA . -40.65 -5.03 -58.32
C25 POV WA . -40.50 -3.77 -57.48
C26 POV WA . -39.12 -3.59 -56.83
C27 POV WA . -39.15 -3.25 -55.34
C28 POV WA . -38.80 -1.81 -55.00
C29 POV WA . -39.27 -1.42 -53.64
C31 POV WA . -40.60 -8.62 -55.16
O31 POV WA . -41.43 -7.64 -55.55
C32 POV WA . -39.20 -8.12 -55.06
O32 POV WA . -40.95 -9.74 -54.92
C33 POV WA . -38.59 -8.35 -53.69
C34 POV WA . -38.88 -7.25 -52.71
C35 POV WA . -37.66 -6.89 -51.91
C36 POV WA . -37.85 -5.74 -50.98
C37 POV WA . -36.65 -5.52 -50.10
C38 POV WA . -36.37 -4.08 -49.81
C39 POV WA . -37.57 -3.33 -49.30
C210 POV XA . 5.64 -24.90 -55.44
C211 POV XA . 4.97 -23.87 -54.56
C212 POV XA . 3.85 -24.43 -53.69
C213 POV XA . 3.47 -23.57 -52.49
C214 POV XA . 4.60 -23.36 -51.48
C215 POV XA . 4.19 -22.68 -50.20
C216 POV XA . 5.38 -22.05 -49.52
C22 POV XA . 4.02 -28.79 -63.21
C23 POV XA . 4.79 -27.93 -62.23
C24 POV XA . 3.89 -26.96 -61.48
C25 POV XA . 4.63 -25.93 -60.63
C26 POV XA . 5.57 -26.51 -59.58
C27 POV XA . 6.36 -25.46 -58.81
C28 POV XA . 5.51 -24.52 -57.95
C29 POV XA . 4.89 -25.19 -56.73
N1 M05 YA . -11.00 2.20 -37.96
C8 M05 YA . -12.02 1.61 -38.82
C4 M05 YA . -15.03 2.34 -36.51
C5 M05 YA . -13.82 2.69 -37.38
N6 M05 YA . -14.30 3.63 -38.44
C2 M05 YA . -11.41 3.51 -37.44
C9 M05 YA . -15.84 3.46 -35.91
C10 M05 YA . -15.38 4.14 -34.80
C11 M05 YA . -16.14 5.15 -34.21
C12 M05 YA . -17.38 5.44 -34.75
CL1 M05 YA . -18.36 6.65 -33.98
C14 M05 YA . -17.86 4.78 -35.84
C15 M05 YA . -17.09 3.79 -36.42
C16 M05 YA . -9.68 1.92 -38.22
N17 M05 YA . -9.43 1.27 -39.38
C18 M05 YA . -8.15 0.96 -39.61
N19 M05 YA . -7.07 1.21 -38.86
C20 M05 YA . -7.36 1.86 -37.72
N21 M05 YA . -6.45 2.24 -36.77
C22 M05 YA . -7.14 2.88 -35.78
C23 M05 YA . -8.47 2.92 -36.06
C3 M05 YA . -13.31 1.41 -38.03
C17 M05 YA . -12.68 3.37 -36.62
C24 M05 YA . -8.63 2.26 -37.32
N POV ZA . -27.97 8.71 -29.39
P POV ZA . -24.95 5.57 -28.22
C1 POV ZA . -25.85 5.02 -30.68
C2 POV ZA . -26.78 3.85 -30.56
C3 POV ZA . -26.78 2.93 -31.73
C210 POV ZA . -32.65 -0.84 -37.49
C310 POV ZA . -27.56 -5.65 -37.77
C11 POV ZA . -26.84 7.29 -27.51
O11 POV ZA . -25.96 5.77 -29.46
C211 POV ZA . -33.49 0.39 -37.68
C311 POV ZA . -26.50 -6.71 -38.03
C12 POV ZA . -26.73 8.41 -28.53
O12 POV ZA . -25.51 6.75 -27.29
C212 POV ZA . -34.99 0.11 -37.84
C312 POV ZA . -26.92 -8.10 -37.60
C13 POV ZA . -28.15 10.20 -29.41
O13 POV ZA . -25.21 4.26 -27.57
C213 POV ZA . -35.36 -0.46 -39.19
C313 POV ZA . -28.20 -8.59 -38.26
C14 POV ZA . -29.25 8.09 -28.93
O14 POV ZA . -23.59 5.92 -28.66
C214 POV ZA . -36.83 -0.85 -39.35
C314 POV ZA . -28.59 -10.00 -37.84
C15 POV ZA . -27.71 8.25 -30.79
C215 POV ZA . -37.81 0.33 -39.35
C315 POV ZA . -30.03 -10.11 -37.39
C216 POV ZA . -38.44 0.68 -40.71
C316 POV ZA . -31.02 -9.76 -38.48
C217 POV ZA . -39.15 -0.46 -41.43
C218 POV ZA . -40.14 0.01 -42.47
C21 POV ZA . -28.85 4.20 -29.39
O21 POV ZA . -28.19 4.25 -30.55
C22 POV ZA . -30.32 4.13 -29.65
O22 POV ZA . -28.32 4.23 -28.32
C23 POV ZA . -30.67 2.74 -30.17
C24 POV ZA . -30.71 2.64 -31.69
C25 POV ZA . -30.61 1.20 -32.23
C26 POV ZA . -31.79 0.72 -33.07
C27 POV ZA . -31.39 -0.06 -34.31
C28 POV ZA . -32.53 -0.86 -34.96
C29 POV ZA . -32.22 -1.34 -36.35
C31 POV ZA . -26.03 2.88 -34.04
O31 POV ZA . -26.13 3.53 -32.88
C32 POV ZA . -26.60 1.48 -34.06
O32 POV ZA . -25.52 3.37 -35.02
C33 POV ZA . -26.37 0.76 -35.37
C34 POV ZA . -27.35 1.11 -36.47
C35 POV ZA . -27.96 -0.11 -37.14
C36 POV ZA . -26.94 -1.11 -37.66
C37 POV ZA . -27.48 -2.10 -38.65
C38 POV ZA . -26.72 -3.41 -38.66
C39 POV ZA . -27.01 -4.27 -37.45
C13 DU0 AB . -30.21 -7.47 -43.77
C15 DU0 AB . -31.28 -9.46 -46.33
C17 DU0 AB . -37.02 -11.50 -49.73
C20 DU0 AB . -39.42 -12.30 -51.15
C21 DU0 AB . -40.52 -12.73 -52.09
C22 DU0 AB . -41.38 -13.84 -51.51
C24 DU0 AB . -43.32 -15.19 -52.16
C26 DU0 AB . -44.07 -17.63 -52.76
C01 DU0 AB . -34.05 -12.25 -49.14
C02 DU0 AB . -35.11 -12.02 -48.05
C03 DU0 AB . -36.20 -11.04 -48.51
C04 DU0 AB . -35.50 -9.68 -48.49
C05 DU0 AB . -34.80 -9.75 -47.13
C06 DU0 AB . -34.56 -11.24 -46.81
C07 DU0 AB . -33.07 -11.31 -46.41
C08 DU0 AB . -32.79 -12.25 -45.24
C09 DU0 AB . -32.73 -9.84 -46.14
C11 DU0 AB . -32.48 -8.42 -44.22
C12 DU0 AB . -31.02 -8.75 -43.93
C14 DU0 AB . -30.48 -9.62 -45.04
C18 DU0 AB . -38.08 -10.47 -50.08
C19 DU0 AB . -39.22 -11.02 -50.88
C25 DU0 AB . -43.26 -16.36 -53.11
C27 DU0 AB . -43.69 -18.19 -51.39
C51 DU0 AB . -45.56 -17.39 -52.87
C75 DU0 AB . -40.52 -14.99 -51.03
C76 DU0 AB . -39.48 -14.50 -50.02
C77 DU0 AB . -38.55 -13.41 -50.57
C78 DU0 AB . -37.69 -14.00 -51.70
C79 DU0 AB . -37.67 -12.85 -49.41
C80 DU0 AB . -36.66 -13.87 -48.88
C81 DU0 AB . -35.83 -13.34 -47.71
O10 DU0 AB . -33.17 -9.52 -44.84
O16 DU0 AB . -33.50 -9.14 -47.11
O23 DU0 AB . -42.27 -14.29 -52.53
O28 DU0 AB . -43.82 -19.60 -51.37
O52 DU0 AB . -45.95 -17.07 -54.19
N POV BB . -34.04 -22.99 5.60
P POV BB . -31.24 -21.54 2.36
C1 POV BB . -33.36 -22.69 1.22
C2 POV BB . -32.93 -24.03 0.68
C3 POV BB . -33.62 -24.44 -0.56
C210 POV BB . -38.10 -31.62 -3.73
C310 POV BB . -35.64 -29.10 -9.80
C11 POV BB . -31.59 -22.45 4.82
O11 POV BB . -32.56 -22.44 2.39
C211 POV BB . -38.89 -31.85 -2.47
C311 POV BB . -35.24 -28.61 -11.18
C12 POV BB . -32.97 -21.95 5.21
O12 POV BB . -30.98 -21.47 3.94
C212 POV BB . -39.13 -33.34 -2.18
C312 POV BB . -34.34 -29.57 -11.92
C13 POV BB . -34.66 -22.53 6.88
O13 POV BB . -30.13 -22.26 1.71
C213 POV BB . -40.19 -33.97 -3.06
C313 POV BB . -34.94 -30.94 -12.14
C14 POV BB . -33.55 -24.40 5.78
O14 POV BB . -31.61 -20.18 1.90
C214 POV BB . -40.38 -35.47 -2.86
C314 POV BB . -34.04 -31.88 -12.92
C15 POV BB . -35.10 -23.00 4.53
C215 POV BB . -40.98 -35.87 -1.50
C315 POV BB . -33.80 -33.20 -12.22
C216 POV BB . -42.44 -36.36 -1.54
C316 POV BB . -35.06 -34.01 -11.98
C217 POV BB . -42.73 -37.50 -2.51
C218 POV BB . -44.00 -38.27 -2.17
C21 POV BB . -32.29 -25.67 2.29
O21 POV BB . -33.26 -25.13 1.56
C22 POV BB . -32.68 -27.05 2.71
O22 POV BB . -31.27 -25.12 2.57
C23 POV BB . -32.67 -27.98 1.50
C24 POV BB . -34.00 -28.13 0.79
C25 POV BB . -33.90 -28.66 -0.64
C26 POV BB . -34.64 -29.98 -0.92
C27 POV BB . -35.37 -30.01 -2.27
C28 POV BB . -35.78 -31.40 -2.73
C29 POV BB . -36.79 -31.38 -3.84
C31 POV BB . -35.59 -23.88 -1.89
O31 POV BB . -34.81 -23.65 -0.82
C32 POV BB . -35.12 -24.98 -2.80
O32 POV BB . -36.59 -23.27 -2.10
C33 POV BB . -35.98 -25.14 -4.04
C34 POV BB . -37.23 -25.96 -3.86
C35 POV BB . -37.39 -27.08 -4.88
C36 POV BB . -37.28 -26.62 -6.31
C37 POV BB . -37.86 -27.56 -7.33
C38 POV BB . -37.23 -27.43 -8.69
C39 POV BB . -35.83 -28.01 -8.76
C13 DU0 CB . -40.72 -32.50 -12.71
C15 DU0 CB . -42.33 -34.44 -15.02
C17 DU0 CB . -45.39 -40.66 -15.87
C20 DU0 CB . -46.66 -43.25 -16.16
C21 DU0 CB . -47.47 -44.49 -16.48
C22 DU0 CB . -46.60 -45.69 -16.80
C24 DU0 CB . -46.86 -48.05 -17.42
C26 DU0 CB . -46.50 -49.76 -19.38
C01 DU0 CB . -44.09 -38.25 -17.39
C02 DU0 CB . -43.38 -39.07 -16.30
C03 DU0 CB . -44.37 -39.67 -15.28
C04 DU0 CB . -44.81 -38.44 -14.46
C05 DU0 CB . -43.46 -37.78 -14.19
C06 DU0 CB . -42.51 -38.18 -15.34
C07 DU0 CB . -41.89 -36.85 -15.80
C08 DU0 CB . -40.41 -36.94 -16.15
C09 DU0 CB . -42.22 -35.90 -14.66
C11 DU0 CB . -41.07 -34.98 -12.76
C12 DU0 CB . -40.44 -33.79 -13.46
C14 DU0 CB . -40.98 -33.73 -14.89
C18 DU0 CB . -46.29 -41.21 -14.77
C19 DU0 CB . -46.92 -42.52 -15.09
C25 DU0 CB . -47.22 -48.54 -18.81
C27 DU0 CB . -44.98 -49.59 -19.36
C51 DU0 CB . -46.89 -51.03 -18.66
C75 DU0 CB . -45.57 -45.35 -17.87
C76 DU0 CB . -44.73 -44.16 -17.44
C77 DU0 CB . -45.56 -42.90 -17.16
C78 DU0 CB . -46.22 -42.41 -18.46
C79 DU0 CB . -44.63 -41.80 -16.54
C80 DU0 CB . -43.58 -41.28 -17.54
C81 DU0 CB . -42.63 -40.26 -16.93
O10 DU0 CB . -41.26 -36.10 -13.64
O16 DU0 CB . -43.50 -36.34 -14.21
O23 DU0 CB . -47.45 -46.75 -17.26
O28 DU0 CB . -44.36 -50.37 -20.38
O52 DU0 CB . -48.27 -51.33 -18.85
N POV DB . -20.38 -28.94 -65.10
P POV DB . -16.12 -26.27 -63.80
C1 POV DB . -15.57 -24.23 -62.23
C2 POV DB . -14.87 -23.26 -63.14
C3 POV DB . -15.85 -22.37 -63.83
C210 POV DB . -7.71 -16.73 -59.63
C310 POV DB . -11.80 -14.06 -57.34
C11 POV DB . -18.21 -27.64 -64.62
O11 POV DB . -16.55 -24.96 -62.99
C211 POV DB . -6.87 -17.02 -58.42
C311 POV DB . -11.10 -13.43 -56.14
C12 POV DB . -19.44 -28.31 -64.08
O12 POV DB . -17.48 -27.06 -63.52
C212 POV DB . -6.25 -18.43 -58.27
C312 POV DB . -9.99 -14.27 -55.55
C13 POV DB . -20.82 -27.94 -66.12
O13 POV DB . -15.99 -25.96 -65.24
C213 POV DB . -4.83 -18.57 -58.82
C313 POV DB . -9.01 -13.47 -54.70
C14 POV DB . -19.71 -30.09 -65.79
O14 POV DB . -15.02 -26.95 -63.08
C214 POV DB . -3.71 -18.93 -57.83
C314 POV DB . -8.72 -14.09 -53.34
C15 POV DB . -21.59 -29.45 -64.37
C215 POV DB . -3.73 -18.24 -56.45
C315 POV DB . -7.42 -13.63 -52.72
C216 POV DB . -3.74 -16.73 -56.46
C316 POV DB . -7.20 -14.20 -51.33
C217 POV DB . -3.83 -16.11 -55.07
C218 POV DB . -5.21 -16.21 -54.45
C21 POV DB . -12.93 -24.63 -63.95
O21 POV DB . -14.11 -23.98 -64.18
C22 POV DB . -12.29 -24.42 -62.58
O22 POV DB . -12.41 -25.34 -64.77
C23 POV DB . -11.00 -23.60 -62.63
C24 POV DB . -11.21 -22.12 -62.94
C25 POV DB . -10.57 -21.20 -61.91
C26 POV DB . -10.52 -19.75 -62.34
C27 POV DB . -10.27 -18.75 -61.21
C28 POV DB . -8.89 -18.84 -60.53
C29 POV DB . -8.24 -17.49 -60.58
C31 POV DB . -15.68 -20.01 -64.18
O31 POV DB . -15.42 -21.06 -63.40
C32 POV DB . -15.07 -18.77 -63.60
O32 POV DB . -16.32 -20.06 -65.20
C33 POV DB . -14.52 -19.00 -62.19
C34 POV DB . -13.73 -17.83 -61.64
C35 POV DB . -14.51 -16.54 -61.49
C36 POV DB . -14.65 -16.10 -60.06
C37 POV DB . -13.36 -15.66 -59.41
C38 POV DB . -13.30 -16.01 -57.94
C39 POV DB . -12.06 -15.54 -57.21
N POV EB . -15.61 -30.63 -62.11
P POV EB . -13.72 -29.37 -58.70
C1 POV EB . -12.14 -27.96 -60.29
C2 POV EB . -10.83 -27.23 -60.08
C3 POV EB . -11.03 -25.86 -59.47
C210 POV EB . -2.15 -24.11 -55.35
C310 POV EB . -5.77 -19.84 -51.23
C11 POV EB . -13.94 -31.53 -60.26
O11 POV EB . -12.28 -29.03 -59.33
C211 POV EB . -1.64 -23.81 -53.99
C311 POV EB . -5.82 -18.56 -50.40
C12 POV EB . -15.37 -31.34 -60.75
O12 POV EB . -13.76 -30.95 -58.94
C212 POV EB . -0.49 -24.74 -53.61
C312 POV EB . -7.01 -18.45 -49.46
C13 POV EB . -16.75 -29.68 -61.90
O13 POV EB . -13.67 -29.10 -57.24
C213 POV EB . -0.08 -24.68 -52.15
C313 POV EB . -7.04 -19.50 -48.36
C14 POV EB . -14.46 -29.86 -62.67
O14 POV EB . -14.77 -28.72 -59.52
C214 POV EB . -1.13 -25.25 -51.19
C314 POV EB . -7.85 -19.10 -47.13
C15 POV EB . -16.04 -31.66 -63.11
C215 POV EB . -0.66 -26.38 -50.28
C315 POV EB . -7.21 -18.00 -46.29
C216 POV EB . -0.81 -26.07 -48.80
C316 POV EB . -7.89 -16.64 -46.44
C217 POV EB . 0.19 -25.07 -48.29
C218 POV EB . -0.22 -24.47 -46.99
C21 POV EB . -9.05 -27.50 -61.73
O21 POV EB . -10.30 -27.11 -61.43
C22 POV EB . -8.01 -26.98 -60.79
O22 POV EB . -8.80 -28.23 -62.67
C23 POV EB . -6.58 -27.26 -61.25
C24 POV EB . -5.62 -26.12 -60.97
C25 POV EB . -5.43 -25.79 -59.51
C26 POV EB . -4.30 -24.82 -59.29
C27 POV EB . -3.92 -24.59 -57.84
C28 POV EB . -2.80 -23.56 -57.73
C29 POV EB . -2.33 -23.26 -56.33
C31 POV EB . -9.72 -24.19 -58.40
O31 POV EB . -9.97 -25.50 -58.56
C32 POV EB . -8.63 -23.94 -57.40
O32 POV EB . -10.27 -23.33 -59.02
C33 POV EB . -8.28 -22.46 -57.29
C34 POV EB . -6.96 -22.18 -56.60
C35 POV EB . -6.90 -22.60 -55.14
C36 POV EB . -6.41 -21.53 -54.19
C37 POV EB . -4.91 -21.34 -54.14
C38 POV EB . -4.31 -21.33 -52.73
C39 POV EB . -4.46 -20.02 -51.98
N POV FB . -27.09 -5.41 -16.65
P POV FB . -31.35 -6.24 -14.29
C1 POV FB . -32.79 -8.46 -14.00
C2 POV FB . -33.46 -9.26 -15.07
C3 POV FB . -34.22 -10.46 -14.55
C210 POV FB . -34.01 -16.93 -24.40
C310 POV FB . -35.07 -21.00 -20.95
C11 POV FB . -29.66 -5.53 -16.17
O11 POV FB . -32.69 -7.11 -14.48
C211 POV FB . -32.96 -16.35 -25.30
C311 POV FB . -34.69 -22.41 -21.30
C12 POV FB . -28.37 -6.24 -16.54
O12 POV FB . -30.61 -6.52 -15.68
C212 POV FB . -32.74 -17.24 -26.52
C312 POV FB . -35.50 -22.97 -22.41
C13 POV FB . -26.78 -5.20 -18.10
O13 POV FB . -30.57 -6.77 -13.16
C213 POV FB . -32.14 -16.53 -27.71
C313 POV FB . -34.69 -23.57 -23.54
C14 POV FB . -27.12 -4.06 -15.98
O14 POV FB . -31.72 -4.80 -14.31
C214 POV FB . -32.00 -17.41 -28.93
C314 POV FB . -35.47 -24.56 -24.36
C15 POV FB . -25.99 -6.21 -16.03
C215 POV FB . -31.38 -16.70 -30.11
C315 POV FB . -36.73 -24.01 -24.94
C216 POV FB . -30.64 -17.63 -31.07
C316 POV FB . -37.37 -24.93 -25.89
C217 POV FB . -31.48 -18.20 -32.17
C218 POV FB . -32.61 -19.03 -31.68
C21 POV FB . -32.42 -9.36 -17.29
O21 POV FB . -32.40 -9.70 -15.99
C22 POV FB . -33.72 -9.66 -17.98
O22 POV FB . -31.49 -8.84 -17.86
C23 POV FB . -33.53 -10.39 -19.30
C24 POV FB . -33.65 -11.90 -19.19
C25 POV FB . -33.85 -12.57 -20.53
C26 POV FB . -33.70 -14.08 -20.49
C27 POV FB . -34.16 -14.74 -21.76
C28 POV FB . -33.31 -15.93 -22.20
C29 POV FB . -34.10 -16.81 -23.09
C31 POV FB . -33.43 -12.65 -13.69
O31 POV FB . -33.38 -11.30 -13.72
C32 POV FB . -34.16 -13.33 -14.80
O32 POV FB . -32.96 -13.30 -12.80
C33 POV FB . -33.97 -14.83 -14.81
C34 POV FB . -34.64 -15.48 -15.98
C35 POV FB . -33.93 -16.69 -16.52
C36 POV FB . -34.64 -17.24 -17.72
C37 POV FB . -33.92 -18.39 -18.39
C38 POV FB . -34.79 -19.09 -19.38
C39 POV FB . -34.25 -20.41 -19.85
N POV GB . -39.12 -29.17 -48.01
P POV GB . -41.24 -24.72 -47.93
C1 POV GB . -39.53 -24.84 -45.95
C2 POV GB . -39.82 -23.80 -44.91
C3 POV GB . -40.43 -24.38 -43.65
C210 POV GB . -35.71 -16.40 -38.10
C310 POV GB . -32.47 -19.67 -36.56
C11 POV GB . -39.74 -26.76 -48.65
O11 POV GB . -39.87 -24.29 -47.25
C211 POV GB . -34.41 -15.70 -38.06
C311 POV GB . -31.38 -19.23 -35.63
C12 POV GB . -39.87 -28.24 -48.94
O12 POV GB . -40.96 -26.29 -48.05
C212 POV GB . -34.06 -15.38 -36.61
C312 POV GB . -30.32 -18.37 -36.30
C13 POV GB . -39.43 -28.89 -46.58
O13 POV GB . -42.38 -24.47 -47.01
C213 POV GB . -34.67 -14.10 -36.06
C313 POV GB . -30.75 -16.94 -36.57
C14 POV GB . -39.55 -30.57 -48.34
O14 POV GB . -41.28 -24.15 -49.30
C214 POV GB . -33.70 -13.21 -35.32
C314 POV GB . -29.65 -16.04 -37.06
C15 POV GB . -37.64 -29.06 -48.24
C215 POV GB . -33.40 -13.65 -33.89
C315 POV GB . -30.06 -14.59 -37.23
C216 POV GB . -34.20 -12.90 -32.84
C316 POV GB . -29.27 -13.89 -38.30
C217 POV GB . -33.68 -13.07 -31.42
C218 POV GB . -34.24 -12.03 -30.48
C21 POV GB . -40.99 -21.60 -45.12
O21 POV GB . -40.80 -22.89 -45.53
C22 POV GB . -40.01 -21.10 -44.08
O22 POV GB . -41.87 -20.90 -45.56
C23 POV GB . -40.32 -19.69 -43.60
C24 POV GB . -39.11 -18.94 -43.08
C25 POV GB . -38.34 -19.74 -42.06
C26 POV GB . -37.69 -18.93 -40.95
C27 POV GB . -36.86 -17.75 -41.39
C28 POV GB . -35.71 -17.43 -40.41
C29 POV GB . -36.18 -17.23 -39.00
C31 POV GB . -39.67 -24.16 -41.39
O31 POV GB . -39.37 -24.48 -42.66
C32 POV GB . -38.46 -24.28 -40.51
O32 POV GB . -40.76 -23.80 -41.03
C33 POV GB . -37.96 -22.88 -40.23
C34 POV GB . -36.47 -22.74 -39.98
C35 POV GB . -36.04 -22.84 -38.54
C36 POV GB . -34.85 -21.98 -38.22
C37 POV GB . -34.22 -22.27 -36.87
C38 POV GB . -32.69 -22.20 -36.88
C39 POV GB . -32.11 -20.89 -37.38
N POV HB . -58.78 -31.46 -43.50
P POV HB . -60.17 -27.28 -40.75
C1 POV HB . -58.91 -25.07 -41.58
C2 POV HB . -59.22 -23.96 -40.59
C3 POV HB . -58.42 -24.08 -39.29
C210 POV HB . -58.01 -17.04 -32.86
C310 POV HB . -51.65 -17.52 -30.56
C11 POV HB . -59.94 -29.65 -41.97
O11 POV HB . -58.88 -26.36 -40.93
C211 POV HB . -58.17 -16.83 -31.39
C311 POV HB . -51.43 -17.44 -29.05
C12 POV HB . -58.75 -30.06 -42.83
O12 POV HB . -59.41 -28.65 -41.06
C212 POV HB . -57.14 -15.81 -30.87
C312 POV HB . -51.68 -16.06 -28.48
C13 POV HB . -58.84 -31.27 -44.98
O13 POV HB . -60.60 -27.27 -39.33
C213 POV HB . -57.70 -14.79 -29.90
C313 POV HB . -51.35 -15.95 -27.01
C14 POV HB . -57.48 -32.13 -43.17
O14 POV HB . -61.15 -26.98 -41.81
C214 POV HB . -56.81 -14.49 -28.72
C314 POV HB . -51.05 -14.53 -26.56
C15 POV HB . -59.90 -32.36 -43.09
C215 POV HB . -57.54 -13.69 -27.64
C315 POV HB . -50.90 -14.38 -25.05
C216 POV HB . -56.67 -13.21 -26.48
C316 POV HB . -50.39 -13.03 -24.63
C217 POV HB . -55.50 -12.33 -26.89
C218 POV HB . -54.99 -11.51 -25.73
C21 POV HB . -61.35 -23.09 -39.63
O21 POV HB . -60.65 -24.06 -40.28
C22 POV HB . -60.71 -21.71 -39.66
O22 POV HB . -62.39 -23.30 -39.07
C23 POV HB . -61.42 -20.72 -38.75
C24 POV HB . -60.88 -20.76 -37.32
C25 POV HB . -61.90 -20.40 -36.26
C26 POV HB . -61.36 -20.23 -34.84
C27 POV HB . -60.22 -19.22 -34.78
C28 POV HB . -60.08 -18.38 -33.51
C29 POV HB . -58.89 -17.50 -33.72
C31 POV HB . -56.40 -22.85 -38.48
O31 POV HB . -57.10 -23.49 -39.47
C32 POV HB . -57.13 -22.57 -37.19
O32 POV HB . -55.25 -22.54 -38.62
C33 POV HB . -56.23 -22.35 -35.98
C34 POV HB . -55.47 -21.04 -35.97
C35 POV HB . -55.54 -20.30 -34.65
C36 POV HB . -54.28 -19.59 -34.25
C37 POV HB . -54.40 -18.91 -32.90
C38 POV HB . -53.14 -18.19 -32.47
C39 POV HB . -52.99 -18.08 -30.96
C1 CLR IB . -38.60 -17.64 -23.47
C2 CLR IB . -38.23 -17.52 -22.00
C3 CLR IB . -39.44 -17.78 -21.13
C4 CLR IB . -40.00 -19.16 -21.43
C5 CLR IB . -40.28 -19.36 -22.89
C6 CLR IB . -41.44 -19.86 -23.30
C7 CLR IB . -41.84 -20.08 -24.72
C8 CLR IB . -40.65 -20.10 -25.66
C9 CLR IB . -39.69 -18.95 -25.31
C10 CLR IB . -39.15 -19.02 -23.85
C11 CLR IB . -38.57 -18.79 -26.35
C12 CLR IB . -39.10 -18.68 -27.78
C13 CLR IB . -39.98 -19.88 -28.17
C14 CLR IB . -41.11 -19.95 -27.12
C15 CLR IB . -42.08 -20.96 -27.72
C16 CLR IB . -42.04 -20.66 -29.23
C17 CLR IB . -40.82 -19.74 -29.45
C18 CLR IB . -39.14 -21.17 -28.21
C19 CLR IB . -38.05 -20.08 -23.70
C20 CLR IB . -40.17 -19.96 -30.84
C21 CLR IB . -38.81 -19.28 -30.98
C22 CLR IB . -41.10 -19.48 -31.96
C23 CLR IB . -42.05 -20.50 -32.55
C24 CLR IB . -42.51 -20.13 -33.95
C25 CLR IB . -42.96 -18.69 -34.16
C26 CLR IB . -41.86 -17.78 -34.66
C27 CLR IB . -44.15 -18.63 -35.08
O1 CLR IB . -39.09 -17.71 -19.74
N POV JB . -29.64 0.59 -23.36
P POV JB . -31.34 0.39 -26.94
C1 POV JB . -31.88 -0.71 -29.31
C2 POV JB . -30.81 -1.79 -29.36
C3 POV JB . -30.60 -2.42 -30.73
C210 POV JB . -31.47 -9.95 -25.03
C310 POV JB . -29.56 -12.80 -33.48
C11 POV JB . -29.17 -0.53 -25.72
O11 POV JB . -31.34 0.38 -28.53
C211 POV JB . -32.81 -10.18 -25.66
C311 POV JB . -29.53 -14.06 -32.65
C12 POV JB . -29.66 -0.67 -24.28
O12 POV JB . -30.25 -0.75 -26.66
C212 POV JB . -32.74 -10.99 -26.96
C312 POV JB . -28.81 -15.20 -33.36
C13 POV JB . -31.04 1.07 -23.21
O13 POV JB . -30.83 1.70 -26.46
C213 POV JB . -32.34 -12.44 -26.76
C313 POV JB . -27.44 -15.50 -32.80
C14 POV JB . -29.14 0.13 -22.02
O14 POV JB . -32.65 -0.10 -26.46
C214 POV JB . -31.61 -13.14 -27.92
C314 POV JB . -26.54 -16.26 -33.74
C15 POV JB . -28.78 1.74 -23.80
C215 POV JB . -30.49 -12.36 -28.59
C315 POV JB . -25.14 -16.49 -33.22
C216 POV JB . -29.49 -11.73 -27.64
C316 POV JB . -25.08 -17.38 -32.01
C217 POV JB . -28.95 -12.67 -26.59
C218 POV JB . -27.66 -12.20 -26.00
C21 POV JB . -32.16 -3.55 -28.37
O21 POV JB . -31.06 -2.78 -28.31
C22 POV JB . -32.36 -4.30 -27.08
O22 POV JB . -32.90 -3.60 -29.32
C23 POV JB . -31.63 -3.65 -25.91
C24 POV JB . -30.19 -4.13 -25.73
C25 POV JB . -29.82 -4.48 -24.30
C26 POV JB . -30.20 -5.89 -23.84
C27 POV JB . -31.49 -6.46 -24.41
C28 POV JB . -31.91 -7.79 -23.81
C29 POV JB . -31.07 -8.92 -24.31
C31 POV JB . -28.72 -2.25 -32.33
O31 POV JB . -29.29 -1.96 -31.14
C32 POV JB . -29.54 -3.10 -33.26
O32 POV JB . -27.63 -1.85 -32.64
C33 POV JB . -29.42 -4.60 -33.02
C34 POV JB . -30.19 -5.40 -34.06
C35 POV JB . -30.91 -6.64 -33.52
C36 POV JB . -30.45 -7.94 -34.13
C37 POV JB . -30.70 -9.17 -33.27
C38 POV JB . -29.76 -10.31 -33.61
C39 POV JB . -29.89 -11.52 -32.72
N POV KB . -33.92 -2.69 -11.88
P POV KB . -37.55 -3.92 -13.94
C1 POV KB . -38.03 -6.03 -15.47
C2 POV KB . -38.24 -5.72 -16.94
C3 POV KB . -39.68 -5.53 -17.32
C210 POV KB . -41.64 -14.60 -25.26
C310 POV KB . -44.14 -9.97 -24.93
C11 POV KB . -34.99 -3.24 -14.22
O11 POV KB . -37.08 -5.08 -14.94
C211 POV KB . -42.63 -14.99 -26.31
C311 POV KB . -45.63 -10.28 -25.06
C12 POV KB . -34.42 -3.73 -12.90
O12 POV KB . -36.38 -2.84 -14.08
C212 POV KB . -43.52 -16.18 -26.00
C312 POV KB . -46.00 -10.99 -26.36
C13 POV KB . -32.57 -3.13 -11.39
O13 POV KB . -37.58 -4.45 -12.56
C213 POV KB . -44.05 -16.80 -27.29
C313 POV KB . -46.00 -12.52 -26.26
C14 POV KB . -33.79 -1.27 -12.38
O14 POV KB . -38.78 -3.33 -14.51
C214 POV KB . -44.94 -18.00 -27.12
C314 POV KB . -47.29 -13.20 -26.71
C15 POV KB . -34.86 -2.68 -10.71
C215 POV KB . -46.34 -17.70 -26.58
C315 POV KB . -47.18 -13.93 -28.05
C216 POV KB . -47.41 -18.72 -26.97
C316 POV KB . -46.84 -13.02 -29.21
C217 POV KB . -47.13 -20.18 -26.64
C218 POV KB . -47.84 -20.63 -25.42
C21 POV KB . -38.41 -8.01 -17.80
O21 POV KB . -37.80 -6.80 -17.84
C22 POV KB . -38.10 -8.82 -19.02
O22 POV KB . -39.09 -8.39 -16.88
C23 POV KB . -39.35 -9.38 -19.71
C24 POV KB . -39.81 -10.69 -19.11
C25 POV KB . -40.89 -11.45 -19.89
C26 POV KB . -40.38 -12.12 -21.15
C27 POV KB . -41.35 -13.12 -21.78
C28 POV KB . -40.83 -13.66 -23.09
C29 POV KB . -41.87 -14.11 -24.06
C31 POV KB . -41.58 -3.99 -17.33
O31 POV KB . -40.33 -4.29 -16.91
C32 POV KB . -42.15 -4.96 -18.34
O32 POV KB . -42.19 -3.04 -16.91
C33 POV KB . -43.52 -4.70 -18.95
C34 POV KB . -44.01 -5.88 -19.83
C35 POV KB . -42.97 -6.78 -20.56
C36 POV KB . -42.71 -6.45 -22.02
C37 POV KB . -43.45 -7.37 -22.98
C38 POV KB . -42.72 -8.68 -23.23
C39 POV KB . -43.64 -9.87 -23.50
N POV LB . -65.49 -24.40 -34.76
P POV LB . -63.46 -22.28 -31.36
C1 POV LB . -63.00 -20.09 -29.95
C2 POV LB . -63.06 -20.50 -28.49
C3 POV LB . -64.43 -21.05 -28.11
C210 POV LB . -57.07 -15.86 -19.42
C310 POV LB . -61.66 -17.17 -18.88
C11 POV LB . -63.76 -22.63 -33.99
O11 POV LB . -62.48 -21.20 -30.71
C211 POV LB . -57.62 -15.11 -18.24
C311 POV LB . -61.10 -18.27 -18.00
C12 POV LB . -64.90 -23.56 -33.63
O12 POV LB . -63.36 -21.78 -32.88
C212 POV LB . -56.69 -13.94 -17.88
C312 POV LB . -59.93 -17.83 -17.14
C13 POV LB . -65.92 -23.55 -35.92
O13 POV LB . -62.87 -23.63 -31.23
C213 POV LB . -56.54 -13.68 -16.38
C313 POV LB . -60.28 -16.72 -16.18
C14 POV LB . -64.49 -25.39 -35.23
O14 POV LB . -64.84 -22.04 -30.91
C214 POV LB . -55.39 -12.76 -16.05
C314 POV LB . -59.30 -16.57 -15.03
C15 POV LB . -66.69 -25.11 -34.22
C215 POV LB . -54.48 -13.25 -14.93
C315 POV LB . -59.80 -15.68 -13.92
C216 POV LB . -53.09 -12.64 -14.95
C316 POV LB . -58.76 -14.69 -13.48
C217 POV LB . -53.02 -11.22 -14.44
C218 POV LB . -53.09 -11.13 -12.95
C21 POV LB . -61.40 -19.02 -27.63
O21 POV LB . -62.70 -19.36 -27.64
C22 POV LB . -61.16 -17.85 -26.72
O22 POV LB . -60.55 -19.55 -28.28
C23 POV LB . -60.78 -18.30 -25.31
C24 POV LB . -60.53 -17.15 -24.36
C25 POV LB . -59.37 -16.26 -24.74
C26 POV LB . -58.37 -16.01 -23.62
C27 POV LB . -58.76 -14.88 -22.67
C28 POV LB . -58.79 -15.25 -21.19
C29 POV LB . -57.52 -15.86 -20.65
C31 POV LB . -65.25 -22.07 -26.10
O31 POV LB . -64.68 -21.01 -26.68
C32 POV LB . -65.52 -21.84 -24.64
O32 POV LB . -65.51 -23.10 -26.67
C33 POV LB . -64.35 -22.16 -23.73
C34 POV LB . -63.55 -20.93 -23.32
C35 POV LB . -63.88 -20.42 -21.92
C36 POV LB . -62.77 -20.65 -20.91
C37 POV LB . -61.52 -19.81 -21.15
C38 POV LB . -61.73 -18.30 -21.19
C39 POV LB . -62.52 -17.65 -20.04
N POV MB . -68.62 -37.60 -19.44
P POV MB . -67.62 -33.08 -19.32
C1 POV MB . -66.75 -34.52 -17.23
C2 POV MB . -66.06 -33.84 -16.08
C3 POV MB . -65.51 -34.88 -15.13
C210 POV MB . -61.68 -24.56 -14.15
C310 POV MB . -60.37 -28.82 -6.17
C11 POV MB . -68.81 -35.21 -20.39
O11 POV MB . -67.71 -33.61 -17.81
C211 POV MB . -62.65 -23.64 -14.83
C311 POV MB . -61.12 -27.54 -6.45
C12 POV MB . -69.18 -36.19 -19.30
O12 POV MB . -68.90 -33.85 -19.91
C212 POV MB . -62.23 -23.33 -16.26
C312 POV MB . -62.29 -27.65 -7.44
C13 POV MB . -68.68 -38.06 -20.86
O13 POV MB . -67.88 -31.62 -19.33
C213 POV MB . -63.39 -23.13 -17.22
C313 POV MB . -62.14 -26.76 -8.67
C14 POV MB . -67.20 -37.62 -18.98
O14 POV MB . -66.40 -33.59 -19.97
C214 POV MB . -64.15 -24.40 -17.54
C314 POV MB . -62.11 -25.28 -8.35
C15 POV MB . -69.42 -38.54 -18.60
C215 POV MB . -65.33 -24.19 -18.47
C315 POV MB . -62.64 -24.39 -9.46
C216 POV MB . -65.75 -25.44 -19.21
C316 POV MB . -61.79 -24.40 -10.71
C217 POV MB . -66.86 -25.20 -20.20
C218 POV MB . -68.02 -26.15 -20.01
C21 POV MB . -67.13 -31.68 -15.60
O21 POV MB . -67.07 -33.02 -15.42
C22 POV MB . -65.85 -30.95 -15.28
O22 POV MB . -68.11 -31.11 -15.99
C23 POV MB . -65.23 -31.39 -13.97
C24 POV MB . -64.77 -30.26 -13.06
C25 POV MB . -63.34 -29.84 -13.32
C26 POV MB . -62.84 -28.70 -12.45
C27 POV MB . -63.49 -27.35 -12.73
C28 POV MB . -63.05 -26.71 -14.04
C29 POV MB . -61.85 -25.83 -13.84
C31 POV MB . -63.68 -35.02 -13.60
O31 POV MB . -64.44 -34.26 -14.38
C32 POV MB . -62.65 -34.17 -12.92
O32 POV MB . -63.80 -36.22 -13.48
C33 POV MB . -62.36 -34.57 -11.47
C34 POV MB . -61.99 -33.36 -10.63
C35 POV MB . -60.93 -32.46 -11.24
C36 POV MB . -60.19 -31.54 -10.27
C37 POV MB . -61.08 -30.69 -9.36
C38 POV MB . -60.69 -30.71 -7.89
C39 POV MB . -59.84 -29.53 -7.42
N POV NB . -61.48 -42.86 -13.07
P POV NB . -62.99 -39.16 -10.75
C1 POV NB . -60.84 -40.07 -9.50
C2 POV NB . -60.30 -39.69 -8.15
C210 POV NB . -54.99 -32.54 -4.51
C11 POV NB . -63.40 -41.29 -12.26
O11 POV NB . -61.56 -38.96 -10.07
C211 POV NB . -53.66 -32.21 -3.92
C12 POV NB . -62.65 -42.61 -12.13
O12 POV NB . -62.55 -40.18 -11.90
C212 POV NB . -53.75 -31.41 -2.63
C13 POV NB . -61.35 -44.34 -13.24
O13 POV NB . -63.90 -39.81 -9.78
C213 POV NB . -52.76 -30.25 -2.55
C14 POV NB . -61.63 -42.24 -14.44
O14 POV NB . -63.38 -37.88 -11.38
C214 POV NB . -51.29 -30.65 -2.69
C15 POV NB . -60.23 -42.33 -12.45
C215 POV NB . -50.83 -31.68 -1.67
C216 POV NB . -49.33 -31.88 -1.64
C217 POV NB . -48.82 -33.09 -2.41
C218 POV NB . -49.34 -33.16 -3.82
C21 POV NB . -58.66 -37.88 -8.35
O21 POV NB . -58.93 -39.21 -8.36
C22 POV NB . -59.87 -37.01 -8.11
O22 POV NB . -57.55 -37.44 -8.50
C23 POV NB . -59.60 -35.52 -8.30
C24 POV NB . -59.37 -34.75 -7.01
C25 POV NB . -58.00 -34.96 -6.40
C26 POV NB . -56.88 -34.12 -7.02
C27 POV NB . -57.07 -32.60 -6.95
C28 POV NB . -57.21 -32.00 -5.55
C29 POV NB . -55.89 -31.69 -4.92
N POV OB . -56.60 -44.43 -21.26
P POV OB . -54.42 -43.84 -17.37
C1 POV OB . -53.88 -45.65 -15.53
C2 POV OB . -54.35 -44.87 -14.31
C3 POV OB . -53.26 -44.64 -13.28
C210 POV OB . -52.83 -37.64 -7.70
C310 POV OB . -48.43 -36.75 -7.62
C11 POV OB . -54.58 -43.41 -19.94
O11 POV OB . -53.40 -44.75 -16.55
C211 POV OB . -53.01 -36.16 -7.77
C311 POV OB . -47.06 -36.72 -7.01
C12 POV OB . -55.25 -44.63 -20.55
O12 POV OB . -53.77 -43.85 -18.83
C212 POV OB . -51.69 -35.44 -7.53
C312 POV OB . -46.87 -35.55 -6.07
C13 POV OB . -56.95 -43.01 -21.59
O13 POV OB . -55.74 -44.51 -17.42
C213 POV OB . -51.76 -33.96 -7.79
C313 POV OB . -45.68 -35.71 -5.15
C14 POV OB . -56.55 -45.21 -22.54
O14 POV OB . -54.33 -42.46 -16.85
C214 POV OB . -51.32 -33.12 -6.61
C314 POV OB . -45.07 -34.40 -4.73
C15 POV OB . -57.68 -44.99 -20.39
C215 POV OB . -51.30 -31.61 -6.86
C315 POV OB . -44.07 -33.88 -5.72
C216 POV OB . -52.64 -31.02 -7.26
C316 POV OB . -42.74 -34.56 -5.59
C217 POV OB . -52.59 -30.09 -8.44
C218 POV OB . -52.21 -30.79 -9.72
C21 POV OB . -56.78 -45.25 -13.93
O21 POV OB . -55.48 -45.59 -13.70
C22 POV OB . -57.04 -43.76 -13.96
O22 POV OB . -57.65 -46.06 -14.10
C23 POV OB . -56.64 -43.06 -12.67
C24 POV OB . -56.39 -41.56 -12.82
C25 POV OB . -56.11 -40.86 -11.50
C26 POV OB . -55.39 -39.52 -11.62
C27 POV OB . -54.19 -39.33 -10.70
C28 POV OB . -54.44 -38.37 -9.53
C29 POV OB . -53.43 -38.56 -8.43
C31 POV OB . -52.08 -42.90 -14.39
O31 POV OB . -52.95 -43.25 -13.43
C32 POV OB . -51.98 -41.42 -14.50
O32 POV OB . -51.47 -43.68 -15.05
C33 POV OB . -50.57 -40.90 -14.34
C34 POV OB . -50.19 -40.63 -12.91
C35 POV OB . -49.34 -39.39 -12.79
C36 POV OB . -49.04 -39.01 -11.37
C37 POV OB . -48.15 -37.80 -11.29
C38 POV OB . -48.47 -36.91 -10.12
C39 POV OB . -48.51 -37.67 -8.81
C210 POV PB . -39.03 -8.01 -46.29
C211 POV PB . -38.74 -8.15 -44.81
C212 POV PB . -37.90 -9.38 -44.45
C213 POV PB . -37.20 -9.31 -43.10
C214 POV PB . -36.21 -8.16 -42.95
C215 POV PB . -35.41 -8.19 -41.66
C216 POV PB . -34.90 -6.81 -41.32
C22 POV PB . -44.65 -11.56 -52.10
C23 POV PB . -44.01 -10.45 -51.29
C24 POV PB . -43.84 -10.81 -49.83
C25 POV PB . -43.41 -9.65 -48.93
C26 POV PB . -42.10 -8.98 -49.34
C27 POV PB . -41.73 -7.78 -48.47
C28 POV PB . -41.48 -8.10 -47.00
C29 POV PB . -40.18 -8.87 -46.76
N1 M05 QB . -36.65 -10.77 -10.15
C8 M05 QB . -37.35 -11.98 -10.58
C4 M05 QB . -35.98 -14.30 -7.83
C5 M05 QB . -36.73 -13.08 -8.38
N6 M05 QB . -38.13 -13.17 -7.87
C2 M05 QB . -36.76 -10.56 -8.71
C9 M05 QB . -36.01 -14.53 -6.34
C10 M05 QB . -35.22 -13.78 -5.49
C11 M05 QB . -35.20 -14.01 -4.12
C12 M05 QB . -35.99 -15.01 -3.61
CL1 M05 QB . -35.94 -15.35 -1.90
C14 M05 QB . -36.79 -15.79 -4.42
C15 M05 QB . -36.78 -15.54 -5.79
C16 M05 QB . -36.59 -9.70 -11.02
N17 M05 QB . -37.32 -9.81 -12.14
C18 M05 QB . -37.23 -8.80 -13.01
N19 M05 QB . -36.49 -7.69 -12.93
C20 M05 QB . -35.77 -7.61 -11.80
N21 M05 QB . -34.94 -6.59 -11.45
C22 M05 QB . -34.40 -6.88 -10.22
C23 M05 QB . -34.86 -8.08 -9.78
C3 M05 QB . -36.75 -13.20 -9.90
C17 M05 QB . -36.14 -11.74 -7.97
C24 M05 QB . -35.75 -8.57 -10.79
#